data_7US6
#
_entry.id   7US6
#
_cell.length_a   1.00
_cell.length_b   1.00
_cell.length_c   1.00
_cell.angle_alpha   90.00
_cell.angle_beta   90.00
_cell.angle_gamma   90.00
#
_symmetry.space_group_name_H-M   'P 1'
#
loop_
_entity.id
_entity.type
_entity.pdbx_description
1 polymer 'Spike glycoprotein'
2 branched 2-acetamido-2-deoxy-beta-D-glucopyranose-(1-4)-2-acetamido-2-deoxy-beta-D-glucopyranose
3 branched alpha-D-mannopyranose-(1-3)-[alpha-D-mannopyranose-(1-6)]beta-D-mannopyranose-(1-4)-2-acetamido-2-deoxy-beta-D-glucopyranose-(1-4)-2-acetamido-2-deoxy-beta-D-glucopyranose
4 branched alpha-D-mannopyranose-(1-3)-[alpha-D-mannopyranose-(1-6)]beta-D-mannopyranose
5 non-polymer 2-acetamido-2-deoxy-beta-D-glucopyranose
#
_entity_poly.entity_id   1
_entity_poly.type   'polypeptide(L)'
_entity_poly.pdbx_seq_one_letter_code
;HWNLIENFLLNYSIRLPPNSDVVLGDYFPTVQPWFNCIRNNNNSLYVTMENLKALYWDYATENITSDHRQPVYDVTYYRV
NNKNGTTIVSNCTDQCASYVDNVFTTQPGGLIPSDFSFNNWFLLTNSSTVVSGKLVTRQPLVVNCLWPVPSFKEAASTFC
FEGAGFDQCNGAVLNNTVDVIRFNLNFTADVQSGMGATVFSLNTTGGVILEISCYNDIVSESSFYSYGDIPFGITDGPRY
CYVLYNGTTLKYLGTLPPSVKEIAISKWGHFYINGYNFFSTFPIDCISFNLTTGASGAFWTIAYTSYTEALVQVENTAIK
KVTYCNSHINNIKCSQLTANLQNGFYPVASSEVGLVNKSVVLLPSFFAHTTVNITIDLGMKRSGYGQPIASPLSNITLPM
QDNNTDVYCIRSNQFSIYVHSTCKSSLWDNVFNQDCTDVLEATAVIKTGTCPFSFDKLNNHLTFNKFCLSLSPVGANCKF
DVAARTRTNEQVVRSLYVIYEEGDNIVGVPSDNSGLHDLSVLHLDSCTDYNIYGRTGVGVIRQTNSTLLSGLYYTSLSGD
LLGFKNVSDGVIYSVTPCDVSAQAAVIDGAIVGAMTSINSELLGLTHWTTTPNFYYYSIYNYTNERTRGTAIDSNDVDCE
PIITYSNIGVCKNGALVFINVTHSDGDVQPISTGNVTIPTNFTISVQVEYIQVYTTPVSIDCARYVCNGNPRCNKLLTQY
VSACQTIEQALAMGARLENMEVDSMLFVSENALKLASVEAFNSTENLDPIYKEWPNIGGSWLGGLKDILPSHNSKRKYRS
AIEDLLFDKVVTSGLGTVDEDYKRCTGGYDIADLVCAQYYNGIMVLPGVANDDKMTMYTASLAGGITLGALGGGAVAIPF
AVAVQARLNYVALQTDVLNKNQQILANAFNQAIGNITQAFGKVNDAIHQTSKGLATVAKVLAKVQDVVNTQGQALSHLTV
QLQNNFQAISSSISDIYNRLDPPSADAQVDRLITGRLTALNAFVSQTLTRQAEVRASRQLAKDKVNECVRSQSQRFGFCG
NGTHLFSLANAAPNGMIFFHTVLLPTAYQTVTACSGICASDGDRTFGLVVKDVQLTLFRNLDDKFYLTPRTMYQPRAATS
SDFVQIEGCDVLFVNATEIDLPSIIPDYIDINQTVQDILENYRPNWTVPELTLDIFNATYLNLTGEIDDLEFRSEKLHNT
TVELAILIDNINNTLVNLEWLNRIETYVKSGGYIPEAPRDGQAYVRKDGEWVLLSTFLVPRGSGGSGGSGLNDIFEAQKI
EWHEGGSHHHHHHHH
;
_entity_poly.pdbx_strand_id   A,B,C
#
# COMPACT_ATOMS: atom_id res chain seq x y z
N HIS A 1 -53.25 39.74 39.81
CA HIS A 1 -53.72 38.52 39.15
C HIS A 1 -52.64 37.44 39.15
N TRP A 2 -52.10 37.13 40.35
CA TRP A 2 -51.05 36.12 40.56
C TRP A 2 -51.48 34.74 40.10
N ASN A 3 -52.77 34.48 40.13
CA ASN A 3 -53.28 33.18 39.75
C ASN A 3 -52.98 32.86 38.30
N LEU A 4 -52.76 33.88 37.46
CA LEU A 4 -52.45 33.61 36.08
C LEU A 4 -51.04 33.03 35.99
N ILE A 5 -50.14 33.56 36.81
CA ILE A 5 -48.76 33.10 36.86
C ILE A 5 -48.72 31.72 37.46
N GLU A 6 -49.49 31.53 38.53
CA GLU A 6 -49.54 30.24 39.21
C GLU A 6 -50.05 29.14 38.29
N ASN A 7 -51.11 29.42 37.53
CA ASN A 7 -51.67 28.41 36.65
C ASN A 7 -50.66 28.04 35.57
N PHE A 8 -49.95 29.03 35.04
CA PHE A 8 -48.93 28.76 34.04
C PHE A 8 -47.89 27.81 34.60
N LEU A 9 -47.40 28.12 35.80
CA LEU A 9 -46.36 27.33 36.43
C LEU A 9 -46.82 25.92 36.77
N LEU A 10 -48.07 25.77 37.21
CA LEU A 10 -48.56 24.42 37.50
C LEU A 10 -48.61 23.54 36.25
N ASN A 11 -49.06 24.11 35.12
CA ASN A 11 -49.14 23.43 33.82
C ASN A 11 -47.75 23.08 33.28
N TYR A 12 -46.78 24.01 33.47
CA TYR A 12 -45.38 23.86 33.08
C TYR A 12 -44.75 22.70 33.83
N SER A 13 -44.98 22.67 35.15
CA SER A 13 -44.44 21.56 35.99
C SER A 13 -45.40 20.36 36.01
N ILE A 14 -45.85 19.91 34.83
CA ILE A 14 -46.77 18.73 34.75
C ILE A 14 -45.98 17.44 34.55
N ARG A 15 -44.65 17.54 34.38
CA ARG A 15 -43.83 16.34 34.11
C ARG A 15 -42.84 16.12 35.26
N LEU A 16 -43.21 16.48 36.48
CA LEU A 16 -42.33 16.23 37.66
C LEU A 16 -42.73 14.91 38.32
N PRO A 17 -41.80 13.96 38.53
CA PRO A 17 -42.13 12.67 39.13
C PRO A 17 -42.80 12.87 40.49
N PRO A 18 -43.56 11.87 41.00
CA PRO A 18 -44.27 11.97 42.27
C PRO A 18 -43.64 12.90 43.33
N ASN A 19 -42.82 12.37 44.23
CA ASN A 19 -42.25 13.19 45.33
C ASN A 19 -41.22 14.18 44.79
N SER A 20 -41.69 15.31 44.25
CA SER A 20 -40.78 16.32 43.73
C SER A 20 -40.72 17.58 44.60
N ASP A 21 -39.49 18.06 44.81
CA ASP A 21 -39.22 19.34 45.47
C ASP A 21 -38.02 19.95 44.77
N VAL A 22 -38.31 20.78 43.79
CA VAL A 22 -37.29 21.30 42.90
C VAL A 22 -37.48 22.76 42.55
N VAL A 23 -36.35 23.45 42.32
CA VAL A 23 -36.39 24.88 41.92
C VAL A 23 -36.26 24.95 40.39
N LEU A 24 -37.27 25.51 39.72
CA LEU A 24 -37.29 25.62 38.28
C LEU A 24 -36.85 27.01 37.87
N GLY A 25 -35.74 27.09 37.14
CA GLY A 25 -35.22 28.38 36.70
C GLY A 25 -35.35 28.50 35.21
N ASP A 26 -36.18 29.43 34.76
CA ASP A 26 -36.44 29.59 33.34
C ASP A 26 -36.92 31.00 33.01
N TYR A 27 -37.15 31.25 31.74
CA TYR A 27 -37.69 32.53 31.30
C TYR A 27 -39.20 32.52 31.47
N PHE A 28 -39.61 32.48 32.73
CA PHE A 28 -41.00 32.43 33.13
C PHE A 28 -41.61 33.81 33.07
N PRO A 29 -42.92 33.91 32.88
CA PRO A 29 -43.67 35.15 32.92
C PRO A 29 -43.40 35.87 34.22
N THR A 30 -43.22 37.17 34.13
CA THR A 30 -42.95 38.00 35.29
C THR A 30 -44.11 38.89 35.64
N VAL A 31 -43.97 39.62 36.73
CA VAL A 31 -45.02 40.53 37.15
C VAL A 31 -44.57 41.98 37.20
N VAL A 75 -33.92 35.25 33.82
CA VAL A 75 -34.43 34.05 34.48
C VAL A 75 -35.04 34.31 35.84
N THR A 76 -36.22 33.74 36.04
CA THR A 76 -36.95 33.83 37.30
C THR A 76 -37.02 32.44 37.92
N TYR A 77 -36.85 32.36 39.25
CA TYR A 77 -36.77 31.03 39.91
C TYR A 77 -38.00 30.76 40.78
N TYR A 78 -38.69 29.66 40.53
CA TYR A 78 -39.85 29.24 41.32
C TYR A 78 -39.62 27.88 41.93
N ARG A 79 -40.18 27.65 43.10
CA ARG A 79 -40.05 26.35 43.75
C ARG A 79 -41.35 25.60 43.75
N VAL A 80 -41.30 24.36 43.28
CA VAL A 80 -42.49 23.55 43.22
C VAL A 80 -42.34 22.30 44.06
N ASN A 81 -43.35 22.03 44.87
CA ASN A 81 -43.35 20.91 45.80
C ASN A 81 -44.68 20.17 45.82
N ASN A 82 -44.69 18.93 45.31
CA ASN A 82 -45.94 18.16 45.22
C ASN A 82 -45.88 16.92 46.11
N LYS A 83 -45.00 16.94 47.10
CA LYS A 83 -44.78 15.76 47.94
C LYS A 83 -46.01 15.27 48.72
N ASN A 84 -46.94 16.18 49.10
CA ASN A 84 -48.12 15.81 49.88
C ASN A 84 -49.35 15.46 49.00
N GLY A 85 -49.16 15.38 47.66
CA GLY A 85 -50.22 15.04 46.70
C GLY A 85 -50.80 16.24 45.97
N THR A 86 -50.57 17.44 46.48
CA THR A 86 -51.05 18.65 45.82
C THR A 86 -49.85 19.48 45.39
N THR A 87 -49.86 19.95 44.15
CA THR A 87 -48.71 20.72 43.70
C THR A 87 -48.81 22.15 44.20
N ILE A 88 -47.80 22.58 44.94
CA ILE A 88 -47.74 23.91 45.52
C ILE A 88 -46.62 24.73 44.91
N VAL A 89 -46.92 25.97 44.56
CA VAL A 89 -45.94 26.88 43.95
C VAL A 89 -45.62 28.08 44.84
N SER A 90 -44.33 28.31 45.07
CA SER A 90 -43.85 29.44 45.87
C SER A 90 -42.51 29.94 45.33
N ASN A 91 -42.05 31.08 45.85
CA ASN A 91 -40.80 31.69 45.31
C ASN A 91 -39.57 31.10 46.01
N CYS A 92 -38.39 31.32 45.46
CA CYS A 92 -37.16 30.84 46.14
C CYS A 92 -36.13 31.98 46.18
N THR A 93 -35.40 32.11 47.29
CA THR A 93 -34.33 33.13 47.40
C THR A 93 -33.02 32.38 47.66
N ASP A 94 -32.48 32.48 48.88
CA ASP A 94 -31.25 31.70 49.22
C ASP A 94 -30.31 31.71 48.00
N GLN A 95 -29.98 30.53 47.49
CA GLN A 95 -29.10 30.44 46.29
C GLN A 95 -29.82 29.59 45.24
N CYS A 96 -30.92 30.10 44.68
CA CYS A 96 -31.72 29.29 43.73
C CYS A 96 -30.83 28.76 42.60
N ALA A 97 -29.94 29.59 42.07
CA ALA A 97 -29.11 29.16 40.92
C ALA A 97 -28.32 27.91 41.33
N SER A 98 -27.75 27.91 42.53
CA SER A 98 -26.97 26.74 43.01
C SER A 98 -27.91 25.53 43.13
N TYR A 99 -29.12 25.75 43.63
CA TYR A 99 -30.07 24.62 43.82
C TYR A 99 -30.39 23.98 42.47
N VAL A 100 -30.53 24.80 41.42
CA VAL A 100 -30.91 24.26 40.08
C VAL A 100 -29.67 23.64 39.44
N ASP A 101 -28.49 23.90 40.00
CA ASP A 101 -27.27 23.42 39.39
C ASP A 101 -26.79 22.15 40.09
N ASN A 102 -27.46 21.77 41.19
CA ASN A 102 -27.00 20.65 41.99
C ASN A 102 -28.07 19.63 42.35
N VAL A 103 -29.33 20.06 42.44
CA VAL A 103 -30.38 19.17 42.86
C VAL A 103 -31.39 18.91 41.74
N PHE A 104 -31.58 17.64 41.44
CA PHE A 104 -32.48 17.21 40.38
C PHE A 104 -33.52 16.24 40.89
N THR A 105 -34.62 16.12 40.16
CA THR A 105 -35.65 15.15 40.48
C THR A 105 -35.34 13.85 39.76
N THR A 106 -35.32 12.74 40.49
CA THR A 106 -35.00 11.44 39.91
C THR A 106 -36.16 10.94 39.06
N GLN A 107 -35.86 10.47 37.86
CA GLN A 107 -36.90 9.99 36.96
C GLN A 107 -37.11 8.49 37.19
N PRO A 108 -38.27 7.93 36.83
CA PRO A 108 -38.56 6.53 36.95
C PRO A 108 -37.46 5.71 36.32
N GLY A 109 -36.99 4.69 37.03
CA GLY A 109 -35.90 3.87 36.54
C GLY A 109 -34.57 4.34 37.12
N GLY A 110 -34.57 5.49 37.77
CA GLY A 110 -33.37 6.05 38.37
C GLY A 110 -32.55 6.87 37.39
N LEU A 111 -33.17 7.34 36.32
CA LEU A 111 -32.40 8.11 35.37
C LEU A 111 -32.31 9.57 35.79
N ILE A 112 -31.19 10.19 35.45
CA ILE A 112 -30.95 11.59 35.71
C ILE A 112 -31.56 12.41 34.56
N PRO A 113 -32.34 13.46 34.82
CA PRO A 113 -32.96 14.31 33.84
C PRO A 113 -31.95 14.84 32.84
N SER A 114 -32.37 14.93 31.59
CA SER A 114 -31.50 15.39 30.50
C SER A 114 -31.12 16.85 30.63
N ASP A 115 -31.83 17.59 31.48
CA ASP A 115 -31.57 18.99 31.69
C ASP A 115 -30.74 19.27 32.95
N PHE A 116 -30.17 18.22 33.53
CA PHE A 116 -29.31 18.38 34.70
C PHE A 116 -27.89 18.70 34.25
N SER A 117 -27.32 19.77 34.78
CA SER A 117 -25.98 20.23 34.36
C SER A 117 -24.81 19.38 34.84
N PHE A 118 -25.04 18.49 35.79
CA PHE A 118 -23.97 17.66 36.36
C PHE A 118 -22.87 18.43 37.07
N ASN A 119 -23.24 19.45 37.82
CA ASN A 119 -22.24 20.18 38.58
C ASN A 119 -21.62 19.28 39.62
N ASN A 120 -20.30 19.19 39.60
CA ASN A 120 -19.50 18.37 40.50
C ASN A 120 -19.72 16.87 40.33
N TRP A 121 -20.24 16.42 39.19
CA TRP A 121 -20.30 14.99 38.92
C TRP A 121 -19.16 14.61 38.00
N PHE A 122 -18.18 13.89 38.53
CA PHE A 122 -16.99 13.54 37.78
C PHE A 122 -17.04 12.11 37.28
N LEU A 123 -16.36 11.86 36.17
CA LEU A 123 -16.22 10.52 35.67
C LEU A 123 -15.36 9.75 36.66
N LEU A 124 -15.72 8.53 37.00
CA LEU A 124 -14.86 7.76 37.89
C LEU A 124 -13.88 6.97 37.07
N THR A 125 -12.60 7.24 37.31
CA THR A 125 -11.55 6.58 36.55
C THR A 125 -10.43 6.07 37.47
N ASN A 126 -9.67 5.07 36.97
CA ASN A 126 -8.48 4.53 37.63
C ASN A 126 -7.20 5.19 37.10
N SER A 127 -7.26 5.80 35.90
CA SER A 127 -6.14 6.46 35.23
C SER A 127 -5.73 7.73 35.97
N SER A 128 -4.43 8.04 35.95
CA SER A 128 -3.93 9.25 36.57
C SER A 128 -4.08 10.48 35.70
N THR A 129 -4.40 10.27 34.44
CA THR A 129 -4.43 11.35 33.46
C THR A 129 -5.80 11.97 33.27
N VAL A 130 -5.87 12.97 32.39
CA VAL A 130 -7.08 13.72 32.14
C VAL A 130 -7.72 13.22 30.84
N VAL A 131 -8.94 12.70 30.93
CA VAL A 131 -9.61 12.11 29.78
C VAL A 131 -10.79 12.94 29.33
N SER A 132 -10.86 13.25 28.05
CA SER A 132 -11.95 14.07 27.53
C SER A 132 -12.41 13.60 26.17
N GLY A 133 -13.72 13.75 25.94
CA GLY A 133 -14.33 13.37 24.68
C GLY A 133 -15.59 12.54 24.93
N LYS A 134 -16.07 11.88 23.89
CA LYS A 134 -17.28 11.07 24.00
C LYS A 134 -16.89 9.61 24.14
N LEU A 135 -17.29 9.01 25.26
CA LEU A 135 -16.91 7.64 25.58
C LEU A 135 -18.06 6.82 26.16
N VAL A 136 -18.06 5.52 25.91
CA VAL A 136 -19.09 4.66 26.50
C VAL A 136 -18.48 3.79 27.58
N THR A 137 -18.93 4.03 28.81
CA THR A 137 -18.37 3.38 29.98
C THR A 137 -19.41 2.89 30.97
N ARG A 138 -18.97 2.06 31.89
CA ARG A 138 -19.82 1.60 32.98
C ARG A 138 -19.60 2.50 34.20
N GLN A 139 -20.61 3.33 34.49
CA GLN A 139 -20.51 4.36 35.51
C GLN A 139 -21.73 4.35 36.41
N PRO A 140 -21.60 4.77 37.67
CA PRO A 140 -22.66 4.84 38.64
C PRO A 140 -23.54 6.06 38.42
N LEU A 141 -24.25 6.05 37.29
CA LEU A 141 -25.13 7.14 36.89
C LEU A 141 -26.60 6.82 37.02
N VAL A 142 -26.94 5.69 37.63
CA VAL A 142 -28.33 5.39 37.92
C VAL A 142 -28.57 5.67 39.36
N VAL A 143 -29.53 6.53 39.65
CA VAL A 143 -29.74 6.97 41.00
C VAL A 143 -30.87 6.22 41.65
N ASN A 144 -30.54 5.44 42.67
CA ASN A 144 -31.56 4.71 43.39
C ASN A 144 -32.37 5.66 44.29
N CYS A 145 -31.68 6.64 44.89
CA CYS A 145 -32.27 7.67 45.73
C CYS A 145 -31.38 8.90 45.79
N LEU A 146 -31.99 10.06 45.55
CA LEU A 146 -31.23 11.29 45.70
C LEU A 146 -31.69 11.99 46.95
N TRP A 147 -30.78 12.24 47.87
CA TRP A 147 -31.11 12.91 49.12
C TRP A 147 -30.51 14.32 49.16
N PRO A 148 -31.27 15.37 48.78
CA PRO A 148 -30.80 16.72 48.63
C PRO A 148 -30.55 17.40 49.96
N VAL A 149 -29.57 18.30 49.97
CA VAL A 149 -29.28 19.14 51.12
C VAL A 149 -29.51 18.39 52.43
N PRO A 150 -28.75 17.34 52.70
CA PRO A 150 -28.92 16.46 53.83
C PRO A 150 -28.65 17.23 55.10
N SER A 151 -29.35 16.86 56.15
CA SER A 151 -29.16 17.46 57.46
C SER A 151 -29.02 16.36 58.48
N PHE A 152 -27.94 16.42 59.23
CA PHE A 152 -27.61 15.36 60.14
C PHE A 152 -27.94 15.75 61.58
N LYS A 153 -28.30 14.76 62.39
CA LYS A 153 -28.60 14.96 63.80
C LYS A 153 -27.37 15.43 64.57
N GLU A 154 -26.21 14.93 64.17
CA GLU A 154 -24.94 15.28 64.80
C GLU A 154 -23.91 15.52 63.72
N ALA A 155 -22.70 15.89 64.13
CA ALA A 155 -21.60 16.10 63.18
C ALA A 155 -21.31 14.84 62.38
N ALA A 156 -21.48 13.68 62.99
CA ALA A 156 -21.17 12.42 62.33
C ALA A 156 -22.41 11.71 61.82
N SER A 157 -22.23 10.91 60.77
CA SER A 157 -23.30 10.11 60.20
C SER A 157 -22.80 8.79 59.63
N THR A 158 -23.71 7.83 59.47
CA THR A 158 -23.36 6.52 58.93
C THR A 158 -24.23 6.13 57.75
N PHE A 159 -23.59 5.58 56.72
CA PHE A 159 -24.25 5.08 55.52
C PHE A 159 -23.82 3.64 55.29
N CYS A 160 -24.67 2.77 54.73
CA CYS A 160 -24.37 1.41 54.40
C CYS A 160 -24.71 1.05 52.98
N PHE A 161 -24.01 0.08 52.39
CA PHE A 161 -24.25 -0.21 50.95
C PHE A 161 -25.46 -1.14 50.94
N GLU A 162 -25.67 -1.92 51.99
CA GLU A 162 -26.79 -2.88 52.04
C GLU A 162 -28.08 -2.52 52.79
N GLY A 163 -27.98 -2.43 54.12
CA GLY A 163 -29.16 -2.09 54.95
C GLY A 163 -29.62 -0.65 54.88
N ALA A 164 -29.14 0.10 53.87
CA ALA A 164 -29.51 1.53 53.75
C ALA A 164 -31.02 1.68 53.63
N GLY A 165 -31.57 2.78 54.15
CA GLY A 165 -33.02 3.04 54.03
C GLY A 165 -33.26 4.34 53.29
N PHE A 166 -34.13 4.30 52.27
CA PHE A 166 -34.42 5.52 51.46
C PHE A 166 -35.74 6.13 51.94
N ASP A 167 -35.68 7.32 52.54
CA ASP A 167 -36.90 7.96 53.10
C ASP A 167 -36.97 9.43 52.67
N GLN A 168 -35.88 9.97 52.13
CA GLN A 168 -35.84 11.41 51.75
C GLN A 168 -35.46 11.52 50.27
N CYS A 169 -35.96 10.60 49.45
CA CYS A 169 -35.59 10.58 48.01
C CYS A 169 -36.32 11.67 47.24
N ASN A 170 -35.59 12.51 46.51
CA ASN A 170 -36.22 13.54 45.66
C ASN A 170 -36.59 12.87 44.34
N GLY A 171 -37.89 12.74 44.06
CA GLY A 171 -38.34 12.08 42.84
C GLY A 171 -38.48 10.58 43.05
N ALA A 172 -38.39 9.84 41.95
CA ALA A 172 -38.62 8.40 41.97
C ALA A 172 -37.57 7.69 42.81
N VAL A 173 -37.98 6.62 43.49
CA VAL A 173 -37.03 5.82 44.23
C VAL A 173 -37.02 4.41 43.68
N LEU A 174 -35.82 3.89 43.43
CA LEU A 174 -35.67 2.56 42.90
C LEU A 174 -35.13 1.63 43.97
N ASN A 175 -35.86 0.58 44.26
CA ASN A 175 -35.46 -0.30 45.35
C ASN A 175 -34.48 -1.38 44.93
N ASN A 176 -33.20 -1.06 45.02
CA ASN A 176 -32.11 -1.97 44.66
C ASN A 176 -30.90 -1.76 45.57
N THR A 177 -29.85 -2.55 45.34
CA THR A 177 -28.63 -2.46 46.11
C THR A 177 -27.78 -1.33 45.59
N VAL A 178 -27.18 -0.56 46.49
CA VAL A 178 -26.35 0.57 46.12
C VAL A 178 -24.91 0.17 45.86
N ASP A 179 -24.35 0.59 44.72
CA ASP A 179 -22.97 0.26 44.42
C ASP A 179 -22.04 1.38 44.85
N VAL A 180 -22.48 2.62 44.65
CA VAL A 180 -21.65 3.78 44.97
C VAL A 180 -22.43 4.86 45.69
N ILE A 181 -21.83 5.44 46.73
CA ILE A 181 -22.43 6.57 47.40
C ILE A 181 -21.65 7.81 47.03
N ARG A 182 -22.32 8.75 46.36
CA ARG A 182 -21.66 9.93 45.84
C ARG A 182 -22.00 11.18 46.62
N PHE A 183 -20.98 11.84 47.14
CA PHE A 183 -21.15 13.04 47.94
C PHE A 183 -20.81 14.31 47.16
N ASN A 184 -21.84 15.08 46.82
CA ASN A 184 -21.67 16.35 46.11
C ASN A 184 -21.43 17.42 47.16
N LEU A 185 -20.19 17.89 47.26
CA LEU A 185 -19.80 18.78 48.35
C LEU A 185 -20.21 20.22 48.09
N ASN A 186 -20.66 20.93 49.16
CA ASN A 186 -21.00 22.34 49.10
C ASN A 186 -19.77 23.23 49.37
N PHE A 187 -19.40 24.06 48.40
CA PHE A 187 -18.27 24.99 48.51
C PHE A 187 -18.47 26.19 47.58
N THR A 188 -17.70 27.24 47.79
CA THR A 188 -17.69 28.41 46.92
C THR A 188 -16.26 28.65 46.43
N ALA A 189 -16.12 29.11 45.20
CA ALA A 189 -14.79 29.39 44.67
C ALA A 189 -14.10 30.48 45.47
N ASP A 190 -12.80 30.29 45.69
CA ASP A 190 -11.92 31.23 46.38
C ASP A 190 -12.40 31.66 47.78
N VAL A 191 -12.92 30.72 48.57
CA VAL A 191 -13.34 31.06 49.94
C VAL A 191 -12.46 30.47 51.04
N GLN A 192 -12.03 29.21 50.88
CA GLN A 192 -11.28 28.53 51.93
C GLN A 192 -12.02 28.61 53.27
N SER A 193 -13.30 28.25 53.25
CA SER A 193 -14.16 28.27 54.42
C SER A 193 -13.86 27.11 55.35
N GLY A 194 -14.32 27.22 56.60
CA GLY A 194 -14.11 26.18 57.60
C GLY A 194 -15.05 25.00 57.43
N MET A 195 -14.96 24.32 56.29
CA MET A 195 -15.80 23.17 56.01
C MET A 195 -14.94 22.01 55.55
N GLY A 196 -15.27 20.82 56.01
CA GLY A 196 -14.52 19.62 55.67
C GLY A 196 -14.86 18.49 56.62
N ALA A 197 -14.23 17.35 56.40
CA ALA A 197 -14.46 16.19 57.24
C ALA A 197 -13.22 15.94 58.08
N THR A 198 -13.42 15.58 59.33
CA THR A 198 -12.28 15.22 60.15
C THR A 198 -11.74 13.90 59.70
N VAL A 199 -12.65 12.97 59.47
CA VAL A 199 -12.26 11.63 59.08
C VAL A 199 -13.33 10.86 58.33
N PHE A 200 -12.90 10.02 57.38
CA PHE A 200 -13.77 9.04 56.76
C PHE A 200 -13.42 7.64 57.24
N SER A 201 -14.38 6.96 57.80
CA SER A 201 -14.16 5.64 58.37
C SER A 201 -14.80 4.55 57.53
N LEU A 202 -13.99 3.66 56.99
CA LEU A 202 -14.46 2.60 56.11
C LEU A 202 -14.49 1.25 56.85
N ASN A 203 -15.70 0.65 56.97
CA ASN A 203 -15.88 -0.66 57.63
C ASN A 203 -15.85 -1.76 56.56
N THR A 204 -14.69 -2.47 56.51
CA THR A 204 -14.45 -3.50 55.48
C THR A 204 -15.19 -4.77 55.87
N THR A 205 -15.10 -5.79 55.02
CA THR A 205 -15.78 -7.08 55.28
C THR A 205 -15.45 -7.61 56.67
N GLY A 206 -14.22 -8.06 56.90
CA GLY A 206 -13.87 -8.67 58.20
C GLY A 206 -14.31 -7.82 59.38
N GLY A 207 -14.25 -6.49 59.24
CA GLY A 207 -14.59 -5.59 60.35
C GLY A 207 -13.48 -4.58 60.57
N VAL A 208 -12.32 -4.83 59.95
CA VAL A 208 -11.16 -3.89 60.07
C VAL A 208 -11.66 -2.47 59.75
N ILE A 209 -11.51 -1.54 60.69
CA ILE A 209 -11.90 -0.18 60.40
C ILE A 209 -10.69 0.60 59.93
N LEU A 210 -10.75 1.08 58.70
CA LEU A 210 -9.66 1.87 58.17
C LEU A 210 -10.12 3.31 58.07
N GLU A 211 -9.29 4.24 58.48
CA GLU A 211 -9.72 5.62 58.47
C GLU A 211 -8.87 6.50 57.57
N ILE A 212 -9.49 7.43 56.87
CA ILE A 212 -8.74 8.34 56.04
C ILE A 212 -8.78 9.74 56.60
N SER A 213 -7.60 10.32 56.79
CA SER A 213 -7.49 11.68 57.32
C SER A 213 -6.23 12.31 56.75
N CYS A 214 -6.25 13.63 56.46
CA CYS A 214 -5.16 14.33 55.83
C CYS A 214 -4.55 15.41 56.73
N TYR A 215 -3.24 15.62 56.66
CA TYR A 215 -2.54 16.51 57.58
C TYR A 215 -1.87 17.72 56.91
N ASN A 216 -1.63 18.76 57.71
CA ASN A 216 -0.99 19.99 57.23
C ASN A 216 0.47 19.78 56.85
N ASP A 217 1.11 18.82 57.49
CA ASP A 217 2.50 18.49 57.23
C ASP A 217 2.63 16.97 57.25
N ILE A 218 3.83 16.48 57.01
CA ILE A 218 4.06 15.05 57.04
C ILE A 218 4.18 14.54 58.47
N VAL A 219 3.46 13.46 58.77
CA VAL A 219 3.51 12.86 60.14
C VAL A 219 4.81 12.05 60.27
N SER A 220 5.46 12.13 61.43
CA SER A 220 6.74 11.41 61.64
C SER A 220 6.83 10.90 63.09
N TYR A 225 -1.58 9.81 67.33
CA TYR A 225 -2.96 9.32 67.17
C TYR A 225 -3.85 10.46 66.67
N SER A 226 -3.40 11.70 66.87
CA SER A 226 -4.23 12.88 66.47
C SER A 226 -4.71 12.71 65.03
N TYR A 227 -6.01 12.91 64.80
CA TYR A 227 -6.56 12.85 63.42
C TYR A 227 -6.25 14.17 62.72
N GLY A 228 -6.74 14.35 61.49
CA GLY A 228 -6.40 15.57 60.74
C GLY A 228 -7.63 16.26 60.18
N ASP A 229 -7.52 16.80 58.97
CA ASP A 229 -8.62 17.54 58.36
C ASP A 229 -8.66 17.43 56.83
N ILE A 230 -9.81 17.02 56.29
CA ILE A 230 -10.01 16.93 54.84
C ILE A 230 -10.95 18.03 54.39
N PRO A 231 -10.42 19.12 53.81
CA PRO A 231 -11.16 20.32 53.48
C PRO A 231 -12.08 20.08 52.31
N PHE A 232 -13.17 20.81 52.27
CA PHE A 232 -14.05 20.79 51.10
C PHE A 232 -13.80 22.07 50.34
N GLY A 233 -13.79 21.99 49.01
CA GLY A 233 -13.54 23.17 48.22
C GLY A 233 -12.06 23.51 48.19
N ILE A 234 -11.76 24.81 48.22
CA ILE A 234 -10.40 25.33 48.05
C ILE A 234 -9.59 25.22 49.33
N THR A 235 -8.37 24.71 49.23
CA THR A 235 -7.51 24.62 50.41
C THR A 235 -6.44 25.70 50.41
N ASP A 236 -5.97 26.05 51.61
CA ASP A 236 -4.93 27.05 51.80
C ASP A 236 -3.52 26.53 51.54
N GLY A 237 -3.37 25.22 51.33
CA GLY A 237 -2.07 24.64 51.10
C GLY A 237 -2.14 23.13 50.90
N PRO A 238 -1.01 22.44 50.97
CA PRO A 238 -0.88 21.02 50.75
C PRO A 238 -1.49 20.24 51.89
N ARG A 239 -1.97 19.04 51.58
CA ARG A 239 -2.48 18.12 52.59
C ARG A 239 -2.01 16.71 52.30
N TYR A 240 -1.42 16.08 53.29
CA TYR A 240 -0.85 14.74 53.16
C TYR A 240 -1.80 13.71 53.74
N CYS A 241 -2.35 12.83 52.90
CA CYS A 241 -3.39 11.87 53.27
C CYS A 241 -2.85 10.51 53.61
N TYR A 242 -3.29 10.02 54.76
CA TYR A 242 -2.92 8.73 55.26
C TYR A 242 -4.12 7.88 55.61
N VAL A 243 -3.93 6.58 55.52
CA VAL A 243 -4.87 5.62 56.02
C VAL A 243 -4.41 5.38 57.45
N LEU A 244 -5.33 5.44 58.41
CA LEU A 244 -5.03 5.22 59.81
C LEU A 244 -5.53 3.86 60.25
N TYR A 245 -4.89 3.32 61.28
CA TYR A 245 -5.31 2.08 61.95
C TYR A 245 -4.73 2.18 63.38
N ASN A 246 -5.56 1.92 64.38
CA ASN A 246 -5.13 2.10 65.80
C ASN A 246 -4.60 3.53 65.95
N GLY A 247 -5.08 4.44 65.11
CA GLY A 247 -4.61 5.83 65.14
C GLY A 247 -3.19 5.93 64.62
N THR A 248 -2.60 4.78 64.29
CA THR A 248 -1.20 4.76 63.78
C THR A 248 -1.26 4.73 62.25
N THR A 249 -0.59 5.70 61.60
CA THR A 249 -0.64 5.77 60.13
C THR A 249 -0.30 4.39 59.56
N LEU A 250 -1.11 3.89 58.63
CA LEU A 250 -0.87 2.56 58.02
C LEU A 250 -0.38 2.75 56.58
N LYS A 251 -0.89 3.76 55.87
CA LYS A 251 -0.35 3.98 54.52
C LYS A 251 -0.41 5.44 54.10
N TYR A 252 0.59 5.86 53.33
CA TYR A 252 0.55 7.18 52.72
C TYR A 252 -0.11 7.08 51.35
N LEU A 253 -1.17 7.85 51.16
CA LEU A 253 -1.93 7.80 49.91
C LEU A 253 -1.49 8.85 48.92
N GLY A 254 -1.21 10.03 49.41
CA GLY A 254 -0.83 11.09 48.49
C GLY A 254 -1.27 12.45 48.95
N THR A 255 -1.23 13.39 48.02
CA THR A 255 -1.56 14.77 48.31
C THR A 255 -2.88 15.15 47.65
N LEU A 256 -3.74 15.83 48.38
CA LEU A 256 -5.04 16.26 47.84
C LEU A 256 -4.85 17.30 46.74
N PRO A 257 -5.78 17.37 45.78
CA PRO A 257 -5.83 18.38 44.75
C PRO A 257 -6.17 19.73 45.37
N PRO A 258 -5.88 20.85 44.69
CA PRO A 258 -6.15 22.22 45.10
C PRO A 258 -7.60 22.43 45.50
N SER A 259 -8.48 21.62 44.93
CA SER A 259 -9.90 21.72 45.21
C SER A 259 -10.55 20.35 45.29
N VAL A 260 -11.26 20.09 46.38
CA VAL A 260 -11.99 18.84 46.57
C VAL A 260 -13.47 19.09 46.35
N LYS A 261 -14.01 18.54 45.28
CA LYS A 261 -15.37 18.86 44.86
C LYS A 261 -16.33 17.68 45.04
N GLU A 262 -15.79 16.49 44.91
CA GLU A 262 -16.61 15.28 45.02
C GLU A 262 -15.89 14.15 45.71
N ILE A 263 -16.60 13.47 46.58
CA ILE A 263 -16.07 12.24 47.18
C ILE A 263 -17.03 11.11 46.84
N ALA A 264 -16.51 10.01 46.31
CA ALA A 264 -17.38 8.90 45.96
C ALA A 264 -16.80 7.60 46.46
N ILE A 265 -17.61 6.83 47.16
CA ILE A 265 -17.12 5.61 47.76
C ILE A 265 -17.89 4.41 47.24
N SER A 266 -17.16 3.43 46.72
CA SER A 266 -17.80 2.25 46.18
C SER A 266 -17.84 1.08 47.15
N LYS A 267 -18.81 0.21 46.93
CA LYS A 267 -19.00 -1.03 47.65
C LYS A 267 -17.78 -1.90 47.55
N TRP A 268 -17.11 -1.83 46.42
CA TRP A 268 -16.01 -2.72 46.13
C TRP A 268 -14.67 -2.27 46.70
N GLY A 269 -14.69 -1.23 47.53
CA GLY A 269 -13.45 -0.84 48.20
C GLY A 269 -12.67 0.27 47.53
N HIS A 270 -13.30 1.03 46.64
CA HIS A 270 -12.58 2.12 45.97
C HIS A 270 -13.09 3.48 46.39
N PHE A 271 -12.15 4.31 46.84
CA PHE A 271 -12.42 5.67 47.35
C PHE A 271 -11.92 6.69 46.33
N TYR A 272 -12.83 7.46 45.76
CA TYR A 272 -12.49 8.42 44.71
C TYR A 272 -12.57 9.87 45.18
N ILE A 273 -11.62 10.69 44.71
CA ILE A 273 -11.68 12.14 44.92
C ILE A 273 -11.68 12.84 43.56
N ASN A 274 -12.74 13.57 43.29
CA ASN A 274 -12.94 14.27 42.02
C ASN A 274 -12.81 13.33 40.83
N GLY A 275 -13.27 12.11 41.00
CA GLY A 275 -13.21 11.12 39.93
C GLY A 275 -11.96 10.25 39.93
N TYR A 276 -10.94 10.59 40.70
CA TYR A 276 -9.73 9.77 40.66
C TYR A 276 -9.64 8.77 41.80
N ASN A 277 -9.31 7.51 41.47
CA ASN A 277 -9.20 6.50 42.51
C ASN A 277 -8.00 6.83 43.39
N PHE A 278 -8.28 7.21 44.62
CA PHE A 278 -7.30 7.69 45.55
C PHE A 278 -6.80 6.56 46.43
N PHE A 279 -7.72 5.68 46.81
CA PHE A 279 -7.42 4.56 47.70
C PHE A 279 -8.23 3.33 47.39
N SER A 280 -7.60 2.15 47.43
CA SER A 280 -8.34 0.92 47.22
C SER A 280 -8.04 -0.12 48.29
N THR A 281 -9.08 -0.85 48.69
CA THR A 281 -8.97 -1.87 49.73
C THR A 281 -9.99 -2.99 49.53
N PHE A 282 -10.30 -3.71 50.60
CA PHE A 282 -11.25 -4.82 50.56
C PHE A 282 -12.67 -4.24 50.52
N PRO A 283 -13.67 -4.99 50.07
CA PRO A 283 -15.04 -4.53 49.95
C PRO A 283 -15.50 -3.93 51.26
N ILE A 284 -16.36 -2.93 51.15
CA ILE A 284 -16.85 -2.15 52.26
C ILE A 284 -18.30 -2.46 52.56
N ASP A 285 -18.58 -2.83 53.81
CA ASP A 285 -19.96 -3.07 54.21
C ASP A 285 -20.69 -1.76 54.52
N CYS A 286 -19.99 -0.87 55.27
CA CYS A 286 -20.53 0.42 55.72
C CYS A 286 -19.44 1.48 55.72
N ILE A 287 -19.87 2.73 55.65
CA ILE A 287 -18.98 3.88 55.68
C ILE A 287 -19.57 4.97 56.57
N SER A 288 -18.72 5.65 57.32
CA SER A 288 -19.18 6.74 58.16
C SER A 288 -18.17 7.87 58.18
N PHE A 289 -18.58 9.03 58.66
CA PHE A 289 -17.65 10.14 58.78
C PHE A 289 -18.08 11.13 59.84
N ASN A 290 -17.10 11.94 60.28
CA ASN A 290 -17.29 13.03 61.25
C ASN A 290 -16.95 14.37 60.61
N LEU A 291 -17.98 15.24 60.44
CA LEU A 291 -17.81 16.57 59.85
C LEU A 291 -17.30 17.57 60.87
N THR A 292 -16.50 18.51 60.41
CA THR A 292 -16.04 19.60 61.26
C THR A 292 -17.22 20.51 61.52
N THR A 293 -17.40 20.94 62.79
CA THR A 293 -18.48 21.86 63.22
C THR A 293 -19.81 21.61 62.49
N GLY A 297 -24.92 22.61 56.68
CA GLY A 297 -25.14 22.14 55.33
C GLY A 297 -23.81 21.89 54.61
N ALA A 298 -23.24 20.68 54.78
CA ALA A 298 -21.94 20.33 54.19
C ALA A 298 -22.06 19.87 52.75
N PHE A 299 -23.18 19.26 52.41
CA PHE A 299 -23.32 18.66 51.09
C PHE A 299 -24.47 19.30 50.32
N TRP A 300 -24.33 19.36 48.99
CA TRP A 300 -25.44 19.75 48.14
C TRP A 300 -26.42 18.63 48.04
N THR A 301 -25.88 17.42 47.93
CA THR A 301 -26.70 16.23 47.87
C THR A 301 -25.88 14.96 47.98
N ILE A 302 -26.52 13.91 48.50
CA ILE A 302 -25.92 12.60 48.52
C ILE A 302 -26.71 11.66 47.63
N ALA A 303 -26.07 11.10 46.63
CA ALA A 303 -26.76 10.22 45.70
C ALA A 303 -26.37 8.77 45.93
N TYR A 304 -27.38 7.93 46.07
CA TYR A 304 -27.16 6.51 46.18
C TYR A 304 -27.34 5.97 44.79
N THR A 305 -26.25 5.49 44.20
CA THR A 305 -26.27 5.13 42.79
C THR A 305 -25.88 3.68 42.52
N SER A 306 -26.05 3.27 41.26
CA SER A 306 -25.67 1.94 40.80
C SER A 306 -25.11 2.03 39.38
N TYR A 307 -24.32 1.01 39.01
CA TYR A 307 -23.64 1.00 37.71
C TYR A 307 -24.52 0.66 36.53
N THR A 308 -24.36 1.44 35.46
CA THR A 308 -25.02 1.17 34.19
C THR A 308 -24.10 1.51 33.04
N GLU A 309 -24.44 1.06 31.83
CA GLU A 309 -23.67 1.44 30.65
C GLU A 309 -24.26 2.71 30.04
N ALA A 310 -23.41 3.69 29.81
CA ALA A 310 -23.91 4.93 29.25
C ALA A 310 -22.87 5.63 28.39
N LEU A 311 -23.35 6.45 27.48
CA LEU A 311 -22.52 7.29 26.66
C LEU A 311 -22.42 8.63 27.33
N VAL A 312 -21.20 9.03 27.66
CA VAL A 312 -21.05 10.27 28.38
C VAL A 312 -20.12 11.23 27.66
N GLN A 313 -20.43 12.50 27.76
CA GLN A 313 -19.57 13.52 27.22
C GLN A 313 -18.81 14.13 28.38
N VAL A 314 -17.48 14.00 28.33
CA VAL A 314 -16.61 14.40 29.42
C VAL A 314 -15.67 15.53 29.07
N GLU A 315 -15.60 16.53 29.95
CA GLU A 315 -14.65 17.65 29.73
C GLU A 315 -13.81 17.84 31.00
N ASN A 316 -12.56 17.37 31.00
CA ASN A 316 -11.68 17.47 32.21
C ASN A 316 -12.20 16.53 33.30
N THR A 317 -12.61 15.31 32.94
CA THR A 317 -13.09 14.32 33.93
C THR A 317 -14.43 14.76 34.53
N ALA A 318 -14.98 15.86 34.04
CA ALA A 318 -16.29 16.34 34.54
C ALA A 318 -17.38 15.99 33.52
N ILE A 319 -18.47 15.34 33.96
CA ILE A 319 -19.50 14.92 33.04
C ILE A 319 -20.39 16.09 32.66
N LYS A 320 -20.58 16.30 31.36
CA LYS A 320 -21.43 17.39 30.90
C LYS A 320 -22.76 16.88 30.40
N LYS A 321 -22.76 15.67 29.84
CA LYS A 321 -23.99 15.09 29.30
C LYS A 321 -24.00 13.58 29.39
N VAL A 322 -25.16 13.01 29.73
CA VAL A 322 -25.30 11.56 29.78
C VAL A 322 -26.45 11.04 28.95
N THR A 323 -26.17 10.09 28.07
CA THR A 323 -27.20 9.36 27.33
C THR A 323 -27.11 7.94 27.80
N TYR A 324 -28.16 7.43 28.36
CA TYR A 324 -28.09 6.06 28.85
C TYR A 324 -28.27 5.06 27.73
N CYS A 325 -27.60 3.89 27.83
CA CYS A 325 -27.93 2.73 27.02
C CYS A 325 -29.03 1.96 27.74
N ASN A 326 -30.12 1.65 27.06
CA ASN A 326 -31.27 1.08 27.75
C ASN A 326 -32.41 0.77 26.78
N SER A 327 -32.20 1.12 25.54
CA SER A 327 -33.22 1.01 24.50
C SER A 327 -32.53 0.76 23.20
N HIS A 328 -33.28 0.25 22.24
CA HIS A 328 -32.66 -0.12 20.98
C HIS A 328 -32.13 1.10 20.22
N ILE A 329 -32.86 2.20 20.27
CA ILE A 329 -32.35 3.38 19.59
C ILE A 329 -31.16 3.94 20.34
N ASN A 330 -31.19 3.87 21.66
CA ASN A 330 -30.06 4.37 22.43
C ASN A 330 -28.84 3.48 22.31
N ASN A 331 -29.05 2.20 22.02
CA ASN A 331 -27.90 1.31 21.83
C ASN A 331 -27.20 1.66 20.53
N ILE A 332 -27.94 2.14 19.54
CA ILE A 332 -27.31 2.57 18.30
C ILE A 332 -26.53 3.84 18.59
N LYS A 333 -27.14 4.77 19.30
CA LYS A 333 -26.46 6.01 19.69
C LYS A 333 -25.14 5.75 20.43
N CYS A 334 -25.14 4.77 21.36
CA CYS A 334 -23.96 4.40 22.13
C CYS A 334 -22.87 3.85 21.19
N SER A 335 -23.26 2.96 20.28
CA SER A 335 -22.31 2.36 19.34
C SER A 335 -21.62 3.39 18.46
N GLN A 336 -22.37 4.36 17.99
CA GLN A 336 -21.85 5.39 17.08
C GLN A 336 -21.20 6.57 17.79
N LEU A 337 -21.27 6.59 19.13
CA LEU A 337 -20.85 7.74 19.92
C LEU A 337 -21.55 9.04 19.54
N THR A 338 -22.84 8.99 19.27
CA THR A 338 -23.60 10.19 18.95
C THR A 338 -24.85 10.28 19.80
N ALA A 339 -25.32 11.49 20.06
CA ALA A 339 -26.58 11.65 20.75
C ALA A 339 -27.70 11.97 19.78
N ASN A 340 -27.32 12.13 18.51
CA ASN A 340 -28.24 12.53 17.46
C ASN A 340 -27.94 11.78 16.17
N LEU A 341 -28.75 10.77 15.87
CA LEU A 341 -28.53 9.95 14.69
C LEU A 341 -29.14 10.63 13.47
N GLN A 342 -28.51 10.44 12.32
CA GLN A 342 -29.01 11.01 11.08
C GLN A 342 -29.86 9.99 10.35
N ASN A 343 -30.74 10.46 9.49
CA ASN A 343 -31.51 9.51 8.71
C ASN A 343 -30.56 8.64 7.92
N GLY A 344 -30.72 7.32 8.02
CA GLY A 344 -29.84 6.41 7.29
C GLY A 344 -29.87 5.00 7.85
N PHE A 345 -28.94 4.17 7.38
CA PHE A 345 -28.88 2.78 7.80
C PHE A 345 -27.67 2.54 8.67
N TYR A 346 -27.91 2.01 9.87
CA TYR A 346 -26.84 1.74 10.82
C TYR A 346 -26.68 0.25 11.08
N PRO A 347 -25.45 -0.28 11.11
CA PRO A 347 -25.16 -1.67 11.39
C PRO A 347 -25.45 -1.98 12.85
N VAL A 348 -26.18 -3.05 13.08
CA VAL A 348 -26.52 -3.51 14.41
C VAL A 348 -26.37 -5.02 14.47
N ALA A 349 -26.29 -5.57 15.67
CA ALA A 349 -26.37 -7.03 15.79
C ALA A 349 -27.84 -7.42 15.71
N SER A 350 -28.15 -8.56 15.10
CA SER A 350 -29.51 -9.04 15.05
C SER A 350 -30.05 -9.39 16.43
N SER A 351 -29.15 -9.72 17.34
CA SER A 351 -29.51 -10.07 18.70
C SER A 351 -28.27 -10.00 19.57
N GLU A 352 -28.45 -10.14 20.87
CA GLU A 352 -27.31 -10.22 21.79
C GLU A 352 -27.55 -11.38 22.73
N VAL A 353 -26.46 -12.01 23.16
CA VAL A 353 -26.57 -13.16 24.04
C VAL A 353 -25.66 -13.07 25.24
N GLY A 354 -25.94 -13.90 26.23
CA GLY A 354 -25.12 -14.04 27.41
C GLY A 354 -25.78 -15.02 28.34
N LEU A 355 -25.10 -15.42 29.41
CA LEU A 355 -25.67 -16.37 30.35
C LEU A 355 -26.15 -17.65 29.66
N VAL A 356 -25.25 -18.28 28.91
CA VAL A 356 -25.59 -19.49 28.16
C VAL A 356 -24.78 -20.68 28.65
N ASN A 357 -25.19 -21.91 28.29
CA ASN A 357 -24.54 -23.16 28.65
C ASN A 357 -23.19 -23.29 27.97
N LYS A 358 -22.28 -24.06 28.58
CA LYS A 358 -20.97 -24.41 27.99
C LYS A 358 -20.98 -25.80 27.38
N SER A 359 -20.44 -25.91 26.19
CA SER A 359 -20.35 -27.18 25.46
C SER A 359 -18.91 -27.55 25.16
N VAL A 360 -18.53 -28.78 25.42
CA VAL A 360 -17.16 -29.21 25.12
C VAL A 360 -17.09 -30.53 24.38
N VAL A 361 -16.13 -30.63 23.47
CA VAL A 361 -15.84 -31.89 22.80
C VAL A 361 -14.34 -32.17 22.88
N LEU A 362 -13.97 -33.19 23.62
CA LEU A 362 -12.57 -33.54 23.80
C LEU A 362 -12.21 -34.75 22.98
N LEU A 363 -10.91 -34.96 22.75
CA LEU A 363 -10.47 -36.15 22.07
C LEU A 363 -10.69 -37.30 23.07
N PRO A 364 -11.44 -38.34 22.69
CA PRO A 364 -11.88 -39.44 23.56
C PRO A 364 -10.77 -39.97 24.48
N SER A 365 -9.66 -40.37 23.87
CA SER A 365 -8.56 -41.01 24.58
C SER A 365 -9.02 -41.77 25.84
N PHE A 366 -8.41 -41.49 27.00
CA PHE A 366 -8.75 -42.20 28.23
C PHE A 366 -8.81 -41.25 29.44
N PHE A 367 -9.71 -41.51 30.38
CA PHE A 367 -9.73 -40.72 31.61
C PHE A 367 -8.59 -41.14 32.53
N ALA A 368 -7.86 -40.15 33.01
CA ALA A 368 -6.75 -40.28 33.93
C ALA A 368 -6.50 -38.90 34.55
N HIS A 369 -7.11 -38.64 35.70
CA HIS A 369 -7.09 -37.30 36.28
C HIS A 369 -6.22 -37.13 37.52
N THR A 370 -5.42 -36.06 37.51
CA THR A 370 -4.57 -35.68 38.63
C THR A 370 -4.97 -34.34 39.23
N THR A 371 -5.12 -34.34 40.56
CA THR A 371 -5.42 -33.12 41.27
C THR A 371 -4.12 -32.54 41.76
N VAL A 372 -3.88 -31.28 41.46
CA VAL A 372 -2.62 -30.64 41.81
C VAL A 372 -2.85 -29.48 42.80
N ASN A 373 -2.24 -29.59 43.99
CA ASN A 373 -2.41 -28.62 45.09
C ASN A 373 -1.13 -27.88 45.41
N ILE A 374 -1.17 -26.54 45.24
CA ILE A 374 -0.08 -25.65 45.56
C ILE A 374 -0.43 -24.92 46.85
N THR A 375 0.44 -25.03 47.84
CA THR A 375 0.23 -24.36 49.13
C THR A 375 1.23 -23.24 49.30
N ILE A 376 0.72 -22.06 49.56
CA ILE A 376 1.60 -20.92 49.78
C ILE A 376 1.53 -20.46 51.21
N ASP A 377 2.66 -20.55 51.90
CA ASP A 377 2.73 -20.08 53.28
C ASP A 377 3.39 -18.73 53.32
N LEU A 378 2.61 -17.72 53.68
CA LEU A 378 3.08 -16.35 53.72
C LEU A 378 3.56 -15.98 55.11
N GLY A 379 4.75 -15.38 55.18
CA GLY A 379 5.26 -14.91 56.48
C GLY A 379 5.15 -13.40 56.60
N MET A 380 3.97 -12.91 57.00
CA MET A 380 3.74 -11.45 57.10
C MET A 380 4.33 -10.97 58.43
N LYS A 381 4.68 -9.69 58.53
CA LYS A 381 5.20 -9.09 59.78
C LYS A 381 4.71 -7.66 59.89
N ARG A 382 5.55 -6.73 60.38
CA ARG A 382 5.16 -5.30 60.43
C ARG A 382 6.38 -4.37 60.47
N SER A 383 6.19 -3.09 60.16
CA SER A 383 7.31 -2.11 60.16
C SER A 383 7.11 -1.10 61.29
N GLY A 384 8.09 -0.23 61.53
CA GLY A 384 7.90 0.81 62.55
C GLY A 384 6.62 1.59 62.31
N TYR A 385 6.45 2.11 61.09
CA TYR A 385 5.22 2.86 60.75
C TYR A 385 4.01 1.94 60.89
N GLY A 386 4.17 0.68 60.48
CA GLY A 386 3.04 -0.28 60.52
C GLY A 386 2.74 -0.81 59.13
N GLN A 387 3.45 -0.30 58.11
CA GLN A 387 3.24 -0.78 56.72
C GLN A 387 3.47 -2.29 56.67
N PRO A 388 2.40 -3.12 56.56
CA PRO A 388 2.56 -4.58 56.59
C PRO A 388 3.53 -5.02 55.50
N ILE A 389 4.42 -5.98 55.81
CA ILE A 389 5.45 -6.40 54.82
C ILE A 389 5.50 -7.93 54.77
N ALA A 390 5.47 -8.50 53.55
CA ALA A 390 5.60 -9.97 53.42
C ALA A 390 7.09 -10.31 53.41
N SER A 391 7.44 -11.56 53.68
CA SER A 391 8.88 -11.94 53.77
C SER A 391 9.29 -12.71 52.52
N PRO A 392 10.29 -12.24 51.73
CA PRO A 392 10.78 -13.01 50.61
C PRO A 392 10.97 -14.41 51.18
N LEU A 393 11.21 -14.50 52.50
CA LEU A 393 11.34 -15.78 53.15
C LEU A 393 9.97 -16.41 53.36
N SER A 394 9.32 -16.72 52.25
CA SER A 394 8.02 -17.39 52.24
C SER A 394 8.22 -18.76 51.58
N ASN A 395 7.27 -19.70 51.75
CA ASN A 395 7.43 -21.08 51.27
C ASN A 395 6.31 -21.52 50.32
N ILE A 396 6.69 -21.92 49.10
CA ILE A 396 5.74 -22.48 48.11
C ILE A 396 5.93 -23.98 48.05
N THR A 397 4.88 -24.72 48.29
CA THR A 397 4.95 -26.17 48.26
C THR A 397 4.15 -26.77 47.11
N LEU A 398 4.85 -27.59 46.32
CA LEU A 398 4.29 -28.31 45.20
C LEU A 398 4.15 -29.77 45.69
N PRO A 399 3.24 -30.59 45.09
CA PRO A 399 3.03 -31.96 45.55
C PRO A 399 4.34 -32.75 45.46
N MET A 400 4.37 -33.97 45.99
CA MET A 400 5.63 -34.77 46.00
C MET A 400 5.74 -35.60 44.71
N GLN A 401 6.89 -35.53 44.03
CA GLN A 401 7.12 -36.35 42.81
C GLN A 401 8.61 -36.66 42.69
N ASP A 402 8.96 -37.93 42.43
CA ASP A 402 10.39 -38.32 42.29
C ASP A 402 11.15 -37.84 43.53
N ASN A 403 10.55 -37.97 44.71
CA ASN A 403 11.17 -37.52 45.98
C ASN A 403 11.38 -35.99 45.98
N ASN A 404 12.15 -35.42 45.03
CA ASN A 404 12.33 -33.95 45.15
C ASN A 404 10.95 -33.28 45.09
N THR A 405 10.77 -32.18 45.82
CA THR A 405 9.50 -31.42 45.77
C THR A 405 9.76 -30.01 45.23
N ASP A 406 10.87 -29.83 44.52
CA ASP A 406 11.22 -28.50 43.95
C ASP A 406 10.71 -28.40 42.51
N VAL A 407 10.39 -29.54 41.90
CA VAL A 407 9.83 -29.55 40.52
C VAL A 407 8.72 -30.61 40.44
N TYR A 408 7.47 -30.18 40.28
CA TYR A 408 6.36 -31.16 40.12
C TYR A 408 5.90 -31.18 38.67
N CYS A 409 5.77 -32.37 38.09
CA CYS A 409 5.33 -32.51 36.72
C CYS A 409 3.99 -33.22 36.62
N ILE A 410 3.22 -32.87 35.62
CA ILE A 410 1.98 -33.55 35.35
C ILE A 410 2.23 -34.72 34.40
N ARG A 411 1.84 -35.92 34.82
CA ARG A 411 2.05 -37.12 34.01
C ARG A 411 0.75 -37.84 33.72
N SER A 412 -0.34 -37.09 33.70
CA SER A 412 -1.66 -37.64 33.43
C SER A 412 -2.36 -36.94 32.28
N ASN A 413 -3.41 -37.56 31.77
CA ASN A 413 -4.15 -37.05 30.62
C ASN A 413 -4.96 -35.80 30.97
N GLN A 414 -5.46 -35.71 32.19
CA GLN A 414 -6.22 -34.54 32.61
C GLN A 414 -5.70 -34.02 33.94
N PHE A 415 -5.86 -32.74 34.19
CA PHE A 415 -5.45 -32.22 35.49
C PHE A 415 -6.24 -31.00 35.93
N SER A 416 -6.22 -30.76 37.24
CA SER A 416 -6.80 -29.55 37.81
C SER A 416 -5.80 -28.94 38.79
N ILE A 417 -5.59 -27.62 38.74
CA ILE A 417 -4.63 -27.00 39.65
C ILE A 417 -5.31 -26.02 40.59
N TYR A 418 -5.09 -26.20 41.88
CA TYR A 418 -5.68 -25.31 42.85
C TYR A 418 -4.64 -24.68 43.75
N VAL A 419 -4.83 -23.41 44.06
CA VAL A 419 -3.91 -22.74 44.97
C VAL A 419 -4.61 -22.38 46.27
N HIS A 420 -3.94 -22.70 47.35
CA HIS A 420 -4.41 -22.46 48.69
C HIS A 420 -3.34 -21.73 49.46
N SER A 421 -3.71 -21.00 50.49
CA SER A 421 -2.65 -20.37 51.27
C SER A 421 -2.96 -20.26 52.73
N THR A 422 -1.90 -20.22 53.50
CA THR A 422 -1.96 -20.00 54.92
C THR A 422 -1.15 -18.76 55.25
N CYS A 423 -1.80 -17.86 56.01
CA CYS A 423 -1.12 -16.62 56.44
C CYS A 423 -0.78 -16.76 57.94
N LYS A 424 0.55 -16.61 58.16
CA LYS A 424 1.08 -16.64 59.51
C LYS A 424 1.78 -15.32 59.73
N SER A 425 1.91 -14.93 60.99
CA SER A 425 2.53 -13.66 61.29
C SER A 425 3.45 -13.76 62.46
N SER A 426 4.28 -12.74 62.63
CA SER A 426 5.23 -12.71 63.71
C SER A 426 5.51 -11.30 64.17
N LEU A 427 5.96 -11.17 65.41
CA LEU A 427 6.44 -9.90 65.94
C LEU A 427 7.95 -9.98 65.90
N TRP A 428 8.43 -11.15 66.28
CA TRP A 428 9.83 -11.53 66.26
C TRP A 428 10.13 -12.10 64.88
N ASP A 429 11.29 -11.86 64.35
CA ASP A 429 11.55 -12.39 63.02
C ASP A 429 11.69 -13.92 62.97
N ASN A 430 11.03 -14.51 61.98
CA ASN A 430 11.08 -15.95 61.68
C ASN A 430 10.63 -16.90 62.79
N VAL A 431 9.53 -16.58 63.44
CA VAL A 431 8.96 -17.50 64.44
C VAL A 431 7.64 -18.07 63.88
N PHE A 432 6.75 -17.19 63.40
CA PHE A 432 5.49 -17.54 62.77
C PHE A 432 4.64 -18.54 63.57
N ASN A 433 4.44 -18.25 64.85
CA ASN A 433 3.63 -19.11 65.69
C ASN A 433 2.32 -18.43 66.09
N GLN A 434 1.91 -17.44 65.30
CA GLN A 434 0.70 -16.69 65.57
C GLN A 434 -0.07 -16.43 64.28
N ASP A 435 -1.39 -16.57 64.34
CA ASP A 435 -2.23 -16.27 63.18
C ASP A 435 -2.17 -14.79 62.87
N CYS A 436 -2.22 -14.43 61.58
CA CYS A 436 -2.26 -13.04 61.15
C CYS A 436 -3.71 -12.55 61.21
N THR A 437 -3.88 -11.29 61.56
CA THR A 437 -5.20 -10.69 61.70
C THR A 437 -5.25 -9.31 61.07
N ASP A 438 -6.44 -8.78 60.96
CA ASP A 438 -6.65 -7.39 60.58
C ASP A 438 -5.79 -6.93 59.38
N VAL A 439 -4.94 -5.95 59.60
CA VAL A 439 -4.14 -5.33 58.55
C VAL A 439 -2.91 -6.15 58.10
N LEU A 440 -2.66 -7.20 58.87
CA LEU A 440 -1.52 -8.07 58.59
C LEU A 440 -1.93 -9.14 57.63
N GLU A 441 -3.22 -9.39 57.63
CA GLU A 441 -3.87 -10.44 56.92
C GLU A 441 -3.59 -10.37 55.45
N ALA A 442 -3.30 -11.54 54.87
CA ALA A 442 -3.01 -11.59 53.45
C ALA A 442 -3.46 -12.89 52.84
N THR A 443 -3.75 -12.84 51.54
CA THR A 443 -4.05 -14.03 50.80
C THR A 443 -3.15 -14.12 49.59
N ALA A 444 -2.66 -15.32 49.29
CA ALA A 444 -1.75 -15.42 48.18
C ALA A 444 -2.50 -15.48 46.86
N VAL A 445 -1.99 -14.74 45.90
CA VAL A 445 -2.54 -14.73 44.57
C VAL A 445 -1.46 -14.97 43.53
N ILE A 446 -1.74 -15.87 42.61
CA ILE A 446 -0.78 -16.12 41.55
C ILE A 446 -1.27 -15.41 40.30
N LYS A 447 -0.46 -14.49 39.81
CA LYS A 447 -0.89 -13.69 38.67
C LYS A 447 0.06 -13.83 37.50
N THR A 448 -0.43 -13.51 36.31
CA THR A 448 0.38 -13.57 35.13
C THR A 448 1.56 -12.63 35.23
N GLY A 449 2.73 -13.15 34.90
CA GLY A 449 3.96 -12.39 34.85
C GLY A 449 4.35 -12.29 33.40
N THR A 450 5.03 -13.32 32.91
CA THR A 450 5.48 -13.39 31.52
C THR A 450 4.83 -14.51 30.67
N CYS A 451 3.94 -15.35 31.27
CA CYS A 451 3.29 -16.48 30.60
C CYS A 451 2.08 -16.03 29.79
N PRO A 452 1.85 -16.60 28.59
CA PRO A 452 0.71 -16.37 27.73
C PRO A 452 -0.52 -17.14 28.22
N PHE A 453 -0.80 -17.01 29.51
CA PHE A 453 -1.94 -17.63 30.17
C PHE A 453 -1.98 -17.26 31.64
N SER A 454 -3.18 -17.15 32.19
CA SER A 454 -3.32 -16.94 33.62
C SER A 454 -3.39 -18.22 34.38
N PHE A 455 -2.87 -18.17 35.58
CA PHE A 455 -2.85 -19.33 36.43
C PHE A 455 -4.26 -19.92 36.63
N ASP A 456 -5.24 -19.05 36.85
CA ASP A 456 -6.59 -19.50 37.13
C ASP A 456 -7.31 -20.03 35.90
N LYS A 457 -6.72 -19.84 34.73
CA LYS A 457 -7.33 -20.30 33.50
C LYS A 457 -6.82 -21.68 33.13
N LEU A 458 -5.88 -22.21 33.91
CA LEU A 458 -5.32 -23.52 33.63
C LEU A 458 -6.31 -24.61 33.94
N ASN A 459 -7.42 -24.22 34.57
CA ASN A 459 -8.48 -25.15 34.89
C ASN A 459 -9.55 -25.15 33.81
N ASN A 460 -9.34 -24.36 32.77
CA ASN A 460 -10.22 -24.40 31.62
C ASN A 460 -9.63 -25.46 30.73
N HIS A 461 -10.25 -25.73 29.61
CA HIS A 461 -9.75 -26.79 28.76
C HIS A 461 -8.58 -26.35 27.90
N LEU A 462 -7.47 -26.03 28.56
CA LEU A 462 -6.24 -25.66 27.88
C LEU A 462 -5.49 -26.93 27.62
N THR A 463 -4.75 -26.96 26.53
CA THR A 463 -4.08 -28.18 26.18
C THR A 463 -2.57 -28.01 26.07
N PHE A 464 -1.84 -29.03 26.54
CA PHE A 464 -0.39 -29.05 26.51
C PHE A 464 0.17 -30.38 26.03
N ASN A 465 1.39 -30.34 25.51
CA ASN A 465 2.14 -31.56 25.26
C ASN A 465 2.79 -31.95 26.58
N LYS A 466 3.24 -30.91 27.28
CA LYS A 466 3.90 -31.02 28.58
C LYS A 466 3.61 -29.80 29.43
N PHE A 467 3.45 -30.03 30.74
CA PHE A 467 3.30 -28.93 31.69
C PHE A 467 3.93 -29.35 33.03
N CYS A 468 4.92 -28.58 33.51
CA CYS A 468 5.63 -28.88 34.76
C CYS A 468 6.03 -27.58 35.48
N LEU A 469 5.84 -27.55 36.80
CA LEU A 469 6.15 -26.37 37.60
C LEU A 469 7.50 -26.48 38.29
N SER A 470 8.16 -25.33 38.50
CA SER A 470 9.52 -25.38 39.09
C SER A 470 9.78 -24.13 39.93
N LEU A 471 10.32 -24.31 41.14
CA LEU A 471 10.69 -23.15 41.99
C LEU A 471 12.13 -22.75 41.61
N SER A 472 12.75 -23.49 40.69
CA SER A 472 14.15 -23.22 40.28
C SER A 472 14.17 -22.48 38.94
N PRO A 473 14.82 -21.30 38.83
CA PRO A 473 14.78 -20.52 37.59
C PRO A 473 15.79 -21.04 36.55
N VAL A 474 15.84 -22.36 36.35
CA VAL A 474 16.88 -22.93 35.44
C VAL A 474 16.20 -23.54 34.20
N GLY A 475 16.70 -23.21 33.01
CA GLY A 475 16.15 -23.80 31.77
C GLY A 475 14.63 -23.79 31.81
N ALA A 476 14.03 -22.68 32.23
CA ALA A 476 12.56 -22.59 32.34
C ALA A 476 12.06 -21.50 31.40
N ASN A 477 10.90 -21.72 30.78
CA ASN A 477 10.34 -20.74 29.80
C ASN A 477 9.90 -19.47 30.53
N CYS A 478 8.60 -19.36 30.83
CA CYS A 478 8.04 -18.18 31.49
C CYS A 478 7.82 -18.36 32.99
N LYS A 479 7.57 -17.24 33.67
CA LYS A 479 7.28 -17.29 35.09
C LYS A 479 6.00 -16.57 35.49
N PHE A 480 5.40 -17.08 36.57
CA PHE A 480 4.27 -16.49 37.27
C PHE A 480 4.77 -15.66 38.44
N ASP A 481 4.07 -14.58 38.74
CA ASP A 481 4.39 -13.75 39.89
C ASP A 481 3.51 -14.11 41.08
N VAL A 482 4.13 -14.53 42.18
CA VAL A 482 3.35 -14.92 43.35
C VAL A 482 3.38 -13.80 44.37
N ALA A 483 2.22 -13.20 44.60
CA ALA A 483 2.13 -12.00 45.43
C ALA A 483 1.23 -12.19 46.64
N ALA A 484 1.50 -11.38 47.65
CA ALA A 484 0.67 -11.35 48.85
C ALA A 484 -0.27 -10.18 48.76
N ARG A 485 -1.56 -10.45 48.79
CA ARG A 485 -2.55 -9.40 48.73
C ARG A 485 -3.07 -9.06 50.10
N THR A 486 -2.89 -7.81 50.53
CA THR A 486 -3.29 -7.36 51.85
C THR A 486 -4.40 -6.35 51.72
N ARG A 487 -4.83 -5.80 52.85
CA ARG A 487 -5.93 -4.84 52.87
C ARG A 487 -5.39 -3.45 52.58
N THR A 488 -4.07 -3.34 52.40
CA THR A 488 -3.39 -2.06 52.17
C THR A 488 -2.76 -2.00 50.79
N ASN A 489 -2.00 -3.04 50.44
CA ASN A 489 -1.27 -3.09 49.19
C ASN A 489 -1.01 -4.53 48.72
N GLU A 490 -0.30 -4.68 47.60
CA GLU A 490 0.04 -5.99 47.08
C GLU A 490 1.45 -5.99 46.54
N GLN A 491 2.24 -7.01 46.91
CA GLN A 491 3.60 -7.09 46.43
C GLN A 491 4.03 -8.52 46.11
N VAL A 492 4.95 -8.64 45.15
CA VAL A 492 5.46 -9.94 44.75
C VAL A 492 6.51 -10.43 45.71
N VAL A 493 6.37 -11.68 46.10
CA VAL A 493 7.28 -12.29 47.05
C VAL A 493 8.20 -13.31 46.35
N ARG A 494 7.60 -14.17 45.55
CA ARG A 494 8.31 -15.23 44.85
C ARG A 494 7.87 -15.41 43.42
N SER A 495 8.69 -16.09 42.64
CA SER A 495 8.33 -16.45 41.29
C SER A 495 8.17 -17.96 41.19
N LEU A 496 7.22 -18.38 40.36
CA LEU A 496 6.97 -19.79 40.08
C LEU A 496 7.19 -20.00 38.59
N TYR A 497 8.12 -20.87 38.24
CA TYR A 497 8.49 -21.05 36.84
C TYR A 497 7.73 -22.20 36.22
N VAL A 498 7.31 -22.05 34.97
CA VAL A 498 6.58 -23.15 34.34
C VAL A 498 7.17 -23.57 33.01
N ILE A 499 7.36 -24.87 32.87
CA ILE A 499 7.88 -25.52 31.69
C ILE A 499 6.75 -26.05 30.87
N TYR A 500 6.63 -25.64 29.63
CA TYR A 500 5.54 -26.17 28.84
C TYR A 500 5.84 -26.20 27.37
N GLU A 501 5.18 -27.12 26.71
CA GLU A 501 5.16 -27.19 25.27
C GLU A 501 3.72 -27.36 24.84
N GLU A 502 3.35 -26.76 23.71
CA GLU A 502 1.97 -26.84 23.23
C GLU A 502 1.69 -28.22 22.66
N GLY A 503 0.47 -28.69 22.81
CA GLY A 503 0.10 -30.01 22.31
C GLY A 503 -1.27 -30.41 22.81
N ASP A 504 -1.68 -31.64 22.51
CA ASP A 504 -3.02 -32.12 22.85
C ASP A 504 -3.04 -33.32 23.81
N ASN A 505 -1.98 -33.53 24.57
CA ASN A 505 -1.91 -34.71 25.42
C ASN A 505 -2.53 -34.50 26.79
N ILE A 506 -2.28 -33.35 27.37
CA ILE A 506 -2.68 -33.04 28.72
C ILE A 506 -3.73 -31.95 28.70
N VAL A 507 -4.90 -32.20 29.26
CA VAL A 507 -5.97 -31.22 29.15
C VAL A 507 -6.44 -30.72 30.51
N GLY A 508 -6.53 -29.40 30.65
CA GLY A 508 -7.02 -28.83 31.89
C GLY A 508 -8.51 -29.11 32.02
N VAL A 509 -8.97 -29.32 33.23
CA VAL A 509 -10.39 -29.55 33.46
C VAL A 509 -10.88 -28.90 34.75
N PRO A 510 -12.08 -28.30 34.75
CA PRO A 510 -12.76 -27.80 35.92
C PRO A 510 -13.38 -28.97 36.73
N SER A 511 -12.67 -29.35 37.79
CA SER A 511 -13.03 -30.44 38.74
C SER A 511 -12.93 -31.89 38.23
N SER A 520 -17.29 -34.26 27.79
CA SER A 520 -17.72 -34.25 26.39
C SER A 520 -19.25 -34.14 26.30
N VAL A 521 -19.79 -32.96 26.66
CA VAL A 521 -21.22 -32.65 26.60
C VAL A 521 -21.49 -31.44 25.72
N LEU A 522 -22.35 -31.60 24.72
CA LEU A 522 -22.73 -30.46 23.91
C LEU A 522 -24.24 -30.23 23.92
N HIS A 523 -24.64 -28.98 23.72
CA HIS A 523 -26.05 -28.62 23.73
C HIS A 523 -26.53 -28.17 22.36
N LEU A 524 -27.39 -28.96 21.75
CA LEU A 524 -27.88 -28.71 20.39
C LEU A 524 -29.07 -27.78 20.36
N ASP A 525 -29.17 -27.04 19.25
CA ASP A 525 -30.28 -26.10 18.99
C ASP A 525 -30.38 -25.06 20.09
N SER A 526 -29.24 -24.64 20.60
CA SER A 526 -29.13 -23.61 21.62
C SER A 526 -27.90 -22.78 21.33
N CYS A 527 -27.88 -21.53 21.84
CA CYS A 527 -26.66 -20.72 21.78
C CYS A 527 -25.76 -21.16 22.94
N THR A 528 -24.51 -21.46 22.59
CA THR A 528 -23.60 -21.99 23.59
C THR A 528 -22.18 -21.49 23.46
N ASP A 529 -21.48 -21.49 24.58
CA ASP A 529 -20.07 -21.18 24.66
C ASP A 529 -19.31 -22.48 24.48
N TYR A 530 -18.69 -22.69 23.33
CA TYR A 530 -18.12 -23.99 23.07
C TYR A 530 -16.60 -24.02 23.02
N ASN A 531 -16.06 -25.20 23.30
CA ASN A 531 -14.65 -25.52 23.12
C ASN A 531 -14.57 -26.90 22.49
N ILE A 532 -14.41 -26.92 21.17
CA ILE A 532 -14.46 -28.14 20.40
C ILE A 532 -13.14 -28.47 19.75
N TYR A 533 -12.54 -29.56 20.17
CA TYR A 533 -11.27 -30.00 19.61
C TYR A 533 -10.24 -28.88 19.56
N GLY A 534 -10.19 -28.06 20.61
CA GLY A 534 -9.21 -26.99 20.68
C GLY A 534 -9.67 -25.69 20.02
N ARG A 535 -10.94 -25.59 19.66
CA ARG A 535 -11.46 -24.38 19.04
C ARG A 535 -12.54 -23.75 19.90
N THR A 536 -12.28 -22.52 20.33
CA THR A 536 -13.16 -21.80 21.23
C THR A 536 -13.97 -20.74 20.51
N GLY A 537 -15.25 -20.63 20.85
CA GLY A 537 -16.11 -19.60 20.27
C GLY A 537 -17.53 -19.73 20.77
N VAL A 538 -18.41 -18.86 20.29
CA VAL A 538 -19.81 -18.87 20.69
C VAL A 538 -20.69 -19.07 19.46
N GLY A 539 -21.62 -20.00 19.55
CA GLY A 539 -22.48 -20.27 18.42
C GLY A 539 -23.52 -21.34 18.69
N VAL A 540 -24.16 -21.80 17.64
CA VAL A 540 -25.22 -22.79 17.72
C VAL A 540 -24.77 -24.06 17.03
N ILE A 541 -24.89 -25.18 17.73
CA ILE A 541 -24.46 -26.47 17.23
C ILE A 541 -25.68 -27.23 16.71
N ARG A 542 -25.59 -27.74 15.49
CA ARG A 542 -26.70 -28.48 14.92
C ARG A 542 -26.25 -29.79 14.32
N GLN A 543 -27.07 -30.82 14.46
CA GLN A 543 -26.73 -32.12 13.89
C GLN A 543 -27.14 -32.17 12.42
N THR A 544 -26.21 -32.54 11.54
CA THR A 544 -26.48 -32.62 10.11
C THR A 544 -26.11 -34.00 9.55
N ASN A 545 -26.55 -34.28 8.31
CA ASN A 545 -26.26 -35.52 7.58
C ASN A 545 -25.41 -35.22 6.33
N SER A 546 -24.09 -35.41 6.45
CA SER A 546 -23.12 -35.15 5.38
C SER A 546 -21.86 -35.95 5.62
N THR A 547 -20.99 -36.02 4.62
CA THR A 547 -19.71 -36.71 4.70
C THR A 547 -18.55 -35.78 4.34
N LEU A 548 -18.76 -34.47 4.50
CA LEU A 548 -17.77 -33.47 4.10
C LEU A 548 -16.48 -33.45 4.92
N LEU A 549 -16.59 -33.80 6.20
CA LEU A 549 -15.37 -33.60 7.03
C LEU A 549 -14.47 -34.82 6.90
N SER A 550 -13.21 -34.59 6.53
CA SER A 550 -12.22 -35.64 6.40
C SER A 550 -11.47 -35.82 7.71
N GLY A 551 -11.37 -34.74 8.48
CA GLY A 551 -10.67 -34.74 9.75
C GLY A 551 -11.64 -34.44 10.88
N LEU A 552 -11.12 -34.09 12.05
CA LEU A 552 -11.98 -33.82 13.19
C LEU A 552 -12.84 -32.58 12.96
N TYR A 553 -12.29 -31.58 12.31
CA TYR A 553 -13.04 -30.36 12.11
C TYR A 553 -12.64 -29.61 10.86
N TYR A 554 -13.57 -28.77 10.41
CA TYR A 554 -13.40 -27.96 9.22
C TYR A 554 -13.60 -26.49 9.54
N THR A 555 -12.68 -25.66 9.04
CA THR A 555 -12.74 -24.24 9.30
C THR A 555 -12.78 -23.39 8.03
N SER A 556 -13.16 -22.14 8.22
CA SER A 556 -13.21 -21.12 7.19
C SER A 556 -11.84 -20.49 6.97
N LEU A 557 -11.74 -19.60 5.98
CA LEU A 557 -10.50 -18.90 5.68
C LEU A 557 -10.05 -18.03 6.85
N SER A 558 -11.01 -17.57 7.66
CA SER A 558 -10.74 -16.73 8.82
C SER A 558 -10.32 -17.54 10.04
N GLY A 559 -10.37 -18.87 9.94
CA GLY A 559 -10.03 -19.74 11.06
C GLY A 559 -11.23 -20.20 11.90
N ASP A 560 -12.40 -19.64 11.66
CA ASP A 560 -13.59 -20.01 12.42
C ASP A 560 -14.03 -21.44 12.15
N LEU A 561 -14.58 -22.08 13.19
CA LEU A 561 -15.10 -23.43 13.07
C LEU A 561 -16.44 -23.44 12.36
N LEU A 562 -16.54 -24.23 11.28
CA LEU A 562 -17.80 -24.33 10.55
C LEU A 562 -18.51 -25.64 10.84
N GLY A 563 -17.75 -26.64 11.28
CA GLY A 563 -18.35 -27.93 11.64
C GLY A 563 -17.31 -28.92 12.11
N PHE A 564 -17.79 -30.03 12.68
CA PHE A 564 -16.91 -31.06 13.20
C PHE A 564 -17.55 -32.44 13.20
N LYS A 565 -16.70 -33.45 13.31
CA LYS A 565 -17.16 -34.83 13.33
C LYS A 565 -17.01 -35.48 14.70
N ASN A 566 -18.02 -36.25 15.12
CA ASN A 566 -17.91 -37.13 16.30
C ASN A 566 -17.12 -38.37 15.89
N VAL A 567 -16.00 -38.62 16.58
CA VAL A 567 -15.08 -39.74 16.26
C VAL A 567 -15.78 -41.09 16.24
N SER A 568 -16.71 -41.30 17.16
CA SER A 568 -17.37 -42.61 17.27
C SER A 568 -18.45 -42.86 16.21
N ASP A 569 -19.36 -41.91 15.99
CA ASP A 569 -20.46 -42.12 15.03
C ASP A 569 -20.20 -41.69 13.60
N GLY A 570 -19.33 -40.70 13.42
CA GLY A 570 -19.12 -40.16 12.09
C GLY A 570 -20.17 -39.11 11.75
N VAL A 571 -21.01 -38.77 12.74
CA VAL A 571 -22.06 -37.78 12.55
C VAL A 571 -21.43 -36.40 12.51
N ILE A 572 -21.92 -35.57 11.61
CA ILE A 572 -21.38 -34.24 11.44
C ILE A 572 -22.25 -33.18 12.08
N TYR A 573 -21.62 -32.28 12.81
CA TYR A 573 -22.32 -31.17 13.38
C TYR A 573 -21.88 -29.89 12.71
N SER A 574 -22.81 -28.97 12.49
CA SER A 574 -22.46 -27.68 11.93
C SER A 574 -22.40 -26.66 13.04
N VAL A 575 -21.61 -25.62 12.84
CA VAL A 575 -21.51 -24.56 13.81
C VAL A 575 -21.81 -23.22 13.16
N THR A 576 -22.77 -22.48 13.71
CA THR A 576 -23.11 -21.17 13.17
C THR A 576 -23.09 -20.13 14.28
N PRO A 577 -22.93 -18.83 13.99
CA PRO A 577 -23.05 -17.73 14.93
C PRO A 577 -24.43 -17.65 15.54
N CYS A 578 -24.53 -17.14 16.79
CA CYS A 578 -25.82 -16.93 17.48
C CYS A 578 -26.51 -15.68 16.93
N ASP A 579 -25.73 -14.83 16.26
CA ASP A 579 -26.23 -13.60 15.70
C ASP A 579 -25.47 -13.22 14.44
N VAL A 580 -26.11 -12.42 13.61
CA VAL A 580 -25.50 -11.93 12.38
C VAL A 580 -25.66 -10.43 12.27
N SER A 581 -24.90 -9.81 11.37
CA SER A 581 -25.07 -8.38 11.12
C SER A 581 -26.44 -8.09 10.55
N ALA A 582 -27.02 -6.96 10.93
CA ALA A 582 -28.29 -6.50 10.41
C ALA A 582 -28.23 -5.01 10.18
N GLN A 583 -29.05 -4.51 9.27
CA GLN A 583 -29.07 -3.08 8.99
C GLN A 583 -30.31 -2.41 9.52
N ALA A 584 -30.15 -1.50 10.46
CA ALA A 584 -31.28 -0.80 11.05
C ALA A 584 -31.56 0.50 10.31
N ALA A 585 -32.79 0.66 9.87
CA ALA A 585 -33.23 1.84 9.18
C ALA A 585 -33.76 2.84 10.20
N VAL A 586 -33.05 3.96 10.32
CA VAL A 586 -33.39 4.97 11.30
C VAL A 586 -33.83 6.25 10.63
N ILE A 587 -35.04 6.69 10.96
CA ILE A 587 -35.58 7.93 10.41
C ILE A 587 -36.10 8.77 11.56
N ASP A 588 -35.73 10.04 11.60
CA ASP A 588 -36.16 10.97 12.63
C ASP A 588 -35.91 10.47 14.04
N GLY A 589 -34.76 9.82 14.25
CA GLY A 589 -34.37 9.37 15.57
C GLY A 589 -35.12 8.13 16.08
N ALA A 590 -35.67 7.31 15.19
CA ALA A 590 -36.37 6.13 15.62
C ALA A 590 -36.10 4.97 14.70
N ILE A 591 -36.17 3.75 15.22
CA ILE A 591 -35.98 2.61 14.36
C ILE A 591 -37.29 2.33 13.66
N VAL A 592 -37.24 2.38 12.35
CA VAL A 592 -38.39 2.23 11.49
C VAL A 592 -38.48 0.80 11.00
N GLY A 593 -37.34 0.21 10.73
CA GLY A 593 -37.28 -1.16 10.25
C GLY A 593 -35.86 -1.65 10.20
N ALA A 594 -35.67 -2.91 9.82
CA ALA A 594 -34.33 -3.47 9.74
C ALA A 594 -34.27 -4.68 8.82
N MET A 595 -33.13 -4.89 8.17
CA MET A 595 -32.94 -6.09 7.37
C MET A 595 -32.02 -7.08 8.04
N THR A 596 -32.45 -8.33 8.04
CA THR A 596 -31.68 -9.40 8.66
C THR A 596 -31.81 -10.72 7.92
N SER A 597 -30.82 -11.57 8.04
CA SER A 597 -30.92 -12.89 7.43
C SER A 597 -31.69 -13.88 8.31
N ILE A 598 -31.84 -13.57 9.60
CA ILE A 598 -32.53 -14.48 10.49
C ILE A 598 -34.00 -14.11 10.61
N ASN A 599 -34.87 -15.10 10.45
CA ASN A 599 -36.30 -14.86 10.57
C ASN A 599 -36.72 -14.85 12.03
N SER A 600 -36.31 -13.81 12.74
CA SER A 600 -36.58 -13.64 14.16
C SER A 600 -36.76 -12.17 14.48
N GLU A 601 -37.70 -11.87 15.36
CA GLU A 601 -37.96 -10.48 15.72
C GLU A 601 -36.72 -9.82 16.28
N LEU A 602 -36.45 -8.60 15.85
CA LEU A 602 -35.28 -7.85 16.31
C LEU A 602 -35.65 -6.39 16.53
N LEU A 603 -35.03 -5.77 17.52
CA LEU A 603 -35.16 -4.33 17.78
C LEU A 603 -36.58 -3.88 18.11
N GLY A 604 -37.44 -4.81 18.51
CA GLY A 604 -38.81 -4.48 18.87
C GLY A 604 -39.76 -4.44 17.68
N LEU A 605 -39.25 -4.83 16.52
CA LEU A 605 -40.02 -4.85 15.28
C LEU A 605 -40.72 -6.19 15.14
N THR A 606 -42.05 -6.19 15.03
CA THR A 606 -42.79 -7.45 14.99
C THR A 606 -43.40 -7.80 13.64
N HIS A 607 -43.58 -6.82 12.76
CA HIS A 607 -44.20 -7.10 11.47
C HIS A 607 -43.12 -7.30 10.43
N TRP A 608 -43.34 -8.16 9.46
CA TRP A 608 -42.32 -8.32 8.44
C TRP A 608 -42.78 -8.81 7.09
N THR A 609 -41.93 -8.58 6.11
CA THR A 609 -42.08 -9.08 4.76
C THR A 609 -40.79 -9.73 4.31
N THR A 610 -40.77 -10.28 3.12
CA THR A 610 -39.57 -10.95 2.63
C THR A 610 -39.05 -10.32 1.34
N THR A 611 -37.74 -10.07 1.31
CA THR A 611 -37.12 -9.51 0.13
C THR A 611 -36.30 -10.65 -0.50
N PRO A 612 -35.82 -10.52 -1.74
CA PRO A 612 -34.98 -11.50 -2.40
C PRO A 612 -33.74 -11.93 -1.63
N ASN A 613 -33.12 -11.03 -0.86
CA ASN A 613 -31.88 -11.39 -0.17
C ASN A 613 -31.96 -11.50 1.35
N PHE A 614 -32.96 -10.84 1.95
CA PHE A 614 -33.09 -10.78 3.41
C PHE A 614 -34.53 -10.70 3.88
N TYR A 615 -34.73 -10.71 5.18
CA TYR A 615 -36.05 -10.49 5.75
C TYR A 615 -36.12 -9.05 6.18
N TYR A 616 -37.28 -8.42 6.02
CA TYR A 616 -37.40 -7.04 6.44
C TYR A 616 -38.46 -6.87 7.52
N TYR A 617 -38.02 -6.38 8.67
CA TYR A 617 -38.90 -6.14 9.79
C TYR A 617 -39.17 -4.66 9.90
N SER A 618 -40.38 -4.28 10.26
CA SER A 618 -40.68 -2.87 10.38
C SER A 618 -41.90 -2.55 11.21
N ILE A 619 -42.08 -1.26 11.44
CA ILE A 619 -43.25 -0.71 12.11
C ILE A 619 -44.49 -0.78 11.22
N TYR A 620 -44.30 -0.97 9.91
CA TYR A 620 -45.37 -1.02 8.94
C TYR A 620 -46.16 -2.31 9.13
N ASN A 621 -47.51 -2.22 8.95
CA ASN A 621 -48.35 -3.38 9.16
C ASN A 621 -48.30 -4.29 7.92
N TYR A 622 -47.28 -5.21 8.02
CA TYR A 622 -46.98 -6.23 7.01
C TYR A 622 -47.47 -7.55 7.58
N THR A 623 -47.91 -8.47 6.70
CA THR A 623 -48.41 -9.78 7.11
C THR A 623 -47.31 -10.84 6.98
N VAL A 637 -47.01 -1.78 -1.64
CA VAL A 637 -47.08 -0.44 -1.05
C VAL A 637 -46.90 0.64 -2.15
N ASP A 638 -47.17 1.91 -1.80
CA ASP A 638 -47.02 3.08 -2.68
C ASP A 638 -46.71 4.33 -1.85
N CYS A 639 -45.42 4.74 -1.81
CA CYS A 639 -44.92 5.84 -0.99
C CYS A 639 -43.59 6.38 -1.51
N GLU A 640 -43.18 7.51 -0.97
CA GLU A 640 -41.90 8.14 -1.33
C GLU A 640 -40.85 7.87 -0.24
N PRO A 641 -39.73 7.22 -0.56
CA PRO A 641 -38.69 6.84 0.37
C PRO A 641 -37.95 8.06 0.88
N ILE A 642 -37.45 7.97 2.10
CA ILE A 642 -36.64 9.02 2.68
C ILE A 642 -35.18 8.65 2.61
N ILE A 643 -34.87 7.40 2.92
CA ILE A 643 -33.49 6.91 2.89
C ILE A 643 -33.38 5.72 1.97
N THR A 644 -32.24 5.59 1.30
CA THR A 644 -32.03 4.48 0.39
C THR A 644 -30.63 3.89 0.52
N TYR A 645 -30.47 2.68 0.01
CA TYR A 645 -29.16 2.08 -0.17
C TYR A 645 -29.38 0.98 -1.19
N SER A 646 -28.34 0.50 -1.84
CA SER A 646 -28.57 -0.55 -2.82
C SER A 646 -29.71 -0.13 -3.75
N ASN A 647 -30.66 -1.03 -4.00
CA ASN A 647 -31.82 -0.73 -4.83
C ASN A 647 -33.09 -0.61 -3.99
N ILE A 648 -32.89 -0.41 -2.69
CA ILE A 648 -33.96 -0.34 -1.70
C ILE A 648 -34.20 1.04 -1.11
N GLY A 649 -35.46 1.44 -1.06
CA GLY A 649 -35.81 2.65 -0.36
C GLY A 649 -36.70 2.34 0.85
N VAL A 650 -36.59 3.16 1.88
CA VAL A 650 -37.44 3.02 3.05
C VAL A 650 -38.20 4.31 3.33
N CYS A 651 -39.54 4.19 3.44
CA CYS A 651 -40.47 5.28 3.68
C CYS A 651 -40.60 5.57 5.17
N LYS A 652 -41.17 6.72 5.50
CA LYS A 652 -41.32 7.12 6.90
C LYS A 652 -42.12 6.12 7.73
N ASN A 653 -43.10 5.50 7.11
CA ASN A 653 -43.97 4.56 7.83
C ASN A 653 -43.44 3.14 7.83
N GLY A 654 -42.22 2.95 7.33
CA GLY A 654 -41.60 1.64 7.32
C GLY A 654 -41.82 0.86 6.06
N ALA A 655 -42.70 1.36 5.21
CA ALA A 655 -42.98 0.65 3.98
C ALA A 655 -41.70 0.52 3.18
N LEU A 656 -41.53 -0.65 2.58
CA LEU A 656 -40.36 -0.96 1.79
C LEU A 656 -40.65 -0.80 0.31
N VAL A 657 -39.87 0.02 -0.37
CA VAL A 657 -40.10 0.24 -1.78
C VAL A 657 -38.89 -0.14 -2.59
N PHE A 658 -39.12 -0.59 -3.81
CA PHE A 658 -38.02 -0.93 -4.70
C PHE A 658 -37.98 0.05 -5.85
N ILE A 659 -36.78 0.35 -6.29
CA ILE A 659 -36.57 1.31 -7.36
C ILE A 659 -36.64 0.72 -8.78
N ASN A 660 -37.46 1.36 -9.64
CA ASN A 660 -37.67 0.98 -11.04
C ASN A 660 -36.58 1.61 -11.92
N VAL A 661 -36.44 1.09 -13.17
CA VAL A 661 -35.54 1.61 -14.19
C VAL A 661 -36.26 2.67 -15.02
N THR A 662 -35.59 3.77 -15.30
CA THR A 662 -36.18 4.86 -16.07
C THR A 662 -36.71 4.40 -17.41
N HIS A 663 -37.94 4.83 -17.72
CA HIS A 663 -38.61 4.53 -18.96
C HIS A 663 -38.41 5.62 -19.99
N SER A 664 -38.54 5.25 -21.25
CA SER A 664 -38.51 6.22 -22.33
C SER A 664 -39.41 5.76 -23.45
N ASP A 665 -39.72 6.63 -24.41
CA ASP A 665 -40.55 6.24 -25.54
C ASP A 665 -39.79 5.37 -26.52
N GLY A 666 -38.48 5.59 -26.62
CA GLY A 666 -37.65 4.85 -27.57
C GLY A 666 -36.95 5.81 -28.50
N ASP A 667 -36.12 5.26 -29.39
CA ASP A 667 -35.38 6.08 -30.33
C ASP A 667 -36.08 6.14 -31.67
N VAL A 668 -35.91 7.23 -32.38
CA VAL A 668 -36.46 7.35 -33.71
C VAL A 668 -35.59 6.57 -34.68
N GLN A 669 -36.20 5.65 -35.41
CA GLN A 669 -35.46 4.78 -36.31
C GLN A 669 -35.43 5.36 -37.72
N PRO A 670 -34.40 5.05 -38.51
CA PRO A 670 -34.25 5.44 -39.90
C PRO A 670 -35.09 4.59 -40.83
N ILE A 671 -36.39 4.63 -40.61
CA ILE A 671 -37.32 3.87 -41.42
C ILE A 671 -38.21 4.83 -42.19
N SER A 672 -38.31 4.61 -43.49
CA SER A 672 -39.10 5.47 -44.36
C SER A 672 -40.23 4.71 -45.04
N THR A 673 -40.78 3.71 -44.39
CA THR A 673 -41.90 2.97 -44.96
C THR A 673 -43.09 2.89 -44.01
N GLY A 674 -44.27 3.27 -44.49
CA GLY A 674 -45.48 3.16 -43.69
C GLY A 674 -45.60 4.33 -42.73
N ASN A 675 -46.42 4.17 -41.69
CA ASN A 675 -46.71 5.23 -40.71
C ASN A 675 -45.61 5.36 -39.69
N VAL A 676 -44.86 6.47 -39.74
CA VAL A 676 -43.70 6.74 -38.90
C VAL A 676 -43.91 8.04 -38.15
N THR A 677 -43.16 8.22 -37.07
CA THR A 677 -43.29 9.39 -36.22
C THR A 677 -42.05 10.27 -36.19
N ILE A 678 -42.27 11.56 -36.35
CA ILE A 678 -41.21 12.57 -36.30
C ILE A 678 -41.56 13.61 -35.24
N PRO A 679 -40.69 13.90 -34.27
CA PRO A 679 -40.93 14.83 -33.20
C PRO A 679 -41.20 16.20 -33.81
N THR A 680 -42.22 16.90 -33.29
CA THR A 680 -42.66 18.16 -33.85
C THR A 680 -42.62 19.33 -32.87
N ASN A 681 -43.33 19.21 -31.75
CA ASN A 681 -43.32 20.24 -30.70
C ASN A 681 -42.13 20.04 -29.80
N PHE A 682 -41.45 21.13 -29.41
CA PHE A 682 -40.26 21.09 -28.57
C PHE A 682 -40.28 22.10 -27.45
N THR A 683 -39.58 21.73 -26.39
CA THR A 683 -39.27 22.60 -25.27
C THR A 683 -37.78 22.44 -24.96
N ILE A 684 -37.29 23.21 -24.03
CA ILE A 684 -35.90 23.08 -23.61
C ILE A 684 -35.70 22.60 -22.21
N SER A 685 -34.78 21.67 -22.10
CA SER A 685 -34.34 21.16 -20.82
C SER A 685 -32.86 21.46 -20.70
N VAL A 686 -32.37 21.60 -19.48
CA VAL A 686 -30.96 21.81 -19.27
C VAL A 686 -30.42 20.74 -18.35
N GLN A 687 -29.41 20.05 -18.83
CA GLN A 687 -28.78 18.98 -18.07
C GLN A 687 -27.44 19.45 -17.58
N VAL A 688 -27.10 19.08 -16.37
CA VAL A 688 -25.88 19.60 -15.79
C VAL A 688 -24.93 18.49 -15.36
N GLU A 689 -23.67 18.59 -15.76
CA GLU A 689 -22.68 17.60 -15.35
C GLU A 689 -21.34 18.21 -14.97
N TYR A 690 -20.61 17.52 -14.12
CA TYR A 690 -19.30 17.97 -13.67
C TYR A 690 -18.18 17.03 -14.06
N ILE A 691 -17.10 17.62 -14.57
CA ILE A 691 -15.92 16.86 -14.93
C ILE A 691 -14.68 17.46 -14.28
N GLN A 692 -13.89 16.62 -13.61
CA GLN A 692 -12.67 17.09 -12.97
C GLN A 692 -11.60 17.35 -14.01
N VAL A 693 -10.94 18.49 -13.91
CA VAL A 693 -9.91 18.87 -14.87
C VAL A 693 -8.51 18.78 -14.28
N TYR A 694 -8.38 19.12 -13.01
CA TYR A 694 -7.05 19.15 -12.41
C TYR A 694 -7.07 18.75 -10.95
N THR A 695 -5.91 18.34 -10.44
CA THR A 695 -5.76 18.06 -9.03
C THR A 695 -5.18 19.28 -8.33
N THR A 696 -5.28 19.31 -7.02
CA THR A 696 -4.63 20.36 -6.26
C THR A 696 -3.23 19.91 -5.88
N PRO A 697 -2.18 20.57 -6.38
CA PRO A 697 -0.81 20.18 -6.17
C PRO A 697 -0.39 20.42 -4.74
N VAL A 698 0.34 19.47 -4.19
CA VAL A 698 0.81 19.55 -2.82
C VAL A 698 2.33 19.46 -2.78
N SER A 699 2.94 20.41 -2.09
CA SER A 699 4.37 20.46 -1.92
C SER A 699 4.75 20.07 -0.51
N ILE A 700 5.58 19.04 -0.37
CA ILE A 700 5.96 18.63 0.97
C ILE A 700 7.44 18.79 1.21
N ASP A 701 7.77 19.49 2.29
CA ASP A 701 9.15 19.67 2.70
C ASP A 701 9.54 18.47 3.56
N CYS A 702 10.33 17.53 2.98
CA CYS A 702 10.68 16.27 3.61
C CYS A 702 11.38 16.50 4.94
N ALA A 703 12.36 17.39 4.94
CA ALA A 703 13.13 17.60 6.13
C ALA A 703 12.25 18.11 7.27
N ARG A 704 11.35 19.05 6.98
CA ARG A 704 10.49 19.56 8.05
C ARG A 704 9.44 18.57 8.51
N TYR A 705 8.90 17.78 7.59
CA TYR A 705 7.90 16.81 7.98
C TYR A 705 8.50 15.76 8.91
N VAL A 706 9.64 15.20 8.52
CA VAL A 706 10.26 14.12 9.27
C VAL A 706 10.94 14.61 10.56
N CYS A 707 11.74 15.65 10.49
CA CYS A 707 12.52 16.35 11.48
C CYS A 707 12.01 17.66 11.91
N ASN A 708 11.31 17.88 12.95
CA ASN A 708 10.57 19.11 13.15
C ASN A 708 11.22 20.48 13.52
N GLY A 709 12.24 20.76 12.73
CA GLY A 709 13.03 21.96 12.87
C GLY A 709 14.12 21.67 13.89
N ASN A 710 14.16 20.46 14.45
CA ASN A 710 15.15 20.10 15.46
C ASN A 710 16.53 19.97 14.84
N PRO A 711 17.50 20.86 15.16
CA PRO A 711 18.84 20.86 14.61
C PRO A 711 19.51 19.51 14.75
N ARG A 712 19.20 18.78 15.83
CA ARG A 712 19.85 17.51 16.07
C ARG A 712 19.27 16.33 15.25
N CYS A 713 18.02 16.45 14.76
CA CYS A 713 17.33 15.41 13.99
C CYS A 713 17.76 15.56 12.55
N ASN A 714 17.86 16.80 12.11
CA ASN A 714 18.23 17.05 10.73
C ASN A 714 19.58 16.43 10.42
N LYS A 715 20.46 16.42 11.41
CA LYS A 715 21.77 15.81 11.21
C LYS A 715 21.64 14.32 10.94
N LEU A 716 20.79 13.63 11.68
CA LEU A 716 20.62 12.20 11.48
C LEU A 716 20.03 11.93 10.11
N LEU A 717 19.15 12.82 9.68
CA LEU A 717 18.43 12.72 8.43
C LEU A 717 19.35 12.86 7.23
N THR A 718 20.59 13.28 7.45
CA THR A 718 21.56 13.42 6.37
C THR A 718 21.71 12.10 5.64
N GLN A 719 21.65 11.00 6.39
CA GLN A 719 21.84 9.67 5.82
C GLN A 719 20.72 9.27 4.87
N TYR A 720 19.62 10.00 4.91
CA TYR A 720 18.45 9.72 4.11
C TYR A 720 18.16 10.82 3.09
N VAL A 721 19.14 11.66 2.80
CA VAL A 721 18.92 12.74 1.83
C VAL A 721 18.42 12.22 0.49
N SER A 722 18.95 11.09 0.04
CA SER A 722 18.51 10.56 -1.23
C SER A 722 17.04 10.13 -1.17
N ALA A 723 16.55 9.74 0.01
CA ALA A 723 15.15 9.36 0.13
C ALA A 723 14.25 10.59 -0.01
N CYS A 724 14.64 11.69 0.64
CA CYS A 724 13.91 12.95 0.59
C CYS A 724 13.92 13.54 -0.81
N GLN A 725 15.03 13.42 -1.51
CA GLN A 725 15.10 13.93 -2.86
C GLN A 725 14.18 13.15 -3.76
N THR A 726 14.09 11.84 -3.57
CA THR A 726 13.19 11.05 -4.38
C THR A 726 11.73 11.47 -4.15
N ILE A 727 11.37 11.69 -2.88
CA ILE A 727 10.02 12.10 -2.53
C ILE A 727 9.66 13.45 -3.12
N GLU A 728 10.53 14.43 -2.95
CA GLU A 728 10.26 15.78 -3.42
C GLU A 728 10.27 15.87 -4.93
N GLN A 729 11.17 15.15 -5.57
CA GLN A 729 11.25 15.17 -7.02
C GLN A 729 10.06 14.48 -7.65
N ALA A 730 9.59 13.39 -7.06
CA ALA A 730 8.45 12.68 -7.60
C ALA A 730 7.21 13.55 -7.61
N LEU A 731 7.01 14.32 -6.54
CA LEU A 731 5.85 15.19 -6.50
C LEU A 731 6.00 16.37 -7.46
N ALA A 732 7.22 16.90 -7.56
CA ALA A 732 7.48 18.03 -8.44
C ALA A 732 7.28 17.65 -9.90
N MET A 733 7.68 16.45 -10.28
CA MET A 733 7.54 16.02 -11.66
C MET A 733 6.09 15.78 -12.00
N GLY A 734 5.33 15.22 -11.07
CA GLY A 734 3.92 14.99 -11.31
C GLY A 734 3.25 16.31 -11.62
N ALA A 735 3.44 17.29 -10.74
CA ALA A 735 2.82 18.60 -10.91
C ALA A 735 3.29 19.28 -12.18
N ARG A 736 4.57 19.13 -12.53
CA ARG A 736 5.09 19.77 -13.71
C ARG A 736 4.41 19.25 -14.98
N LEU A 737 4.26 17.94 -15.08
CA LEU A 737 3.61 17.37 -16.25
C LEU A 737 2.17 17.82 -16.34
N GLU A 738 1.49 17.87 -15.20
CA GLU A 738 0.10 18.28 -15.20
C GLU A 738 -0.04 19.71 -15.67
N ASN A 739 0.82 20.59 -15.18
CA ASN A 739 0.71 21.99 -15.56
C ASN A 739 0.92 22.19 -17.04
N MET A 740 1.78 21.40 -17.67
CA MET A 740 2.00 21.57 -19.09
C MET A 740 0.78 21.20 -19.92
N GLU A 741 0.17 20.06 -19.62
CA GLU A 741 -0.98 19.66 -20.43
C GLU A 741 -2.24 20.46 -20.09
N VAL A 742 -2.32 20.98 -18.86
CA VAL A 742 -3.41 21.87 -18.49
C VAL A 742 -3.28 23.21 -19.19
N ASP A 743 -2.07 23.75 -19.25
CA ASP A 743 -1.83 25.02 -19.91
C ASP A 743 -2.13 24.90 -21.40
N SER A 744 -1.88 23.74 -21.97
CA SER A 744 -2.19 23.52 -23.38
C SER A 744 -3.69 23.62 -23.64
N MET A 745 -4.49 23.06 -22.74
CA MET A 745 -5.95 23.09 -22.83
C MET A 745 -6.54 24.51 -22.73
N LEU A 746 -6.05 25.32 -21.80
CA LEU A 746 -6.65 26.62 -21.53
C LEU A 746 -6.23 27.72 -22.50
N PHE A 747 -7.16 28.62 -22.79
CA PHE A 747 -6.87 29.81 -23.57
C PHE A 747 -7.92 30.88 -23.32
N VAL A 748 -7.61 32.11 -23.69
CA VAL A 748 -8.59 33.19 -23.62
C VAL A 748 -8.65 33.98 -24.91
N SER A 749 -9.72 34.75 -25.07
CA SER A 749 -9.84 35.65 -26.21
C SER A 749 -10.32 36.99 -25.72
N GLU A 750 -9.50 38.03 -25.88
CA GLU A 750 -9.85 39.33 -25.32
C GLU A 750 -11.13 39.87 -25.93
N ASN A 751 -11.34 39.65 -27.21
CA ASN A 751 -12.53 40.18 -27.86
C ASN A 751 -13.77 39.50 -27.35
N ALA A 752 -13.66 38.24 -26.92
CA ALA A 752 -14.79 37.53 -26.38
C ALA A 752 -15.04 37.95 -24.94
N LEU A 753 -13.96 38.15 -24.18
CA LEU A 753 -14.11 38.54 -22.78
C LEU A 753 -14.81 39.88 -22.66
N LYS A 754 -14.55 40.78 -23.59
CA LYS A 754 -15.14 42.11 -23.57
C LYS A 754 -16.66 42.10 -23.53
N LEU A 755 -17.29 41.08 -24.11
CA LEU A 755 -18.73 41.04 -24.11
C LEU A 755 -19.27 39.82 -23.39
N ALA A 756 -18.44 39.18 -22.56
CA ALA A 756 -18.83 37.95 -21.88
C ALA A 756 -19.65 38.18 -20.61
N SER A 757 -19.64 39.40 -20.07
CA SER A 757 -20.33 39.67 -18.82
C SER A 757 -21.83 39.86 -18.95
N VAL A 758 -22.53 39.80 -17.82
CA VAL A 758 -23.97 40.07 -17.78
C VAL A 758 -24.24 41.51 -18.18
N GLU A 759 -23.42 42.42 -17.69
CA GLU A 759 -23.61 43.83 -17.99
C GLU A 759 -23.45 44.10 -19.48
N ALA A 760 -22.50 43.41 -20.12
CA ALA A 760 -22.32 43.55 -21.55
C ALA A 760 -23.56 43.08 -22.30
N PHE A 761 -24.09 41.93 -21.89
CA PHE A 761 -25.27 41.38 -22.53
C PHE A 761 -26.51 42.26 -22.39
N ASN A 762 -26.69 42.87 -21.22
CA ASN A 762 -27.84 43.71 -20.91
C ASN A 762 -27.82 45.08 -21.63
N SER A 763 -26.75 45.37 -22.40
CA SER A 763 -26.59 46.64 -23.12
C SER A 763 -26.58 46.47 -24.63
N THR A 764 -26.57 47.60 -25.33
CA THR A 764 -26.57 47.67 -26.79
C THR A 764 -25.23 48.17 -27.29
N GLU A 765 -24.34 48.54 -26.37
CA GLU A 765 -23.08 49.18 -26.76
C GLU A 765 -22.27 48.37 -27.75
N ASN A 766 -22.23 47.06 -27.60
CA ASN A 766 -21.43 46.22 -28.47
C ASN A 766 -22.21 45.60 -29.61
N LEU A 767 -23.48 45.94 -29.76
CA LEU A 767 -24.28 45.26 -30.76
C LEU A 767 -24.04 45.82 -32.15
N ASP A 768 -23.90 44.93 -33.13
CA ASP A 768 -23.77 45.30 -34.53
C ASP A 768 -25.06 45.99 -35.00
N PRO A 769 -24.99 47.25 -35.51
CA PRO A 769 -26.10 48.10 -35.93
C PRO A 769 -27.09 47.43 -36.88
N ILE A 770 -26.65 46.38 -37.58
CA ILE A 770 -27.54 45.70 -38.52
C ILE A 770 -28.76 45.10 -37.78
N TYR A 771 -28.60 44.84 -36.48
CA TYR A 771 -29.65 44.24 -35.66
C TYR A 771 -30.38 45.28 -34.81
N LYS A 772 -30.97 46.28 -35.46
CA LYS A 772 -31.63 47.36 -34.74
C LYS A 772 -32.90 46.92 -34.01
N GLU A 773 -33.48 45.81 -34.45
CA GLU A 773 -34.70 45.30 -33.81
C GLU A 773 -34.43 44.74 -32.41
N TRP A 774 -33.17 44.47 -32.08
CA TRP A 774 -32.83 43.88 -30.81
C TRP A 774 -32.21 44.94 -29.88
N PRO A 775 -32.81 45.21 -28.72
CA PRO A 775 -32.39 46.24 -27.76
C PRO A 775 -31.11 45.88 -27.00
N ASN A 776 -30.76 44.61 -26.99
CA ASN A 776 -29.61 44.11 -26.25
C ASN A 776 -29.17 42.76 -26.82
N ILE A 777 -28.24 42.09 -26.17
CA ILE A 777 -27.79 40.81 -26.68
C ILE A 777 -28.49 39.69 -25.94
N GLY A 778 -29.40 39.01 -26.63
CA GLY A 778 -30.10 37.90 -26.01
C GLY A 778 -31.11 38.34 -24.98
N GLY A 779 -31.78 39.45 -25.21
CA GLY A 779 -32.75 39.95 -24.24
C GLY A 779 -33.67 38.86 -23.71
N SER A 780 -34.34 38.13 -24.60
CA SER A 780 -35.30 37.11 -24.20
C SER A 780 -34.65 35.91 -23.50
N TRP A 781 -33.34 35.75 -23.68
CA TRP A 781 -32.62 34.63 -23.10
C TRP A 781 -31.88 35.04 -21.83
N LEU A 782 -31.95 36.33 -21.49
CA LEU A 782 -31.12 36.85 -20.42
C LEU A 782 -31.62 36.42 -19.06
N GLY A 783 -32.90 36.09 -18.95
CA GLY A 783 -33.44 35.65 -17.68
C GLY A 783 -32.77 34.35 -17.22
N GLY A 784 -32.12 33.65 -18.14
CA GLY A 784 -31.40 32.43 -17.85
C GLY A 784 -29.90 32.69 -17.84
N LEU A 785 -29.42 33.38 -18.87
CA LEU A 785 -28.00 33.63 -19.02
C LEU A 785 -27.43 34.45 -17.87
N LYS A 786 -28.22 35.32 -17.26
CA LYS A 786 -27.70 36.15 -16.19
C LYS A 786 -27.15 35.34 -15.03
N ASP A 787 -27.59 34.08 -14.87
CA ASP A 787 -27.12 33.25 -13.76
C ASP A 787 -25.98 32.32 -14.18
N ILE A 788 -25.57 32.43 -15.45
CA ILE A 788 -24.49 31.66 -16.05
C ILE A 788 -23.29 32.54 -16.36
N LEU A 789 -23.53 33.71 -16.95
CA LEU A 789 -22.47 34.63 -17.32
C LEU A 789 -21.90 35.25 -16.05
N PRO A 790 -20.63 35.65 -16.03
CA PRO A 790 -20.01 36.34 -14.92
C PRO A 790 -20.60 37.72 -14.77
N SER A 791 -20.62 38.24 -13.55
CA SER A 791 -21.14 39.57 -13.27
C SER A 791 -20.03 40.49 -12.77
N HIS A 792 -19.98 41.73 -13.26
CA HIS A 792 -18.99 42.68 -12.74
C HIS A 792 -19.34 43.19 -11.37
N ASN A 793 -20.61 43.40 -11.12
CA ASN A 793 -21.07 43.95 -9.86
C ASN A 793 -21.30 42.86 -8.82
N SER A 794 -20.21 42.26 -8.37
CA SER A 794 -20.28 41.20 -7.39
C SER A 794 -19.01 41.06 -6.58
N LYS A 795 -19.14 40.22 -5.57
CA LYS A 795 -18.05 39.79 -4.71
C LYS A 795 -17.13 38.85 -5.49
N ARG A 796 -15.83 38.85 -5.15
CA ARG A 796 -14.85 37.99 -5.80
C ARG A 796 -14.75 38.21 -7.31
N LYS A 797 -14.62 39.48 -7.70
CA LYS A 797 -14.47 39.91 -9.09
C LYS A 797 -15.49 39.41 -10.08
N TYR A 798 -15.10 38.51 -10.98
CA TYR A 798 -15.99 38.14 -12.07
C TYR A 798 -16.41 36.70 -12.05
N ARG A 799 -17.47 36.42 -11.33
CA ARG A 799 -18.00 35.08 -11.19
C ARG A 799 -19.51 35.10 -11.38
N SER A 800 -20.06 33.98 -11.76
CA SER A 800 -21.47 33.82 -12.02
C SER A 800 -22.25 33.38 -10.77
N ALA A 801 -23.57 33.58 -10.78
CA ALA A 801 -24.38 33.20 -9.62
C ALA A 801 -24.28 31.72 -9.30
N ILE A 802 -24.32 30.87 -10.32
CA ILE A 802 -24.21 29.45 -10.03
C ILE A 802 -22.83 29.12 -9.48
N GLU A 803 -21.80 29.73 -10.03
CA GLU A 803 -20.46 29.45 -9.52
C GLU A 803 -20.36 29.81 -8.04
N ASP A 804 -20.91 30.95 -7.63
CA ASP A 804 -20.80 31.27 -6.22
C ASP A 804 -21.48 30.24 -5.36
N LEU A 805 -22.63 29.75 -5.79
CA LEU A 805 -23.32 28.75 -5.00
C LEU A 805 -22.54 27.46 -4.95
N LEU A 806 -21.97 27.05 -6.08
CA LEU A 806 -21.25 25.79 -6.14
C LEU A 806 -19.98 25.82 -5.30
N PHE A 807 -19.27 26.94 -5.31
CA PHE A 807 -18.05 27.04 -4.53
C PHE A 807 -18.34 27.19 -3.03
N ASP A 808 -19.27 28.07 -2.67
CA ASP A 808 -19.53 28.35 -1.26
C ASP A 808 -20.27 27.24 -0.52
N LYS A 809 -21.01 26.39 -1.25
CA LYS A 809 -21.69 25.28 -0.61
C LYS A 809 -20.79 24.07 -0.45
N VAL A 810 -19.58 24.13 -1.02
CA VAL A 810 -18.67 23.00 -0.96
C VAL A 810 -17.42 23.27 -0.12
N VAL A 811 -16.74 24.41 -0.38
CA VAL A 811 -15.51 24.82 0.30
C VAL A 811 -14.43 23.73 0.17
N GLU A 820 -3.72 29.70 -1.93
CA GLU A 820 -3.82 29.70 -0.47
C GLU A 820 -2.81 30.69 0.16
N ASP A 821 -3.33 31.59 1.02
CA ASP A 821 -2.55 32.61 1.75
C ASP A 821 -1.81 32.04 2.94
N TYR A 822 -0.48 32.03 2.88
CA TYR A 822 0.31 31.54 4.00
C TYR A 822 0.98 32.67 4.76
N LYS A 823 0.79 33.90 4.26
CA LYS A 823 1.42 35.07 4.88
C LYS A 823 0.84 35.22 6.27
N ARG A 824 -0.44 34.90 6.37
CA ARG A 824 -1.19 34.99 7.62
C ARG A 824 -0.76 34.02 8.73
N CYS A 825 -0.04 32.93 8.39
CA CYS A 825 0.32 31.88 9.35
C CYS A 825 1.39 32.35 10.31
N THR A 826 1.94 33.52 10.05
CA THR A 826 2.98 34.05 10.90
C THR A 826 2.51 35.28 11.68
N GLY A 827 1.23 35.62 11.57
CA GLY A 827 0.67 36.77 12.29
C GLY A 827 0.77 36.57 13.80
N GLY A 828 0.25 35.44 14.27
CA GLY A 828 0.33 35.10 15.69
C GLY A 828 -0.68 35.84 16.57
N TYR A 829 -1.82 36.21 16.01
CA TYR A 829 -2.81 36.94 16.80
C TYR A 829 -4.01 36.08 17.17
N ASP A 830 -3.94 34.80 16.82
CA ASP A 830 -5.02 33.86 17.09
C ASP A 830 -4.46 32.45 17.07
N ILE A 831 -5.31 31.47 17.29
CA ILE A 831 -4.90 30.08 17.23
C ILE A 831 -4.97 29.60 15.80
N ALA A 832 -3.88 29.00 15.33
CA ALA A 832 -3.77 28.53 13.96
C ALA A 832 -4.88 27.55 13.60
N ASP A 833 -5.37 27.69 12.37
CA ASP A 833 -6.37 26.79 11.82
C ASP A 833 -5.70 25.57 11.21
N LEU A 834 -6.48 24.72 10.57
CA LEU A 834 -5.92 23.49 10.03
C LEU A 834 -4.89 23.75 8.95
N VAL A 835 -5.13 24.73 8.10
CA VAL A 835 -4.20 24.98 7.01
C VAL A 835 -2.81 25.40 7.50
N CYS A 836 -2.76 26.33 8.48
CA CYS A 836 -1.50 26.80 9.04
C CYS A 836 -0.86 25.69 9.88
N ALA A 837 -1.68 24.91 10.57
CA ALA A 837 -1.16 23.81 11.34
C ALA A 837 -0.45 22.81 10.42
N GLN A 838 -0.97 22.63 9.20
CA GLN A 838 -0.32 21.76 8.21
C GLN A 838 0.95 22.40 7.68
N TYR A 839 0.91 23.70 7.46
CA TYR A 839 2.05 24.46 6.97
C TYR A 839 3.25 24.28 7.88
N TYR A 840 3.00 24.30 9.18
CA TYR A 840 4.04 24.18 10.19
C TYR A 840 4.71 22.80 10.15
N ASN A 841 4.06 21.83 9.52
CA ASN A 841 4.56 20.47 9.41
C ASN A 841 5.16 20.21 8.04
N GLY A 842 5.37 21.26 7.26
CA GLY A 842 6.01 21.11 5.97
C GLY A 842 5.05 20.77 4.85
N ILE A 843 3.76 20.83 5.09
CA ILE A 843 2.81 20.49 4.05
C ILE A 843 2.09 21.72 3.57
N MET A 844 2.27 22.07 2.31
CA MET A 844 1.62 23.26 1.81
C MET A 844 1.01 23.05 0.45
N VAL A 845 -0.08 23.74 0.20
CA VAL A 845 -0.76 23.66 -1.07
C VAL A 845 -0.39 24.81 -1.96
N LEU A 846 -0.07 24.51 -3.20
CA LEU A 846 0.29 25.53 -4.15
C LEU A 846 -0.81 25.69 -5.19
N PRO A 847 -0.91 26.85 -5.84
CA PRO A 847 -1.72 27.07 -7.02
C PRO A 847 -1.03 26.41 -8.20
N GLY A 848 -1.81 26.02 -9.18
CA GLY A 848 -1.24 25.52 -10.43
C GLY A 848 -1.61 26.44 -11.58
N VAL A 849 -1.64 25.89 -12.78
CA VAL A 849 -2.01 26.69 -13.93
C VAL A 849 -3.50 26.96 -13.97
N ALA A 850 -4.30 25.92 -13.78
CA ALA A 850 -5.74 26.10 -13.80
C ALA A 850 -6.25 26.49 -12.44
N ASN A 851 -5.90 27.67 -11.97
CA ASN A 851 -6.47 28.07 -10.71
C ASN A 851 -7.87 28.57 -11.01
N ASP A 852 -8.63 28.93 -9.99
CA ASP A 852 -10.02 29.30 -10.24
C ASP A 852 -10.20 30.56 -11.08
N ASP A 853 -9.29 31.50 -11.01
CA ASP A 853 -9.48 32.75 -11.75
C ASP A 853 -9.22 32.52 -13.24
N LYS A 854 -8.18 31.76 -13.54
CA LYS A 854 -7.87 31.43 -14.92
C LYS A 854 -8.92 30.51 -15.52
N MET A 855 -9.48 29.62 -14.71
CA MET A 855 -10.48 28.70 -15.21
C MET A 855 -11.74 29.47 -15.53
N THR A 856 -12.02 30.49 -14.75
CA THR A 856 -13.17 31.35 -15.00
C THR A 856 -13.01 32.12 -16.29
N MET A 857 -11.82 32.67 -16.53
CA MET A 857 -11.61 33.40 -17.79
C MET A 857 -11.85 32.47 -18.97
N TYR A 858 -11.37 31.24 -18.86
CA TYR A 858 -11.52 30.25 -19.92
C TYR A 858 -12.98 30.02 -20.25
N THR A 859 -13.79 29.76 -19.25
CA THR A 859 -15.19 29.49 -19.52
C THR A 859 -15.94 30.73 -20.00
N ALA A 860 -15.55 31.91 -19.49
CA ALA A 860 -16.17 33.15 -19.93
C ALA A 860 -15.87 33.44 -21.39
N SER A 861 -14.64 33.17 -21.82
CA SER A 861 -14.25 33.41 -23.21
C SER A 861 -15.03 32.50 -24.13
N LEU A 862 -15.27 31.27 -23.70
CA LEU A 862 -16.03 30.35 -24.54
C LEU A 862 -17.47 30.82 -24.68
N ALA A 863 -18.10 31.22 -23.57
CA ALA A 863 -19.49 31.66 -23.61
C ALA A 863 -19.65 32.92 -24.43
N GLY A 864 -18.68 33.81 -24.34
CA GLY A 864 -18.73 35.09 -25.02
C GLY A 864 -18.44 34.96 -26.51
N GLY A 865 -18.03 33.77 -26.93
CA GLY A 865 -17.71 33.54 -28.33
C GLY A 865 -18.98 33.32 -29.13
N ILE A 866 -20.04 32.88 -28.46
CA ILE A 866 -21.28 32.51 -29.14
C ILE A 866 -21.87 33.70 -29.87
N THR A 867 -21.79 34.86 -29.25
CA THR A 867 -22.36 36.08 -29.79
C THR A 867 -21.34 37.03 -30.40
N LEU A 868 -20.13 36.55 -30.67
CA LEU A 868 -19.15 37.42 -31.30
C LEU A 868 -19.22 37.23 -32.81
N GLY A 869 -19.55 38.31 -33.54
CA GLY A 869 -19.81 38.24 -34.97
C GLY A 869 -18.61 38.07 -35.89
N ALA A 870 -17.43 38.53 -35.47
CA ALA A 870 -16.28 38.46 -36.37
C ALA A 870 -14.98 38.40 -35.60
N LEU A 871 -13.95 37.87 -36.26
CA LEU A 871 -12.60 37.77 -35.69
C LEU A 871 -11.68 38.84 -36.24
N GLY A 872 -12.22 39.74 -37.05
CA GLY A 872 -11.41 40.78 -37.71
C GLY A 872 -10.74 41.71 -36.71
N GLY A 873 -11.42 41.97 -35.60
CA GLY A 873 -10.91 42.87 -34.56
C GLY A 873 -12.06 43.62 -33.94
N GLY A 874 -11.86 44.12 -32.73
CA GLY A 874 -12.92 44.81 -32.02
C GLY A 874 -13.87 43.80 -31.42
N ALA A 875 -15.05 44.25 -31.02
CA ALA A 875 -16.00 43.37 -30.38
C ALA A 875 -17.41 43.69 -30.84
N VAL A 876 -17.77 43.15 -32.01
CA VAL A 876 -19.08 43.39 -32.60
C VAL A 876 -19.96 42.18 -32.34
N ALA A 877 -21.04 42.40 -31.62
CA ALA A 877 -21.90 41.32 -31.16
C ALA A 877 -23.11 41.11 -32.02
N ILE A 878 -23.65 39.91 -31.92
CA ILE A 878 -24.91 39.57 -32.55
C ILE A 878 -25.83 39.16 -31.41
N PRO A 879 -27.15 39.19 -31.56
CA PRO A 879 -28.10 38.74 -30.57
C PRO A 879 -27.90 37.26 -30.26
N PHE A 880 -28.21 36.86 -29.04
CA PHE A 880 -28.09 35.45 -28.68
C PHE A 880 -29.09 34.67 -29.51
N ALA A 881 -30.29 35.23 -29.68
CA ALA A 881 -31.34 34.57 -30.42
C ALA A 881 -30.88 34.25 -31.85
N VAL A 882 -30.06 35.11 -32.42
CA VAL A 882 -29.54 34.87 -33.77
C VAL A 882 -28.56 33.71 -33.73
N ALA A 883 -27.69 33.69 -32.73
CA ALA A 883 -26.75 32.60 -32.59
C ALA A 883 -27.48 31.27 -32.39
N VAL A 884 -28.58 31.29 -31.63
CA VAL A 884 -29.34 30.08 -31.38
C VAL A 884 -30.03 29.60 -32.65
N GLN A 885 -30.59 30.52 -33.41
CA GLN A 885 -31.27 30.13 -34.63
C GLN A 885 -30.29 29.45 -35.57
N ALA A 886 -29.04 29.92 -35.57
CA ALA A 886 -28.01 29.30 -36.38
C ALA A 886 -27.78 27.84 -35.97
N ARG A 887 -27.87 27.57 -34.67
CA ARG A 887 -27.67 26.22 -34.17
C ARG A 887 -28.85 25.33 -34.55
N LEU A 888 -30.06 25.89 -34.55
CA LEU A 888 -31.23 25.12 -34.94
C LEU A 888 -31.11 24.61 -36.36
N ASN A 889 -30.48 25.38 -37.24
CA ASN A 889 -30.32 24.96 -38.63
C ASN A 889 -29.40 23.76 -38.78
N TYR A 890 -28.51 23.51 -37.83
CA TYR A 890 -27.67 22.33 -37.90
C TYR A 890 -28.46 21.10 -37.49
N VAL A 891 -29.40 21.29 -36.58
CA VAL A 891 -30.23 20.20 -36.14
C VAL A 891 -31.16 19.79 -37.28
N ALA A 892 -31.82 20.78 -37.87
CA ALA A 892 -32.68 20.59 -39.02
C ALA A 892 -32.81 21.90 -39.75
N LEU A 893 -32.79 21.88 -41.08
CA LEU A 893 -32.97 23.14 -41.78
C LEU A 893 -34.32 23.68 -41.38
N GLN A 894 -34.35 24.92 -40.92
CA GLN A 894 -35.61 25.49 -40.49
C GLN A 894 -36.33 26.08 -41.68
N THR A 895 -37.56 25.65 -41.90
CA THR A 895 -38.33 26.15 -43.03
C THR A 895 -39.51 26.97 -42.55
N ASP A 896 -39.92 26.78 -41.30
CA ASP A 896 -41.09 27.49 -40.80
C ASP A 896 -40.68 28.88 -40.29
N VAL A 897 -40.47 29.80 -41.22
CA VAL A 897 -39.97 31.14 -40.91
C VAL A 897 -41.05 32.10 -40.44
N LEU A 898 -42.31 31.79 -40.73
CA LEU A 898 -43.40 32.69 -40.37
C LEU A 898 -43.92 32.48 -38.95
N ASN A 899 -43.41 31.46 -38.26
CA ASN A 899 -43.89 31.13 -36.93
C ASN A 899 -42.74 30.87 -35.98
N LYS A 900 -42.06 31.94 -35.56
CA LYS A 900 -40.89 31.78 -34.72
C LYS A 900 -41.27 31.24 -33.35
N ASN A 901 -40.49 30.29 -32.86
CA ASN A 901 -40.71 29.69 -31.55
C ASN A 901 -39.66 30.14 -30.55
N GLN A 902 -39.01 31.25 -30.84
CA GLN A 902 -37.95 31.73 -29.96
C GLN A 902 -38.44 32.08 -28.58
N GLN A 903 -39.67 32.60 -28.47
CA GLN A 903 -40.16 32.95 -27.16
C GLN A 903 -40.38 31.71 -26.33
N ILE A 904 -40.83 30.64 -26.99
CA ILE A 904 -41.12 29.39 -26.30
C ILE A 904 -39.85 28.76 -25.80
N LEU A 905 -38.84 28.72 -26.65
CA LEU A 905 -37.58 28.12 -26.29
C LEU A 905 -36.90 28.96 -25.21
N ALA A 906 -36.96 30.27 -25.35
CA ALA A 906 -36.33 31.15 -24.37
C ALA A 906 -36.99 31.01 -23.02
N ASN A 907 -38.31 30.86 -22.99
CA ASN A 907 -38.98 30.75 -21.71
C ASN A 907 -38.61 29.45 -21.03
N ALA A 908 -38.57 28.37 -21.79
CA ALA A 908 -38.23 27.07 -21.23
C ALA A 908 -36.82 27.08 -20.67
N PHE A 909 -35.92 27.75 -21.38
CA PHE A 909 -34.54 27.86 -20.94
C PHE A 909 -34.43 28.64 -19.66
N ASN A 910 -35.08 29.81 -19.60
CA ASN A 910 -34.98 30.67 -18.45
C ASN A 910 -35.51 29.98 -17.20
N GLN A 911 -36.58 29.21 -17.38
CA GLN A 911 -37.17 28.50 -16.27
C GLN A 911 -36.25 27.36 -15.81
N ALA A 912 -35.66 26.64 -16.76
CA ALA A 912 -34.78 25.55 -16.40
C ALA A 912 -33.62 26.05 -15.56
N ILE A 913 -33.05 27.19 -15.95
CA ILE A 913 -31.93 27.72 -15.20
C ILE A 913 -32.42 28.19 -13.84
N GLY A 914 -33.57 28.82 -13.80
CA GLY A 914 -34.14 29.24 -12.52
C GLY A 914 -34.15 28.10 -11.50
N ASN A 915 -34.67 26.92 -11.90
CA ASN A 915 -34.76 25.74 -11.05
C ASN A 915 -33.39 25.17 -10.67
N ILE A 916 -32.40 25.26 -11.57
CA ILE A 916 -31.03 24.79 -11.34
C ILE A 916 -30.31 25.66 -10.34
N THR A 917 -30.44 26.97 -10.50
CA THR A 917 -29.80 27.88 -9.58
C THR A 917 -30.39 27.69 -8.19
N GLN A 918 -31.72 27.57 -8.14
CA GLN A 918 -32.41 27.34 -6.89
C GLN A 918 -31.99 26.02 -6.25
N ALA A 919 -31.88 24.96 -7.06
CA ALA A 919 -31.49 23.64 -6.57
C ALA A 919 -30.10 23.65 -5.95
N PHE A 920 -29.19 24.46 -6.49
CA PHE A 920 -27.87 24.54 -5.90
C PHE A 920 -27.94 25.27 -4.57
N GLY A 921 -28.69 26.38 -4.54
CA GLY A 921 -28.83 27.18 -3.32
C GLY A 921 -29.47 26.41 -2.18
N LYS A 922 -30.36 25.50 -2.53
CA LYS A 922 -31.05 24.65 -1.58
C LYS A 922 -30.21 23.50 -0.98
N VAL A 923 -29.05 23.20 -1.61
CA VAL A 923 -28.12 22.08 -1.29
C VAL A 923 -28.92 20.85 -0.81
N LEU A 934 -34.13 17.98 -8.55
CA LEU A 934 -33.33 17.96 -9.77
C LEU A 934 -32.19 16.94 -9.61
N ALA A 935 -32.33 15.78 -10.28
CA ALA A 935 -31.39 14.66 -10.22
C ALA A 935 -30.00 15.02 -10.69
N THR A 936 -29.91 15.89 -11.69
CA THR A 936 -28.63 16.28 -12.23
C THR A 936 -27.87 17.18 -11.28
N VAL A 937 -28.61 17.98 -10.53
CA VAL A 937 -27.97 18.88 -9.58
C VAL A 937 -27.49 18.09 -8.38
N ALA A 938 -28.31 17.16 -7.91
CA ALA A 938 -27.93 16.33 -6.78
C ALA A 938 -26.69 15.51 -7.11
N LYS A 939 -26.62 15.01 -8.34
CA LYS A 939 -25.47 14.23 -8.77
C LYS A 939 -24.21 15.08 -8.79
N VAL A 940 -24.32 16.29 -9.32
CA VAL A 940 -23.17 17.18 -9.35
C VAL A 940 -22.70 17.56 -7.96
N LEU A 941 -23.62 17.90 -7.07
CA LEU A 941 -23.17 18.28 -5.75
C LEU A 941 -22.46 17.13 -5.05
N ALA A 942 -22.98 15.92 -5.20
CA ALA A 942 -22.34 14.78 -4.56
C ALA A 942 -20.95 14.54 -5.13
N LYS A 943 -20.81 14.64 -6.45
CA LYS A 943 -19.52 14.38 -7.08
C LYS A 943 -18.50 15.47 -6.78
N VAL A 944 -18.94 16.71 -6.78
CA VAL A 944 -18.03 17.81 -6.52
C VAL A 944 -17.52 17.76 -5.10
N GLN A 945 -18.42 17.53 -4.15
CA GLN A 945 -18.00 17.47 -2.77
C GLN A 945 -17.06 16.30 -2.54
N ASP A 946 -17.32 15.17 -3.20
CA ASP A 946 -16.48 14.00 -3.02
C ASP A 946 -15.05 14.25 -3.46
N VAL A 947 -14.86 14.99 -4.55
CA VAL A 947 -13.52 15.30 -5.00
C VAL A 947 -12.77 16.08 -3.93
N VAL A 948 -13.46 17.05 -3.36
CA VAL A 948 -12.88 17.89 -2.32
C VAL A 948 -12.60 17.11 -1.04
N ASN A 949 -13.54 16.26 -0.62
CA ASN A 949 -13.36 15.50 0.61
C ASN A 949 -12.20 14.55 0.49
N THR A 950 -12.01 13.97 -0.68
CA THR A 950 -10.93 13.02 -0.88
C THR A 950 -9.57 13.66 -0.68
N GLN A 951 -9.35 14.84 -1.27
CA GLN A 951 -8.05 15.49 -1.10
C GLN A 951 -7.84 15.89 0.35
N GLY A 952 -8.91 16.32 1.01
CA GLY A 952 -8.84 16.71 2.41
C GLY A 952 -8.39 15.54 3.27
N GLN A 953 -9.02 14.39 3.07
CA GLN A 953 -8.69 13.20 3.84
C GLN A 953 -7.27 12.74 3.57
N ALA A 954 -6.80 12.89 2.35
CA ALA A 954 -5.44 12.46 2.03
C ALA A 954 -4.43 13.19 2.89
N LEU A 955 -4.64 14.48 3.10
CA LEU A 955 -3.70 15.26 3.88
C LEU A 955 -3.92 15.10 5.38
N SER A 956 -5.17 14.91 5.78
CA SER A 956 -5.43 14.73 7.20
C SER A 956 -4.83 13.40 7.63
N HIS A 957 -4.91 12.39 6.76
CA HIS A 957 -4.34 11.09 7.04
C HIS A 957 -2.83 11.21 7.20
N LEU A 958 -2.20 11.99 6.34
CA LEU A 958 -0.75 12.15 6.44
C LEU A 958 -0.32 12.84 7.73
N THR A 959 -1.02 13.90 8.15
CA THR A 959 -0.57 14.60 9.36
C THR A 959 -0.70 13.79 10.63
N VAL A 960 -1.71 12.93 10.71
CA VAL A 960 -1.87 12.12 11.91
C VAL A 960 -0.84 11.01 12.01
N GLN A 961 -0.03 10.80 10.98
CA GLN A 961 0.97 9.75 11.05
C GLN A 961 2.11 10.23 11.92
N LEU A 962 2.14 11.52 12.17
CA LEU A 962 3.19 12.11 12.99
C LEU A 962 2.97 11.77 14.45
N GLN A 963 1.78 11.29 14.79
CA GLN A 963 1.46 10.91 16.17
C GLN A 963 1.85 9.46 16.44
N ASN A 964 2.30 8.76 15.42
CA ASN A 964 2.67 7.37 15.54
C ASN A 964 4.08 7.28 16.12
N ASN A 965 4.22 6.59 17.25
CA ASN A 965 5.51 6.46 17.91
C ASN A 965 6.47 5.59 17.13
N PHE A 966 5.96 4.71 16.29
CA PHE A 966 6.80 3.77 15.55
C PHE A 966 7.75 3.02 16.48
N GLN A 967 7.21 2.57 17.61
CA GLN A 967 7.93 1.84 18.65
C GLN A 967 8.97 2.67 19.41
N ALA A 968 8.94 3.97 19.26
CA ALA A 968 9.79 4.87 20.03
C ALA A 968 9.13 5.15 21.36
N ILE A 969 9.89 5.69 22.29
CA ILE A 969 9.33 6.08 23.58
C ILE A 969 8.32 7.22 23.42
N SER A 970 8.47 8.01 22.37
CA SER A 970 7.57 9.13 22.11
C SER A 970 7.60 9.53 20.64
N SER A 971 6.50 10.12 20.17
CA SER A 971 6.43 10.65 18.82
C SER A 971 7.07 12.04 18.69
N SER A 972 7.36 12.67 19.81
CA SER A 972 7.89 14.02 19.80
C SER A 972 9.41 14.05 19.89
N ILE A 973 10.04 14.62 18.87
CA ILE A 973 11.49 14.66 18.78
C ILE A 973 12.13 15.44 19.91
N SER A 974 11.56 16.60 20.23
CA SER A 974 12.11 17.39 21.31
C SER A 974 11.85 16.73 22.65
N ASP A 975 10.80 15.92 22.76
CA ASP A 975 10.56 15.22 24.02
C ASP A 975 11.62 14.13 24.22
N ILE A 976 12.00 13.46 23.14
CA ILE A 976 13.03 12.43 23.24
C ILE A 976 14.34 13.03 23.70
N TYR A 977 14.76 14.15 23.12
CA TYR A 977 16.03 14.74 23.55
C TYR A 977 15.92 15.42 24.91
N ASN A 978 14.72 15.85 25.30
CA ASN A 978 14.52 16.44 26.61
C ASN A 978 14.64 15.39 27.73
N ARG A 979 14.21 14.16 27.43
CA ARG A 979 14.25 13.09 28.42
C ARG A 979 15.47 12.18 28.39
N LEU A 980 16.04 11.98 27.22
CA LEU A 980 17.05 10.95 27.06
C LEU A 980 18.36 11.45 26.42
N ASP A 981 19.49 11.05 26.98
CA ASP A 981 20.81 11.44 26.50
C ASP A 981 21.04 11.04 25.02
N PRO A 982 21.71 11.90 24.22
CA PRO A 982 22.04 11.73 22.81
C PRO A 982 22.43 10.31 22.34
N PRO A 983 23.36 9.57 22.97
CA PRO A 983 23.76 8.25 22.53
C PRO A 983 22.60 7.24 22.48
N SER A 984 21.54 7.49 23.25
CA SER A 984 20.40 6.58 23.24
C SER A 984 19.22 7.24 22.51
N ALA A 985 19.14 8.56 22.63
CA ALA A 985 18.09 9.35 22.03
C ALA A 985 18.14 9.28 20.51
N ASP A 986 19.33 9.20 19.96
CA ASP A 986 19.46 9.11 18.52
C ASP A 986 18.82 7.84 18.00
N ALA A 987 18.91 6.77 18.76
CA ALA A 987 18.31 5.51 18.32
C ALA A 987 16.80 5.61 18.28
N GLN A 988 16.24 6.32 19.26
CA GLN A 988 14.78 6.47 19.31
C GLN A 988 14.33 7.28 18.11
N VAL A 989 15.12 8.29 17.76
CA VAL A 989 14.81 9.14 16.62
C VAL A 989 14.97 8.38 15.32
N ASP A 990 16.00 7.56 15.18
CA ASP A 990 16.16 6.81 13.94
C ASP A 990 14.90 6.02 13.61
N ARG A 991 14.22 5.47 14.62
CA ARG A 991 13.00 4.75 14.29
C ARG A 991 11.91 5.70 13.80
N LEU A 992 11.79 6.88 14.40
CA LEU A 992 10.80 7.85 13.92
C LEU A 992 11.11 8.33 12.51
N ILE A 993 12.38 8.51 12.20
CA ILE A 993 12.75 8.95 10.86
C ILE A 993 12.36 7.91 9.83
N THR A 994 12.66 6.65 10.12
CA THR A 994 12.32 5.59 9.19
C THR A 994 10.81 5.52 8.97
N GLY A 995 10.06 5.61 10.06
CA GLY A 995 8.62 5.54 10.01
C GLY A 995 8.00 6.67 9.19
N ARG A 996 8.44 7.90 9.46
CA ARG A 996 7.89 9.06 8.77
C ARG A 996 8.26 9.09 7.29
N LEU A 997 9.46 8.63 6.93
CA LEU A 997 9.81 8.57 5.51
C LEU A 997 8.92 7.56 4.82
N THR A 998 8.60 6.46 5.50
CA THR A 998 7.73 5.45 4.94
C THR A 998 6.35 6.03 4.66
N ALA A 999 5.83 6.82 5.59
CA ALA A 999 4.53 7.47 5.40
C ALA A 999 4.55 8.39 4.19
N LEU A 1000 5.65 9.11 3.98
CA LEU A 1000 5.73 9.98 2.83
C LEU A 1000 5.76 9.19 1.53
N ASN A 1001 6.44 8.05 1.52
CA ASN A 1001 6.50 7.27 0.30
C ASN A 1001 5.10 6.77 -0.07
N ALA A 1002 4.33 6.38 0.92
CA ALA A 1002 2.97 5.92 0.68
C ALA A 1002 2.12 7.05 0.12
N PHE A 1003 2.30 8.25 0.66
CA PHE A 1003 1.57 9.42 0.21
C PHE A 1003 1.87 9.70 -1.25
N VAL A 1004 3.14 9.69 -1.60
CA VAL A 1004 3.52 10.01 -2.97
C VAL A 1004 2.92 9.02 -3.95
N SER A 1005 2.97 7.74 -3.62
CA SER A 1005 2.43 6.75 -4.53
C SER A 1005 0.94 6.96 -4.74
N GLN A 1006 0.21 7.22 -3.65
CA GLN A 1006 -1.22 7.42 -3.72
C GLN A 1006 -1.56 8.65 -4.55
N THR A 1007 -0.78 9.71 -4.39
CA THR A 1007 -0.99 10.95 -5.12
C THR A 1007 -0.80 10.79 -6.60
N LEU A 1008 0.24 10.07 -6.99
CA LEU A 1008 0.52 9.89 -8.40
C LEU A 1008 -0.60 9.10 -9.09
N THR A 1009 -1.19 8.13 -8.40
CA THR A 1009 -2.30 7.39 -8.99
C THR A 1009 -3.48 8.33 -9.22
N ARG A 1010 -3.80 9.19 -8.26
CA ARG A 1010 -4.93 10.10 -8.48
C ARG A 1010 -4.71 10.98 -9.69
N GLN A 1011 -3.47 11.40 -9.91
CA GLN A 1011 -3.17 12.24 -11.06
C GLN A 1011 -3.42 11.49 -12.35
N ALA A 1012 -3.08 10.20 -12.38
CA ALA A 1012 -3.33 9.40 -13.57
C ALA A 1012 -4.82 9.26 -13.87
N GLU A 1013 -5.62 9.14 -12.82
CA GLU A 1013 -7.06 9.01 -12.98
C GLU A 1013 -7.65 10.29 -13.54
N VAL A 1014 -7.16 11.42 -13.04
CA VAL A 1014 -7.63 12.71 -13.52
C VAL A 1014 -7.22 12.91 -14.96
N ARG A 1015 -6.03 12.51 -15.34
CA ARG A 1015 -5.63 12.66 -16.73
C ARG A 1015 -6.69 12.12 -17.67
N ALA A 1016 -7.21 10.93 -17.39
CA ALA A 1016 -8.25 10.38 -18.25
C ALA A 1016 -9.51 11.24 -18.24
N SER A 1017 -9.88 11.74 -17.07
CA SER A 1017 -11.06 12.60 -16.94
C SER A 1017 -10.87 13.90 -17.72
N ARG A 1018 -9.69 14.47 -17.64
CA ARG A 1018 -9.37 15.72 -18.32
C ARG A 1018 -9.55 15.59 -19.81
N GLN A 1019 -9.15 14.46 -20.38
CA GLN A 1019 -9.33 14.28 -21.81
C GLN A 1019 -10.80 14.38 -22.15
N LEU A 1020 -11.67 13.85 -21.29
CA LEU A 1020 -13.09 13.96 -21.54
C LEU A 1020 -13.54 15.41 -21.46
N ALA A 1021 -13.03 16.16 -20.48
CA ALA A 1021 -13.39 17.57 -20.35
C ALA A 1021 -13.01 18.35 -21.58
N LYS A 1022 -11.84 18.04 -22.13
CA LYS A 1022 -11.35 18.69 -23.32
C LYS A 1022 -12.21 18.36 -24.53
N ASP A 1023 -12.59 17.10 -24.66
CA ASP A 1023 -13.43 16.68 -25.78
C ASP A 1023 -14.80 17.34 -25.70
N LYS A 1024 -15.32 17.49 -24.49
CA LYS A 1024 -16.63 18.11 -24.30
C LYS A 1024 -16.59 19.57 -24.70
N VAL A 1025 -15.53 20.27 -24.34
CA VAL A 1025 -15.47 21.65 -24.75
C VAL A 1025 -15.40 21.76 -26.24
N ASN A 1026 -14.55 20.99 -26.88
CA ASN A 1026 -14.37 21.12 -28.30
C ASN A 1026 -15.57 20.66 -29.11
N GLU A 1027 -16.26 19.64 -28.65
CA GLU A 1027 -17.39 19.09 -29.40
C GLU A 1027 -18.79 19.56 -28.96
N CYS A 1028 -18.96 20.12 -27.75
CA CYS A 1028 -20.27 20.57 -27.25
C CYS A 1028 -20.31 22.10 -27.14
N VAL A 1029 -19.22 22.72 -26.72
CA VAL A 1029 -19.23 24.16 -26.48
C VAL A 1029 -18.74 24.96 -27.69
N ARG A 1030 -17.61 24.57 -28.26
CA ARG A 1030 -17.01 25.31 -29.35
C ARG A 1030 -17.54 24.91 -30.72
N SER A 1031 -18.28 23.81 -30.80
CA SER A 1031 -18.80 23.35 -32.09
C SER A 1031 -20.03 22.46 -31.92
N GLN A 1032 -20.74 22.23 -33.02
CA GLN A 1032 -21.82 21.24 -33.06
C GLN A 1032 -21.28 19.85 -33.39
N SER A 1033 -21.65 18.89 -32.56
CA SER A 1033 -21.20 17.51 -32.73
C SER A 1033 -22.27 16.66 -33.40
N GLN A 1034 -21.81 15.65 -34.13
CA GLN A 1034 -22.70 14.70 -34.78
C GLN A 1034 -22.76 13.39 -34.01
N ARG A 1035 -22.17 13.37 -32.82
CA ARG A 1035 -22.12 12.16 -32.01
C ARG A 1035 -23.34 12.04 -31.12
N PHE A 1036 -24.20 11.10 -31.45
CA PHE A 1036 -25.45 10.93 -30.73
C PHE A 1036 -25.21 10.63 -29.27
N GLY A 1037 -25.89 11.36 -28.40
CA GLY A 1037 -25.83 11.13 -26.96
C GLY A 1037 -24.59 11.67 -26.27
N PHE A 1038 -23.68 12.29 -27.01
CA PHE A 1038 -22.44 12.77 -26.40
C PHE A 1038 -22.61 14.00 -25.49
N CYS A 1039 -23.44 14.97 -25.90
CA CYS A 1039 -23.61 16.26 -25.25
C CYS A 1039 -24.98 16.32 -24.56
N GLY A 1040 -25.28 15.32 -23.76
CA GLY A 1040 -26.54 15.28 -23.04
C GLY A 1040 -27.55 14.34 -23.70
N ASN A 1041 -28.60 13.97 -22.95
CA ASN A 1041 -29.66 13.09 -23.38
C ASN A 1041 -30.78 13.89 -24.07
N GLY A 1042 -30.80 13.90 -25.40
CA GLY A 1042 -31.72 14.70 -26.20
C GLY A 1042 -31.02 15.20 -27.45
N THR A 1043 -31.62 16.18 -28.12
CA THR A 1043 -30.99 16.72 -29.32
C THR A 1043 -30.26 18.00 -28.94
N HIS A 1044 -28.96 18.01 -29.13
CA HIS A 1044 -28.15 19.11 -28.63
C HIS A 1044 -28.33 20.40 -29.40
N LEU A 1045 -28.51 21.50 -28.66
CA LEU A 1045 -28.67 22.80 -29.26
C LEU A 1045 -27.43 23.65 -29.01
N PHE A 1046 -27.05 23.81 -27.75
CA PHE A 1046 -25.83 24.53 -27.40
C PHE A 1046 -25.35 24.15 -26.00
N SER A 1047 -24.11 24.49 -25.68
CA SER A 1047 -23.61 24.29 -24.33
C SER A 1047 -22.87 25.49 -23.81
N LEU A 1048 -23.06 25.72 -22.53
CA LEU A 1048 -22.38 26.75 -21.79
C LEU A 1048 -21.59 26.07 -20.69
N ALA A 1049 -20.59 26.73 -20.16
CA ALA A 1049 -19.83 26.10 -19.10
C ALA A 1049 -19.40 27.12 -18.07
N ASN A 1050 -19.17 26.66 -16.86
CA ASN A 1050 -18.68 27.50 -15.78
C ASN A 1050 -17.60 26.81 -14.99
N ALA A 1051 -17.04 27.53 -14.02
CA ALA A 1051 -16.00 26.96 -13.17
C ALA A 1051 -16.63 26.16 -12.05
N ALA A 1052 -15.88 25.18 -11.57
CA ALA A 1052 -16.28 24.37 -10.43
C ALA A 1052 -15.01 24.03 -9.66
N PRO A 1053 -15.10 23.66 -8.39
CA PRO A 1053 -13.96 23.21 -7.64
C PRO A 1053 -13.27 22.10 -8.39
N ASN A 1054 -11.98 22.27 -8.66
CA ASN A 1054 -11.14 21.30 -9.36
C ASN A 1054 -11.58 20.94 -10.78
N GLY A 1055 -12.44 21.75 -11.41
CA GLY A 1055 -12.87 21.39 -12.75
C GLY A 1055 -13.95 22.30 -13.32
N MET A 1056 -14.77 21.73 -14.19
CA MET A 1056 -15.82 22.47 -14.88
C MET A 1056 -17.19 21.88 -14.73
N ILE A 1057 -18.17 22.75 -14.77
CA ILE A 1057 -19.56 22.36 -14.78
C ILE A 1057 -20.15 22.73 -16.14
N PHE A 1058 -20.78 21.77 -16.79
CA PHE A 1058 -21.35 21.99 -18.11
C PHE A 1058 -22.85 22.05 -18.09
N PHE A 1059 -23.39 23.01 -18.84
CA PHE A 1059 -24.82 23.16 -18.99
C PHE A 1059 -25.21 22.80 -20.41
N HIS A 1060 -25.83 21.64 -20.56
CA HIS A 1060 -26.17 21.16 -21.89
C HIS A 1060 -27.60 21.50 -22.17
N THR A 1061 -27.81 22.37 -23.14
CA THR A 1061 -29.14 22.80 -23.48
C THR A 1061 -29.60 21.96 -24.63
N VAL A 1062 -30.65 21.17 -24.41
CA VAL A 1062 -31.09 20.22 -25.41
C VAL A 1062 -32.56 20.38 -25.72
N LEU A 1063 -32.96 19.93 -26.89
CA LEU A 1063 -34.34 19.95 -27.30
C LEU A 1063 -35.03 18.67 -26.86
N LEU A 1064 -36.21 18.83 -26.30
CA LEU A 1064 -37.01 17.74 -25.81
C LEU A 1064 -38.37 17.78 -26.52
N PRO A 1065 -38.75 16.73 -27.27
CA PRO A 1065 -39.98 16.64 -28.00
C PRO A 1065 -41.13 16.45 -27.05
N THR A 1066 -42.26 17.08 -27.34
CA THR A 1066 -43.44 16.94 -26.48
C THR A 1066 -44.57 16.23 -27.22
N ALA A 1067 -44.49 16.18 -28.54
CA ALA A 1067 -45.51 15.54 -29.36
C ALA A 1067 -44.91 15.09 -30.68
N TYR A 1068 -45.40 13.98 -31.20
CA TYR A 1068 -44.93 13.42 -32.47
C TYR A 1068 -45.96 13.56 -33.58
N GLN A 1069 -45.48 13.87 -34.78
CA GLN A 1069 -46.34 13.95 -35.95
C GLN A 1069 -46.23 12.67 -36.76
N THR A 1070 -47.36 12.05 -37.09
CA THR A 1070 -47.34 10.87 -37.93
C THR A 1070 -47.49 11.25 -39.40
N VAL A 1071 -46.63 10.67 -40.23
CA VAL A 1071 -46.72 10.85 -41.69
C VAL A 1071 -46.67 9.49 -42.34
N THR A 1072 -47.16 9.37 -43.58
CA THR A 1072 -47.06 8.09 -44.27
C THR A 1072 -45.89 8.16 -45.21
N ALA A 1073 -44.85 7.40 -44.92
CA ALA A 1073 -43.60 7.48 -45.66
C ALA A 1073 -43.60 6.59 -46.88
N CYS A 1074 -42.90 7.07 -47.89
CA CYS A 1074 -42.70 6.36 -49.14
C CYS A 1074 -41.27 5.84 -49.20
N SER A 1075 -41.12 4.56 -49.52
CA SER A 1075 -39.77 3.99 -49.62
C SER A 1075 -39.00 4.66 -50.75
N GLY A 1076 -39.72 4.94 -51.82
CA GLY A 1076 -39.17 5.52 -53.03
C GLY A 1076 -40.29 5.67 -54.04
N ILE A 1077 -39.95 6.17 -55.21
CA ILE A 1077 -40.94 6.41 -56.27
C ILE A 1077 -40.61 5.58 -57.51
N CYS A 1078 -41.63 4.86 -58.06
CA CYS A 1078 -41.41 4.12 -59.32
C CYS A 1078 -42.10 4.91 -60.44
N ALA A 1079 -41.25 5.33 -61.41
CA ALA A 1079 -41.71 6.24 -62.45
C ALA A 1079 -41.45 5.70 -63.86
N SER A 1080 -42.24 6.19 -64.84
CA SER A 1080 -42.11 5.80 -66.25
C SER A 1080 -42.31 7.03 -67.14
N ARG A 1084 -40.15 2.45 -70.77
CA ARG A 1084 -38.95 2.30 -69.95
C ARG A 1084 -39.18 2.91 -68.55
N THR A 1085 -39.32 2.04 -67.53
CA THR A 1085 -39.53 2.44 -66.14
C THR A 1085 -38.19 2.64 -65.43
N PHE A 1086 -38.22 3.37 -64.33
CA PHE A 1086 -37.05 3.58 -63.49
C PHE A 1086 -37.46 3.90 -62.06
N GLY A 1087 -36.55 3.69 -61.12
CA GLY A 1087 -36.84 4.04 -59.74
C GLY A 1087 -36.21 5.37 -59.37
N LEU A 1088 -36.79 6.04 -58.39
CA LEU A 1088 -36.23 7.24 -57.83
C LEU A 1088 -36.11 7.10 -56.33
N VAL A 1089 -34.93 7.37 -55.83
CA VAL A 1089 -34.70 7.28 -54.41
C VAL A 1089 -34.17 8.62 -53.92
N VAL A 1090 -34.28 8.87 -52.64
CA VAL A 1090 -33.82 10.16 -52.14
C VAL A 1090 -32.31 10.15 -51.95
N LYS A 1091 -31.65 11.16 -52.51
CA LYS A 1091 -30.19 11.26 -52.45
C LYS A 1091 -29.66 11.38 -51.03
N ASP A 1092 -30.37 12.15 -50.21
CA ASP A 1092 -29.99 12.39 -48.83
C ASP A 1092 -30.71 11.42 -47.90
N VAL A 1093 -29.98 10.43 -47.43
CA VAL A 1093 -30.57 9.32 -46.67
C VAL A 1093 -31.08 9.71 -45.29
N GLN A 1094 -30.78 10.92 -44.84
CA GLN A 1094 -31.28 11.38 -43.54
C GLN A 1094 -32.70 11.92 -43.63
N LEU A 1095 -33.21 12.09 -44.85
CA LEU A 1095 -34.54 12.64 -45.04
C LEU A 1095 -35.59 11.58 -45.28
N THR A 1096 -36.79 11.85 -44.81
CA THR A 1096 -37.94 10.99 -45.03
C THR A 1096 -38.82 11.57 -46.11
N LEU A 1097 -39.19 10.73 -47.06
CA LEU A 1097 -40.08 11.14 -48.13
C LEU A 1097 -41.49 10.77 -47.78
N PHE A 1098 -42.42 11.70 -47.90
CA PHE A 1098 -43.81 11.37 -47.60
C PHE A 1098 -44.73 12.16 -48.50
N ARG A 1099 -45.97 11.71 -48.61
CA ARG A 1099 -46.93 12.44 -49.44
C ARG A 1099 -47.88 13.23 -48.55
N ASN A 1100 -48.12 14.48 -48.90
CA ASN A 1100 -48.96 15.38 -48.12
C ASN A 1100 -50.44 15.30 -48.54
N LEU A 1101 -51.27 16.09 -47.88
CA LEU A 1101 -52.71 16.12 -48.12
C LEU A 1101 -53.08 16.65 -49.50
N ASP A 1102 -52.18 17.43 -50.10
CA ASP A 1102 -52.43 17.97 -51.43
C ASP A 1102 -51.87 17.04 -52.52
N ASP A 1103 -51.46 15.84 -52.09
CA ASP A 1103 -50.94 14.78 -52.94
C ASP A 1103 -49.51 15.06 -53.44
N LYS A 1104 -48.87 16.11 -52.94
CA LYS A 1104 -47.50 16.42 -53.34
C LYS A 1104 -46.47 15.73 -52.46
N PHE A 1105 -45.26 15.56 -52.97
CA PHE A 1105 -44.19 14.98 -52.18
C PHE A 1105 -43.40 16.01 -51.39
N TYR A 1106 -43.11 15.65 -50.15
CA TYR A 1106 -42.31 16.43 -49.23
C TYR A 1106 -41.19 15.62 -48.63
N LEU A 1107 -40.12 16.29 -48.26
CA LEU A 1107 -39.03 15.68 -47.54
C LEU A 1107 -38.95 16.28 -46.16
N THR A 1108 -38.61 15.48 -45.17
CA THR A 1108 -38.45 16.04 -43.84
C THR A 1108 -37.39 15.27 -43.07
N PRO A 1109 -36.51 15.92 -42.32
CA PRO A 1109 -35.50 15.31 -41.51
C PRO A 1109 -36.16 14.60 -40.36
N ARG A 1110 -35.51 13.61 -39.78
CA ARG A 1110 -36.13 12.85 -38.72
C ARG A 1110 -35.88 13.37 -37.32
N THR A 1111 -35.17 14.49 -37.19
CA THR A 1111 -34.91 15.02 -35.86
C THR A 1111 -35.90 16.11 -35.49
N MET A 1112 -36.48 16.77 -36.48
CA MET A 1112 -37.48 17.79 -36.27
C MET A 1112 -38.42 17.81 -37.45
N TYR A 1113 -39.71 17.93 -37.21
CA TYR A 1113 -40.63 17.98 -38.32
C TYR A 1113 -40.70 19.33 -39.02
N GLN A 1114 -39.78 19.52 -39.95
CA GLN A 1114 -39.67 20.73 -40.77
C GLN A 1114 -39.78 20.37 -42.26
N PRO A 1115 -41.00 20.15 -42.79
CA PRO A 1115 -41.27 19.65 -44.12
C PRO A 1115 -40.83 20.62 -45.20
N ARG A 1116 -40.24 20.07 -46.24
CA ARG A 1116 -39.71 20.79 -47.37
C ARG A 1116 -40.32 20.25 -48.66
N ALA A 1117 -40.77 21.11 -49.55
CA ALA A 1117 -41.29 20.56 -50.80
C ALA A 1117 -40.17 19.83 -51.53
N ALA A 1118 -40.46 18.67 -52.09
CA ALA A 1118 -39.45 17.90 -52.80
C ALA A 1118 -39.22 18.44 -54.20
N THR A 1119 -37.98 18.37 -54.69
CA THR A 1119 -37.73 18.75 -56.07
C THR A 1119 -36.86 17.73 -56.80
N SER A 1120 -36.61 17.97 -58.08
CA SER A 1120 -35.88 17.00 -58.89
C SER A 1120 -34.43 16.82 -58.49
N SER A 1121 -33.83 17.85 -57.93
CA SER A 1121 -32.44 17.79 -57.53
C SER A 1121 -32.24 16.95 -56.28
N ASP A 1122 -33.33 16.52 -55.66
CA ASP A 1122 -33.25 15.73 -54.45
C ASP A 1122 -33.29 14.23 -54.72
N PHE A 1123 -33.48 13.83 -55.97
CA PHE A 1123 -33.67 12.42 -56.29
C PHE A 1123 -32.57 11.82 -57.16
N VAL A 1124 -32.40 10.51 -57.01
CA VAL A 1124 -31.45 9.72 -57.77
C VAL A 1124 -32.15 8.64 -58.59
N GLN A 1125 -31.80 8.53 -59.86
CA GLN A 1125 -32.39 7.48 -60.70
C GLN A 1125 -31.66 6.16 -60.55
N ILE A 1126 -32.44 5.09 -60.44
CA ILE A 1126 -31.91 3.74 -60.37
C ILE A 1126 -32.64 2.86 -61.40
N GLU A 1127 -32.06 1.73 -61.77
CA GLU A 1127 -32.69 0.86 -62.75
C GLU A 1127 -34.01 0.22 -62.30
N GLY A 1128 -34.04 -0.30 -61.08
CA GLY A 1128 -35.23 -1.04 -60.62
C GLY A 1128 -36.14 -0.27 -59.68
N CYS A 1129 -37.21 -0.95 -59.24
CA CYS A 1129 -38.20 -0.47 -58.28
C CYS A 1129 -38.44 -1.56 -57.25
N ASP A 1130 -38.67 -1.17 -56.00
CA ASP A 1130 -38.99 -2.16 -54.98
C ASP A 1130 -40.51 -2.35 -54.90
N VAL A 1131 -40.97 -3.25 -54.04
CA VAL A 1131 -42.38 -3.51 -53.88
C VAL A 1131 -42.98 -2.46 -52.97
N LEU A 1132 -42.11 -1.81 -52.24
CA LEU A 1132 -42.51 -0.78 -51.30
C LEU A 1132 -42.50 0.62 -51.93
N PHE A 1133 -42.23 0.70 -53.24
CA PHE A 1133 -42.23 2.00 -53.92
C PHE A 1133 -43.64 2.40 -54.30
N VAL A 1134 -43.89 3.71 -54.30
CA VAL A 1134 -45.19 4.22 -54.71
C VAL A 1134 -45.19 4.51 -56.20
N ASN A 1135 -46.36 4.30 -56.85
CA ASN A 1135 -46.51 4.56 -58.29
C ASN A 1135 -46.66 6.07 -58.55
N ALA A 1136 -45.74 6.59 -59.41
CA ALA A 1136 -45.74 8.00 -59.81
C ALA A 1136 -46.82 8.29 -60.82
N THR A 1137 -47.30 9.52 -60.79
CA THR A 1137 -48.23 9.99 -61.80
C THR A 1137 -47.58 11.11 -62.60
N GLU A 1138 -48.13 11.37 -63.78
CA GLU A 1138 -47.56 12.36 -64.69
C GLU A 1138 -47.52 13.75 -64.08
N ILE A 1139 -48.50 14.06 -63.25
CA ILE A 1139 -48.57 15.37 -62.62
C ILE A 1139 -47.45 15.64 -61.61
N ASP A 1140 -46.78 14.61 -61.12
CA ASP A 1140 -45.68 14.82 -60.18
C ASP A 1140 -44.34 14.91 -60.88
N LEU A 1141 -44.23 14.24 -62.02
CA LEU A 1141 -42.93 14.11 -62.69
C LEU A 1141 -42.22 15.45 -62.98
N PRO A 1142 -42.90 16.54 -63.38
CA PRO A 1142 -42.28 17.83 -63.64
C PRO A 1142 -41.50 18.41 -62.45
N SER A 1143 -41.86 18.00 -61.22
CA SER A 1143 -41.17 18.52 -60.04
C SER A 1143 -40.23 17.49 -59.44
N ILE A 1144 -40.52 16.22 -59.69
CA ILE A 1144 -39.76 15.10 -59.16
C ILE A 1144 -38.59 14.65 -60.06
N ILE A 1145 -38.79 14.66 -61.38
CA ILE A 1145 -37.79 14.22 -62.37
C ILE A 1145 -38.14 14.80 -63.74
N HIS B 1 65.54 34.73 -22.34
CA HIS B 1 64.44 35.62 -21.96
C HIS B 1 63.61 35.01 -20.81
N TRP B 2 64.29 34.63 -19.72
CA TRP B 2 63.67 34.04 -18.52
C TRP B 2 62.64 34.94 -17.88
N ASN B 3 62.80 36.24 -18.06
CA ASN B 3 61.89 37.19 -17.46
C ASN B 3 60.48 37.03 -17.99
N LEU B 4 60.32 36.45 -19.18
CA LEU B 4 58.98 36.25 -19.70
C LEU B 4 58.29 35.16 -18.90
N ILE B 5 59.05 34.13 -18.54
CA ILE B 5 58.54 33.02 -17.76
C ILE B 5 58.25 33.51 -16.35
N GLU B 6 59.18 34.29 -15.80
CA GLU B 6 59.03 34.82 -14.46
C GLU B 6 57.80 35.70 -14.33
N ASN B 7 57.57 36.57 -15.31
CA ASN B 7 56.42 37.46 -15.24
C ASN B 7 55.13 36.67 -15.29
N PHE B 8 55.09 35.63 -16.13
CA PHE B 8 53.92 34.79 -16.22
C PHE B 8 53.62 34.18 -14.86
N LEU B 9 54.64 33.62 -14.23
CA LEU B 9 54.50 32.94 -12.96
C LEU B 9 54.09 33.90 -11.84
N LEU B 10 54.64 35.10 -11.84
CA LEU B 10 54.26 36.07 -10.82
C LEU B 10 52.77 36.44 -10.90
N ASN B 11 52.26 36.64 -12.14
CA ASN B 11 50.85 36.97 -12.41
C ASN B 11 49.93 35.80 -12.06
N TYR B 12 50.38 34.56 -12.35
CA TYR B 12 49.67 33.32 -12.04
C TYR B 12 49.50 33.17 -10.54
N SER B 13 50.61 33.39 -9.80
CA SER B 13 50.55 33.31 -8.32
C SER B 13 50.13 34.65 -7.70
N ILE B 14 49.03 35.21 -8.19
CA ILE B 14 48.52 36.51 -7.64
C ILE B 14 47.47 36.26 -6.55
N ARG B 15 47.11 35.00 -6.32
CA ARG B 15 46.05 34.68 -5.33
C ARG B 15 46.64 33.84 -4.20
N LEU B 16 47.91 34.07 -3.85
CA LEU B 16 48.53 33.34 -2.70
C LEU B 16 48.42 34.21 -1.44
N PRO B 17 47.87 33.69 -0.33
CA PRO B 17 47.72 34.47 0.89
C PRO B 17 49.07 35.04 1.35
N PRO B 18 49.10 36.12 2.16
CA PRO B 18 50.33 36.73 2.62
C PRO B 18 51.56 35.81 2.74
N ASN B 19 51.82 35.24 3.92
CA ASN B 19 53.04 34.41 4.12
C ASN B 19 52.92 33.09 3.37
N SER B 20 53.20 33.09 2.07
CA SER B 20 53.14 31.88 1.28
C SER B 20 54.52 31.35 0.87
N ASP B 21 54.69 30.04 1.00
CA ASP B 21 55.86 29.30 0.52
C ASP B 21 55.37 27.97 0.01
N VAL B 22 55.10 27.92 -1.28
CA VAL B 22 54.44 26.78 -1.89
C VAL B 22 55.00 26.41 -3.25
N VAL B 23 54.95 25.11 -3.55
CA VAL B 23 55.41 24.60 -4.87
C VAL B 23 54.20 24.46 -5.80
N LEU B 24 54.17 25.20 -6.90
CA LEU B 24 53.08 25.17 -7.85
C LEU B 24 53.42 24.23 -9.00
N GLY B 25 52.63 23.18 -9.16
CA GLY B 25 52.87 22.21 -10.22
C GLY B 25 51.75 22.28 -11.23
N ASP B 26 52.09 22.71 -12.44
CA ASP B 26 51.08 22.88 -13.48
C ASP B 26 51.69 22.81 -14.87
N TYR B 27 50.86 22.93 -15.88
CA TYR B 27 51.32 22.95 -17.26
C TYR B 27 51.78 24.35 -17.61
N PHE B 28 52.86 24.75 -16.96
CA PHE B 28 53.47 26.06 -17.10
C PHE B 28 54.31 26.12 -18.35
N PRO B 29 54.50 27.29 -18.94
CA PRO B 29 55.36 27.53 -20.07
C PRO B 29 56.75 27.01 -19.76
N THR B 30 57.36 26.36 -20.74
CA THR B 30 58.68 25.80 -20.59
C THR B 30 59.71 26.55 -21.40
N VAL B 31 60.96 26.15 -21.26
CA VAL B 31 62.03 26.79 -22.00
C VAL B 31 62.77 25.83 -22.93
N VAL B 75 54.02 18.44 -16.67
CA VAL B 75 54.01 19.36 -15.54
C VAL B 75 55.39 19.83 -15.12
N THR B 76 55.49 21.14 -14.92
CA THR B 76 56.71 21.79 -14.46
C THR B 76 56.46 22.37 -13.08
N TYR B 77 57.46 22.24 -12.19
CA TYR B 77 57.25 22.67 -10.78
C TYR B 77 58.07 23.92 -10.44
N TYR B 78 57.41 24.97 -9.96
CA TYR B 78 58.08 26.20 -9.53
C TYR B 78 57.77 26.50 -8.09
N ARG B 79 58.71 27.11 -7.40
CA ARG B 79 58.49 27.45 -6.01
C ARG B 79 58.36 28.96 -5.82
N VAL B 80 57.30 29.36 -5.17
CA VAL B 80 57.07 30.78 -4.95
C VAL B 80 57.03 31.10 -3.47
N ASN B 81 57.75 32.14 -3.10
CA ASN B 81 57.88 32.56 -1.70
C ASN B 81 57.78 34.07 -1.55
N ASN B 82 56.70 34.54 -0.92
CA ASN B 82 56.48 35.98 -0.77
C ASN B 82 56.50 36.39 0.69
N LYS B 83 57.12 35.58 1.53
CA LYS B 83 57.10 35.81 2.97
C LYS B 83 57.74 37.13 3.43
N ASN B 84 58.75 37.66 2.70
CA ASN B 84 59.43 38.90 3.08
C ASN B 84 58.80 40.16 2.45
N GLY B 85 57.63 40.02 1.78
CA GLY B 85 56.89 41.13 1.14
C GLY B 85 57.09 41.21 -0.37
N THR B 86 58.11 40.55 -0.90
CA THR B 86 58.35 40.55 -2.33
C THR B 86 58.19 39.13 -2.84
N THR B 87 57.44 38.96 -3.93
CA THR B 87 57.26 37.60 -4.43
C THR B 87 58.47 37.16 -5.24
N ILE B 88 59.08 36.07 -4.81
CA ILE B 88 60.26 35.52 -5.45
C ILE B 88 59.97 34.17 -6.08
N VAL B 89 60.45 33.99 -7.31
CA VAL B 89 60.23 32.74 -8.05
C VAL B 89 61.53 31.99 -8.33
N SER B 90 61.56 30.71 -7.98
CA SER B 90 62.73 29.85 -8.21
C SER B 90 62.28 28.41 -8.50
N ASN B 91 63.22 27.57 -8.90
CA ASN B 91 62.85 26.18 -9.31
C ASN B 91 62.82 25.26 -8.08
N CYS B 92 62.24 24.07 -8.21
CA CYS B 92 62.26 23.12 -7.08
C CYS B 92 62.69 21.74 -7.60
N THR B 93 63.50 21.02 -6.81
CA THR B 93 63.91 19.65 -7.19
C THR B 93 63.43 18.70 -6.08
N ASP B 94 64.35 18.17 -5.28
CA ASP B 94 63.93 17.32 -4.12
C ASP B 94 62.76 16.45 -4.56
N GLN B 95 61.61 16.57 -3.88
CA GLN B 95 60.41 15.78 -4.25
C GLN B 95 59.25 16.76 -4.46
N CYS B 96 59.32 17.59 -5.51
CA CYS B 96 58.28 18.64 -5.70
C CYS B 96 56.89 18.02 -5.70
N ALA B 97 56.72 16.88 -6.37
CA ALA B 97 55.37 16.26 -6.47
C ALA B 97 54.84 15.99 -5.06
N SER B 98 55.69 15.46 -4.18
CA SER B 98 55.27 15.18 -2.78
C SER B 98 54.90 16.49 -2.09
N TYR B 99 55.69 17.55 -2.32
CA TYR B 99 55.44 18.85 -1.65
C TYR B 99 54.05 19.38 -2.07
N VAL B 100 53.69 19.21 -3.34
CA VAL B 100 52.39 19.75 -3.84
C VAL B 100 51.27 18.83 -3.38
N ASP B 101 51.60 17.64 -2.88
CA ASP B 101 50.58 16.68 -2.52
C ASP B 101 50.35 16.72 -1.01
N ASN B 102 51.18 17.48 -0.28
CA ASN B 102 51.10 17.47 1.17
C ASN B 102 51.08 18.85 1.82
N VAL B 103 51.65 19.85 1.17
CA VAL B 103 51.74 21.17 1.77
C VAL B 103 50.90 22.19 1.01
N PHE B 104 50.00 22.85 1.72
CA PHE B 104 49.11 23.84 1.14
C PHE B 104 49.22 25.17 1.86
N THR B 105 48.81 26.23 1.19
CA THR B 105 48.75 27.54 1.78
C THR B 105 47.39 27.74 2.43
N THR B 106 47.37 28.13 3.69
CA THR B 106 46.12 28.32 4.42
C THR B 106 45.41 29.58 3.95
N GLN B 107 44.12 29.47 3.67
CA GLN B 107 43.35 30.61 3.20
C GLN B 107 42.77 31.37 4.39
N PRO B 108 42.42 32.65 4.24
CA PRO B 108 41.82 33.45 5.28
C PRO B 108 40.62 32.72 5.85
N GLY B 109 40.53 32.68 7.17
CA GLY B 109 39.44 31.96 7.83
C GLY B 109 39.87 30.56 8.22
N GLY B 110 41.04 30.14 7.74
CA GLY B 110 41.56 28.81 8.05
C GLY B 110 41.06 27.74 7.09
N LEU B 111 40.57 28.14 5.92
CA LEU B 111 40.06 27.14 5.02
C LEU B 111 41.18 26.51 4.20
N ILE B 112 41.01 25.24 3.88
CA ILE B 112 41.93 24.50 3.05
C ILE B 112 41.58 24.75 1.58
N PRO B 113 42.55 25.09 0.71
CA PRO B 113 42.35 25.35 -0.70
C PRO B 113 41.61 24.21 -1.38
N SER B 114 40.74 24.55 -2.31
CA SER B 114 39.93 23.58 -3.03
C SER B 114 40.75 22.68 -3.94
N ASP B 115 41.99 23.07 -4.19
CA ASP B 115 42.88 22.31 -5.05
C ASP B 115 43.87 21.44 -4.26
N PHE B 116 43.64 21.31 -2.96
CA PHE B 116 44.48 20.44 -2.13
C PHE B 116 43.98 19.01 -2.20
N SER B 117 44.87 18.07 -2.52
CA SER B 117 44.50 16.67 -2.71
C SER B 117 44.16 15.89 -1.44
N PHE B 118 44.49 16.44 -0.28
CA PHE B 118 44.26 15.77 1.01
C PHE B 118 45.02 14.46 1.17
N ASN B 119 46.28 14.42 0.73
CA ASN B 119 47.06 13.22 0.94
C ASN B 119 47.27 12.99 2.42
N ASN B 120 46.92 11.79 2.87
CA ASN B 120 47.02 11.36 4.26
C ASN B 120 46.10 12.12 5.22
N TRP B 121 45.05 12.77 4.72
CA TRP B 121 44.07 13.35 5.62
C TRP B 121 42.86 12.44 5.71
N PHE B 122 42.69 11.80 6.85
CA PHE B 122 41.63 10.82 7.03
C PHE B 122 40.45 11.40 7.79
N LEU B 123 39.27 10.85 7.52
CA LEU B 123 38.10 11.23 8.28
C LEU B 123 38.29 10.70 9.69
N LEU B 124 37.97 11.51 10.71
CA LEU B 124 38.09 10.99 12.06
C LEU B 124 36.78 10.37 12.47
N THR B 125 36.83 9.09 12.80
CA THR B 125 35.63 8.36 13.16
C THR B 125 35.85 7.52 14.42
N ASN B 126 34.74 7.18 15.10
CA ASN B 126 34.71 6.28 16.25
C ASN B 126 34.36 4.84 15.84
N SER B 127 33.74 4.66 14.65
CA SER B 127 33.33 3.38 14.10
C SER B 127 34.52 2.52 13.71
N SER B 128 34.39 1.22 13.86
CA SER B 128 35.45 0.29 13.47
C SER B 128 35.46 -0.03 11.99
N THR B 129 34.38 0.34 11.31
CA THR B 129 34.20 -0.04 9.91
C THR B 129 34.69 1.00 8.92
N VAL B 130 34.54 0.69 7.63
CA VAL B 130 35.01 1.54 6.56
C VAL B 130 33.83 2.32 5.97
N VAL B 131 33.89 3.65 6.05
CA VAL B 131 32.77 4.47 5.60
C VAL B 131 33.12 5.28 4.36
N SER B 132 32.27 5.21 3.36
CA SER B 132 32.54 5.92 2.11
C SER B 132 31.29 6.53 1.51
N GLY B 133 31.47 7.68 0.87
CA GLY B 133 30.38 8.38 0.23
C GLY B 133 30.40 9.86 0.62
N LYS B 134 29.31 10.55 0.36
CA LYS B 134 29.21 11.97 0.66
C LYS B 134 28.44 12.15 1.95
N LEU B 135 29.10 12.76 2.94
CA LEU B 135 28.52 12.91 4.27
C LEU B 135 28.79 14.28 4.87
N VAL B 136 27.87 14.77 5.71
CA VAL B 136 28.11 16.05 6.39
C VAL B 136 28.38 15.80 7.86
N THR B 137 29.59 16.13 8.27
CA THR B 137 30.06 15.86 9.62
C THR B 137 30.81 17.02 10.25
N ARG B 138 31.01 16.91 11.56
CA ARG B 138 31.82 17.88 12.28
C ARG B 138 33.25 17.34 12.39
N GLN B 139 34.15 17.97 11.65
CA GLN B 139 35.53 17.49 11.50
C GLN B 139 36.51 18.64 11.67
N PRO B 140 37.73 18.36 12.14
CA PRO B 140 38.80 19.32 12.34
C PRO B 140 39.47 19.69 11.03
N LEU B 141 38.70 20.34 10.16
CA LEU B 141 39.16 20.75 8.84
C LEU B 141 39.43 22.24 8.71
N VAL B 142 39.37 22.97 9.81
CA VAL B 142 39.74 24.38 9.79
C VAL B 142 41.11 24.50 10.36
N VAL B 143 42.02 25.08 9.61
CA VAL B 143 43.40 25.10 10.00
C VAL B 143 43.76 26.43 10.60
N ASN B 144 44.09 26.42 11.89
CA ASN B 144 44.49 27.64 12.56
C ASN B 144 45.91 28.04 12.14
N CYS B 145 46.79 27.04 11.96
CA CYS B 145 48.16 27.21 11.51
C CYS B 145 48.69 25.92 10.89
N LEU B 146 49.25 26.05 9.70
CA LEU B 146 49.89 24.89 9.09
C LEU B 146 51.39 25.07 9.16
N TRP B 147 52.07 24.12 9.80
CA TRP B 147 53.52 24.19 9.93
C TRP B 147 54.19 23.10 9.07
N PRO B 148 54.62 23.41 7.84
CA PRO B 148 55.14 22.48 6.87
C PRO B 148 56.53 22.00 7.24
N VAL B 149 56.82 20.75 6.86
CA VAL B 149 58.15 20.18 7.00
C VAL B 149 58.85 20.67 8.26
N PRO B 150 58.32 20.35 9.45
CA PRO B 150 58.78 20.84 10.71
C PRO B 150 60.17 20.31 10.98
N SER B 151 60.98 21.10 11.66
CA SER B 151 62.33 20.71 12.03
C SER B 151 62.51 20.98 13.50
N PHE B 152 62.91 19.96 14.23
CA PHE B 152 62.99 20.06 15.66
C PHE B 152 64.43 20.21 16.12
N LYS B 153 64.62 20.92 17.23
CA LYS B 153 65.95 21.13 17.82
C LYS B 153 66.56 19.81 18.29
N GLU B 154 65.71 18.93 18.78
CA GLU B 154 66.13 17.61 19.27
C GLU B 154 65.16 16.56 18.77
N ALA B 155 65.43 15.30 19.10
CA ALA B 155 64.54 14.21 18.71
C ALA B 155 63.14 14.40 19.27
N ALA B 156 63.03 14.99 20.45
CA ALA B 156 61.74 15.18 21.09
C ALA B 156 61.22 16.60 20.95
N SER B 157 59.89 16.72 20.98
CA SER B 157 59.22 18.01 20.93
C SER B 157 57.92 18.03 21.73
N THR B 158 57.47 19.23 22.08
CA THR B 158 56.23 19.40 22.85
C THR B 158 55.26 20.35 22.18
N PHE B 159 53.99 19.96 22.17
CA PHE B 159 52.89 20.75 21.65
C PHE B 159 51.81 20.88 22.72
N CYS B 160 51.09 21.99 22.78
CA CYS B 160 49.99 22.22 23.69
C CYS B 160 48.73 22.67 23.03
N PHE B 161 47.57 22.38 23.61
CA PHE B 161 46.30 22.70 22.91
C PHE B 161 46.04 24.18 23.23
N GLU B 162 46.51 24.67 24.38
CA GLU B 162 46.26 26.06 24.78
C GLU B 162 47.35 27.13 24.57
N GLY B 163 48.46 27.00 25.31
CA GLY B 163 49.57 27.96 25.19
C GLY B 163 50.40 27.87 23.93
N ALA B 164 49.90 27.14 22.91
CA ALA B 164 50.66 26.94 21.66
C ALA B 164 50.97 28.29 21.03
N GLY B 165 52.12 28.39 20.35
CA GLY B 165 52.48 29.64 19.64
C GLY B 165 52.64 29.39 18.16
N PHE B 166 51.99 30.20 17.33
CA PHE B 166 52.07 30.02 15.85
C PHE B 166 53.08 31.01 15.28
N ASP B 167 54.21 30.52 14.76
CA ASP B 167 55.27 31.41 14.24
C ASP B 167 55.75 30.93 12.86
N GLN B 168 55.37 29.71 12.47
CA GLN B 168 55.84 29.15 11.18
C GLN B 168 54.63 28.74 10.34
N CYS B 169 53.57 29.55 10.39
CA CYS B 169 52.30 29.21 9.67
C CYS B 169 52.45 29.47 8.18
N ASN B 170 52.16 28.49 7.34
CA ASN B 170 52.18 28.68 5.87
C ASN B 170 50.83 29.28 5.48
N GLY B 171 50.81 30.53 5.03
CA GLY B 171 49.57 31.19 4.67
C GLY B 171 48.94 31.89 5.87
N ALA B 172 47.63 32.07 5.80
CA ALA B 172 46.90 32.82 6.83
C ALA B 172 46.97 32.11 8.16
N VAL B 173 47.01 32.88 9.25
CA VAL B 173 46.97 32.31 10.57
C VAL B 173 45.74 32.82 11.30
N LEU B 174 45.01 31.90 11.90
CA LEU B 174 43.81 32.26 12.63
C LEU B 174 44.04 32.09 14.13
N ASN B 175 43.86 33.18 14.87
CA ASN B 175 44.18 33.13 16.29
C ASN B 175 43.02 32.63 17.15
N ASN B 176 43.00 31.31 17.34
CA ASN B 176 41.98 30.64 18.14
C ASN B 176 42.56 29.45 18.89
N THR B 177 41.71 28.77 19.65
CA THR B 177 42.12 27.61 20.42
C THR B 177 42.13 26.38 19.51
N VAL B 178 43.15 25.55 19.65
CA VAL B 178 43.29 24.34 18.83
C VAL B 178 42.54 23.17 19.42
N ASP B 179 41.73 22.49 18.61
CA ASP B 179 41.01 21.32 19.09
C ASP B 179 41.77 20.04 18.78
N VAL B 180 42.38 20.00 17.61
CA VAL B 180 43.09 18.79 17.17
C VAL B 180 44.44 19.13 16.56
N ILE B 181 45.47 18.35 16.92
CA ILE B 181 46.76 18.49 16.28
C ILE B 181 46.98 17.30 15.37
N ARG B 182 47.09 17.57 14.07
CA ARG B 182 47.17 16.51 13.08
C ARG B 182 48.57 16.37 12.50
N PHE B 183 49.12 15.16 12.62
CA PHE B 183 50.46 14.89 12.15
C PHE B 183 50.46 14.11 10.84
N ASN B 184 50.83 14.77 9.75
CA ASN B 184 50.91 14.14 8.43
C ASN B 184 52.29 13.51 8.31
N LEU B 185 52.36 12.19 8.40
CA LEU B 185 53.64 11.50 8.50
C LEU B 185 54.32 11.35 7.14
N ASN B 186 55.67 11.50 7.11
CA ASN B 186 56.47 11.29 5.91
C ASN B 186 56.90 9.83 5.78
N PHE B 187 56.50 9.16 4.69
CA PHE B 187 56.84 7.77 4.40
C PHE B 187 56.79 7.51 2.89
N THR B 188 57.38 6.40 2.46
CA THR B 188 57.31 5.95 1.07
C THR B 188 56.73 4.55 1.04
N ALA B 189 55.97 4.23 0.01
CA ALA B 189 55.41 2.89 -0.10
C ALA B 189 56.49 1.84 -0.24
N ASP B 190 56.29 0.71 0.42
CA ASP B 190 57.17 -0.45 0.39
C ASP B 190 58.63 -0.16 0.75
N VAL B 191 58.87 0.68 1.76
CA VAL B 191 60.26 0.94 2.19
C VAL B 191 60.63 0.34 3.54
N GLN B 192 59.72 0.42 4.52
CA GLN B 192 60.03 -0.03 5.88
C GLN B 192 61.31 0.63 6.39
N SER B 193 61.38 1.96 6.26
CA SER B 193 62.53 2.74 6.67
C SER B 193 62.57 2.91 8.18
N GLY B 194 63.74 3.29 8.69
CA GLY B 194 63.93 3.49 10.13
C GLY B 194 63.36 4.81 10.63
N MET B 195 62.04 4.97 10.50
CA MET B 195 61.36 6.17 10.94
C MET B 195 60.17 5.80 11.79
N GLY B 196 59.96 6.55 12.86
CA GLY B 196 58.87 6.31 13.78
C GLY B 196 59.08 7.05 15.08
N ALA B 197 58.15 6.89 16.00
CA ALA B 197 58.24 7.53 17.29
C ALA B 197 58.50 6.48 18.35
N THR B 198 59.37 6.79 19.30
CA THR B 198 59.59 5.87 20.39
C THR B 198 58.37 5.86 21.28
N VAL B 199 57.87 7.05 21.57
CA VAL B 199 56.74 7.19 22.46
C VAL B 199 55.96 8.47 22.26
N PHE B 200 54.63 8.38 22.46
CA PHE B 200 53.77 9.55 22.57
C PHE B 200 53.32 9.73 24.00
N SER B 201 53.61 10.90 24.56
CA SER B 201 53.30 11.18 25.95
C SER B 201 52.17 12.18 26.07
N LEU B 202 51.06 11.75 26.67
CA LEU B 202 49.88 12.58 26.80
C LEU B 202 49.73 13.11 28.24
N ASN B 203 49.77 14.46 28.40
CA ASN B 203 49.62 15.12 29.71
C ASN B 203 48.15 15.50 29.92
N THR B 204 47.47 14.69 30.76
CA THR B 204 46.02 14.85 31.00
C THR B 204 45.80 16.01 31.96
N THR B 205 44.53 16.30 32.25
CA THR B 205 44.17 17.42 33.16
C THR B 205 44.95 17.31 34.48
N GLY B 206 44.61 16.32 35.32
CA GLY B 206 45.25 16.24 36.65
C GLY B 206 46.76 16.33 36.57
N GLY B 207 47.36 15.78 35.52
CA GLY B 207 48.83 15.76 35.40
C GLY B 207 49.32 14.35 35.10
N VAL B 208 48.43 13.38 35.28
CA VAL B 208 48.80 11.95 34.99
C VAL B 208 49.41 11.88 33.60
N ILE B 209 50.65 11.40 33.50
CA ILE B 209 51.26 11.25 32.19
C ILE B 209 51.04 9.84 31.69
N LEU B 210 50.32 9.72 30.59
CA LEU B 210 50.09 8.40 30.01
C LEU B 210 50.89 8.30 28.75
N GLU B 211 51.57 7.19 28.54
CA GLU B 211 52.41 7.07 27.35
C GLU B 211 51.98 5.95 26.43
N ILE B 212 52.05 6.18 25.14
CA ILE B 212 51.72 5.14 24.19
C ILE B 212 52.95 4.66 23.46
N SER B 213 53.16 3.35 23.49
CA SER B 213 54.31 2.74 22.82
C SER B 213 53.92 1.33 22.39
N CYS B 214 54.42 0.86 21.23
CA CYS B 214 54.04 -0.42 20.66
C CYS B 214 55.24 -1.38 20.57
N TYR B 215 55.01 -2.67 20.76
CA TYR B 215 56.09 -3.65 20.85
C TYR B 215 56.06 -4.72 19.76
N ASN B 216 57.23 -5.33 19.52
CA ASN B 216 57.38 -6.38 18.51
C ASN B 216 56.64 -7.66 18.88
N ASP B 217 56.49 -7.89 20.17
CA ASP B 217 55.79 -9.06 20.69
C ASP B 217 54.95 -8.63 21.87
N ILE B 218 54.23 -9.55 22.46
CA ILE B 218 53.42 -9.23 23.62
C ILE B 218 54.26 -9.16 24.88
N VAL B 219 54.07 -8.08 25.65
CA VAL B 219 54.83 -7.90 26.92
C VAL B 219 54.22 -8.81 27.99
N SER B 220 55.05 -9.43 28.82
CA SER B 220 54.55 -10.36 29.87
C SER B 220 55.43 -10.24 31.13
N TYR B 225 60.09 -2.03 31.91
CA TYR B 225 59.98 -0.56 31.77
C TYR B 225 60.40 -0.17 30.35
N SER B 226 61.14 -1.04 29.67
CA SER B 226 61.64 -0.72 28.31
C SER B 226 60.50 -0.20 27.43
N TYR B 227 60.70 0.93 26.76
CA TYR B 227 59.67 1.46 25.83
C TYR B 227 59.77 0.68 24.52
N GLY B 228 58.98 1.06 23.51
CA GLY B 228 58.97 0.29 22.26
C GLY B 228 59.16 1.17 21.04
N ASP B 229 58.46 0.86 19.94
CA ASP B 229 58.61 1.60 18.70
C ASP B 229 57.32 1.69 17.88
N ILE B 230 56.91 2.91 17.51
CA ILE B 230 55.73 3.12 16.67
C ILE B 230 56.18 3.58 15.29
N PRO B 231 56.20 2.69 14.29
CA PRO B 231 56.75 2.93 12.98
C PRO B 231 55.88 3.86 12.19
N PHE B 232 56.48 4.61 11.29
CA PHE B 232 55.72 5.42 10.35
C PHE B 232 55.75 4.71 9.01
N GLY B 233 54.63 4.73 8.30
CA GLY B 233 54.59 4.05 7.02
C GLY B 233 54.43 2.55 7.20
N ILE B 234 55.09 1.80 6.33
CA ILE B 234 54.95 0.35 6.26
C ILE B 234 55.74 -0.36 7.34
N THR B 235 55.12 -1.31 8.02
CA THR B 235 55.84 -2.08 9.05
C THR B 235 56.19 -3.48 8.56
N ASP B 236 57.24 -4.04 9.15
CA ASP B 236 57.73 -5.37 8.82
C ASP B 236 56.93 -6.49 9.49
N GLY B 237 56.01 -6.13 10.39
CA GLY B 237 55.22 -7.13 11.08
C GLY B 237 54.25 -6.51 12.07
N PRO B 238 53.68 -7.29 12.97
CA PRO B 238 52.69 -6.88 13.94
C PRO B 238 53.31 -6.02 15.02
N ARG B 239 52.51 -5.14 15.59
CA ARG B 239 52.93 -4.32 16.71
C ARG B 239 51.82 -4.23 17.74
N TYR B 240 52.15 -4.55 18.98
CA TYR B 240 51.18 -4.57 20.08
C TYR B 240 51.30 -3.30 20.91
N CYS B 241 50.25 -2.47 20.91
CA CYS B 241 50.26 -1.15 21.53
C CYS B 241 49.67 -1.15 22.91
N TYR B 242 50.43 -0.55 23.82
CA TYR B 242 50.03 -0.41 25.20
C TYR B 242 50.12 1.02 25.67
N VAL B 243 49.29 1.33 26.65
CA VAL B 243 49.37 2.56 27.38
C VAL B 243 50.29 2.23 28.55
N LEU B 244 51.28 3.06 28.79
CA LEU B 244 52.24 2.87 29.87
C LEU B 244 51.96 3.84 31.00
N TYR B 245 52.36 3.45 32.20
CA TYR B 245 52.31 4.30 33.40
C TYR B 245 53.39 3.73 34.34
N ASN B 246 54.24 4.61 34.88
CA ASN B 246 55.38 4.14 35.71
C ASN B 246 56.17 3.12 34.89
N GLY B 247 56.11 3.23 33.56
CA GLY B 247 56.79 2.26 32.69
C GLY B 247 56.12 0.91 32.73
N THR B 248 55.09 0.78 33.57
CA THR B 248 54.37 -0.51 33.71
C THR B 248 53.13 -0.45 32.81
N THR B 249 52.99 -1.42 31.91
CA THR B 249 51.84 -1.41 30.97
C THR B 249 50.56 -1.21 31.77
N LEU B 250 49.71 -0.28 31.35
CA LEU B 250 48.43 -0.01 32.06
C LEU B 250 47.27 -0.54 31.21
N LYS B 251 47.36 -0.44 29.89
CA LYS B 251 46.28 -1.03 29.09
C LYS B 251 46.74 -1.51 27.73
N TYR B 252 46.14 -2.60 27.27
CA TYR B 252 46.38 -3.06 25.90
C TYR B 252 45.36 -2.41 24.97
N LEU B 253 45.86 -1.71 23.96
CA LEU B 253 44.99 -0.99 23.03
C LEU B 253 44.66 -1.79 21.80
N GLY B 254 45.65 -2.50 21.29
CA GLY B 254 45.41 -3.24 20.07
C GLY B 254 46.63 -3.34 19.18
N THR B 255 46.38 -3.73 17.94
CA THR B 255 47.44 -3.94 16.98
C THR B 255 47.40 -2.85 15.91
N LEU B 256 48.56 -2.31 15.57
CA LEU B 256 48.63 -1.26 14.54
C LEU B 256 48.28 -1.83 13.17
N PRO B 257 47.75 -0.99 12.27
CA PRO B 257 47.47 -1.32 10.89
C PRO B 257 48.79 -1.51 10.14
N PRO B 258 48.79 -2.21 8.99
CA PRO B 258 49.93 -2.45 8.12
C PRO B 258 50.69 -1.19 7.76
N SER B 259 49.98 -0.07 7.76
CA SER B 259 50.57 1.21 7.44
C SER B 259 50.02 2.33 8.31
N VAL B 260 50.92 3.08 8.93
CA VAL B 260 50.54 4.22 9.76
C VAL B 260 50.83 5.51 8.99
N LYS B 261 49.78 6.21 8.61
CA LYS B 261 49.91 7.36 7.71
C LYS B 261 49.62 8.68 8.41
N GLU B 262 48.73 8.63 9.40
CA GLU B 262 48.34 9.84 10.11
C GLU B 262 48.12 9.59 11.58
N ILE B 263 48.61 10.49 12.40
CA ILE B 263 48.30 10.48 13.82
C ILE B 263 47.61 11.78 14.19
N ALA B 264 46.47 11.70 14.85
CA ALA B 264 45.77 12.93 15.21
C ALA B 264 45.34 12.87 16.65
N ILE B 265 45.66 13.92 17.40
CA ILE B 265 45.36 13.92 18.82
C ILE B 265 44.45 15.08 19.18
N SER B 266 43.34 14.77 19.82
CA SER B 266 42.39 15.80 20.20
C SER B 266 42.54 16.27 21.63
N LYS B 267 42.10 17.50 21.86
CA LYS B 267 42.04 18.13 23.16
C LYS B 267 41.22 17.32 24.12
N TRP B 268 40.20 16.68 23.60
CA TRP B 268 39.23 15.99 24.43
C TRP B 268 39.66 14.58 24.83
N GLY B 269 40.90 14.20 24.54
CA GLY B 269 41.38 12.91 25.02
C GLY B 269 41.28 11.77 24.02
N HIS B 270 41.12 12.07 22.74
CA HIS B 270 41.01 11.00 21.75
C HIS B 270 42.22 10.96 20.82
N PHE B 271 42.84 9.79 20.74
CA PHE B 271 44.03 9.53 19.95
C PHE B 271 43.67 8.68 18.73
N TYR B 272 43.83 9.25 17.54
CA TYR B 272 43.44 8.57 16.31
C TYR B 272 44.63 8.10 15.48
N ILE B 273 44.49 6.92 14.87
CA ILE B 273 45.46 6.42 13.89
C ILE B 273 44.75 6.17 12.57
N ASN B 274 45.16 6.88 11.54
CA ASN B 274 44.56 6.80 10.21
C ASN B 274 43.07 7.02 10.25
N GLY B 275 42.63 7.91 11.12
CA GLY B 275 41.22 8.22 11.25
C GLY B 275 40.46 7.37 12.28
N TYR B 276 41.05 6.31 12.79
CA TYR B 276 40.31 5.49 13.74
C TYR B 276 40.65 5.78 15.19
N ASN B 277 39.63 5.94 16.04
CA ASN B 277 39.89 6.21 17.44
C ASN B 277 40.51 4.99 18.08
N PHE B 278 41.78 5.11 18.44
CA PHE B 278 42.59 4.02 18.92
C PHE B 278 42.57 3.98 20.44
N PHE B 279 42.59 5.16 21.05
CA PHE B 279 42.62 5.30 22.49
C PHE B 279 41.87 6.52 22.99
N SER B 280 41.12 6.37 24.08
CA SER B 280 40.44 7.52 24.66
C SER B 280 40.68 7.63 26.16
N THR B 281 40.82 8.86 26.63
CA THR B 281 41.08 9.14 28.04
C THR B 281 40.53 10.52 28.45
N PHE B 282 41.06 11.06 29.53
CA PHE B 282 40.63 12.36 30.05
C PHE B 282 41.22 13.45 29.17
N PRO B 283 40.67 14.67 29.16
CA PRO B 283 41.12 15.76 28.33
C PRO B 283 42.60 15.97 28.51
N ILE B 284 43.25 16.40 27.44
CA ILE B 284 44.68 16.56 27.37
C ILE B 284 45.07 18.02 27.34
N ASP B 285 45.93 18.42 28.27
CA ASP B 285 46.43 19.80 28.26
C ASP B 285 47.56 19.98 27.25
N CYS B 286 48.50 19.00 27.23
CA CYS B 286 49.68 19.03 26.37
C CYS B 286 50.03 17.63 25.91
N ILE B 287 50.75 17.55 24.79
CA ILE B 287 51.21 16.30 24.23
C ILE B 287 52.65 16.45 23.75
N SER B 288 53.45 15.41 23.94
CA SER B 288 54.83 15.43 23.48
C SER B 288 55.24 14.07 22.96
N PHE B 289 56.35 14.03 22.25
CA PHE B 289 56.86 12.75 21.77
C PHE B 289 58.35 12.78 21.52
N ASN B 290 58.94 11.57 21.46
CA ASN B 290 60.36 11.34 21.17
C ASN B 290 60.50 10.53 19.89
N LEU B 291 61.06 11.15 18.84
CA LEU B 291 61.29 10.50 17.54
C LEU B 291 62.54 9.66 17.55
N THR B 292 62.51 8.57 16.82
CA THR B 292 63.69 7.74 16.63
C THR B 292 64.68 8.50 15.75
N THR B 293 65.98 8.50 16.12
CA THR B 293 67.05 9.17 15.37
C THR B 293 66.61 10.49 14.72
N GLY B 297 63.60 14.85 8.99
CA GLY B 297 62.29 15.23 8.49
C GLY B 297 61.28 14.08 8.65
N ALA B 298 60.64 14.00 9.82
CA ALA B 298 59.68 12.93 10.13
C ALA B 298 58.28 13.21 9.60
N PHE B 299 57.92 14.48 9.51
CA PHE B 299 56.56 14.82 9.14
C PHE B 299 56.53 15.64 7.86
N TRP B 300 55.46 15.49 7.08
CA TRP B 300 55.24 16.37 5.94
C TRP B 300 54.76 17.70 6.43
N THR B 301 53.88 17.64 7.43
CA THR B 301 53.36 18.85 8.04
C THR B 301 52.57 18.57 9.31
N ILE B 302 52.57 19.55 10.19
CA ILE B 302 51.72 19.49 11.38
C ILE B 302 50.67 20.57 11.31
N ALA B 303 49.41 20.18 11.34
CA ALA B 303 48.33 21.14 11.24
C ALA B 303 47.63 21.33 12.58
N TYR B 304 47.51 22.57 12.98
CA TYR B 304 46.77 22.90 14.19
C TYR B 304 45.39 23.26 13.71
N THR B 305 44.41 22.43 14.05
CA THR B 305 43.08 22.57 13.49
C THR B 305 41.98 22.75 14.53
N SER B 306 40.79 23.07 14.04
CA SER B 306 39.60 23.19 14.87
C SER B 306 38.37 22.64 14.15
N TYR B 307 37.35 22.29 14.92
CA TYR B 307 36.15 21.66 14.37
C TYR B 307 35.19 22.60 13.66
N THR B 308 34.72 22.16 12.50
CA THR B 308 33.69 22.87 11.75
C THR B 308 32.75 21.88 11.09
N GLU B 309 31.61 22.36 10.61
CA GLU B 309 30.69 21.50 9.86
C GLU B 309 31.02 21.57 8.38
N ALA B 310 31.19 20.42 7.76
CA ALA B 310 31.52 20.42 6.35
C ALA B 310 31.00 19.20 5.63
N LEU B 311 30.81 19.35 4.34
CA LEU B 311 30.43 18.25 3.48
C LEU B 311 31.68 17.65 2.89
N VAL B 312 31.90 16.38 3.17
CA VAL B 312 33.13 15.78 2.70
C VAL B 312 32.87 14.56 1.85
N GLN B 313 33.71 14.38 0.86
CA GLN B 313 33.65 13.19 0.03
C GLN B 313 34.76 12.26 0.49
N VAL B 314 34.35 11.08 0.97
CA VAL B 314 35.27 10.14 1.57
C VAL B 314 35.40 8.83 0.80
N GLU B 315 36.64 8.40 0.59
CA GLU B 315 36.87 7.10 -0.09
C GLU B 315 37.82 6.26 0.77
N ASN B 316 37.29 5.27 1.50
CA ASN B 316 38.13 4.42 2.40
C ASN B 316 38.61 5.25 3.59
N THR B 317 37.75 6.08 4.16
CA THR B 317 38.09 6.90 5.36
C THR B 317 39.10 7.98 4.98
N ALA B 318 39.45 8.09 3.69
CA ALA B 318 40.40 9.12 3.24
C ALA B 318 39.61 10.25 2.57
N ILE B 319 39.85 11.51 2.98
CA ILE B 319 39.10 12.63 2.44
C ILE B 319 39.63 13.01 1.07
N LYS B 320 38.75 13.11 0.09
CA LYS B 320 39.15 13.48 -1.26
C LYS B 320 38.77 14.92 -1.56
N LYS B 321 37.65 15.36 -1.00
CA LYS B 321 37.16 16.71 -1.25
C LYS B 321 36.40 17.29 -0.07
N VAL B 322 36.61 18.58 0.21
CA VAL B 322 35.90 19.25 1.28
C VAL B 322 35.19 20.52 0.83
N THR B 323 33.90 20.59 1.11
CA THR B 323 33.13 21.82 0.91
C THR B 323 32.70 22.28 2.28
N TYR B 324 33.10 23.44 2.68
CA TYR B 324 32.74 23.88 4.01
C TYR B 324 31.32 24.42 4.04
N CYS B 325 30.62 24.24 5.19
CA CYS B 325 29.40 24.97 5.47
C CYS B 325 29.80 26.28 6.15
N ASN B 326 29.31 27.41 5.64
CA ASN B 326 29.81 28.68 6.13
C ASN B 326 29.11 29.86 5.45
N SER B 327 28.25 29.52 4.51
CA SER B 327 27.57 30.52 3.68
C SER B 327 26.23 29.97 3.30
N HIS B 328 25.33 30.84 2.90
CA HIS B 328 23.99 30.40 2.61
C HIS B 328 23.93 29.46 1.41
N ILE B 329 24.72 29.73 0.39
CA ILE B 329 24.71 28.82 -0.73
C ILE B 329 25.37 27.50 -0.35
N ASN B 330 26.40 27.55 0.47
CA ASN B 330 27.06 26.32 0.89
C ASN B 330 26.20 25.53 1.86
N ASN B 331 25.30 26.20 2.59
CA ASN B 331 24.42 25.46 3.48
C ASN B 331 23.41 24.67 2.66
N ILE B 332 23.03 25.18 1.49
CA ILE B 332 22.13 24.43 0.63
C ILE B 332 22.89 23.23 0.09
N LYS B 333 24.12 23.46 -0.37
CA LYS B 333 24.95 22.37 -0.87
C LYS B 333 25.13 21.25 0.16
N CYS B 334 25.34 21.61 1.44
CA CYS B 334 25.50 20.65 2.53
C CYS B 334 24.20 19.84 2.72
N SER B 335 23.07 20.53 2.73
CA SER B 335 21.77 19.87 2.91
C SER B 335 21.47 18.84 1.83
N GLN B 336 21.80 19.18 0.59
CA GLN B 336 21.50 18.31 -0.55
C GLN B 336 22.59 17.28 -0.82
N LEU B 337 23.70 17.34 -0.08
CA LEU B 337 24.88 16.51 -0.33
C LEU B 337 25.42 16.68 -1.74
N THR B 338 25.47 17.90 -2.25
CA THR B 338 26.02 18.15 -3.57
C THR B 338 27.03 19.28 -3.51
N ALA B 339 28.01 19.27 -4.41
CA ALA B 339 28.94 20.39 -4.50
C ALA B 339 28.56 21.30 -5.65
N ASN B 340 27.55 20.88 -6.40
CA ASN B 340 27.12 21.58 -7.60
C ASN B 340 25.60 21.57 -7.71
N LEU B 341 24.98 22.70 -7.37
CA LEU B 341 23.54 22.81 -7.40
C LEU B 341 23.05 23.12 -8.80
N GLN B 342 21.88 22.61 -9.15
CA GLN B 342 21.31 22.85 -10.46
C GLN B 342 20.34 24.02 -10.39
N ASN B 343 20.09 24.65 -11.51
CA ASN B 343 19.12 25.73 -11.49
C ASN B 343 17.79 25.17 -11.02
N GLY B 344 17.18 25.81 -10.02
CA GLY B 344 15.91 25.33 -9.51
C GLY B 344 15.58 25.88 -8.13
N PHE B 345 14.56 25.32 -7.51
CA PHE B 345 14.11 25.78 -6.20
C PHE B 345 14.42 24.76 -5.13
N TYR B 346 15.14 25.17 -4.10
CA TYR B 346 15.54 24.29 -3.02
C TYR B 346 14.89 24.69 -1.70
N PRO B 347 14.36 23.76 -0.92
CA PRO B 347 13.77 24.00 0.37
C PRO B 347 14.83 24.38 1.38
N VAL B 348 14.60 25.46 2.09
CA VAL B 348 15.48 25.96 3.13
C VAL B 348 14.68 26.38 4.34
N ALA B 349 15.33 26.52 5.49
CA ALA B 349 14.64 27.13 6.62
C ALA B 349 14.68 28.64 6.42
N SER B 350 13.63 29.34 6.82
CA SER B 350 13.62 30.80 6.74
C SER B 350 14.66 31.43 7.65
N SER B 351 15.02 30.72 8.71
CA SER B 351 16.00 31.18 9.67
C SER B 351 16.47 30.01 10.51
N GLU B 352 17.49 30.23 11.32
CA GLU B 352 17.93 29.21 12.27
C GLU B 352 18.11 29.85 13.62
N VAL B 353 17.88 29.09 14.67
CA VAL B 353 17.98 29.62 16.03
C VAL B 353 18.80 28.74 16.94
N GLY B 354 19.20 29.31 18.05
CA GLY B 354 19.90 28.61 19.11
C GLY B 354 20.26 29.60 20.20
N LEU B 355 20.75 29.11 21.32
CA LEU B 355 21.12 29.99 22.42
C LEU B 355 19.96 30.91 22.82
N VAL B 356 18.81 30.31 23.13
CA VAL B 356 17.62 31.07 23.49
C VAL B 356 17.18 30.77 24.92
N ASN B 357 16.31 31.60 25.49
CA ASN B 357 15.78 31.46 26.84
C ASN B 357 14.85 30.26 26.95
N LYS B 358 14.73 29.70 28.16
CA LYS B 358 13.79 28.61 28.46
C LYS B 358 12.53 29.15 29.15
N SER B 359 11.38 28.67 28.69
CA SER B 359 10.09 29.07 29.24
C SER B 359 9.33 27.86 29.76
N VAL B 360 8.77 27.97 30.96
CA VAL B 360 8.00 26.86 31.51
C VAL B 360 6.67 27.28 32.09
N VAL B 361 5.67 26.43 31.92
CA VAL B 361 4.37 26.63 32.55
C VAL B 361 3.95 25.34 33.26
N LEU B 362 3.91 25.39 34.58
CA LEU B 362 3.56 24.21 35.36
C LEU B 362 2.15 24.32 35.89
N LEU B 363 1.57 23.19 36.30
CA LEU B 363 0.27 23.23 36.93
C LEU B 363 0.50 23.86 38.31
N PRO B 364 -0.22 24.95 38.65
CA PRO B 364 -0.02 25.76 39.85
C PRO B 364 0.19 24.93 41.12
N SER B 365 -0.76 24.05 41.40
CA SER B 365 -0.78 23.27 42.63
C SER B 365 -0.09 23.98 43.80
N PHE B 366 0.87 23.32 44.46
CA PHE B 366 1.56 23.91 45.61
C PHE B 366 3.06 23.60 45.60
N PHE B 367 3.87 24.54 46.08
CA PHE B 367 5.30 24.27 46.21
C PHE B 367 5.57 23.37 47.41
N ALA B 368 6.34 22.32 47.17
CA ALA B 368 6.77 21.33 48.14
C ALA B 368 7.97 20.60 47.55
N HIS B 369 9.18 21.07 47.85
CA HIS B 369 10.38 20.55 47.19
C HIS B 369 11.29 19.68 48.06
N THR B 370 11.68 18.54 47.51
CA THR B 370 12.62 17.62 48.13
C THR B 370 13.93 17.49 47.37
N THR B 371 15.02 17.64 48.10
CA THR B 371 16.34 17.46 47.51
C THR B 371 16.77 16.03 47.76
N VAL B 372 17.17 15.35 46.72
CA VAL B 372 17.52 13.95 46.82
C VAL B 372 19.00 13.73 46.48
N ASN B 373 19.78 13.20 47.44
CA ASN B 373 21.23 13.00 47.31
C ASN B 373 21.62 11.53 47.33
N ILE B 374 22.22 11.07 46.21
CA ILE B 374 22.73 9.72 46.07
C ILE B 374 24.24 9.79 46.18
N THR B 375 24.80 9.03 47.10
CA THR B 375 26.25 8.96 47.30
C THR B 375 26.78 7.63 46.87
N ILE B 376 27.76 7.66 45.98
CA ILE B 376 28.36 6.42 45.53
C ILE B 376 29.78 6.32 46.01
N ASP B 377 30.05 5.30 46.81
CA ASP B 377 31.40 5.07 47.30
C ASP B 377 32.05 3.95 46.51
N LEU B 378 33.05 4.30 45.73
CA LEU B 378 33.73 3.35 44.87
C LEU B 378 34.95 2.77 45.55
N GLY B 379 35.07 1.45 45.52
CA GLY B 379 36.27 0.81 46.09
C GLY B 379 37.22 0.35 44.99
N MET B 380 38.07 1.26 44.51
CA MET B 380 39.01 0.93 43.40
C MET B 380 40.22 0.21 44.00
N LYS B 381 40.91 -0.60 43.21
CA LYS B 381 42.15 -1.30 43.66
C LYS B 381 43.14 -1.37 42.49
N ARG B 382 43.84 -2.50 42.35
CA ARG B 382 44.76 -2.67 41.19
C ARG B 382 45.03 -4.15 40.89
N SER B 383 45.53 -4.45 39.69
CA SER B 383 45.81 -5.86 39.29
C SER B 383 47.33 -6.03 39.14
N GLY B 384 47.78 -7.27 38.93
CA GLY B 384 49.22 -7.49 38.69
C GLY B 384 49.73 -6.59 37.58
N TYR B 385 49.07 -6.62 36.42
CA TYR B 385 49.47 -5.77 35.28
C TYR B 385 49.34 -4.31 35.69
N GLY B 386 48.28 -3.97 36.44
CA GLY B 386 48.04 -2.58 36.84
C GLY B 386 46.70 -2.10 36.33
N GLN B 387 46.00 -2.94 35.56
CA GLN B 387 44.66 -2.59 35.03
C GLN B 387 43.74 -2.23 36.20
N PRO B 388 43.43 -0.93 36.45
CA PRO B 388 42.62 -0.54 37.60
C PRO B 388 41.28 -1.27 37.57
N ILE B 389 40.81 -1.74 38.74
CA ILE B 389 39.56 -2.55 38.79
C ILE B 389 38.66 -2.02 39.91
N ALA B 390 37.38 -1.78 39.61
CA ALA B 390 36.44 -1.36 40.68
C ALA B 390 35.91 -2.61 41.38
N SER B 391 35.37 -2.47 42.58
CA SER B 391 34.93 -3.66 43.35
C SER B 391 33.40 -3.76 43.32
N PRO B 392 32.81 -4.87 42.80
CA PRO B 392 31.37 -5.04 42.86
C PRO B 392 31.01 -4.69 44.31
N LEU B 393 31.99 -4.88 45.22
CA LEU B 393 31.79 -4.52 46.60
C LEU B 393 31.90 -3.01 46.79
N SER B 394 30.98 -2.30 46.17
CA SER B 394 30.89 -0.84 46.27
C SER B 394 29.57 -0.52 46.96
N ASN B 395 29.39 0.71 47.48
CA ASN B 395 28.21 1.08 48.29
C ASN B 395 27.45 2.28 47.71
N ILE B 396 26.15 2.07 47.41
CA ILE B 396 25.26 3.15 46.96
C ILE B 396 24.34 3.53 48.10
N THR B 397 24.36 4.80 48.48
CA THR B 397 23.52 5.26 49.57
C THR B 397 22.45 6.22 49.10
N LEU B 398 21.20 5.88 49.46
CA LEU B 398 20.03 6.68 49.17
C LEU B 398 19.65 7.34 50.50
N PRO B 399 18.92 8.48 50.49
CA PRO B 399 18.58 9.19 51.73
C PRO B 399 17.78 8.27 52.66
N MET B 400 17.53 8.71 53.90
CA MET B 400 16.84 7.83 54.88
C MET B 400 15.32 8.03 54.77
N GLN B 401 14.56 6.94 54.67
CA GLN B 401 13.07 7.03 54.63
C GLN B 401 12.48 5.76 55.24
N ASP B 402 11.50 5.90 56.14
CA ASP B 402 10.86 4.72 56.79
C ASP B 402 11.96 3.83 57.38
N ASN B 403 12.97 4.45 57.99
CA ASN B 403 14.11 3.71 58.60
C ASN B 403 14.90 2.94 57.51
N ASN B 404 14.28 2.02 56.76
CA ASN B 404 15.14 1.31 55.79
C ASN B 404 15.75 2.33 54.83
N THR B 405 16.99 2.09 54.39
CA THR B 405 17.65 2.99 53.40
C THR B 405 17.93 2.22 52.11
N ASP B 406 17.21 1.12 51.89
CA ASP B 406 17.41 0.30 50.67
C ASP B 406 16.40 0.73 49.59
N VAL B 407 15.36 1.46 49.98
CA VAL B 407 14.37 1.98 49.00
C VAL B 407 13.96 3.39 49.42
N TYR B 408 14.34 4.41 48.62
CA TYR B 408 13.92 5.79 48.93
C TYR B 408 12.83 6.22 47.95
N CYS B 409 11.74 6.78 48.46
CA CYS B 409 10.65 7.24 47.62
C CYS B 409 10.48 8.75 47.69
N ILE B 410 10.02 9.33 46.60
CA ILE B 410 9.70 10.73 46.58
C ILE B 410 8.24 10.93 46.97
N ARG B 411 8.00 11.74 48.00
CA ARG B 411 6.65 12.00 48.49
C ARG B 411 6.30 13.48 48.46
N SER B 412 6.93 14.20 47.56
CA SER B 412 6.70 15.64 47.41
C SER B 412 6.32 16.02 45.99
N ASN B 413 5.79 17.23 45.84
CA ASN B 413 5.31 17.72 44.56
C ASN B 413 6.45 18.01 43.58
N GLN B 414 7.58 18.43 44.09
CA GLN B 414 8.74 18.72 43.23
C GLN B 414 9.98 18.04 43.79
N PHE B 415 10.93 17.71 42.91
CA PHE B 415 12.17 17.14 43.42
C PHE B 415 13.36 17.42 42.54
N SER B 416 14.55 17.32 43.13
CA SER B 416 15.80 17.40 42.38
C SER B 416 16.70 16.24 42.80
N ILE B 417 17.34 15.56 41.86
CA ILE B 417 18.21 14.44 42.22
C ILE B 417 19.65 14.70 41.84
N TYR B 418 20.55 14.58 42.80
CA TYR B 418 21.95 14.79 42.52
C TYR B 418 22.79 13.60 42.90
N VAL B 419 23.78 13.30 42.07
CA VAL B 419 24.69 12.20 42.38
C VAL B 419 26.07 12.72 42.67
N HIS B 420 26.63 12.21 43.75
CA HIS B 420 27.96 12.57 44.22
C HIS B 420 28.74 11.30 44.46
N SER B 421 30.06 11.37 44.40
CA SER B 421 30.80 10.17 44.71
C SER B 421 32.11 10.42 45.40
N THR B 422 32.52 9.41 46.13
CA THR B 422 33.79 9.40 46.80
C THR B 422 34.57 8.19 46.30
N CYS B 423 35.81 8.45 45.89
CA CYS B 423 36.69 7.36 45.41
C CYS B 423 37.75 7.11 46.50
N LYS B 424 37.72 5.82 46.92
CA LYS B 424 38.68 5.34 47.90
C LYS B 424 39.43 4.20 47.26
N SER B 425 40.63 3.93 47.75
CA SER B 425 41.43 2.89 47.17
C SER B 425 42.13 2.07 48.21
N SER B 426 42.64 0.92 47.79
CA SER B 426 43.32 0.03 48.70
C SER B 426 44.40 -0.75 48.00
N LEU B 427 45.38 -1.21 48.76
CA LEU B 427 46.39 -2.13 48.27
C LEU B 427 46.00 -3.51 48.76
N TRP B 428 45.55 -3.52 50.01
CA TRP B 428 45.02 -4.67 50.71
C TRP B 428 43.54 -4.73 50.41
N ASP B 429 42.98 -5.91 50.26
CA ASP B 429 41.57 -5.96 49.96
C ASP B 429 40.66 -5.52 51.11
N ASN B 430 39.67 -4.68 50.78
CA ASN B 430 38.63 -4.20 51.69
C ASN B 430 39.11 -3.43 52.92
N VAL B 431 40.05 -2.52 52.73
CA VAL B 431 40.47 -1.65 53.83
C VAL B 431 39.99 -0.20 53.54
N PHE B 432 40.28 0.28 52.33
CA PHE B 432 39.86 1.59 51.84
C PHE B 432 40.14 2.74 52.79
N ASN B 433 41.37 2.82 53.27
CA ASN B 433 41.77 3.90 54.17
C ASN B 433 42.73 4.86 53.50
N GLN B 434 42.73 4.87 52.17
CA GLN B 434 43.63 5.72 51.40
C GLN B 434 42.91 6.33 50.21
N ASP B 435 43.16 7.61 49.96
CA ASP B 435 42.56 8.27 48.80
C ASP B 435 43.12 7.67 47.52
N CYS B 436 42.29 7.58 46.47
CA CYS B 436 42.71 7.09 45.16
C CYS B 436 43.34 8.27 44.40
N THR B 437 44.35 7.96 43.61
CA THR B 437 45.08 8.95 42.85
C THR B 437 45.33 8.48 41.43
N ASP B 438 45.80 9.38 40.60
CA ASP B 438 46.30 9.07 39.27
C ASP B 438 45.40 8.09 38.48
N VAL B 439 45.93 6.94 38.14
CA VAL B 439 45.24 5.96 37.29
C VAL B 439 44.16 5.14 38.02
N LEU B 440 44.15 5.29 39.33
CA LEU B 440 43.21 4.55 40.16
C LEU B 440 41.93 5.34 40.28
N GLU B 441 42.09 6.62 40.06
CA GLU B 441 41.07 7.62 40.24
C GLU B 441 39.86 7.32 39.41
N ALA B 442 38.69 7.50 40.03
CA ALA B 442 37.45 7.24 39.32
C ALA B 442 36.33 8.14 39.79
N THR B 443 35.39 8.38 38.90
CA THR B 443 34.19 9.11 39.27
C THR B 443 32.98 8.30 38.89
N ALA B 444 31.97 8.30 39.75
CA ALA B 444 30.81 7.48 39.45
C ALA B 444 29.89 8.19 38.49
N VAL B 445 29.41 7.44 37.51
CA VAL B 445 28.45 7.95 36.57
C VAL B 445 27.25 7.05 36.46
N ILE B 446 26.07 7.62 36.51
CA ILE B 446 24.86 6.83 36.36
C ILE B 446 24.36 7.01 34.94
N LYS B 447 24.29 5.92 34.20
CA LYS B 447 23.91 6.01 32.80
C LYS B 447 22.67 5.18 32.51
N THR B 448 22.00 5.51 31.42
CA THR B 448 20.83 4.78 31.01
C THR B 448 21.17 3.34 30.72
N GLY B 449 20.37 2.45 31.27
CA GLY B 449 20.48 1.03 31.04
C GLY B 449 19.27 0.61 30.22
N THR B 450 18.16 0.37 30.91
CA THR B 450 16.91 -0.02 30.28
C THR B 450 15.75 1.00 30.42
N CYS B 451 15.97 2.13 31.13
CA CYS B 451 14.94 3.14 31.39
C CYS B 451 14.80 4.11 30.21
N PRO B 452 13.58 4.54 29.87
CA PRO B 452 13.26 5.50 28.83
C PRO B 452 13.50 6.93 29.33
N PHE B 453 14.67 7.14 29.91
CA PHE B 453 15.10 8.44 30.42
C PHE B 453 16.51 8.34 31.00
N SER B 454 17.27 9.41 30.87
CA SER B 454 18.58 9.47 31.52
C SER B 454 18.50 10.01 32.91
N PHE B 455 19.38 9.51 33.74
CA PHE B 455 19.43 9.94 35.12
C PHE B 455 19.58 11.45 35.24
N ASP B 456 20.44 12.04 34.43
CA ASP B 456 20.71 13.47 34.53
C ASP B 456 19.59 14.33 33.98
N LYS B 457 18.62 13.71 33.32
CA LYS B 457 17.51 14.45 32.76
C LYS B 457 16.34 14.48 33.73
N LEU B 458 16.48 13.80 34.86
CA LEU B 458 15.41 13.76 35.85
C LEU B 458 15.28 15.10 36.55
N ASN B 459 16.24 15.99 36.30
CA ASN B 459 16.22 17.32 36.86
C ASN B 459 15.59 18.32 35.91
N ASN B 460 15.13 17.81 34.76
CA ASN B 460 14.37 18.64 33.85
C ASN B 460 12.95 18.49 34.29
N HIS B 461 12.02 19.16 33.65
CA HIS B 461 10.64 19.09 34.09
C HIS B 461 9.94 17.84 33.60
N LEU B 462 10.40 16.69 34.09
CA LEU B 462 9.79 15.42 33.79
C LEU B 462 8.72 15.18 34.81
N THR B 463 7.66 14.51 34.41
CA THR B 463 6.56 14.34 35.32
C THR B 463 6.25 12.88 35.58
N PHE B 464 5.91 12.59 36.84
CA PHE B 464 5.56 11.25 37.27
C PHE B 464 4.31 11.21 38.16
N ASN B 465 3.65 10.07 38.19
CA ASN B 465 2.61 9.82 39.19
C ASN B 465 3.33 9.36 40.45
N LYS B 466 4.36 8.57 40.22
CA LYS B 466 5.21 8.00 41.27
C LYS B 466 6.62 7.81 40.78
N PHE B 467 7.60 8.05 41.66
CA PHE B 467 9.00 7.78 41.36
C PHE B 467 9.71 7.36 42.65
N CYS B 468 10.30 6.15 42.66
CA CYS B 468 10.99 5.60 43.84
C CYS B 468 12.20 4.76 43.41
N LEU B 469 13.32 4.92 44.11
CA LEU B 469 14.55 4.19 43.79
C LEU B 469 14.76 2.98 44.68
N SER B 470 15.41 1.95 44.15
CA SER B 470 15.57 0.71 44.95
C SER B 470 16.86 0.00 44.59
N LEU B 471 17.63 -0.43 45.60
CA LEU B 471 18.86 -1.20 45.34
C LEU B 471 18.48 -2.68 45.25
N SER B 472 17.19 -2.99 45.45
CA SER B 472 16.71 -4.39 45.43
C SER B 472 16.02 -4.69 44.09
N PRO B 473 16.44 -5.73 43.34
CA PRO B 473 15.86 -6.00 42.01
C PRO B 473 14.52 -6.74 42.09
N VAL B 474 13.63 -6.30 42.97
CA VAL B 474 12.35 -7.05 43.18
C VAL B 474 11.18 -6.19 42.70
N GLY B 475 10.28 -6.77 41.90
CA GLY B 475 9.08 -6.06 41.44
C GLY B 475 9.44 -4.65 41.00
N ALA B 476 10.52 -4.50 40.24
CA ALA B 476 10.98 -3.17 39.80
C ALA B 476 10.93 -3.11 38.27
N ASN B 477 10.56 -1.96 37.71
CA ASN B 477 10.43 -1.81 36.24
C ASN B 477 11.82 -1.86 35.58
N CYS B 478 12.40 -0.70 35.29
CA CYS B 478 13.70 -0.61 34.62
C CYS B 478 14.86 -0.35 35.58
N LYS B 479 16.07 -0.53 35.06
CA LYS B 479 17.25 -0.23 35.85
C LYS B 479 18.26 0.68 35.16
N PHE B 480 18.97 1.43 36.01
CA PHE B 480 20.11 2.26 35.63
C PHE B 480 21.40 1.49 35.84
N ASP B 481 22.39 1.74 35.00
CA ASP B 481 23.71 1.14 35.16
C ASP B 481 24.66 2.09 35.87
N VAL B 482 25.18 1.68 37.02
CA VAL B 482 26.08 2.55 37.77
C VAL B 482 27.52 2.10 37.53
N ALA B 483 28.28 2.96 36.87
CA ALA B 483 29.63 2.60 36.44
C ALA B 483 30.69 3.50 37.03
N ALA B 484 31.90 2.96 37.10
CA ALA B 484 33.06 3.72 37.53
C ALA B 484 33.85 4.15 36.31
N ARG B 485 34.00 5.45 36.14
CA ARG B 485 34.74 5.99 35.02
C ARG B 485 36.15 6.35 35.43
N THR B 486 37.13 5.71 34.80
CA THR B 486 38.54 5.92 35.12
C THR B 486 39.23 6.57 33.95
N ARG B 487 40.54 6.77 34.08
CA ARG B 487 41.32 7.43 33.04
C ARG B 487 41.74 6.42 31.98
N THR B 488 41.36 5.14 32.20
CA THR B 488 41.72 4.04 31.31
C THR B 488 40.50 3.42 30.64
N ASN B 489 39.49 3.11 31.44
CA ASN B 489 38.28 2.45 30.96
C ASN B 489 37.07 2.74 31.83
N GLU B 490 35.93 2.13 31.50
CA GLU B 490 34.71 2.30 32.28
C GLU B 490 33.97 1.00 32.39
N GLN B 491 33.54 0.65 33.60
CA GLN B 491 32.81 -0.60 33.80
C GLN B 491 31.68 -0.47 34.80
N VAL B 492 30.64 -1.27 34.60
CA VAL B 492 29.48 -1.26 35.50
C VAL B 492 29.76 -2.05 36.75
N VAL B 493 29.42 -1.46 37.88
CA VAL B 493 29.65 -2.06 39.17
C VAL B 493 28.34 -2.54 39.79
N ARG B 494 27.35 -1.67 39.79
CA ARG B 494 26.04 -1.93 40.39
C ARG B 494 24.89 -1.46 39.54
N SER B 495 23.70 -1.97 39.83
CA SER B 495 22.50 -1.51 39.20
C SER B 495 21.62 -0.79 40.22
N LEU B 496 20.94 0.24 39.76
CA LEU B 496 19.98 1.00 40.57
C LEU B 496 18.62 0.87 39.92
N TYR B 497 17.65 0.32 40.65
CA TYR B 497 16.35 0.03 40.06
C TYR B 497 15.38 1.18 40.33
N VAL B 498 14.55 1.51 39.35
CA VAL B 498 13.59 2.59 39.58
C VAL B 498 12.16 2.20 39.29
N ILE B 499 11.30 2.50 40.24
CA ILE B 499 9.87 2.26 40.18
C ILE B 499 9.16 3.51 39.76
N TYR B 500 8.41 3.46 38.68
CA TYR B 500 7.72 4.66 38.28
C TYR B 500 6.46 4.39 37.53
N GLU B 501 5.56 5.35 37.64
CA GLU B 501 4.36 5.39 36.83
C GLU B 501 4.24 6.79 36.27
N GLU B 502 3.73 6.92 35.04
CA GLU B 502 3.60 8.21 34.40
C GLU B 502 2.45 8.99 35.01
N GLY B 503 2.58 10.30 35.09
CA GLY B 503 1.53 11.14 35.67
C GLY B 503 2.02 12.56 35.84
N ASP B 504 1.19 13.39 36.46
CA ASP B 504 1.49 14.82 36.63
C ASP B 504 1.61 15.28 38.08
N ASN B 505 1.88 14.37 39.01
CA ASN B 505 1.90 14.76 40.42
C ASN B 505 3.25 15.26 40.87
N ILE B 506 4.31 14.59 40.43
CA ILE B 506 5.64 14.86 40.88
C ILE B 506 6.47 15.42 39.73
N VAL B 507 7.03 16.61 39.90
CA VAL B 507 7.72 17.23 38.77
C VAL B 507 9.19 17.48 39.06
N GLY B 508 10.05 17.08 38.14
CA GLY B 508 11.47 17.33 38.29
C GLY B 508 11.74 18.81 38.13
N VAL B 509 12.70 19.32 38.86
CA VAL B 509 13.07 20.72 38.74
C VAL B 509 14.58 20.95 38.86
N PRO B 510 15.17 21.84 38.05
CA PRO B 510 16.54 22.28 38.16
C PRO B 510 16.68 23.29 39.33
N SER B 511 17.17 22.78 40.46
CA SER B 511 17.42 23.52 41.72
C SER B 511 16.18 23.96 42.54
N SER B 520 7.42 28.87 36.84
CA SER B 520 6.38 29.26 35.88
C SER B 520 6.70 30.65 35.27
N VAL B 521 7.76 30.70 34.44
CA VAL B 521 8.20 31.91 33.74
C VAL B 521 8.20 31.71 32.23
N LEU B 522 7.51 32.58 31.50
CA LEU B 522 7.56 32.49 30.05
C LEU B 522 8.01 33.81 29.44
N HIS B 523 8.63 33.72 28.26
CA HIS B 523 9.14 34.88 27.57
C HIS B 523 8.39 35.16 26.27
N LEU B 524 7.64 36.26 26.26
CA LEU B 524 6.79 36.61 25.12
C LEU B 524 7.54 37.37 24.04
N ASP B 525 7.07 37.19 22.80
CA ASP B 525 7.61 37.86 21.61
C ASP B 525 9.10 37.58 21.45
N SER B 526 9.49 36.36 21.78
CA SER B 526 10.85 35.89 21.64
C SER B 526 10.80 34.42 21.23
N CYS B 527 11.90 33.94 20.60
CA CYS B 527 12.03 32.51 20.32
C CYS B 527 12.53 31.84 21.61
N THR B 528 11.80 30.79 22.01
CA THR B 528 12.12 30.14 23.26
C THR B 528 11.99 28.63 23.24
N ASP B 529 12.74 28.00 24.12
CA ASP B 529 12.66 26.57 24.35
C ASP B 529 11.65 26.36 25.45
N TYR B 530 10.47 25.85 25.11
CA TYR B 530 9.42 25.79 26.11
C TYR B 530 9.03 24.40 26.56
N ASN B 531 8.49 24.34 27.77
CA ASN B 531 7.86 23.15 28.33
C ASN B 531 6.58 23.59 29.01
N ILE B 532 5.47 23.44 28.30
CA ILE B 532 4.18 23.95 28.75
C ILE B 532 3.20 22.85 29.00
N TYR B 533 2.80 22.69 30.25
CA TYR B 533 1.83 21.67 30.63
C TYR B 533 2.19 20.30 30.07
N GLY B 534 3.48 19.95 30.10
CA GLY B 534 3.90 18.64 29.63
C GLY B 534 4.18 18.58 28.13
N ARG B 535 4.22 19.73 27.46
CA ARG B 535 4.50 19.76 26.03
C ARG B 535 5.77 20.53 25.74
N THR B 536 6.73 19.83 25.15
CA THR B 536 8.05 20.38 24.88
C THR B 536 8.23 20.73 23.42
N GLY B 537 8.84 21.87 23.15
CA GLY B 537 9.12 22.29 21.78
C GLY B 537 9.77 23.66 21.74
N VAL B 538 10.04 24.15 20.54
CA VAL B 538 10.67 25.46 20.36
C VAL B 538 9.76 26.34 19.52
N GLY B 539 9.53 27.56 19.98
CA GLY B 539 8.64 28.46 19.26
C GLY B 539 8.51 29.82 19.91
N VAL B 540 7.55 30.59 19.44
CA VAL B 540 7.31 31.93 19.91
C VAL B 540 5.95 31.99 20.59
N ILE B 541 5.94 32.51 21.80
CA ILE B 541 4.72 32.60 22.60
C ILE B 541 4.15 34.00 22.50
N ARG B 542 2.87 34.11 22.19
CA ARG B 542 2.24 35.42 22.08
C ARG B 542 0.94 35.49 22.83
N GLN B 543 0.67 36.63 23.44
CA GLN B 543 -0.57 36.79 24.18
C GLN B 543 -1.70 37.19 23.22
N THR B 544 -2.82 36.47 23.27
CA THR B 544 -3.95 36.75 22.40
C THR B 544 -5.24 36.91 23.21
N ASN B 545 -6.30 37.42 22.55
CA ASN B 545 -7.64 37.62 23.14
C ASN B 545 -8.67 36.72 22.44
N SER B 546 -8.97 35.56 23.05
CA SER B 546 -9.90 34.56 22.51
C SER B 546 -10.41 33.69 23.64
N THR B 547 -11.45 32.90 23.36
CA THR B 547 -12.04 31.97 24.31
C THR B 547 -12.08 30.54 23.76
N LEU B 548 -11.19 30.25 22.81
CA LEU B 548 -11.18 28.96 22.12
C LEU B 548 -10.78 27.76 22.98
N LEU B 549 -9.92 27.98 23.95
CA LEU B 549 -9.41 26.79 24.67
C LEU B 549 -10.38 26.42 25.77
N SER B 550 -10.82 25.16 25.77
CA SER B 550 -11.72 24.62 26.77
C SER B 550 -10.92 24.00 27.91
N GLY B 551 -9.73 23.51 27.58
CA GLY B 551 -8.86 22.86 28.55
C GLY B 551 -7.57 23.65 28.69
N LEU B 552 -6.55 23.03 29.28
CA LEU B 552 -5.30 23.74 29.49
C LEU B 552 -4.60 24.08 28.17
N TYR B 553 -4.70 23.19 27.20
CA TYR B 553 -4.03 23.44 25.94
C TYR B 553 -4.72 22.79 24.76
N TYR B 554 -4.43 23.32 23.59
CA TYR B 554 -4.97 22.87 22.33
C TYR B 554 -3.87 22.50 21.36
N THR B 555 -4.01 21.35 20.72
CA THR B 555 -3.01 20.87 19.79
C THR B 555 -3.56 20.59 18.40
N SER B 556 -2.63 20.48 17.46
CA SER B 556 -2.90 20.14 16.07
C SER B 556 -3.02 18.64 15.88
N LEU B 557 -3.37 18.21 14.66
CA LEU B 557 -3.49 16.79 14.33
C LEU B 557 -2.17 16.06 14.51
N SER B 558 -1.06 16.78 14.36
CA SER B 558 0.28 16.21 14.49
C SER B 558 0.73 16.13 15.95
N GLY B 559 -0.06 16.68 16.87
CA GLY B 559 0.29 16.69 18.28
C GLY B 559 0.97 17.97 18.77
N ASP B 560 1.34 18.85 17.85
CA ASP B 560 2.01 20.09 18.21
C ASP B 560 1.11 21.03 18.99
N LEU B 561 1.71 21.78 19.92
CA LEU B 561 1.00 22.77 20.70
C LEU B 561 0.71 24.00 19.87
N LEU B 562 -0.57 24.40 19.80
CA LEU B 562 -0.95 25.61 19.07
C LEU B 562 -1.28 26.75 20.01
N GLY B 563 -1.63 26.42 21.25
CA GLY B 563 -1.92 27.45 22.24
C GLY B 563 -2.32 26.87 23.58
N PHE B 564 -2.36 27.72 24.60
CA PHE B 564 -2.70 27.28 25.94
C PHE B 564 -3.31 28.39 26.78
N LYS B 565 -3.96 28.00 27.86
CA LYS B 565 -4.61 28.92 28.77
C LYS B 565 -3.88 29.03 30.10
N ASN B 566 -3.75 30.25 30.63
CA ASN B 566 -3.30 30.49 32.01
C ASN B 566 -4.49 30.21 32.94
N VAL B 567 -4.32 29.26 33.87
CA VAL B 567 -5.37 28.82 34.79
C VAL B 567 -5.99 29.98 35.59
N SER B 568 -5.16 30.92 36.01
CA SER B 568 -5.64 32.02 36.85
C SER B 568 -6.41 33.12 36.09
N ASP B 569 -5.86 33.61 34.97
CA ASP B 569 -6.51 34.71 34.23
C ASP B 569 -7.48 34.30 33.15
N GLY B 570 -7.29 33.12 32.56
CA GLY B 570 -8.10 32.72 31.43
C GLY B 570 -7.56 33.31 30.13
N VAL B 571 -6.41 33.97 30.21
CA VAL B 571 -5.79 34.56 29.03
C VAL B 571 -5.19 33.47 28.17
N ILE B 572 -5.36 33.61 26.87
CA ILE B 572 -4.89 32.61 25.94
C ILE B 572 -3.61 33.03 25.26
N TYR B 573 -2.66 32.12 25.21
CA TYR B 573 -1.43 32.35 24.50
C TYR B 573 -1.37 31.45 23.27
N SER B 574 -0.84 31.98 22.18
CA SER B 574 -0.66 31.18 20.98
C SER B 574 0.78 30.74 20.90
N VAL B 575 1.02 29.62 20.24
CA VAL B 575 2.37 29.15 20.05
C VAL B 575 2.64 28.92 18.57
N THR B 576 3.70 29.54 18.05
CA THR B 576 4.05 29.35 16.65
C THR B 576 5.52 28.96 16.53
N PRO B 577 5.96 28.33 15.43
CA PRO B 577 7.35 28.03 15.13
C PRO B 577 8.19 29.29 15.01
N CYS B 578 9.50 29.19 15.33
CA CYS B 578 10.45 30.30 15.20
C CYS B 578 10.84 30.48 13.73
N ASP B 579 10.60 29.44 12.94
CA ASP B 579 10.93 29.45 11.53
C ASP B 579 9.95 28.60 10.74
N VAL B 580 9.86 28.88 9.45
CA VAL B 580 9.01 28.14 8.54
C VAL B 580 9.78 27.72 7.30
N SER B 581 9.22 26.79 6.54
CA SER B 581 9.84 26.42 5.27
C SER B 581 9.83 27.57 4.30
N ALA B 582 10.89 27.69 3.51
CA ALA B 582 11.00 28.70 2.48
C ALA B 582 11.62 28.08 1.23
N GLN B 583 11.34 28.66 0.08
CA GLN B 583 11.90 28.15 -1.16
C GLN B 583 12.97 29.06 -1.72
N ALA B 584 14.19 28.56 -1.81
CA ALA B 584 15.30 29.36 -2.32
C ALA B 584 15.47 29.13 -3.81
N ALA B 585 15.47 30.21 -4.56
CA ALA B 585 15.67 30.18 -6.00
C ALA B 585 17.14 30.30 -6.30
N VAL B 586 17.71 29.23 -6.85
CA VAL B 586 19.13 29.17 -7.13
C VAL B 586 19.38 29.10 -8.62
N ILE B 587 20.15 30.05 -9.12
CA ILE B 587 20.50 30.09 -10.53
C ILE B 587 22.02 30.27 -10.64
N ASP B 588 22.65 29.44 -11.46
CA ASP B 588 24.09 29.51 -11.67
C ASP B 588 24.90 29.46 -10.39
N GLY B 589 24.46 28.65 -9.44
CA GLY B 589 25.20 28.46 -8.20
C GLY B 589 25.09 29.61 -7.20
N ALA B 590 24.04 30.41 -7.28
CA ALA B 590 23.90 31.52 -6.35
C ALA B 590 22.45 31.69 -5.94
N ILE B 591 22.23 32.21 -4.74
CA ILE B 591 20.86 32.46 -4.34
C ILE B 591 20.43 33.78 -4.94
N VAL B 592 19.40 33.71 -5.74
CA VAL B 592 18.86 34.83 -6.48
C VAL B 592 17.70 35.44 -5.72
N GLY B 593 16.91 34.60 -5.09
CA GLY B 593 15.76 35.06 -4.33
C GLY B 593 15.14 33.92 -3.57
N ALA B 594 14.11 34.22 -2.79
CA ALA B 594 13.44 33.17 -2.02
C ALA B 594 12.02 33.58 -1.63
N MET B 595 11.14 32.59 -1.52
CA MET B 595 9.79 32.86 -1.03
C MET B 595 9.59 32.38 0.38
N THR B 596 8.99 33.23 1.19
CA THR B 596 8.73 32.92 2.59
C THR B 596 7.45 33.54 3.10
N SER B 597 6.85 32.94 4.11
CA SER B 597 5.66 33.51 4.70
C SER B 597 6.00 34.59 5.73
N ILE B 598 7.24 34.62 6.22
CA ILE B 598 7.62 35.60 7.22
C ILE B 598 8.24 36.83 6.57
N ASN B 599 7.75 38.01 6.95
CA ASN B 599 8.29 39.25 6.41
C ASN B 599 9.57 39.64 7.14
N SER B 600 10.62 38.87 6.90
CA SER B 600 11.92 39.07 7.53
C SER B 600 13.02 38.68 6.56
N GLU B 601 14.10 39.44 6.57
CA GLU B 601 15.22 39.17 5.66
C GLU B 601 15.76 37.77 5.88
N LEU B 602 16.01 37.06 4.79
CA LEU B 602 16.55 35.72 4.86
C LEU B 602 17.61 35.51 3.78
N LEU B 603 18.61 34.71 4.08
CA LEU B 603 19.64 34.29 3.13
C LEU B 603 20.46 35.44 2.55
N GLY B 604 20.46 36.58 3.22
CA GLY B 604 21.25 37.73 2.77
C GLY B 604 20.50 38.60 1.76
N LEU B 605 19.24 38.27 1.52
CA LEU B 605 18.41 38.99 0.56
C LEU B 605 17.70 40.13 1.28
N THR B 606 17.90 41.37 0.81
CA THR B 606 17.34 42.52 1.51
C THR B 606 16.19 43.22 0.79
N HIS B 607 16.05 43.02 -0.51
CA HIS B 607 15.00 43.70 -1.25
C HIS B 607 13.82 42.77 -1.39
N TRP B 608 12.61 43.29 -1.40
CA TRP B 608 11.47 42.39 -1.56
C TRP B 608 10.22 43.00 -2.13
N THR B 609 9.36 42.12 -2.62
CA THR B 609 8.03 42.45 -3.09
C THR B 609 7.04 41.50 -2.48
N THR B 610 5.77 41.68 -2.77
CA THR B 610 4.74 40.81 -2.20
C THR B 610 3.93 40.09 -3.27
N THR B 611 3.75 38.79 -3.08
CA THR B 611 2.97 37.99 -4.01
C THR B 611 1.66 37.66 -3.28
N PRO B 612 0.63 37.15 -3.96
CA PRO B 612 -0.62 36.74 -3.37
C PRO B 612 -0.50 35.75 -2.21
N ASN B 613 0.48 34.84 -2.25
CA ASN B 613 0.57 33.83 -1.19
C ASN B 613 1.75 33.95 -0.24
N PHE B 614 2.81 34.63 -0.68
CA PHE B 614 4.05 34.74 0.10
C PHE B 614 4.79 36.05 -0.12
N TYR B 615 5.88 36.24 0.60
CA TYR B 615 6.74 37.38 0.37
C TYR B 615 7.90 36.91 -0.48
N TYR B 616 8.36 37.75 -1.39
CA TYR B 616 9.49 37.35 -2.22
C TYR B 616 10.68 38.26 -2.03
N TYR B 617 11.78 37.68 -1.58
CA TYR B 617 13.01 38.42 -1.37
C TYR B 617 13.97 38.11 -2.49
N SER B 618 14.73 39.10 -2.92
CA SER B 618 15.67 38.85 -4.00
C SER B 618 16.78 39.86 -4.12
N ILE B 619 17.71 39.55 -5.00
CA ILE B 619 18.80 40.44 -5.37
C ILE B 619 18.32 41.62 -6.22
N TYR B 620 17.12 41.49 -6.79
CA TYR B 620 16.54 42.52 -7.65
C TYR B 620 16.16 43.73 -6.82
N ASN B 621 16.36 44.94 -7.39
CA ASN B 621 16.08 46.16 -6.66
C ASN B 621 14.57 46.45 -6.70
N TYR B 622 13.92 45.84 -5.64
CA TYR B 622 12.48 45.95 -5.37
C TYR B 622 12.32 46.89 -4.20
N THR B 623 11.21 47.64 -4.17
CA THR B 623 10.92 48.60 -3.09
C THR B 623 10.00 47.97 -2.05
N VAL B 637 7.94 44.30 -13.82
CA VAL B 637 9.17 43.86 -14.50
C VAL B 637 8.84 43.29 -15.90
N ASP B 638 9.87 43.06 -16.73
CA ASP B 638 9.77 42.49 -18.08
C ASP B 638 11.06 41.73 -18.44
N CYS B 639 11.03 40.38 -18.33
CA CYS B 639 12.19 39.52 -18.51
C CYS B 639 11.77 38.09 -18.82
N GLU B 640 12.74 37.28 -19.23
CA GLU B 640 12.52 35.86 -19.52
C GLU B 640 13.02 34.99 -18.36
N PRO B 641 12.16 34.19 -17.73
CA PRO B 641 12.48 33.36 -16.58
C PRO B 641 13.40 32.23 -16.96
N ILE B 642 14.23 31.80 -16.03
CA ILE B 642 15.10 30.65 -16.23
C ILE B 642 14.51 29.43 -15.55
N ILE B 643 14.02 29.62 -14.33
CA ILE B 643 13.42 28.52 -13.58
C ILE B 643 12.01 28.86 -13.20
N THR B 644 11.14 27.85 -13.15
CA THR B 644 9.75 28.06 -12.79
C THR B 644 9.23 26.98 -11.85
N TYR B 645 8.12 27.28 -11.19
CA TYR B 645 7.35 26.29 -10.45
C TYR B 645 5.98 26.89 -10.30
N SER B 646 4.96 26.11 -10.01
CA SER B 646 3.65 26.72 -9.88
C SER B 646 3.37 27.60 -11.09
N ASN B 647 2.89 28.82 -10.85
CA ASN B 647 2.63 29.79 -11.91
C ASN B 647 3.65 30.93 -11.89
N ILE B 648 4.78 30.68 -11.21
CA ILE B 648 5.84 31.64 -11.00
C ILE B 648 7.13 31.36 -11.75
N GLY B 649 7.65 32.38 -12.40
CA GLY B 649 8.97 32.26 -13.01
C GLY B 649 9.96 33.18 -12.33
N VAL B 650 11.22 32.78 -12.30
CA VAL B 650 12.28 33.63 -11.76
C VAL B 650 13.38 33.86 -12.80
N CYS B 651 13.69 35.14 -13.04
CA CYS B 651 14.69 35.61 -14.00
C CYS B 651 16.08 35.63 -13.37
N LYS B 652 17.10 35.72 -14.21
CA LYS B 652 18.48 35.71 -13.73
C LYS B 652 18.77 36.83 -12.74
N ASN B 653 18.14 37.98 -12.93
CA ASN B 653 18.41 39.12 -12.07
C ASN B 653 17.51 39.17 -10.85
N GLY B 654 16.74 38.11 -10.63
CA GLY B 654 15.88 38.02 -9.46
C GLY B 654 14.48 38.51 -9.70
N ALA B 655 14.25 39.14 -10.83
CA ALA B 655 12.93 39.65 -11.11
C ALA B 655 11.93 38.52 -11.10
N LEU B 656 10.78 38.79 -10.52
CA LEU B 656 9.71 37.83 -10.40
C LEU B 656 8.68 38.03 -11.48
N VAL B 657 8.40 37.00 -12.26
CA VAL B 657 7.43 37.13 -13.33
C VAL B 657 6.30 36.14 -13.16
N PHE B 658 5.12 36.52 -13.62
CA PHE B 658 3.99 35.62 -13.56
C PHE B 658 3.58 35.22 -14.96
N ILE B 659 3.13 33.99 -15.08
CA ILE B 659 2.74 33.43 -16.36
C ILE B 659 1.29 33.72 -16.78
N ASN B 660 1.13 34.24 -18.01
CA ASN B 660 -0.17 34.57 -18.62
C ASN B 660 -0.78 33.32 -19.28
N VAL B 661 -2.09 33.39 -19.58
CA VAL B 661 -2.82 32.35 -20.31
C VAL B 661 -2.76 32.63 -21.80
N THR B 662 -2.52 31.59 -22.60
CA THR B 662 -2.43 31.73 -24.04
C THR B 662 -3.63 32.40 -24.65
N HIS B 663 -3.38 33.37 -25.53
CA HIS B 663 -4.41 34.10 -26.23
C HIS B 663 -4.68 33.51 -27.60
N SER B 664 -5.87 33.77 -28.11
CA SER B 664 -6.22 33.37 -29.47
C SER B 664 -7.20 34.38 -30.04
N ASP B 665 -7.41 34.34 -31.35
CA ASP B 665 -8.36 35.25 -31.98
C ASP B 665 -9.80 34.86 -31.69
N GLY B 666 -10.04 33.57 -31.51
CA GLY B 666 -11.39 33.07 -31.27
C GLY B 666 -11.78 32.07 -32.32
N ASP B 667 -12.98 31.50 -32.18
CA ASP B 667 -13.44 30.50 -33.13
C ASP B 667 -14.34 31.13 -34.17
N VAL B 668 -14.34 30.56 -35.36
CA VAL B 668 -15.24 31.03 -36.40
C VAL B 668 -16.64 30.50 -36.13
N GLN B 669 -17.60 31.41 -36.05
CA GLN B 669 -18.96 31.04 -35.71
C GLN B 669 -19.79 30.80 -36.97
N PRO B 670 -20.82 29.96 -36.89
CA PRO B 670 -21.76 29.66 -37.96
C PRO B 670 -22.79 30.77 -38.13
N ILE B 671 -22.32 31.96 -38.42
CA ILE B 671 -23.18 33.10 -38.61
C ILE B 671 -23.09 33.57 -40.04
N SER B 672 -24.23 33.74 -40.68
CA SER B 672 -24.29 34.15 -42.07
C SER B 672 -25.00 35.48 -42.25
N THR B 673 -24.91 36.36 -41.28
CA THR B 673 -25.53 37.67 -41.41
C THR B 673 -24.56 38.81 -41.14
N GLY B 674 -24.48 39.76 -42.07
CA GLY B 674 -23.63 40.93 -41.88
C GLY B 674 -22.18 40.60 -42.23
N ASN B 675 -21.25 41.43 -41.73
CA ASN B 675 -19.82 41.31 -42.03
C ASN B 675 -19.16 40.25 -41.20
N VAL B 676 -18.76 39.13 -41.83
CA VAL B 676 -18.18 37.95 -41.19
C VAL B 676 -16.82 37.67 -41.78
N THR B 677 -16.01 36.92 -41.05
CA THR B 677 -14.65 36.60 -41.48
C THR B 677 -14.43 35.11 -41.74
N ILE B 678 -13.79 34.84 -42.87
CA ILE B 678 -13.43 33.49 -43.27
C ILE B 678 -11.93 33.42 -43.53
N PRO B 679 -11.18 32.52 -42.91
CA PRO B 679 -9.75 32.40 -43.05
C PRO B 679 -9.43 32.13 -44.52
N THR B 680 -8.41 32.81 -45.04
CA THR B 680 -8.07 32.75 -46.45
C THR B 680 -6.64 32.29 -46.74
N ASN B 681 -5.66 32.98 -46.20
CA ASN B 681 -4.25 32.60 -46.35
C ASN B 681 -3.89 31.57 -45.31
N PHE B 682 -3.12 30.53 -45.69
CA PHE B 682 -2.72 29.44 -44.80
C PHE B 682 -1.26 29.09 -44.90
N THR B 683 -0.76 28.58 -43.79
CA THR B 683 0.54 27.97 -43.68
C THR B 683 0.39 26.66 -42.94
N ILE B 684 1.46 25.90 -42.82
CA ILE B 684 1.42 24.66 -42.06
C ILE B 684 2.24 24.66 -40.81
N SER B 685 1.62 24.16 -39.76
CA SER B 685 2.29 23.94 -38.50
C SER B 685 2.22 22.46 -38.20
N VAL B 686 3.18 21.97 -37.43
CA VAL B 686 3.16 20.57 -37.05
C VAL B 686 3.20 20.47 -35.54
N GLN B 687 2.20 19.80 -35.00
CA GLN B 687 2.10 19.61 -33.56
C GLN B 687 2.46 18.19 -33.22
N VAL B 688 3.16 18.01 -32.13
CA VAL B 688 3.63 16.68 -31.80
C VAL B 688 3.16 16.22 -30.43
N GLU B 689 2.63 15.00 -30.37
CA GLU B 689 2.20 14.46 -29.08
C GLU B 689 2.55 13.00 -28.91
N TYR B 690 2.70 12.58 -27.67
CA TYR B 690 3.03 11.19 -27.35
C TYR B 690 1.96 10.50 -26.54
N ILE B 691 1.63 9.28 -26.95
CA ILE B 691 0.66 8.46 -26.24
C ILE B 691 1.24 7.09 -25.93
N GLN B 692 1.16 6.68 -24.67
CA GLN B 692 1.67 5.37 -24.27
C GLN B 692 0.74 4.27 -24.76
N VAL B 693 1.30 3.24 -25.35
CA VAL B 693 0.50 2.14 -25.90
C VAL B 693 0.63 0.88 -25.06
N TYR B 694 1.81 0.62 -24.52
CA TYR B 694 2.01 -0.61 -23.79
C TYR B 694 2.99 -0.44 -22.64
N THR B 695 2.92 -1.37 -21.68
CA THR B 695 3.88 -1.39 -20.59
C THR B 695 4.97 -2.38 -20.91
N THR B 696 6.08 -2.31 -20.19
CA THR B 696 7.12 -3.29 -20.34
C THR B 696 6.87 -4.43 -19.35
N PRO B 697 6.60 -5.65 -19.82
CA PRO B 697 6.26 -6.79 -18.99
C PRO B 697 7.46 -7.24 -18.20
N VAL B 698 7.22 -7.58 -16.95
CA VAL B 698 8.27 -8.04 -16.06
C VAL B 698 7.93 -9.41 -15.51
N SER B 699 8.86 -10.33 -15.63
CA SER B 699 8.72 -11.67 -15.13
C SER B 699 9.55 -11.87 -13.89
N ILE B 700 8.93 -12.26 -12.80
CA ILE B 700 9.71 -12.46 -11.58
C ILE B 700 9.66 -13.89 -11.11
N ASP B 701 10.84 -14.46 -10.89
CA ASP B 701 10.98 -15.81 -10.37
C ASP B 701 10.92 -15.72 -8.84
N CYS B 702 9.77 -16.11 -8.25
CA CYS B 702 9.51 -15.96 -6.83
C CYS B 702 10.56 -16.70 -6.00
N ALA B 703 10.83 -17.94 -6.38
CA ALA B 703 11.75 -18.72 -5.60
C ALA B 703 13.13 -18.09 -5.57
N ARG B 704 13.61 -17.60 -6.72
CA ARG B 704 14.95 -16.99 -6.73
C ARG B 704 15.00 -15.66 -6.03
N TYR B 705 13.94 -14.87 -6.15
CA TYR B 705 13.94 -13.57 -5.49
C TYR B 705 13.99 -13.74 -3.98
N VAL B 706 13.11 -14.58 -3.44
CA VAL B 706 12.99 -14.75 -2.00
C VAL B 706 14.16 -15.57 -1.41
N CYS B 707 14.48 -16.70 -1.98
CA CYS B 707 15.50 -17.68 -1.69
C CYS B 707 16.68 -17.69 -2.57
N ASN B 708 17.80 -17.12 -2.33
CA ASN B 708 18.80 -16.88 -3.36
C ASN B 708 19.70 -18.01 -3.97
N GLY B 709 18.99 -19.05 -4.33
CA GLY B 709 19.59 -20.24 -4.91
C GLY B 709 20.03 -21.14 -3.77
N ASN B 710 19.80 -20.72 -2.52
CA ASN B 710 20.20 -21.51 -1.36
C ASN B 710 19.33 -22.75 -1.21
N PRO B 711 19.86 -23.97 -1.39
CA PRO B 711 19.12 -25.21 -1.31
C PRO B 711 18.36 -25.33 -0.01
N ARG B 712 18.90 -24.78 1.07
CA ARG B 712 18.25 -24.90 2.36
C ARG B 712 17.08 -23.92 2.59
N CYS B 713 17.01 -22.81 1.83
CA CYS B 713 15.97 -21.78 1.95
C CYS B 713 14.79 -22.25 1.12
N ASN B 714 15.10 -22.80 -0.04
CA ASN B 714 14.03 -23.24 -0.93
C ASN B 714 13.17 -24.27 -0.24
N LYS B 715 13.76 -25.08 0.62
CA LYS B 715 12.98 -26.07 1.35
C LYS B 715 11.97 -25.39 2.27
N LEU B 716 12.37 -24.34 2.96
CA LEU B 716 11.47 -23.65 3.86
C LEU B 716 10.34 -23.01 3.08
N LEU B 717 10.68 -22.52 1.89
CA LEU B 717 9.77 -21.82 1.01
C LEU B 717 8.68 -22.73 0.48
N THR B 718 8.81 -24.04 0.67
CA THR B 718 7.81 -24.99 0.22
C THR B 718 6.46 -24.64 0.82
N GLN B 719 6.47 -24.18 2.07
CA GLN B 719 5.25 -23.86 2.78
C GLN B 719 4.51 -22.68 2.18
N TYR B 720 5.18 -21.92 1.33
CA TYR B 720 4.62 -20.73 0.72
C TYR B 720 4.47 -20.87 -0.79
N VAL B 721 4.48 -22.10 -1.30
CA VAL B 721 4.34 -22.30 -2.75
C VAL B 721 3.09 -21.65 -3.30
N SER B 722 1.99 -21.72 -2.56
CA SER B 722 0.77 -21.11 -3.05
C SER B 722 0.89 -19.59 -3.13
N ALA B 723 1.73 -18.99 -2.29
CA ALA B 723 1.94 -17.54 -2.35
C ALA B 723 2.69 -17.16 -3.63
N CYS B 724 3.75 -17.94 -3.96
CA CYS B 724 4.56 -17.73 -5.16
C CYS B 724 3.74 -17.95 -6.41
N GLN B 725 2.86 -18.96 -6.40
CA GLN B 725 2.04 -19.21 -7.56
C GLN B 725 1.09 -18.07 -7.79
N THR B 726 0.54 -17.50 -6.72
CA THR B 726 -0.35 -16.36 -6.87
C THR B 726 0.39 -15.17 -7.50
N ILE B 727 1.61 -14.91 -7.02
CA ILE B 727 2.40 -13.80 -7.53
C ILE B 727 2.76 -13.98 -9.00
N GLU B 728 3.24 -15.16 -9.36
CA GLU B 728 3.66 -15.40 -10.73
C GLU B 728 2.49 -15.45 -11.70
N GLN B 729 1.37 -16.03 -11.26
CA GLN B 729 0.20 -16.11 -12.11
C GLN B 729 -0.42 -14.74 -12.32
N ALA B 730 -0.44 -13.90 -11.30
CA ALA B 730 -1.02 -12.59 -11.43
C ALA B 730 -0.28 -11.76 -12.46
N LEU B 731 1.05 -11.85 -12.47
CA LEU B 731 1.82 -11.10 -13.45
C LEU B 731 1.64 -11.68 -14.85
N ALA B 732 1.60 -13.01 -14.94
CA ALA B 732 1.44 -13.67 -16.22
C ALA B 732 0.10 -13.35 -16.86
N MET B 733 -0.95 -13.27 -16.07
CA MET B 733 -2.26 -12.99 -16.60
C MET B 733 -2.36 -11.55 -17.06
N GLY B 734 -1.74 -10.64 -16.32
CA GLY B 734 -1.77 -9.25 -16.72
C GLY B 734 -1.14 -9.11 -18.09
N ALA B 735 0.06 -9.66 -18.24
CA ALA B 735 0.77 -9.57 -19.51
C ALA B 735 0.03 -10.26 -20.63
N ARG B 736 -0.61 -11.38 -20.34
CA ARG B 736 -1.34 -12.11 -21.36
C ARG B 736 -2.50 -11.29 -21.92
N LEU B 737 -3.26 -10.67 -21.05
CA LEU B 737 -4.38 -9.86 -21.51
C LEU B 737 -3.89 -8.69 -22.33
N GLU B 738 -2.80 -8.07 -21.89
CA GLU B 738 -2.27 -6.94 -22.62
C GLU B 738 -1.83 -7.33 -24.02
N ASN B 739 -1.13 -8.46 -24.13
CA ASN B 739 -0.66 -8.88 -25.43
C ASN B 739 -1.79 -9.15 -26.39
N MET B 740 -2.91 -9.66 -25.91
CA MET B 740 -4.02 -9.93 -26.81
C MET B 740 -4.62 -8.66 -27.39
N GLU B 741 -4.87 -7.67 -26.55
CA GLU B 741 -5.50 -6.46 -27.07
C GLU B 741 -4.50 -5.58 -27.85
N VAL B 742 -3.21 -5.70 -27.54
CA VAL B 742 -2.19 -5.02 -28.31
C VAL B 742 -2.05 -5.64 -29.69
N ASP B 743 -2.06 -6.97 -29.77
CA ASP B 743 -1.95 -7.66 -31.03
C ASP B 743 -3.15 -7.35 -31.92
N SER B 744 -4.31 -7.14 -31.31
CA SER B 744 -5.51 -6.78 -32.07
C SER B 744 -5.32 -5.43 -32.75
N MET B 745 -4.74 -4.47 -32.03
CA MET B 745 -4.47 -3.14 -32.57
C MET B 745 -3.48 -3.10 -33.74
N LEU B 746 -2.40 -3.86 -33.65
CA LEU B 746 -1.33 -3.79 -34.65
C LEU B 746 -1.60 -4.59 -35.92
N PHE B 747 -1.14 -4.07 -37.04
CA PHE B 747 -1.19 -4.78 -38.31
C PHE B 747 -0.16 -4.20 -39.27
N VAL B 748 0.15 -4.94 -40.32
CA VAL B 748 1.01 -4.44 -41.38
C VAL B 748 0.42 -4.68 -42.76
N SER B 749 0.94 -3.98 -43.75
CA SER B 749 0.54 -4.19 -45.13
C SER B 749 1.78 -4.26 -45.99
N GLU B 750 2.03 -5.40 -46.61
CA GLU B 750 3.27 -5.56 -47.36
C GLU B 750 3.36 -4.56 -48.51
N ASN B 751 2.25 -4.30 -49.17
CA ASN B 751 2.27 -3.40 -50.30
C ASN B 751 2.58 -1.99 -49.87
N ALA B 752 2.21 -1.62 -48.64
CA ALA B 752 2.51 -0.30 -48.13
C ALA B 752 3.96 -0.23 -47.67
N LEU B 753 4.45 -1.30 -47.04
CA LEU B 753 5.82 -1.30 -46.56
C LEU B 753 6.81 -1.15 -47.70
N LYS B 754 6.49 -1.74 -48.84
CA LYS B 754 7.36 -1.69 -50.01
C LYS B 754 7.72 -0.27 -50.43
N LEU B 755 6.84 0.69 -50.20
CA LEU B 755 7.13 2.05 -50.61
C LEU B 755 7.16 3.01 -49.43
N ALA B 756 7.30 2.47 -48.22
CA ALA B 756 7.25 3.29 -47.02
C ALA B 756 8.58 3.98 -46.68
N SER B 757 9.68 3.51 -47.27
CA SER B 757 10.99 4.06 -46.94
C SER B 757 11.32 5.37 -47.62
N VAL B 758 12.35 6.06 -47.11
CA VAL B 758 12.85 7.28 -47.73
C VAL B 758 13.38 7.01 -49.13
N GLU B 759 14.09 5.90 -49.27
CA GLU B 759 14.66 5.55 -50.56
C GLU B 759 13.56 5.30 -51.59
N ALA B 760 12.47 4.68 -51.16
CA ALA B 760 11.36 4.45 -52.07
C ALA B 760 10.76 5.78 -52.52
N PHE B 761 10.57 6.69 -51.59
CA PHE B 761 10.01 8.00 -51.91
C PHE B 761 10.87 8.82 -52.85
N ASN B 762 12.20 8.77 -52.67
CA ASN B 762 13.16 9.52 -53.47
C ASN B 762 13.32 8.99 -54.91
N SER B 763 12.63 7.87 -55.27
CA SER B 763 12.70 7.26 -56.59
C SER B 763 11.39 7.32 -57.35
N THR B 764 11.45 6.89 -58.61
CA THR B 764 10.31 6.85 -59.51
C THR B 764 9.88 5.42 -59.79
N GLU B 765 10.63 4.46 -59.26
CA GLU B 765 10.40 3.06 -59.58
C GLU B 765 8.97 2.59 -59.32
N ASN B 766 8.38 3.05 -58.24
CA ASN B 766 7.03 2.61 -57.88
C ASN B 766 5.94 3.57 -58.32
N LEU B 767 6.29 4.62 -59.04
CA LEU B 767 5.28 5.62 -59.36
C LEU B 767 4.41 5.18 -60.54
N ASP B 768 3.11 5.39 -60.40
CA ASP B 768 2.15 5.12 -61.47
C ASP B 768 2.43 6.05 -62.65
N PRO B 769 2.69 5.52 -63.87
CA PRO B 769 3.06 6.24 -65.09
C PRO B 769 2.14 7.39 -65.45
N ILE B 770 0.90 7.38 -64.95
CA ILE B 770 -0.02 8.47 -65.26
C ILE B 770 0.50 9.81 -64.74
N TYR B 771 1.37 9.77 -63.73
CA TYR B 771 1.94 10.96 -63.12
C TYR B 771 3.35 11.25 -63.62
N LYS B 772 3.50 11.44 -64.92
CA LYS B 772 4.82 11.64 -65.51
C LYS B 772 5.44 12.99 -65.13
N GLU B 773 4.61 13.94 -64.74
CA GLU B 773 5.11 15.25 -64.35
C GLU B 773 5.88 15.22 -63.02
N TRP B 774 5.72 14.16 -62.24
CA TRP B 774 6.34 14.06 -60.94
C TRP B 774 7.55 13.10 -61.00
N PRO B 775 8.77 13.55 -60.71
CA PRO B 775 10.01 12.79 -60.78
C PRO B 775 10.15 11.73 -59.68
N ASN B 776 9.38 11.87 -58.61
CA ASN B 776 9.45 11.00 -57.46
C ASN B 776 8.16 11.10 -56.65
N ILE B 777 8.11 10.48 -55.48
CA ILE B 777 6.90 10.54 -54.69
C ILE B 777 7.03 11.60 -53.63
N GLY B 778 6.30 12.70 -53.80
CA GLY B 778 6.34 13.77 -52.81
C GLY B 778 7.64 14.55 -52.84
N GLY B 779 8.21 14.75 -54.01
CA GLY B 779 9.48 15.46 -54.10
C GLY B 779 9.52 16.73 -53.25
N SER B 780 8.54 17.62 -53.44
CA SER B 780 8.50 18.89 -52.72
C SER B 780 8.27 18.73 -51.22
N TRP B 781 7.76 17.58 -50.80
CA TRP B 781 7.44 17.32 -49.41
C TRP B 781 8.53 16.49 -48.74
N LEU B 782 9.53 16.07 -49.52
CA LEU B 782 10.51 15.12 -49.03
C LEU B 782 11.48 15.74 -48.06
N GLY B 783 11.67 17.05 -48.14
CA GLY B 783 12.56 17.72 -47.21
C GLY B 783 12.07 17.58 -45.77
N GLY B 784 10.80 17.23 -45.60
CA GLY B 784 10.21 17.03 -44.29
C GLY B 784 10.05 15.54 -44.03
N LEU B 785 9.49 14.84 -45.01
CA LEU B 785 9.19 13.43 -44.86
C LEU B 785 10.45 12.59 -44.62
N LYS B 786 11.58 13.01 -45.15
CA LYS B 786 12.79 12.22 -44.98
C LYS B 786 13.16 12.01 -43.52
N ASP B 787 12.70 12.89 -42.62
CA ASP B 787 13.04 12.76 -41.20
C ASP B 787 11.94 12.05 -40.41
N ILE B 788 10.89 11.63 -41.12
CA ILE B 788 9.74 10.91 -40.57
C ILE B 788 9.71 9.45 -41.06
N LEU B 789 9.93 9.26 -42.35
CA LEU B 789 9.90 7.93 -42.93
C LEU B 789 11.15 7.18 -42.47
N PRO B 790 11.11 5.85 -42.38
CA PRO B 790 12.25 5.02 -42.05
C PRO B 790 13.25 5.04 -43.18
N SER B 791 14.52 4.88 -42.85
CA SER B 791 15.60 4.85 -43.84
C SER B 791 16.26 3.49 -43.89
N HIS B 792 16.54 2.97 -45.10
CA HIS B 792 17.26 1.70 -45.21
C HIS B 792 18.73 1.85 -44.89
N ASN B 793 19.32 2.95 -45.28
CA ASN B 793 20.73 3.17 -45.08
C ASN B 793 21.03 3.79 -43.73
N SER B 794 20.83 3.00 -42.69
CA SER B 794 21.05 3.46 -41.33
C SER B 794 21.35 2.35 -40.36
N LYS B 795 21.73 2.77 -39.18
CA LYS B 795 21.96 1.92 -38.02
C LYS B 795 20.61 1.41 -37.50
N ARG B 796 20.60 0.22 -36.91
CA ARG B 796 19.38 -0.37 -36.34
C ARG B 796 18.26 -0.55 -37.37
N LYS B 797 18.61 -1.14 -38.51
CA LYS B 797 17.70 -1.46 -39.61
C LYS B 797 16.85 -0.32 -40.14
N TYR B 798 15.55 -0.34 -39.87
CA TYR B 798 14.66 0.61 -40.51
C TYR B 798 13.97 1.54 -39.54
N ARG B 799 14.64 2.63 -39.23
CA ARG B 799 14.13 3.63 -38.31
C ARG B 799 14.32 5.01 -38.89
N SER B 800 13.51 5.94 -38.43
CA SER B 800 13.53 7.31 -38.90
C SER B 800 14.46 8.20 -38.07
N ALA B 801 14.85 9.34 -38.62
CA ALA B 801 15.75 10.25 -37.90
C ALA B 801 15.18 10.70 -36.57
N ILE B 802 13.89 11.06 -36.54
CA ILE B 802 13.33 11.48 -35.28
C ILE B 802 13.30 10.34 -34.29
N GLU B 803 12.96 9.14 -34.75
CA GLU B 803 12.92 8.00 -33.85
C GLU B 803 14.29 7.78 -33.21
N ASP B 804 15.36 7.86 -33.99
CA ASP B 804 16.67 7.64 -33.37
C ASP B 804 16.93 8.66 -32.28
N LEU B 805 16.56 9.91 -32.52
CA LEU B 805 16.81 10.93 -31.52
C LEU B 805 15.97 10.69 -30.28
N LEU B 806 14.71 10.31 -30.47
CA LEU B 806 13.82 10.11 -29.35
C LEU B 806 14.24 8.92 -28.49
N PHE B 807 14.69 7.85 -29.12
CA PHE B 807 15.11 6.68 -28.36
C PHE B 807 16.47 6.89 -27.69
N ASP B 808 17.44 7.42 -28.42
CA ASP B 808 18.80 7.57 -27.87
C ASP B 808 18.92 8.67 -26.82
N LYS B 809 18.04 9.67 -26.83
CA LYS B 809 18.09 10.73 -25.83
C LYS B 809 17.36 10.34 -24.56
N VAL B 810 16.67 9.19 -24.58
CA VAL B 810 15.90 8.77 -23.42
C VAL B 810 16.47 7.51 -22.75
N VAL B 811 16.73 6.45 -23.55
CA VAL B 811 17.23 5.15 -23.09
C VAL B 811 16.30 4.56 -22.02
N GLU B 820 15.54 -7.62 -24.50
CA GLU B 820 16.74 -7.52 -23.67
C GLU B 820 17.57 -8.82 -23.73
N ASP B 821 18.87 -8.67 -24.06
CA ASP B 821 19.85 -9.77 -24.16
C ASP B 821 20.34 -10.23 -22.79
N TYR B 822 20.00 -11.47 -22.43
CA TYR B 822 20.46 -12.02 -21.15
C TYR B 822 21.55 -13.06 -21.36
N LYS B 823 21.86 -13.34 -22.63
CA LYS B 823 22.87 -14.36 -22.95
C LYS B 823 24.20 -13.87 -22.41
N ARG B 824 24.38 -12.57 -22.51
CA ARG B 824 25.60 -11.90 -22.06
C ARG B 824 25.87 -11.93 -20.55
N CYS B 825 24.84 -12.20 -19.72
CA CYS B 825 24.96 -12.14 -18.26
C CYS B 825 25.76 -13.31 -17.71
N THR B 826 26.07 -14.26 -18.58
CA THR B 826 26.83 -15.41 -18.17
C THR B 826 28.23 -15.43 -18.76
N GLY B 827 28.61 -14.36 -19.46
CA GLY B 827 29.94 -14.28 -20.08
C GLY B 827 31.02 -14.29 -19.00
N GLY B 828 30.91 -13.38 -18.03
CA GLY B 828 31.85 -13.33 -16.93
C GLY B 828 33.18 -12.68 -17.26
N TYR B 829 33.18 -11.75 -18.21
CA TYR B 829 34.43 -11.11 -18.59
C TYR B 829 34.52 -9.67 -18.09
N ASP B 830 33.53 -9.25 -17.32
CA ASP B 830 33.47 -7.90 -16.78
C ASP B 830 32.54 -7.90 -15.57
N ILE B 831 32.37 -6.74 -14.96
CA ILE B 831 31.47 -6.61 -13.83
C ILE B 831 30.06 -6.37 -14.34
N ALA B 832 29.13 -7.16 -13.84
CA ALA B 832 27.74 -7.09 -14.27
C ALA B 832 27.14 -5.70 -14.08
N ASP B 833 26.34 -5.30 -15.05
CA ASP B 833 25.63 -4.04 -15.01
C ASP B 833 24.32 -4.20 -14.25
N LEU B 834 23.50 -3.16 -14.23
CA LEU B 834 22.26 -3.22 -13.46
C LEU B 834 21.31 -4.28 -13.98
N VAL B 835 21.22 -4.44 -15.29
CA VAL B 835 20.27 -5.39 -15.84
C VAL B 835 20.60 -6.83 -15.44
N CYS B 836 21.88 -7.23 -15.55
CA CYS B 836 22.32 -8.57 -15.19
C CYS B 836 22.26 -8.75 -13.67
N ALA B 837 22.56 -7.69 -12.92
CA ALA B 837 22.46 -7.76 -11.48
C ALA B 837 21.02 -8.04 -11.06
N GLN B 838 20.05 -7.50 -11.80
CA GLN B 838 18.64 -7.78 -11.54
C GLN B 838 18.27 -9.20 -11.95
N TYR B 839 18.82 -9.65 -13.07
CA TYR B 839 18.59 -10.99 -13.58
C TYR B 839 18.97 -12.03 -12.54
N TYR B 840 20.09 -11.82 -11.88
CA TYR B 840 20.61 -12.72 -10.87
C TYR B 840 19.68 -12.83 -9.66
N ASN B 841 18.77 -11.87 -9.50
CA ASN B 841 17.82 -11.84 -8.40
C ASN B 841 16.45 -12.29 -8.83
N GLY B 842 16.35 -12.88 -10.01
CA GLY B 842 15.09 -13.43 -10.47
C GLY B 842 14.20 -12.41 -11.16
N ILE B 843 14.71 -11.23 -11.45
CA ILE B 843 13.90 -10.22 -12.10
C ILE B 843 14.35 -10.02 -13.53
N MET B 844 13.48 -10.31 -14.48
CA MET B 844 13.87 -10.16 -15.87
C MET B 844 12.78 -9.52 -16.68
N VAL B 845 13.20 -8.76 -17.68
CA VAL B 845 12.27 -8.11 -18.57
C VAL B 845 12.11 -8.89 -19.85
N LEU B 846 10.88 -9.06 -20.27
CA LEU B 846 10.58 -9.79 -21.48
C LEU B 846 10.08 -8.82 -22.55
N PRO B 847 10.21 -9.16 -23.82
CA PRO B 847 9.55 -8.50 -24.93
C PRO B 847 8.10 -8.90 -24.93
N GLY B 848 7.24 -8.04 -25.45
CA GLY B 848 5.85 -8.37 -25.64
C GLY B 848 5.51 -8.37 -27.12
N VAL B 849 4.24 -8.14 -27.43
CA VAL B 849 3.83 -8.11 -28.81
C VAL B 849 4.28 -6.82 -29.49
N ALA B 850 4.03 -5.69 -28.84
CA ALA B 850 4.42 -4.42 -29.42
C ALA B 850 5.85 -4.09 -29.06
N ASN B 851 6.80 -4.85 -29.56
CA ASN B 851 8.16 -4.48 -29.29
C ASN B 851 8.50 -3.36 -30.26
N ASP B 852 9.68 -2.78 -30.16
CA ASP B 852 9.99 -1.63 -31.01
C ASP B 852 10.03 -1.93 -32.49
N ASP B 853 10.41 -3.13 -32.89
CA ASP B 853 10.53 -3.42 -34.31
C ASP B 853 9.16 -3.58 -34.95
N LYS B 854 8.27 -4.26 -34.24
CA LYS B 854 6.90 -4.44 -34.71
C LYS B 854 6.15 -3.12 -34.70
N MET B 855 6.43 -2.26 -33.72
CA MET B 855 5.75 -0.99 -33.63
C MET B 855 6.18 -0.11 -34.78
N THR B 856 7.44 -0.23 -35.17
CA THR B 856 7.96 0.52 -36.30
C THR B 856 7.30 0.07 -37.60
N MET B 857 7.15 -1.23 -37.79
CA MET B 857 6.48 -1.70 -39.01
C MET B 857 5.08 -1.14 -39.08
N TYR B 858 4.39 -1.12 -37.95
CA TYR B 858 3.02 -0.62 -37.88
C TYR B 858 2.94 0.82 -38.35
N THR B 859 3.79 1.68 -37.81
CA THR B 859 3.72 3.07 -38.19
C THR B 859 4.19 3.30 -39.62
N ALA B 860 5.15 2.50 -40.09
CA ALA B 860 5.62 2.62 -41.46
C ALA B 860 4.52 2.23 -42.45
N SER B 861 3.77 1.18 -42.13
CA SER B 861 2.69 0.74 -43.01
C SER B 861 1.62 1.80 -43.11
N LEU B 862 1.34 2.49 -42.01
CA LEU B 862 0.33 3.53 -42.04
C LEU B 862 0.78 4.69 -42.92
N ALA B 863 2.03 5.12 -42.75
CA ALA B 863 2.55 6.25 -43.52
C ALA B 863 2.61 5.92 -45.00
N GLY B 864 2.97 4.69 -45.32
CA GLY B 864 3.12 4.26 -46.69
C GLY B 864 1.79 4.04 -47.38
N GLY B 865 0.71 4.11 -46.62
CA GLY B 865 -0.61 3.89 -47.18
C GLY B 865 -1.11 5.15 -47.86
N ILE B 866 -0.57 6.29 -47.46
CA ILE B 866 -1.05 7.58 -47.96
C ILE B 866 -0.86 7.68 -49.47
N THR B 867 0.26 7.17 -49.94
CA THR B 867 0.61 7.26 -51.35
C THR B 867 0.41 5.95 -52.10
N LEU B 868 -0.33 5.00 -51.54
CA LEU B 868 -0.57 3.77 -52.27
C LEU B 868 -1.88 3.90 -53.05
N GLY B 869 -1.81 3.81 -54.37
CA GLY B 869 -2.94 4.08 -55.25
C GLY B 869 -4.05 3.01 -55.30
N ALA B 870 -3.71 1.75 -55.04
CA ALA B 870 -4.71 0.70 -55.18
C ALA B 870 -4.42 -0.48 -54.29
N LEU B 871 -5.47 -1.24 -53.97
CA LEU B 871 -5.35 -2.45 -53.15
C LEU B 871 -5.41 -3.71 -54.00
N GLY B 872 -5.46 -3.54 -55.31
CA GLY B 872 -5.59 -4.67 -56.23
C GLY B 872 -4.42 -5.65 -56.14
N GLY B 873 -3.23 -5.12 -55.88
CA GLY B 873 -2.02 -5.91 -55.78
C GLY B 873 -0.84 -5.12 -56.33
N GLY B 874 0.35 -5.50 -55.92
CA GLY B 874 1.54 -4.78 -56.35
C GLY B 874 1.69 -3.51 -55.53
N ALA B 875 2.51 -2.58 -55.99
CA ALA B 875 2.75 -1.36 -55.23
C ALA B 875 2.85 -0.17 -56.17
N VAL B 876 1.69 0.35 -56.56
CA VAL B 876 1.63 1.48 -57.48
C VAL B 876 1.37 2.74 -56.69
N ALA B 877 2.31 3.67 -56.76
CA ALA B 877 2.29 4.86 -55.94
C ALA B 877 1.73 6.07 -56.65
N ILE B 878 1.28 7.02 -55.86
CA ILE B 878 0.86 8.31 -56.36
C ILE B 878 1.75 9.33 -55.65
N PRO B 879 1.94 10.54 -56.17
CA PRO B 879 2.70 11.59 -55.53
C PRO B 879 2.09 11.96 -54.18
N PHE B 880 2.91 12.38 -53.25
CA PHE B 880 2.41 12.80 -51.95
C PHE B 880 1.53 14.02 -52.15
N ALA B 881 1.96 14.93 -53.03
CA ALA B 881 1.23 16.15 -53.30
C ALA B 881 -0.20 15.84 -53.76
N VAL B 882 -0.38 14.75 -54.50
CA VAL B 882 -1.70 14.36 -54.96
C VAL B 882 -2.51 13.88 -53.77
N ALA B 883 -1.91 13.08 -52.91
CA ALA B 883 -2.60 12.62 -51.72
C ALA B 883 -3.00 13.79 -50.83
N VAL B 884 -2.14 14.80 -50.72
CA VAL B 884 -2.45 15.96 -49.90
C VAL B 884 -3.58 16.77 -50.50
N GLN B 885 -3.56 16.96 -51.80
CA GLN B 885 -4.61 17.72 -52.44
C GLN B 885 -5.97 17.06 -52.19
N ALA B 886 -5.99 15.73 -52.15
CA ALA B 886 -7.21 15.01 -51.86
C ALA B 886 -7.71 15.33 -50.46
N ARG B 887 -6.79 15.51 -49.51
CA ARG B 887 -7.18 15.84 -48.15
C ARG B 887 -7.72 17.27 -48.06
N LEU B 888 -7.15 18.17 -48.85
CA LEU B 888 -7.63 19.55 -48.85
C LEU B 888 -9.08 19.63 -49.28
N ASN B 889 -9.50 18.75 -50.19
CA ASN B 889 -10.89 18.75 -50.64
C ASN B 889 -11.87 18.36 -49.55
N TYR B 890 -11.43 17.62 -48.54
CA TYR B 890 -12.32 17.28 -47.44
C TYR B 890 -12.49 18.47 -46.52
N VAL B 891 -11.44 19.27 -46.41
CA VAL B 891 -11.52 20.46 -45.57
C VAL B 891 -12.45 21.46 -46.22
N ALA B 892 -12.24 21.70 -47.51
CA ALA B 892 -13.09 22.56 -48.31
C ALA B 892 -12.93 22.19 -49.76
N LEU B 893 -14.03 22.19 -50.52
CA LEU B 893 -13.85 21.89 -51.93
C LEU B 893 -12.94 22.94 -52.51
N GLN B 894 -11.88 22.52 -53.18
CA GLN B 894 -10.94 23.47 -53.72
C GLN B 894 -11.42 23.91 -55.09
N THR B 895 -11.57 25.21 -55.27
CA THR B 895 -12.04 25.74 -56.54
C THR B 895 -10.94 26.52 -57.23
N ASP B 896 -9.95 26.99 -56.47
CA ASP B 896 -8.90 27.80 -57.07
C ASP B 896 -7.82 26.91 -57.68
N VAL B 897 -8.11 26.37 -58.85
CA VAL B 897 -7.24 25.40 -59.52
C VAL B 897 -6.09 26.06 -60.29
N LEU B 898 -6.22 27.34 -60.61
CA LEU B 898 -5.20 28.02 -61.40
C LEU B 898 -4.06 28.58 -60.55
N ASN B 899 -4.18 28.49 -59.24
CA ASN B 899 -3.18 29.06 -58.36
C ASN B 899 -2.80 28.08 -57.25
N LYS B 900 -2.02 27.07 -57.59
CA LYS B 900 -1.68 26.04 -56.63
C LYS B 900 -0.79 26.60 -55.53
N ASN B 901 -1.09 26.24 -54.29
CA ASN B 901 -0.32 26.66 -53.13
C ASN B 901 0.51 25.53 -52.57
N GLN B 902 0.74 24.49 -53.37
CA GLN B 902 1.48 23.34 -52.89
C GLN B 902 2.91 23.68 -52.49
N GLN B 903 3.54 24.61 -53.18
CA GLN B 903 4.90 24.94 -52.82
C GLN B 903 4.93 25.61 -51.47
N ILE B 904 3.92 26.42 -51.19
CA ILE B 904 3.85 27.17 -49.94
C ILE B 904 3.64 26.22 -48.79
N LEU B 905 2.70 25.30 -48.95
CA LEU B 905 2.39 24.35 -47.91
C LEU B 905 3.56 23.42 -47.69
N ALA B 906 4.19 22.98 -48.78
CA ALA B 906 5.31 22.07 -48.67
C ALA B 906 6.48 22.72 -47.97
N ASN B 907 6.72 24.01 -48.24
CA ASN B 907 7.83 24.68 -47.60
C ASN B 907 7.59 24.82 -46.12
N ALA B 908 6.37 25.19 -45.74
CA ALA B 908 6.04 25.36 -44.34
C ALA B 908 6.18 24.04 -43.59
N PHE B 909 5.79 22.96 -44.23
CA PHE B 909 5.90 21.64 -43.65
C PHE B 909 7.34 21.25 -43.44
N ASN B 910 8.15 21.42 -44.47
CA ASN B 910 9.54 21.01 -44.40
C ASN B 910 10.29 21.77 -43.31
N GLN B 911 9.96 23.04 -43.17
CA GLN B 911 10.59 23.85 -42.16
C GLN B 911 10.15 23.42 -40.76
N ALA B 912 8.85 23.14 -40.60
CA ALA B 912 8.35 22.73 -39.30
C ALA B 912 9.05 21.47 -38.83
N ILE B 913 9.23 20.52 -39.74
CA ILE B 913 9.89 19.29 -39.36
C ILE B 913 11.35 19.56 -39.06
N GLY B 914 11.98 20.40 -39.86
CA GLY B 914 13.37 20.77 -39.59
C GLY B 914 13.57 21.20 -38.14
N ASN B 915 12.72 22.13 -37.64
CA ASN B 915 12.77 22.65 -36.29
C ASN B 915 12.46 21.59 -35.22
N ILE B 916 11.57 20.64 -35.52
CA ILE B 916 11.21 19.54 -34.62
C ILE B 916 12.35 18.55 -34.47
N THR B 917 12.95 18.19 -35.58
CA THR B 917 14.06 17.25 -35.53
C THR B 917 15.19 17.88 -34.74
N GLN B 918 15.46 19.15 -35.03
CA GLN B 918 16.49 19.89 -34.32
C GLN B 918 16.19 19.99 -32.82
N ALA B 919 14.94 20.27 -32.48
CA ALA B 919 14.53 20.41 -31.08
C ALA B 919 14.73 19.12 -30.31
N PHE B 920 14.54 17.97 -30.95
CA PHE B 920 14.77 16.72 -30.27
C PHE B 920 16.26 16.51 -30.05
N GLY B 921 17.05 16.79 -31.09
CA GLY B 921 18.51 16.63 -31.01
C GLY B 921 19.15 17.52 -29.96
N LYS B 922 18.55 18.68 -29.75
CA LYS B 922 19.02 19.64 -28.76
C LYS B 922 18.68 19.28 -27.30
N VAL B 923 17.75 18.32 -27.08
CA VAL B 923 17.19 17.88 -25.78
C VAL B 923 17.08 19.08 -24.82
N LEU B 934 10.39 24.95 -28.81
CA LEU B 934 9.22 24.23 -29.27
C LEU B 934 8.54 23.55 -28.07
N ALA B 935 7.40 24.11 -27.65
CA ALA B 935 6.63 23.66 -26.48
C ALA B 935 6.15 22.22 -26.61
N THR B 936 5.79 21.81 -27.83
CA THR B 936 5.29 20.48 -28.05
C THR B 936 6.39 19.45 -27.93
N VAL B 937 7.60 19.83 -28.31
CA VAL B 937 8.72 18.91 -28.23
C VAL B 937 9.14 18.76 -26.78
N ALA B 938 9.20 19.87 -26.06
CA ALA B 938 9.57 19.82 -24.66
C ALA B 938 8.58 18.98 -23.87
N LYS B 939 7.29 19.10 -24.19
CA LYS B 939 6.27 18.33 -23.52
C LYS B 939 6.45 16.84 -23.78
N VAL B 940 6.71 16.48 -25.04
CA VAL B 940 6.92 15.09 -25.38
C VAL B 940 8.15 14.51 -24.70
N LEU B 941 9.26 15.24 -24.71
CA LEU B 941 10.43 14.68 -24.08
C LEU B 941 10.22 14.46 -22.59
N ALA B 942 9.54 15.39 -21.92
CA ALA B 942 9.29 15.22 -20.51
C ALA B 942 8.40 14.03 -20.24
N LYS B 943 7.36 13.85 -21.05
CA LYS B 943 6.43 12.75 -20.84
C LYS B 943 7.05 11.41 -21.17
N VAL B 944 7.82 11.33 -22.23
CA VAL B 944 8.43 10.08 -22.63
C VAL B 944 9.44 9.64 -21.59
N GLN B 945 10.28 10.56 -21.14
CA GLN B 945 11.27 10.20 -20.15
C GLN B 945 10.60 9.76 -18.86
N ASP B 946 9.51 10.42 -18.47
CA ASP B 946 8.83 10.08 -17.24
C ASP B 946 8.30 8.65 -17.25
N VAL B 947 7.80 8.21 -18.40
CA VAL B 947 7.30 6.83 -18.48
C VAL B 947 8.43 5.86 -18.22
N VAL B 948 9.58 6.14 -18.81
CA VAL B 948 10.75 5.29 -18.65
C VAL B 948 11.29 5.32 -17.23
N ASN B 949 11.37 6.51 -16.63
CA ASN B 949 11.91 6.63 -15.28
C ASN B 949 11.04 5.90 -14.29
N THR B 950 9.73 5.94 -14.49
CA THR B 950 8.82 5.29 -13.57
C THR B 950 9.03 3.79 -13.52
N GLN B 951 9.15 3.15 -14.68
CA GLN B 951 9.37 1.71 -14.67
C GLN B 951 10.71 1.37 -14.06
N GLY B 952 11.71 2.20 -14.31
CA GLY B 952 13.04 1.98 -13.76
C GLY B 952 12.99 2.01 -12.24
N GLN B 953 12.33 3.03 -11.68
CA GLN B 953 12.23 3.16 -10.24
C GLN B 953 11.46 2.01 -9.63
N ALA B 954 10.45 1.51 -10.32
CA ALA B 954 9.66 0.41 -9.78
C ALA B 954 10.54 -0.80 -9.51
N LEU B 955 11.46 -1.07 -10.42
CA LEU B 955 12.31 -2.24 -10.25
C LEU B 955 13.48 -1.97 -9.32
N SER B 956 13.98 -0.74 -9.32
CA SER B 956 15.07 -0.43 -8.41
C SER B 956 14.57 -0.49 -6.99
N HIS B 957 13.33 -0.04 -6.78
CA HIS B 957 12.71 -0.09 -5.46
C HIS B 957 12.57 -1.52 -5.00
N LEU B 958 12.18 -2.41 -5.90
CA LEU B 958 12.02 -3.80 -5.52
C LEU B 958 13.36 -4.45 -5.15
N THR B 959 14.42 -4.21 -5.90
CA THR B 959 15.69 -4.88 -5.59
C THR B 959 16.29 -4.45 -4.26
N VAL B 960 16.11 -3.19 -3.88
CA VAL B 960 16.67 -2.75 -2.61
C VAL B 960 15.92 -3.29 -1.41
N GLN B 961 14.79 -3.96 -1.61
CA GLN B 961 14.05 -4.51 -0.49
C GLN B 961 14.77 -5.74 0.02
N LEU B 962 15.68 -6.25 -0.80
CA LEU B 962 16.43 -7.44 -0.44
C LEU B 962 17.48 -7.10 0.61
N GLN B 963 17.75 -5.81 0.81
CA GLN B 963 18.71 -5.38 1.82
C GLN B 963 18.06 -5.20 3.17
N ASN B 964 16.75 -5.36 3.23
CA ASN B 964 16.01 -5.19 4.46
C ASN B 964 16.11 -6.46 5.29
N ASN B 965 16.62 -6.33 6.52
CA ASN B 965 16.80 -7.47 7.40
C ASN B 965 15.48 -8.05 7.87
N PHE B 966 14.43 -7.24 7.88
CA PHE B 966 13.14 -7.68 8.40
C PHE B 966 13.27 -8.28 9.80
N GLN B 967 14.06 -7.61 10.65
CA GLN B 967 14.34 -8.00 12.02
C GLN B 967 15.17 -9.27 12.17
N ALA B 968 15.78 -9.74 11.09
CA ALA B 968 16.70 -10.85 11.14
C ALA B 968 18.08 -10.34 11.51
N ILE B 969 18.96 -11.25 11.88
CA ILE B 969 20.34 -10.87 12.18
C ILE B 969 21.05 -10.35 10.93
N SER B 970 20.61 -10.79 9.76
CA SER B 970 21.20 -10.37 8.50
C SER B 970 20.23 -10.55 7.35
N SER B 971 20.42 -9.76 6.29
CA SER B 971 19.64 -9.89 5.07
C SER B 971 20.15 -10.99 4.15
N SER B 972 21.34 -11.50 4.43
CA SER B 972 21.95 -12.50 3.58
C SER B 972 21.71 -13.91 4.06
N ILE B 973 21.07 -14.71 3.22
CA ILE B 973 20.69 -16.08 3.58
C ILE B 973 21.90 -16.95 3.85
N SER B 974 22.92 -16.86 3.00
CA SER B 974 24.11 -17.66 3.21
C SER B 974 24.87 -17.17 4.42
N ASP B 975 24.76 -15.90 4.77
CA ASP B 975 25.43 -15.40 5.97
C ASP B 975 24.78 -15.99 7.22
N ILE B 976 23.44 -16.10 7.20
CA ILE B 976 22.74 -16.66 8.34
C ILE B 976 23.15 -18.11 8.56
N TYR B 977 23.21 -18.91 7.51
CA TYR B 977 23.60 -20.30 7.70
C TYR B 977 25.10 -20.46 7.96
N ASN B 978 25.91 -19.50 7.50
CA ASN B 978 27.34 -19.53 7.77
C ASN B 978 27.63 -19.25 9.26
N ARG B 979 26.81 -18.39 9.87
CA ARG B 979 27.02 -18.03 11.27
C ARG B 979 26.23 -18.82 12.30
N LEU B 980 25.05 -19.28 11.94
CA LEU B 980 24.12 -19.84 12.92
C LEU B 980 23.61 -21.24 12.56
N ASP B 981 23.59 -22.13 13.54
CA ASP B 981 23.13 -23.51 13.35
C ASP B 981 21.67 -23.58 12.85
N PRO B 982 21.35 -24.53 11.94
CA PRO B 982 20.05 -24.77 11.33
C PRO B 982 18.80 -24.60 12.23
N PRO B 983 18.71 -25.19 13.44
CA PRO B 983 17.54 -25.07 14.29
C PRO B 983 17.20 -23.62 14.67
N SER B 984 18.18 -22.73 14.62
CA SER B 984 17.93 -21.32 14.94
C SER B 984 17.96 -20.48 13.66
N ALA B 985 18.79 -20.90 12.72
CA ALA B 985 18.97 -20.22 11.46
C ALA B 985 17.69 -20.24 10.63
N ASP B 986 16.95 -21.33 10.72
CA ASP B 986 15.71 -21.41 9.98
C ASP B 986 14.73 -20.34 10.43
N ALA B 987 14.73 -20.03 11.71
CA ALA B 987 13.81 -19.00 12.22
C ALA B 987 14.18 -17.64 11.66
N GLN B 988 15.48 -17.37 11.53
CA GLN B 988 15.92 -16.09 11.01
C GLN B 988 15.49 -15.97 9.56
N VAL B 989 15.59 -17.08 8.83
CA VAL B 989 15.19 -17.11 7.44
C VAL B 989 13.69 -16.98 7.28
N ASP B 990 12.91 -17.63 8.13
CA ASP B 990 11.47 -17.50 8.00
C ASP B 990 11.04 -16.03 8.02
N ARG B 991 11.70 -15.20 8.83
CA ARG B 991 11.31 -13.79 8.80
C ARG B 991 11.67 -13.14 7.47
N LEU B 992 12.84 -13.47 6.91
CA LEU B 992 13.19 -12.91 5.60
C LEU B 992 12.25 -13.38 4.50
N ILE B 993 11.81 -14.63 4.57
CA ILE B 993 10.90 -15.13 3.56
C ILE B 993 9.58 -14.39 3.61
N THR B 994 9.06 -14.20 4.81
CA THR B 994 7.80 -13.49 4.96
C THR B 994 7.91 -12.07 4.42
N GLY B 995 9.01 -11.41 4.77
CA GLY B 995 9.25 -10.04 4.36
C GLY B 995 9.33 -9.89 2.84
N ARG B 996 10.13 -10.75 2.21
CA ARG B 996 10.32 -10.67 0.78
C ARG B 996 9.06 -11.04 -0.01
N LEU B 997 8.27 -11.97 0.48
CA LEU B 997 7.02 -12.28 -0.20
C LEU B 997 6.09 -11.08 -0.12
N THR B 998 6.11 -10.38 1.00
CA THR B 998 5.29 -9.19 1.17
C THR B 998 5.69 -8.13 0.15
N ALA B 999 6.99 -7.94 -0.05
CA ALA B 999 7.47 -6.98 -1.03
C ALA B 999 6.99 -7.33 -2.44
N LEU B 1000 6.98 -8.62 -2.77
CA LEU B 1000 6.50 -9.03 -4.07
C LEU B 1000 5.03 -8.77 -4.24
N ASN B 1001 4.25 -8.98 -3.19
CA ASN B 1001 2.82 -8.73 -3.30
C ASN B 1001 2.55 -7.26 -3.58
N ALA B 1002 3.30 -6.39 -2.92
CA ALA B 1002 3.14 -4.95 -3.14
C ALA B 1002 3.51 -4.59 -4.57
N PHE B 1003 4.56 -5.20 -5.09
CA PHE B 1003 5.00 -4.96 -6.45
C PHE B 1003 3.91 -5.34 -7.44
N VAL B 1004 3.34 -6.53 -7.26
CA VAL B 1004 2.32 -7.00 -8.19
C VAL B 1004 1.12 -6.08 -8.21
N SER B 1005 0.67 -5.65 -7.03
CA SER B 1005 -0.48 -4.77 -6.99
C SER B 1005 -0.21 -3.47 -7.73
N GLN B 1006 0.96 -2.89 -7.49
CA GLN B 1006 1.34 -1.64 -8.12
C GLN B 1006 1.41 -1.78 -9.64
N THR B 1007 1.96 -2.90 -10.10
CA THR B 1007 2.09 -3.18 -11.52
C THR B 1007 0.76 -3.29 -12.21
N LEU B 1008 -0.18 -3.99 -11.59
CA LEU B 1008 -1.48 -4.18 -12.20
C LEU B 1008 -2.22 -2.85 -12.36
N THR B 1009 -2.06 -1.95 -11.40
CA THR B 1009 -2.69 -0.64 -11.54
C THR B 1009 -2.13 0.11 -12.73
N ARG B 1010 -0.80 0.09 -12.91
CA ARG B 1010 -0.23 0.80 -14.06
C ARG B 1010 -0.77 0.26 -15.36
N GLN B 1011 -0.99 -1.04 -15.43
CA GLN B 1011 -1.52 -1.63 -16.65
C GLN B 1011 -2.93 -1.13 -16.92
N ALA B 1012 -3.72 -0.96 -15.87
CA ALA B 1012 -5.08 -0.45 -16.05
C ALA B 1012 -5.06 0.98 -16.58
N GLU B 1013 -4.11 1.79 -16.11
CA GLU B 1013 -4.00 3.16 -16.54
C GLU B 1013 -3.62 3.24 -18.00
N VAL B 1014 -2.71 2.36 -18.41
CA VAL B 1014 -2.29 2.31 -19.80
C VAL B 1014 -3.42 1.87 -20.68
N ARG B 1015 -4.21 0.91 -20.24
CA ARG B 1015 -5.33 0.47 -21.05
C ARG B 1015 -6.16 1.66 -21.53
N ALA B 1016 -6.47 2.59 -20.63
CA ALA B 1016 -7.24 3.75 -21.03
C ALA B 1016 -6.49 4.60 -22.06
N SER B 1017 -5.18 4.76 -21.85
CA SER B 1017 -4.36 5.53 -22.77
C SER B 1017 -4.31 4.88 -24.14
N ARG B 1018 -4.19 3.56 -24.17
CA ARG B 1018 -4.12 2.80 -25.41
C ARG B 1018 -5.36 3.01 -26.24
N GLN B 1019 -6.53 3.07 -25.62
CA GLN B 1019 -7.75 3.30 -26.38
C GLN B 1019 -7.64 4.62 -27.10
N LEU B 1020 -7.05 5.62 -26.46
CA LEU B 1020 -6.89 6.90 -27.11
C LEU B 1020 -5.93 6.78 -28.29
N ALA B 1021 -4.84 6.03 -28.11
CA ALA B 1021 -3.88 5.85 -29.20
C ALA B 1021 -4.53 5.19 -30.40
N LYS B 1022 -5.40 4.22 -30.14
CA LYS B 1022 -6.10 3.52 -31.18
C LYS B 1022 -7.08 4.44 -31.91
N ASP B 1023 -7.79 5.26 -31.16
CA ASP B 1023 -8.73 6.19 -31.76
C ASP B 1023 -8.02 7.22 -32.61
N LYS B 1024 -6.84 7.65 -32.17
CA LYS B 1024 -6.06 8.63 -32.93
C LYS B 1024 -5.59 8.05 -34.24
N VAL B 1025 -5.15 6.81 -34.23
CA VAL B 1025 -4.73 6.24 -35.49
C VAL B 1025 -5.90 6.13 -36.43
N ASN B 1026 -7.02 5.62 -35.97
CA ASN B 1026 -8.13 5.41 -36.86
C ASN B 1026 -8.78 6.69 -37.34
N GLU B 1027 -8.82 7.72 -36.52
CA GLU B 1027 -9.47 8.96 -36.90
C GLU B 1027 -8.56 10.10 -37.40
N CYS B 1028 -7.23 10.04 -37.17
CA CYS B 1028 -6.30 11.09 -37.61
C CYS B 1028 -5.36 10.57 -38.70
N VAL B 1029 -4.92 9.32 -38.58
CA VAL B 1029 -3.94 8.79 -39.52
C VAL B 1029 -4.58 8.04 -40.69
N ARG B 1030 -5.50 7.14 -40.39
CA ARG B 1030 -6.11 6.29 -41.41
C ARG B 1030 -7.31 6.93 -42.08
N SER B 1031 -7.83 8.03 -41.52
CA SER B 1031 -9.00 8.68 -42.10
C SER B 1031 -9.08 10.15 -41.71
N GLN B 1032 -9.94 10.90 -42.40
CA GLN B 1032 -10.29 12.26 -42.00
C GLN B 1032 -11.43 12.29 -40.99
N SER B 1033 -11.21 12.98 -39.89
CA SER B 1033 -12.19 13.09 -38.83
C SER B 1033 -12.98 14.38 -38.91
N GLN B 1034 -14.22 14.33 -38.45
CA GLN B 1034 -15.06 15.51 -38.39
C GLN B 1034 -15.16 16.06 -36.97
N ARG B 1035 -14.33 15.52 -36.07
CA ARG B 1035 -14.35 15.93 -34.68
C ARG B 1035 -13.43 17.10 -34.43
N PHE B 1036 -14.03 18.26 -34.17
CA PHE B 1036 -13.27 19.47 -34.00
C PHE B 1036 -12.31 19.37 -32.84
N GLY B 1037 -11.06 19.73 -33.08
CA GLY B 1037 -10.03 19.77 -32.04
C GLY B 1037 -9.45 18.41 -31.66
N PHE B 1038 -9.91 17.34 -32.29
CA PHE B 1038 -9.42 16.01 -31.92
C PHE B 1038 -7.97 15.71 -32.35
N CYS B 1039 -7.60 16.12 -33.57
CA CYS B 1039 -6.32 15.79 -34.20
C CYS B 1039 -5.44 17.06 -34.25
N GLY B 1040 -5.27 17.70 -33.12
CA GLY B 1040 -4.44 18.89 -33.05
C GLY B 1040 -5.26 20.17 -33.04
N ASN B 1041 -4.64 21.28 -32.64
CA ASN B 1041 -5.23 22.60 -32.55
C ASN B 1041 -5.11 23.34 -33.90
N GLY B 1042 -6.17 23.35 -34.69
CA GLY B 1042 -6.18 23.91 -36.05
C GLY B 1042 -7.06 23.06 -36.94
N THR B 1043 -6.95 23.26 -38.25
CA THR B 1043 -7.74 22.47 -39.18
C THR B 1043 -6.89 21.32 -39.69
N HIS B 1044 -7.32 20.11 -39.41
CA HIS B 1044 -6.50 18.95 -39.70
C HIS B 1044 -6.37 18.63 -41.18
N LEU B 1045 -5.14 18.39 -41.62
CA LEU B 1045 -4.87 18.05 -43.00
C LEU B 1045 -4.48 16.58 -43.11
N PHE B 1046 -3.45 16.18 -42.37
CA PHE B 1046 -3.04 14.77 -42.33
C PHE B 1046 -2.22 14.47 -41.08
N SER B 1047 -2.05 13.20 -40.77
CA SER B 1047 -1.17 12.81 -39.67
C SER B 1047 -0.26 11.69 -40.04
N LEU B 1048 0.94 11.78 -39.51
CA LEU B 1048 1.96 10.75 -39.64
C LEU B 1048 2.30 10.29 -38.24
N ALA B 1049 2.88 9.12 -38.13
CA ALA B 1049 3.22 8.64 -36.80
C ALA B 1049 4.51 7.86 -36.83
N ASN B 1050 5.19 7.83 -35.70
CA ASN B 1050 6.42 7.07 -35.54
C ASN B 1050 6.43 6.32 -34.23
N ALA B 1051 7.48 5.53 -34.03
CA ALA B 1051 7.65 4.79 -32.79
C ALA B 1051 8.24 5.67 -31.71
N ALA B 1052 7.94 5.34 -30.47
CA ALA B 1052 8.49 6.01 -29.32
C ALA B 1052 8.66 4.97 -28.22
N PRO B 1053 9.49 5.19 -27.22
CA PRO B 1053 9.61 4.29 -26.10
C PRO B 1053 8.24 4.07 -25.50
N ASN B 1054 7.84 2.81 -25.40
CA ASN B 1054 6.55 2.40 -24.83
C ASN B 1054 5.31 2.93 -25.54
N GLY B 1055 5.43 3.43 -26.77
CA GLY B 1055 4.24 3.96 -27.43
C GLY B 1055 4.51 4.61 -28.77
N MET B 1056 3.68 5.59 -29.10
CA MET B 1056 3.76 6.28 -30.38
C MET B 1056 3.85 7.77 -30.26
N ILE B 1057 4.51 8.35 -31.23
CA ILE B 1057 4.60 9.80 -31.37
C ILE B 1057 3.83 10.20 -32.63
N PHE B 1058 2.92 11.15 -32.48
CA PHE B 1058 2.09 11.58 -33.60
C PHE B 1058 2.47 12.95 -34.08
N PHE B 1059 2.50 13.09 -35.40
CA PHE B 1059 2.78 14.37 -36.04
C PHE B 1059 1.52 14.87 -36.72
N HIS B 1060 0.89 15.87 -36.13
CA HIS B 1060 -0.35 16.36 -36.67
C HIS B 1060 -0.09 17.56 -37.52
N THR B 1061 -0.34 17.43 -38.80
CA THR B 1061 -0.10 18.50 -39.72
C THR B 1061 -1.40 19.24 -39.91
N VAL B 1062 -1.42 20.51 -39.50
CA VAL B 1062 -2.65 21.27 -39.52
C VAL B 1062 -2.48 22.58 -40.27
N LEU B 1063 -3.60 23.11 -40.74
CA LEU B 1063 -3.61 24.39 -41.41
C LEU B 1063 -3.81 25.49 -40.40
N LEU B 1064 -3.01 26.52 -40.55
CA LEU B 1064 -3.05 27.69 -39.69
C LEU B 1064 -3.30 28.93 -40.54
N PRO B 1065 -4.40 29.67 -40.32
CA PRO B 1065 -4.78 30.84 -41.05
C PRO B 1065 -3.85 31.98 -40.69
N THR B 1066 -3.49 32.80 -41.68
CA THR B 1066 -2.63 33.95 -41.42
C THR B 1066 -3.35 35.26 -41.67
N ALA B 1067 -4.46 35.20 -42.39
CA ALA B 1067 -5.27 36.39 -42.70
C ALA B 1067 -6.70 35.99 -42.96
N TYR B 1068 -7.63 36.87 -42.58
CA TYR B 1068 -9.06 36.63 -42.78
C TYR B 1068 -9.67 37.52 -43.84
N GLN B 1069 -10.56 36.97 -44.64
CA GLN B 1069 -11.28 37.73 -45.64
C GLN B 1069 -12.66 38.11 -45.13
N THR B 1070 -13.01 39.38 -45.21
CA THR B 1070 -14.35 39.80 -44.81
C THR B 1070 -15.29 39.79 -46.01
N VAL B 1071 -16.46 39.21 -45.81
CA VAL B 1071 -17.52 39.22 -46.83
C VAL B 1071 -18.81 39.69 -46.18
N THR B 1072 -19.77 40.17 -46.97
CA THR B 1072 -21.05 40.55 -46.39
C THR B 1072 -22.03 39.44 -46.64
N ALA B 1073 -22.44 38.76 -45.59
CA ALA B 1073 -23.26 37.58 -45.70
C ALA B 1073 -24.73 37.90 -45.76
N CYS B 1074 -25.44 37.07 -46.50
CA CYS B 1074 -26.87 37.15 -46.65
C CYS B 1074 -27.52 36.01 -45.87
N SER B 1075 -28.52 36.34 -45.05
CA SER B 1075 -29.20 35.30 -44.28
C SER B 1075 -29.91 34.35 -45.21
N GLY B 1076 -30.48 34.90 -46.27
CA GLY B 1076 -31.25 34.17 -47.25
C GLY B 1076 -31.74 35.16 -48.29
N ILE B 1077 -32.47 34.65 -49.27
CA ILE B 1077 -32.99 35.48 -50.37
C ILE B 1077 -34.52 35.48 -50.37
N CYS B 1078 -35.14 36.69 -50.47
CA CYS B 1078 -36.60 36.76 -50.59
C CYS B 1078 -36.93 37.10 -52.05
N ALA B 1079 -37.67 36.16 -52.68
CA ALA B 1079 -37.90 36.24 -54.11
C ALA B 1079 -39.39 36.19 -54.47
N SER B 1080 -39.75 36.74 -55.64
CA SER B 1080 -41.13 36.77 -56.15
C SER B 1080 -41.13 36.49 -57.65
N ARG B 1084 -47.04 36.18 -55.72
CA ARG B 1084 -46.72 35.12 -54.76
C ARG B 1084 -45.20 35.12 -54.46
N THR B 1085 -44.83 35.58 -53.25
CA THR B 1085 -43.44 35.62 -52.79
C THR B 1085 -43.05 34.31 -52.12
N PHE B 1086 -41.76 34.06 -52.02
CA PHE B 1086 -41.22 32.90 -51.33
C PHE B 1086 -39.81 33.17 -50.84
N GLY B 1087 -39.35 32.40 -49.87
CA GLY B 1087 -37.98 32.54 -49.40
C GLY B 1087 -37.09 31.47 -49.99
N LEU B 1088 -35.81 31.77 -50.08
CA LEU B 1088 -34.82 30.79 -50.49
C LEU B 1088 -33.71 30.73 -49.46
N VAL B 1089 -33.42 29.54 -49.01
CA VAL B 1089 -32.36 29.37 -48.04
C VAL B 1089 -31.36 28.39 -48.59
N VAL B 1090 -30.16 28.38 -48.06
CA VAL B 1090 -29.15 27.48 -48.58
C VAL B 1090 -29.33 26.09 -48.02
N LYS B 1091 -29.38 25.09 -48.89
CA LYS B 1091 -29.59 23.71 -48.50
C LYS B 1091 -28.48 23.17 -47.59
N ASP B 1092 -27.25 23.54 -47.89
CA ASP B 1092 -26.09 23.09 -47.15
C ASP B 1092 -25.71 24.13 -46.09
N VAL B 1093 -26.03 23.83 -44.85
CA VAL B 1093 -25.90 24.79 -43.75
C VAL B 1093 -24.47 25.13 -43.38
N GLN B 1094 -23.51 24.40 -43.93
CA GLN B 1094 -22.10 24.68 -43.66
C GLN B 1094 -21.56 25.81 -44.55
N LEU B 1095 -22.34 26.22 -45.54
CA LEU B 1095 -21.89 27.25 -46.47
C LEU B 1095 -22.45 28.62 -46.14
N THR B 1096 -21.66 29.63 -46.42
CA THR B 1096 -22.06 31.01 -46.25
C THR B 1096 -22.43 31.62 -47.58
N LEU B 1097 -23.57 32.26 -47.63
CA LEU B 1097 -24.02 32.94 -48.84
C LEU B 1097 -23.62 34.39 -48.78
N PHE B 1098 -23.01 34.90 -49.83
CA PHE B 1098 -22.64 36.32 -49.83
C PHE B 1098 -22.74 36.88 -51.23
N ARG B 1099 -22.80 38.19 -51.33
CA ARG B 1099 -22.86 38.80 -52.65
C ARG B 1099 -21.51 39.41 -53.01
N ASN B 1100 -21.05 39.15 -54.23
CA ASN B 1100 -19.74 39.60 -54.70
C ASN B 1100 -19.81 41.00 -55.32
N LEU B 1101 -18.65 41.48 -55.78
CA LEU B 1101 -18.52 42.81 -56.38
C LEU B 1101 -19.26 42.95 -57.70
N ASP B 1102 -19.52 41.82 -58.37
CA ASP B 1102 -20.25 41.85 -59.63
C ASP B 1102 -21.75 41.67 -59.40
N ASP B 1103 -22.15 41.75 -58.13
CA ASP B 1103 -23.53 41.65 -57.69
C ASP B 1103 -24.10 40.22 -57.75
N LYS B 1104 -23.25 39.23 -58.06
CA LYS B 1104 -23.72 37.85 -58.11
C LYS B 1104 -23.60 37.15 -56.76
N PHE B 1105 -24.36 36.08 -56.58
CA PHE B 1105 -24.28 35.30 -55.35
C PHE B 1105 -23.25 34.20 -55.42
N TYR B 1106 -22.51 34.07 -54.33
CA TYR B 1106 -21.52 33.02 -54.13
C TYR B 1106 -21.72 32.30 -52.82
N LEU B 1107 -21.28 31.06 -52.79
CA LEU B 1107 -21.28 30.27 -51.58
C LEU B 1107 -19.85 29.99 -51.19
N THR B 1108 -19.56 29.96 -49.91
CA THR B 1108 -18.21 29.61 -49.48
C THR B 1108 -18.26 28.91 -48.13
N PRO B 1109 -17.47 27.86 -47.91
CA PRO B 1109 -17.38 27.15 -46.67
C PRO B 1109 -16.69 28.03 -45.66
N ARG B 1110 -16.91 27.79 -44.39
CA ARG B 1110 -16.33 28.66 -43.38
C ARG B 1110 -14.97 28.24 -42.87
N THR B 1111 -14.42 27.16 -43.41
CA THR B 1111 -13.11 26.71 -42.95
C THR B 1111 -11.99 27.23 -43.85
N MET B 1112 -12.31 27.53 -45.09
CA MET B 1112 -11.35 28.08 -46.04
C MET B 1112 -12.09 28.94 -47.03
N TYR B 1113 -11.54 30.09 -47.38
CA TYR B 1113 -12.23 30.94 -48.34
C TYR B 1113 -12.04 30.49 -49.78
N GLN B 1114 -12.88 29.55 -50.20
CA GLN B 1114 -12.90 29.01 -51.56
C GLN B 1114 -14.27 29.24 -52.21
N PRO B 1115 -14.55 30.45 -52.72
CA PRO B 1115 -15.85 30.88 -53.21
C PRO B 1115 -16.28 30.11 -54.44
N ARG B 1116 -17.55 29.77 -54.46
CA ARG B 1116 -18.18 29.01 -55.51
C ARG B 1116 -19.39 29.76 -56.05
N ALA B 1117 -19.55 29.87 -57.35
CA ALA B 1117 -20.74 30.55 -57.84
C ALA B 1117 -21.96 29.77 -57.39
N ALA B 1118 -23.00 30.49 -56.93
CA ALA B 1118 -24.21 29.83 -56.47
C ALA B 1118 -25.09 29.41 -57.63
N THR B 1119 -25.79 28.28 -57.50
CA THR B 1119 -26.75 27.91 -58.52
C THR B 1119 -28.09 27.47 -57.93
N SER B 1120 -29.05 27.15 -58.78
CA SER B 1120 -30.40 26.82 -58.32
C SER B 1120 -30.49 25.55 -57.51
N SER B 1121 -29.60 24.61 -57.77
CA SER B 1121 -29.61 23.34 -57.07
C SER B 1121 -29.11 23.47 -55.64
N ASP B 1122 -28.61 24.66 -55.27
CA ASP B 1122 -28.08 24.88 -53.94
C ASP B 1122 -29.12 25.47 -52.99
N PHE B 1123 -30.31 25.79 -53.49
CA PHE B 1123 -31.31 26.49 -52.68
C PHE B 1123 -32.57 25.69 -52.41
N VAL B 1124 -33.21 26.02 -51.30
CA VAL B 1124 -34.46 25.43 -50.86
C VAL B 1124 -35.56 26.48 -50.75
N GLN B 1125 -36.72 26.20 -51.31
CA GLN B 1125 -37.84 27.13 -51.20
C GLN B 1125 -38.60 26.95 -49.90
N ILE B 1126 -38.93 28.06 -49.27
CA ILE B 1126 -39.73 28.08 -48.06
C ILE B 1126 -40.88 29.09 -48.23
N GLU B 1127 -41.93 28.97 -47.42
CA GLU B 1127 -43.06 29.87 -47.55
C GLU B 1127 -42.76 31.33 -47.20
N GLY B 1128 -42.05 31.56 -46.10
CA GLY B 1128 -41.83 32.93 -45.63
C GLY B 1128 -40.45 33.50 -45.93
N CYS B 1129 -40.24 34.75 -45.47
CA CYS B 1129 -38.98 35.50 -45.57
C CYS B 1129 -38.69 36.12 -44.22
N ASP B 1130 -37.42 36.19 -43.84
CA ASP B 1130 -37.07 36.86 -42.59
C ASP B 1130 -36.78 38.34 -42.87
N VAL B 1131 -36.49 39.10 -41.82
CA VAL B 1131 -36.18 40.52 -41.96
C VAL B 1131 -34.74 40.68 -42.39
N LEU B 1132 -33.98 39.63 -42.18
CA LEU B 1132 -32.58 39.63 -42.52
C LEU B 1132 -32.33 39.09 -43.94
N PHE B 1133 -33.39 38.80 -44.69
CA PHE B 1133 -33.24 38.32 -46.06
C PHE B 1133 -33.00 39.48 -47.02
N VAL B 1134 -32.24 39.23 -48.07
CA VAL B 1134 -32.01 40.24 -49.08
C VAL B 1134 -33.05 40.13 -50.18
N ASN B 1135 -33.43 41.29 -50.76
CA ASN B 1135 -34.42 41.34 -51.85
C ASN B 1135 -33.76 40.91 -53.18
N ALA B 1136 -34.38 39.86 -53.80
CA ALA B 1136 -33.93 39.32 -55.09
C ALA B 1136 -34.35 40.23 -56.23
N THR B 1137 -33.55 40.21 -57.28
CA THR B 1137 -33.91 40.89 -58.50
C THR B 1137 -34.08 39.88 -59.62
N GLU B 1138 -34.77 40.28 -60.68
CA GLU B 1138 -35.08 39.39 -61.78
C GLU B 1138 -33.83 38.84 -62.45
N ILE B 1139 -32.78 39.64 -62.49
CA ILE B 1139 -31.54 39.22 -63.12
C ILE B 1139 -30.82 38.07 -62.39
N ASP B 1140 -31.14 37.83 -61.13
CA ASP B 1140 -30.50 36.74 -60.40
C ASP B 1140 -31.30 35.46 -60.48
N LEU B 1141 -32.63 35.60 -60.61
CA LEU B 1141 -33.51 34.45 -60.52
C LEU B 1141 -33.17 33.29 -61.49
N PRO B 1142 -32.75 33.51 -62.74
CA PRO B 1142 -32.37 32.46 -63.68
C PRO B 1142 -31.27 31.52 -63.16
N SER B 1143 -30.42 32.00 -62.24
CA SER B 1143 -29.35 31.16 -61.73
C SER B 1143 -29.63 30.68 -60.32
N ILE B 1144 -30.46 31.43 -59.61
CA ILE B 1144 -30.82 31.14 -58.22
C ILE B 1144 -32.04 30.22 -58.05
N ILE B 1145 -33.07 30.39 -58.90
CA ILE B 1145 -34.31 29.63 -58.86
C ILE B 1145 -35.02 29.74 -60.21
N HIS C 1 -13.26 -73.81 -19.41
CA HIS C 1 -12.23 -73.13 -20.18
C HIS C 1 -11.46 -72.11 -19.30
N TRP C 2 -10.93 -72.61 -18.16
CA TRP C 2 -10.15 -71.82 -17.20
C TRP C 2 -8.92 -71.19 -17.81
N ASN C 3 -8.39 -71.81 -18.83
CA ASN C 3 -7.18 -71.33 -19.47
C ASN C 3 -7.39 -69.95 -20.09
N LEU C 4 -8.63 -69.60 -20.40
CA LEU C 4 -8.88 -68.29 -20.97
C LEU C 4 -8.68 -67.23 -19.88
N ILE C 5 -9.11 -67.56 -18.67
CA ILE C 5 -8.98 -66.66 -17.53
C ILE C 5 -7.51 -66.58 -17.16
N GLU C 6 -6.85 -67.73 -17.14
CA GLU C 6 -5.44 -67.79 -16.78
C GLU C 6 -4.58 -66.98 -17.74
N ASN C 7 -4.85 -67.08 -19.04
CA ASN C 7 -4.06 -66.35 -20.01
C ASN C 7 -4.24 -64.85 -19.84
N PHE C 8 -5.49 -64.44 -19.57
CA PHE C 8 -5.76 -63.03 -19.34
C PHE C 8 -4.93 -62.52 -18.18
N LEU C 9 -4.96 -63.26 -17.08
CA LEU C 9 -4.27 -62.87 -15.86
C LEU C 9 -2.76 -62.85 -16.04
N LEU C 10 -2.21 -63.81 -16.78
CA LEU C 10 -0.77 -63.81 -17.01
C LEU C 10 -0.31 -62.57 -17.79
N ASN C 11 -1.09 -62.18 -18.82
CA ASN C 11 -0.83 -60.99 -19.65
C ASN C 11 -0.98 -59.70 -18.85
N TYR C 12 -1.98 -59.65 -17.96
CA TYR C 12 -2.28 -58.54 -17.06
C TYR C 12 -1.10 -58.32 -16.11
N SER C 13 -0.62 -59.42 -15.52
CA SER C 13 0.54 -59.34 -14.59
C SER C 13 1.86 -59.44 -15.36
N ILE C 14 2.03 -58.63 -16.41
CA ILE C 14 3.29 -58.64 -17.20
C ILE C 14 4.26 -57.58 -16.69
N ARG C 15 3.83 -56.76 -15.72
CA ARG C 15 4.68 -55.66 -15.21
C ARG C 15 5.01 -55.90 -13.74
N LEU C 16 5.14 -57.16 -13.32
CA LEU C 16 5.53 -57.46 -11.91
C LEU C 16 7.04 -57.68 -11.85
N PRO C 17 7.78 -56.97 -10.97
CA PRO C 17 9.23 -57.12 -10.88
C PRO C 17 9.61 -58.59 -10.63
N PRO C 18 10.86 -59.01 -10.95
CA PRO C 18 11.30 -60.39 -10.77
C PRO C 18 10.61 -61.17 -9.63
N ASN C 19 11.20 -61.20 -8.44
CA ASN C 19 10.64 -62.03 -7.32
C ASN C 19 9.34 -61.43 -6.82
N SER C 20 8.23 -61.69 -7.50
CA SER C 20 6.93 -61.19 -7.07
C SER C 20 6.02 -62.27 -6.51
N ASP C 21 5.37 -61.94 -5.39
CA ASP C 21 4.32 -62.75 -4.78
C ASP C 21 3.28 -61.80 -4.23
N VAL C 22 2.27 -61.54 -5.03
CA VAL C 22 1.30 -60.50 -4.73
C VAL C 22 -0.12 -60.89 -5.09
N VAL C 23 -1.07 -60.36 -4.31
CA VAL C 23 -2.51 -60.60 -4.58
C VAL C 23 -3.07 -59.43 -5.38
N LEU C 24 -3.56 -59.68 -6.59
CA LEU C 24 -4.10 -58.65 -7.45
C LEU C 24 -5.61 -58.62 -7.33
N GLY C 25 -6.15 -57.50 -6.87
CA GLY C 25 -7.59 -57.37 -6.71
C GLY C 25 -8.12 -56.35 -7.69
N ASP C 26 -8.94 -56.83 -8.63
CA ASP C 26 -9.46 -55.96 -9.67
C ASP C 26 -10.77 -56.50 -10.25
N TYR C 27 -11.33 -55.78 -11.19
CA TYR C 27 -12.53 -56.22 -11.88
C TYR C 27 -12.15 -57.17 -13.00
N PHE C 28 -11.63 -58.32 -12.59
CA PHE C 28 -11.16 -59.36 -13.47
C PHE C 28 -12.33 -60.16 -13.99
N PRO C 29 -12.20 -60.79 -15.16
CA PRO C 29 -13.17 -61.68 -15.75
C PRO C 29 -13.50 -62.77 -14.75
N THR C 30 -14.78 -63.10 -14.66
CA THR C 30 -15.26 -64.12 -13.76
C THR C 30 -15.72 -65.36 -14.49
N VAL C 31 -16.10 -66.37 -13.73
CA VAL C 31 -16.59 -67.60 -14.32
C VAL C 31 -18.02 -67.92 -13.93
N VAL C 75 -15.12 -57.04 -7.34
CA VAL C 75 -13.70 -57.37 -7.36
C VAL C 75 -13.40 -58.83 -7.05
N THR C 76 -12.54 -59.41 -7.89
CA THR C 76 -12.08 -60.78 -7.74
C THR C 76 -10.60 -60.77 -7.43
N TYR C 77 -10.16 -61.64 -6.51
CA TYR C 77 -8.74 -61.61 -6.06
C TYR C 77 -7.96 -62.83 -6.54
N TYR C 78 -6.86 -62.61 -7.25
CA TYR C 78 -5.98 -63.68 -7.71
C TYR C 78 -4.59 -63.50 -7.18
N ARG C 79 -3.90 -64.60 -6.94
CA ARG C 79 -2.53 -64.52 -6.45
C ARG C 79 -1.54 -64.97 -7.50
N VAL C 80 -0.56 -64.12 -7.74
CA VAL C 80 0.45 -64.43 -8.74
C VAL C 80 1.83 -64.52 -8.13
N ASN C 81 2.55 -65.58 -8.47
CA ASN C 81 3.86 -65.85 -7.92
C ASN C 81 4.85 -66.31 -8.98
N ASN C 82 5.84 -65.49 -9.29
CA ASN C 82 6.80 -65.82 -10.35
C ASN C 82 8.21 -65.98 -9.79
N LYS C 83 8.30 -66.26 -8.49
CA LYS C 83 9.59 -66.32 -7.83
C LYS C 83 10.56 -67.40 -8.36
N ASN C 84 10.03 -68.53 -8.88
CA ASN C 84 10.87 -69.64 -9.38
C ASN C 84 11.20 -69.51 -10.88
N GLY C 85 10.82 -68.37 -11.52
CA GLY C 85 11.08 -68.11 -12.95
C GLY C 85 9.87 -68.33 -13.85
N THR C 86 8.86 -69.03 -13.35
CA THR C 86 7.64 -69.26 -14.12
C THR C 86 6.49 -68.58 -13.41
N THR C 87 5.68 -67.83 -14.15
CA THR C 87 4.58 -67.15 -13.49
C THR C 87 3.41 -68.11 -13.27
N ILE C 88 3.02 -68.27 -12.01
CA ILE C 88 1.96 -69.16 -11.62
C ILE C 88 0.76 -68.40 -11.07
N VAL C 89 -0.44 -68.77 -11.51
CA VAL C 89 -1.66 -68.11 -11.09
C VAL C 89 -2.59 -69.04 -10.30
N SER C 90 -3.01 -68.59 -9.12
CA SER C 90 -3.92 -69.36 -8.26
C SER C 90 -4.85 -68.40 -7.49
N ASN C 91 -5.84 -68.96 -6.81
CA ASN C 91 -6.85 -68.10 -6.12
C ASN C 91 -6.35 -67.73 -4.72
N CYS C 92 -6.99 -66.75 -4.09
CA CYS C 92 -6.60 -66.41 -2.70
C CYS C 92 -7.87 -66.30 -1.84
N THR C 93 -7.81 -66.78 -0.60
CA THR C 93 -8.95 -66.65 0.33
C THR C 93 -8.47 -65.84 1.55
N ASP C 94 -8.32 -66.50 2.71
CA ASP C 94 -7.76 -65.80 3.89
C ASP C 94 -8.34 -64.37 3.93
N GLN C 95 -7.47 -63.37 3.90
CA GLN C 95 -7.94 -61.95 3.90
C GLN C 95 -7.31 -61.25 2.70
N CYS C 96 -7.72 -61.62 1.48
CA CYS C 96 -7.08 -61.05 0.27
C CYS C 96 -7.12 -59.52 0.32
N ALA C 97 -8.24 -58.94 0.73
CA ALA C 97 -8.37 -57.46 0.72
C ALA C 97 -7.27 -56.86 1.60
N SER C 98 -7.02 -57.45 2.76
CA SER C 98 -5.96 -56.95 3.67
C SER C 98 -4.60 -57.10 2.99
N TYR C 99 -4.38 -58.22 2.30
CA TYR C 99 -3.07 -58.47 1.65
C TYR C 99 -2.82 -57.39 0.59
N VAL C 100 -3.86 -56.99 -0.15
CA VAL C 100 -3.68 -55.99 -1.24
C VAL C 100 -3.58 -54.60 -0.62
N ASP C 101 -3.90 -54.46 0.67
CA ASP C 101 -3.91 -53.16 1.29
C ASP C 101 -2.62 -52.96 2.08
N ASN C 102 -1.80 -54.01 2.20
CA ASN C 102 -0.61 -53.93 3.04
C ASN C 102 0.68 -54.42 2.38
N VAL C 103 0.58 -55.33 1.42
CA VAL C 103 1.76 -55.89 0.81
C VAL C 103 1.89 -55.50 -0.66
N PHE C 104 3.02 -54.91 -1.00
CA PHE C 104 3.30 -54.46 -2.35
C PHE C 104 4.57 -55.05 -2.89
N THR C 105 4.70 -55.06 -4.20
CA THR C 105 5.92 -55.50 -4.86
C THR C 105 6.85 -54.31 -5.04
N THR C 106 8.09 -54.43 -4.59
CA THR C 106 9.05 -53.33 -4.67
C THR C 106 9.52 -53.15 -6.12
N GLN C 107 9.52 -51.91 -6.59
CA GLN C 107 9.92 -51.63 -7.95
C GLN C 107 11.42 -51.37 -7.99
N PRO C 108 12.09 -51.51 -9.14
CA PRO C 108 13.50 -51.25 -9.31
C PRO C 108 13.82 -49.86 -8.79
N GLY C 109 14.89 -49.76 -8.00
CA GLY C 109 15.27 -48.49 -7.41
C GLY C 109 14.71 -48.36 -5.99
N GLY C 110 13.84 -49.29 -5.61
CA GLY C 110 13.24 -49.29 -4.28
C GLY C 110 12.00 -48.41 -4.20
N LEU C 111 11.37 -48.12 -5.33
CA LEU C 111 10.21 -47.27 -5.26
C LEU C 111 8.96 -48.08 -4.94
N ILE C 112 8.04 -47.44 -4.23
CA ILE C 112 6.76 -48.03 -3.89
C ILE C 112 5.80 -47.81 -5.06
N PRO C 113 5.06 -48.82 -5.52
CA PRO C 113 4.11 -48.75 -6.61
C PRO C 113 3.10 -47.63 -6.38
N SER C 114 2.73 -46.95 -7.45
CA SER C 114 1.79 -45.84 -7.39
C SER C 114 0.38 -46.27 -7.01
N ASP C 115 0.12 -47.57 -7.08
CA ASP C 115 -1.18 -48.12 -6.74
C ASP C 115 -1.24 -48.71 -5.33
N PHE C 116 -0.22 -48.44 -4.52
CA PHE C 116 -0.21 -48.89 -3.14
C PHE C 116 -0.94 -47.90 -2.26
N SER C 117 -1.90 -48.38 -1.48
CA SER C 117 -2.74 -47.51 -0.65
C SER C 117 -2.07 -46.91 0.58
N PHE C 118 -0.90 -47.40 0.95
CA PHE C 118 -0.19 -46.95 2.15
C PHE C 118 -0.93 -47.16 3.46
N ASN C 119 -1.58 -48.30 3.61
CA ASN C 119 -2.24 -48.60 4.86
C ASN C 119 -1.22 -48.70 5.97
N ASN C 120 -1.44 -47.93 7.03
CA ASN C 120 -0.57 -47.86 8.19
C ASN C 120 0.82 -47.29 7.91
N TRP C 121 0.99 -46.55 6.83
CA TRP C 121 2.26 -45.86 6.62
C TRP C 121 2.09 -44.40 6.99
N PHE C 122 2.70 -43.99 8.10
CA PHE C 122 2.54 -42.65 8.61
C PHE C 122 3.71 -41.77 8.28
N LEU C 123 3.47 -40.47 8.16
CA LEU C 123 4.54 -39.52 7.98
C LEU C 123 5.36 -39.50 9.26
N LEU C 124 6.68 -39.50 9.16
CA LEU C 124 7.47 -39.41 10.39
C LEU C 124 7.74 -37.96 10.69
N THR C 125 7.29 -37.54 11.87
CA THR C 125 7.45 -36.15 12.27
C THR C 125 7.95 -36.03 13.70
N ASN C 126 8.56 -34.87 14.02
CA ASN C 126 9.00 -34.51 15.37
C ASN C 126 7.95 -33.65 16.10
N SER C 127 7.03 -33.02 15.34
CA SER C 127 5.97 -32.15 15.85
C SER C 127 4.93 -32.95 16.62
N SER C 128 4.35 -32.34 17.65
CA SER C 128 3.31 -32.99 18.43
C SER C 128 1.93 -32.87 17.80
N THR C 129 1.82 -32.01 16.80
CA THR C 129 0.52 -31.71 16.20
C THR C 129 0.20 -32.55 14.98
N VAL C 130 -0.98 -32.29 14.41
CA VAL C 130 -1.49 -33.05 13.28
C VAL C 130 -1.27 -32.25 12.00
N VAL C 131 -0.51 -32.79 11.07
CA VAL C 131 -0.16 -32.07 9.85
C VAL C 131 -0.80 -32.69 8.62
N SER C 132 -1.47 -31.88 7.82
CA SER C 132 -2.14 -32.40 6.63
C SER C 132 -2.02 -31.47 5.45
N GLY C 133 -1.94 -32.06 4.27
CA GLY C 133 -1.84 -31.32 3.03
C GLY C 133 -0.72 -31.89 2.16
N LYS C 134 -0.31 -31.13 1.15
CA LYS C 134 0.73 -31.56 0.24
C LYS C 134 2.05 -30.92 0.64
N LEU C 135 3.03 -31.75 0.97
CA LEU C 135 4.32 -31.27 1.46
C LEU C 135 5.50 -32.03 0.87
N VAL C 136 6.63 -31.36 0.72
CA VAL C 136 7.83 -32.05 0.24
C VAL C 136 8.82 -32.21 1.37
N THR C 137 9.07 -33.45 1.73
CA THR C 137 9.92 -33.77 2.87
C THR C 137 10.89 -34.91 2.61
N ARG C 138 11.85 -35.05 3.51
CA ARG C 138 12.78 -36.16 3.47
C ARG C 138 12.27 -37.29 4.36
N GLN C 139 11.81 -38.36 3.73
CA GLN C 139 11.14 -39.45 4.41
C GLN C 139 11.68 -40.80 3.95
N PRO C 140 11.65 -41.82 4.81
CA PRO C 140 12.10 -43.17 4.53
C PRO C 140 11.11 -43.93 3.68
N LEU C 141 10.92 -43.47 2.44
CA LEU C 141 9.98 -44.05 1.50
C LEU C 141 10.64 -44.84 0.39
N VAL C 142 11.94 -45.06 0.47
CA VAL C 142 12.61 -45.93 -0.48
C VAL C 142 12.84 -47.25 0.18
N VAL C 143 12.35 -48.31 -0.42
CA VAL C 143 12.39 -49.60 0.21
C VAL C 143 13.52 -50.43 -0.32
N ASN C 144 14.48 -50.72 0.54
CA ASN C 144 15.60 -51.55 0.14
C ASN C 144 15.17 -53.01 0.03
N CYS C 145 14.29 -53.45 0.94
CA CYS C 145 13.72 -54.80 0.95
C CYS C 145 12.40 -54.81 1.71
N LEU C 146 11.38 -55.39 1.08
CA LEU C 146 10.12 -55.55 1.79
C LEU C 146 9.95 -57.00 2.15
N TRP C 147 9.79 -57.29 3.44
CA TRP C 147 9.62 -58.65 3.90
C TRP C 147 8.19 -58.87 4.41
N PRO C 148 7.27 -59.39 3.57
CA PRO C 148 5.87 -59.53 3.87
C PRO C 148 5.59 -60.63 4.86
N VAL C 149 4.54 -60.45 5.66
CA VAL C 149 4.04 -61.46 6.58
C VAL C 149 5.18 -62.29 7.17
N PRO C 150 6.08 -61.68 7.94
CA PRO C 150 7.27 -62.29 8.46
C PRO C 150 6.89 -63.38 9.43
N SER C 151 7.70 -64.41 9.49
CA SER C 151 7.49 -65.53 10.41
C SER C 151 8.79 -65.80 11.12
N PHE C 152 8.73 -65.78 12.44
CA PHE C 152 9.92 -65.89 13.24
C PHE C 152 10.06 -67.29 13.82
N LYS C 153 11.30 -67.72 14.01
CA LYS C 153 11.61 -69.03 14.60
C LYS C 153 11.13 -69.10 16.05
N GLU C 154 11.22 -67.98 16.75
CA GLU C 154 10.81 -67.89 18.14
C GLU C 154 10.03 -66.60 18.35
N ALA C 155 9.56 -66.38 19.56
CA ALA C 155 8.83 -65.15 19.88
C ALA C 155 9.69 -63.92 19.64
N ALA C 156 10.99 -64.04 19.87
CA ALA C 156 11.90 -62.90 19.72
C ALA C 156 12.67 -62.94 18.42
N SER C 157 13.06 -61.76 17.94
CA SER C 157 13.87 -61.61 16.74
C SER C 157 14.81 -60.42 16.81
N THR C 158 15.85 -60.44 15.98
CA THR C 158 16.83 -59.36 15.93
C THR C 158 17.02 -58.81 14.53
N PHE C 159 17.08 -57.49 14.44
CA PHE C 159 17.33 -56.76 13.20
C PHE C 159 18.50 -55.81 13.41
N CYS C 160 19.32 -55.54 12.39
CA CYS C 160 20.42 -54.61 12.43
C CYS C 160 20.41 -53.61 11.32
N PHE C 161 20.97 -52.42 11.53
CA PHE C 161 20.86 -51.37 10.50
C PHE C 161 21.98 -51.67 9.50
N GLU C 162 23.07 -52.30 9.95
CA GLU C 162 24.22 -52.59 9.07
C GLU C 162 24.38 -54.00 8.48
N GLY C 163 24.69 -54.96 9.35
CA GLY C 163 24.88 -56.35 8.89
C GLY C 163 23.62 -57.09 8.47
N ALA C 164 22.52 -56.36 8.26
CA ALA C 164 21.23 -56.99 7.90
C ALA C 164 21.39 -57.79 6.61
N GLY C 165 20.65 -58.89 6.48
CA GLY C 165 20.68 -59.69 5.24
C GLY C 165 19.31 -59.75 4.60
N PHE C 166 19.22 -59.46 3.31
CA PHE C 166 17.91 -59.46 2.60
C PHE C 166 17.78 -60.78 1.81
N ASP C 167 16.84 -61.64 2.22
CA ASP C 167 16.68 -62.96 1.57
C ASP C 167 15.21 -63.22 1.26
N GLN C 168 14.30 -62.42 1.82
CA GLN C 168 12.85 -62.65 1.63
C GLN C 168 12.22 -61.37 1.06
N CYS C 169 12.93 -60.69 0.17
CA CYS C 169 12.43 -59.39 -0.38
C CYS C 169 11.34 -59.63 -1.42
N ASN C 170 10.18 -59.00 -1.25
CA ASN C 170 9.10 -59.10 -2.26
C ASN C 170 9.41 -58.06 -3.34
N GLY C 171 9.74 -58.51 -4.56
CA GLY C 171 10.08 -57.60 -5.64
C GLY C 171 11.56 -57.27 -5.63
N ALA C 172 11.90 -56.13 -6.21
CA ALA C 172 13.29 -55.74 -6.39
C ALA C 172 13.96 -55.52 -5.05
N VAL C 173 15.25 -55.85 -4.97
CA VAL C 173 16.02 -55.59 -3.77
C VAL C 173 17.16 -54.65 -4.10
N LEU C 174 17.30 -53.62 -3.28
CA LEU C 174 18.35 -52.64 -3.48
C LEU C 174 19.41 -52.78 -2.40
N ASN C 175 20.64 -53.02 -2.83
CA ASN C 175 21.70 -53.30 -1.86
C ASN C 175 22.36 -52.03 -1.32
N ASN C 176 21.81 -51.53 -0.24
CA ASN C 176 22.30 -50.32 0.43
C ASN C 176 22.13 -50.42 1.94
N THR C 177 22.56 -49.38 2.64
CA THR C 177 22.44 -49.31 4.10
C THR C 177 21.04 -48.88 4.47
N VAL C 178 20.47 -49.51 5.49
CA VAL C 178 19.13 -49.20 5.95
C VAL C 178 19.12 -48.06 6.95
N ASP C 179 18.26 -47.05 6.74
CA ASP C 179 18.17 -45.95 7.68
C ASP C 179 17.06 -46.18 8.68
N VAL C 180 15.95 -46.73 8.21
CA VAL C 180 14.78 -46.95 9.07
C VAL C 180 14.17 -48.32 8.87
N ILE C 181 13.82 -48.98 9.97
CA ILE C 181 13.10 -50.25 9.88
C ILE C 181 11.66 -50.00 10.30
N ARG C 182 10.74 -50.21 9.35
CA ARG C 182 9.34 -49.89 9.59
C ARG C 182 8.49 -51.14 9.78
N PHE C 183 7.81 -51.21 10.91
CA PHE C 183 6.97 -52.35 11.25
C PHE C 183 5.49 -52.06 11.06
N ASN C 184 4.90 -52.65 10.03
CA ASN C 184 3.46 -52.49 9.76
C ASN C 184 2.73 -53.54 10.57
N LEU C 185 2.06 -53.12 11.63
CA LEU C 185 1.48 -54.05 12.60
C LEU C 185 0.16 -54.63 12.11
N ASN C 186 -0.08 -55.93 12.38
CA ASN C 186 -1.34 -56.60 12.08
C ASN C 186 -2.35 -56.45 13.23
N PHE C 187 -3.50 -55.83 12.96
CA PHE C 187 -4.58 -55.64 13.94
C PHE C 187 -5.92 -55.50 13.23
N THR C 188 -7.01 -55.63 13.98
CA THR C 188 -8.35 -55.41 13.47
C THR C 188 -9.03 -54.34 14.34
N ALA C 189 -9.87 -53.53 13.73
CA ALA C 189 -10.57 -52.50 14.49
C ALA C 189 -11.50 -53.12 15.53
N ASP C 190 -11.53 -52.51 16.70
CA ASP C 190 -12.39 -52.90 17.82
C ASP C 190 -12.26 -54.35 18.26
N VAL C 191 -11.03 -54.89 18.30
CA VAL C 191 -10.85 -56.27 18.78
C VAL C 191 -10.16 -56.39 20.14
N GLN C 192 -9.14 -55.58 20.38
CA GLN C 192 -8.35 -55.70 21.61
C GLN C 192 -7.85 -57.13 21.80
N SER C 193 -7.24 -57.68 20.76
CA SER C 193 -6.73 -59.04 20.76
C SER C 193 -5.43 -59.15 21.54
N GLY C 194 -5.06 -60.37 21.90
CA GLY C 194 -3.84 -60.61 22.66
C GLY C 194 -2.59 -60.56 21.80
N MET C 195 -2.32 -59.41 21.20
CA MET C 195 -1.15 -59.22 20.35
C MET C 195 -0.41 -57.98 20.78
N GLY C 196 0.91 -58.06 20.78
CA GLY C 196 1.76 -56.95 21.17
C GLY C 196 3.16 -57.43 21.46
N ALA C 197 4.02 -56.50 21.83
CA ALA C 197 5.40 -56.82 22.15
C ALA C 197 5.62 -56.67 23.63
N THR C 198 6.36 -57.58 24.22
CA THR C 198 6.70 -57.44 25.63
C THR C 198 7.68 -56.30 25.79
N VAL C 199 8.66 -56.29 24.92
CA VAL C 199 9.70 -55.29 25.00
C VAL C 199 10.43 -55.03 23.69
N PHE C 200 10.82 -53.77 23.47
CA PHE C 200 11.74 -53.41 22.40
C PHE C 200 13.10 -53.05 22.97
N SER C 201 14.12 -53.75 22.52
CA SER C 201 15.47 -53.57 23.03
C SER C 201 16.37 -52.89 22.01
N LEU C 202 16.86 -51.71 22.35
CA LEU C 202 17.67 -50.91 21.45
C LEU C 202 19.16 -50.97 21.85
N ASN C 203 20.01 -51.51 20.95
CA ASN C 203 21.46 -51.62 21.19
C ASN C 203 22.17 -50.39 20.58
N THR C 204 22.55 -49.44 21.49
CA THR C 204 23.15 -48.16 21.07
C THR C 204 24.61 -48.39 20.69
N THR C 205 25.27 -47.32 20.27
CA THR C 205 26.70 -47.40 19.86
C THR C 205 27.53 -48.08 20.96
N GLY C 206 27.75 -47.41 22.08
CA GLY C 206 28.63 -47.96 23.13
C GLY C 206 28.30 -49.39 23.47
N GLY C 207 27.01 -49.76 23.44
CA GLY C 207 26.58 -51.11 23.83
C GLY C 207 25.46 -51.03 24.86
N VAL C 208 25.26 -49.85 25.42
CA VAL C 208 24.17 -49.65 26.43
C VAL C 208 22.88 -50.20 25.84
N ILE C 209 22.26 -51.18 26.52
CA ILE C 209 20.98 -51.68 26.04
C ILE C 209 19.86 -50.96 26.73
N LEU C 210 19.06 -50.24 25.97
CA LEU C 210 17.93 -49.54 26.54
C LEU C 210 16.67 -50.27 26.11
N GLU C 211 15.74 -50.47 27.03
CA GLU C 211 14.54 -51.20 26.67
C GLU C 211 13.27 -50.39 26.83
N ILE C 212 12.34 -50.55 25.92
CA ILE C 212 11.08 -49.85 26.04
C ILE C 212 9.96 -50.83 26.34
N SER C 213 9.22 -50.54 27.40
CA SER C 213 8.09 -51.38 27.81
C SER C 213 7.05 -50.49 28.50
N CYS C 214 5.75 -50.78 28.31
CA CYS C 214 4.68 -49.95 28.82
C CYS C 214 3.82 -50.70 29.84
N TYR C 215 3.31 -50.01 30.85
CA TYR C 215 2.61 -50.65 31.97
C TYR C 215 1.14 -50.24 32.11
N ASN C 216 0.36 -51.08 32.79
CA ASN C 216 -1.07 -50.83 33.02
C ASN C 216 -1.30 -49.67 33.98
N ASP C 217 -0.36 -49.44 34.86
CA ASP C 217 -0.43 -48.36 35.83
C ASP C 217 0.95 -47.74 35.95
N ILE C 218 1.07 -46.72 36.78
CA ILE C 218 2.37 -46.08 36.97
C ILE C 218 3.24 -46.90 37.92
N VAL C 219 4.49 -47.11 37.51
CA VAL C 219 5.45 -47.89 38.35
C VAL C 219 5.96 -46.98 39.47
N SER C 220 6.10 -47.51 40.69
CA SER C 220 6.54 -46.70 41.85
C SER C 220 7.44 -47.55 42.77
N TYR C 225 11.56 -54.93 38.49
CA TYR C 225 12.27 -55.39 37.26
C TYR C 225 11.25 -55.92 36.26
N SER C 226 10.06 -56.29 36.75
CA SER C 226 9.03 -56.87 35.85
C SER C 226 8.85 -56.01 34.60
N TYR C 227 8.88 -56.63 33.41
CA TYR C 227 8.65 -55.87 32.16
C TYR C 227 7.14 -55.67 32.00
N GLY C 228 6.71 -55.08 30.88
CA GLY C 228 5.28 -54.79 30.72
C GLY C 228 4.73 -55.30 29.40
N ASP C 229 3.84 -54.53 28.77
CA ASP C 229 3.20 -54.96 27.53
C ASP C 229 2.87 -53.78 26.58
N ILE C 230 3.33 -53.86 25.34
CA ILE C 230 3.03 -52.86 24.32
C ILE C 230 2.06 -53.44 23.30
N PRO C 231 0.76 -53.14 23.39
CA PRO C 231 -0.28 -53.73 22.60
C PRO C 231 -0.22 -53.26 21.17
N PHE C 232 -0.67 -54.11 20.26
CA PHE C 232 -0.81 -53.71 18.86
C PHE C 232 -2.28 -53.48 18.61
N GLY C 233 -2.62 -52.45 17.85
CA GLY C 233 -4.00 -52.16 17.58
C GLY C 233 -4.65 -51.45 18.76
N ILE C 234 -5.90 -51.78 19.02
CA ILE C 234 -6.73 -51.11 20.02
C ILE C 234 -6.43 -51.59 21.43
N THR C 235 -6.26 -50.65 22.35
CA THR C 235 -6.01 -51.03 23.75
C THR C 235 -7.24 -50.84 24.62
N ASP C 236 -7.30 -51.61 25.70
CA ASP C 236 -8.40 -51.56 26.65
C ASP C 236 -8.30 -50.40 27.64
N GLY C 237 -7.18 -49.68 27.63
CA GLY C 237 -7.00 -48.57 28.55
C GLY C 237 -5.65 -47.90 28.37
N PRO C 238 -5.22 -47.07 29.32
CA PRO C 238 -4.00 -46.30 29.29
C PRO C 238 -2.79 -47.20 29.47
N ARG C 239 -1.67 -46.79 28.90
CA ARG C 239 -0.41 -47.48 29.07
C ARG C 239 0.71 -46.48 29.28
N TYR C 240 1.46 -46.66 30.35
CA TYR C 240 2.55 -45.76 30.72
C TYR C 240 3.89 -46.33 30.29
N CYS C 241 4.57 -45.67 29.35
CA CYS C 241 5.80 -46.17 28.74
C CYS C 241 7.04 -45.62 29.37
N TYR C 242 7.94 -46.54 29.69
CA TYR C 242 9.22 -46.22 30.27
C TYR C 242 10.37 -46.83 29.51
N VAL C 243 11.50 -46.18 29.61
CA VAL C 243 12.75 -46.71 29.14
C VAL C 243 13.32 -47.44 30.35
N LEU C 244 13.75 -48.68 30.18
CA LEU C 244 14.30 -49.48 31.25
C LEU C 244 15.81 -49.58 31.10
N TYR C 245 16.48 -49.81 32.22
CA TYR C 245 17.92 -50.07 32.28
C TYR C 245 18.13 -50.86 33.59
N ASN C 246 18.87 -51.98 33.51
CA ASN C 246 19.03 -52.87 34.69
C ASN C 246 17.64 -53.21 35.21
N GLY C 247 16.64 -53.19 34.33
CA GLY C 247 15.25 -53.48 34.74
C GLY C 247 14.69 -52.34 35.57
N THR C 248 15.53 -51.34 35.86
CA THR C 248 15.09 -50.18 36.69
C THR C 248 14.67 -49.07 35.73
N THR C 249 13.43 -48.57 35.89
CA THR C 249 12.93 -47.51 34.98
C THR C 249 13.97 -46.40 34.91
N LEU C 250 14.33 -45.96 33.71
CA LEU C 250 15.32 -44.87 33.54
C LEU C 250 14.60 -43.60 33.09
N LYS C 251 13.56 -43.72 32.26
CA LYS C 251 12.83 -42.50 31.90
C LYS C 251 11.38 -42.75 31.61
N TYR C 252 10.53 -41.80 31.96
CA TYR C 252 9.13 -41.84 31.57
C TYR C 252 8.96 -41.14 30.23
N LEU C 253 8.41 -41.87 29.26
CA LEU C 253 8.25 -41.33 27.92
C LEU C 253 6.88 -40.74 27.69
N GLY C 254 5.87 -41.40 28.21
CA GLY C 254 4.53 -40.89 27.97
C GLY C 254 3.49 -41.98 27.89
N THR C 255 2.33 -41.62 27.37
CA THR C 255 1.22 -42.53 27.29
C THR C 255 0.95 -42.89 25.84
N LEU C 256 0.72 -44.18 25.57
CA LEU C 256 0.45 -44.64 24.20
C LEU C 256 -0.89 -44.09 23.71
N PRO C 257 -1.05 -43.92 22.40
CA PRO C 257 -2.28 -43.54 21.74
C PRO C 257 -3.27 -44.70 21.84
N PRO C 258 -4.58 -44.44 21.68
CA PRO C 258 -5.67 -45.41 21.70
C PRO C 258 -5.43 -46.58 20.77
N SER C 259 -4.65 -46.34 19.72
CA SER C 259 -4.35 -47.36 18.75
C SER C 259 -2.92 -47.27 18.26
N VAL C 260 -2.19 -48.38 18.33
CA VAL C 260 -0.82 -48.45 17.85
C VAL C 260 -0.80 -49.21 16.53
N LYS C 261 -0.49 -48.49 15.45
CA LYS C 261 -0.62 -49.04 14.11
C LYS C 261 0.73 -49.26 13.44
N GLU C 262 1.70 -48.42 13.79
CA GLU C 262 3.02 -48.51 13.19
C GLU C 262 4.12 -48.20 14.18
N ILE C 263 5.18 -48.99 14.12
CA ILE C 263 6.37 -48.70 14.89
C ILE C 263 7.53 -48.54 13.93
N ALA C 264 8.28 -47.45 14.03
CA ALA C 264 9.40 -47.25 13.11
C ALA C 264 10.63 -46.83 13.88
N ILE C 265 11.73 -47.51 13.63
CA ILE C 265 12.94 -47.23 14.38
C ILE C 265 14.06 -46.82 13.45
N SER C 266 14.66 -45.67 13.72
CA SER C 266 15.73 -45.19 12.88
C SER C 266 17.11 -45.49 13.43
N LYS C 267 18.07 -45.53 12.50
CA LYS C 267 19.48 -45.71 12.78
C LYS C 267 19.99 -44.64 13.71
N TRP C 268 19.43 -43.46 13.58
CA TRP C 268 19.94 -42.30 14.29
C TRP C 268 19.40 -42.17 15.71
N GLY C 269 18.69 -43.18 16.20
CA GLY C 269 18.26 -43.16 17.58
C GLY C 269 16.85 -42.64 17.82
N HIS C 270 16.02 -42.61 16.79
CA HIS C 270 14.66 -42.11 16.97
C HIS C 270 13.62 -43.21 16.82
N PHE C 271 12.78 -43.35 17.84
CA PHE C 271 11.74 -44.37 17.93
C PHE C 271 10.37 -43.72 17.73
N TYR C 272 9.69 -44.08 16.66
CA TYR C 272 8.41 -43.46 16.32
C TYR C 272 7.21 -44.39 16.54
N ILE C 273 6.11 -43.83 17.03
CA ILE C 273 4.84 -44.55 17.11
C ILE C 273 3.77 -43.80 16.31
N ASN C 274 3.25 -44.45 15.29
CA ASN C 274 2.25 -43.87 14.39
C ASN C 274 2.74 -42.56 13.79
N GLY C 275 4.03 -42.48 13.51
CA GLY C 275 4.61 -41.28 12.93
C GLY C 275 5.14 -40.27 13.94
N TYR C 276 4.84 -40.42 15.21
CA TYR C 276 5.33 -39.41 16.16
C TYR C 276 6.58 -39.86 16.90
N ASN C 277 7.56 -38.95 16.98
CA ASN C 277 8.80 -39.29 17.68
C ASN C 277 8.50 -39.42 19.16
N PHE C 278 8.58 -40.63 19.66
CA PHE C 278 8.20 -40.97 21.01
C PHE C 278 9.41 -40.94 21.93
N PHE C 279 10.54 -41.40 21.41
CA PHE C 279 11.78 -41.47 22.17
C PHE C 279 13.01 -41.23 21.32
N SER C 280 13.97 -40.48 21.86
CA SER C 280 15.22 -40.27 21.13
C SER C 280 16.44 -40.53 22.00
N THR C 281 17.46 -41.13 21.41
CA THR C 281 18.71 -41.47 22.10
C THR C 281 19.91 -41.46 21.15
N PHE C 282 20.97 -42.15 21.54
CA PHE C 282 22.19 -42.24 20.75
C PHE C 282 21.94 -43.19 19.58
N PRO C 283 22.73 -43.13 18.50
CA PRO C 283 22.56 -43.96 17.33
C PRO C 283 22.50 -45.42 17.73
N ILE C 284 21.73 -46.17 16.97
CA ILE C 284 21.45 -47.56 17.23
C ILE C 284 22.14 -48.48 16.24
N ASP C 285 22.92 -49.42 16.75
CA ASP C 285 23.56 -50.39 15.87
C ASP C 285 22.59 -51.51 15.48
N CYS C 286 21.84 -52.02 16.48
CA CYS C 286 20.90 -53.14 16.31
C CYS C 286 19.67 -52.93 17.19
N ILE C 287 18.59 -53.57 16.80
CA ILE C 287 17.34 -53.55 17.55
C ILE C 287 16.73 -54.94 17.59
N SER C 288 16.13 -55.28 18.73
CA SER C 288 15.47 -56.58 18.85
C SER C 288 14.22 -56.45 19.69
N PHE C 289 13.38 -57.47 19.64
CA PHE C 289 12.18 -57.46 20.46
C PHE C 289 11.67 -58.86 20.75
N ASN C 290 10.83 -58.96 21.80
CA ASN C 290 10.16 -60.19 22.22
C ASN C 290 8.65 -60.02 22.12
N LEU C 291 8.01 -60.79 21.19
CA LEU C 291 6.57 -60.75 20.98
C LEU C 291 5.84 -61.60 22.00
N THR C 292 4.65 -61.17 22.38
CA THR C 292 3.80 -61.96 23.24
C THR C 292 3.28 -63.14 22.46
N THR C 293 3.31 -64.36 23.06
CA THR C 293 2.82 -65.61 22.45
C THR C 293 3.12 -65.69 20.94
N GLY C 297 1.55 -64.53 13.38
CA GLY C 297 1.63 -63.45 12.41
C GLY C 297 1.36 -62.10 13.06
N ALA C 298 2.40 -61.47 13.61
CA ALA C 298 2.27 -60.18 14.31
C ALA C 298 2.29 -58.99 13.37
N PHE C 299 3.00 -59.12 12.26
CA PHE C 299 3.18 -57.99 11.37
C PHE C 299 2.61 -58.27 9.99
N TRP C 300 2.12 -57.22 9.32
CA TRP C 300 1.74 -57.35 7.92
C TRP C 300 2.97 -57.39 7.07
N THR C 301 3.93 -56.57 7.44
CA THR C 301 5.20 -56.52 6.74
C THR C 301 6.24 -55.69 7.45
N ILE C 302 7.50 -56.04 7.25
CA ILE C 302 8.61 -55.24 7.73
C ILE C 302 9.38 -54.66 6.57
N ALA C 303 9.45 -53.34 6.50
CA ALA C 303 10.14 -52.70 5.39
C ALA C 303 11.47 -52.12 5.83
N TYR C 304 12.51 -52.46 5.10
CA TYR C 304 13.82 -51.90 5.34
C TYR C 304 13.93 -50.75 4.38
N THR C 305 13.97 -49.54 4.90
CA THR C 305 13.88 -48.35 4.06
C THR C 305 15.05 -47.40 4.21
N SER C 306 15.10 -46.41 3.33
CA SER C 306 16.10 -45.35 3.36
C SER C 306 15.47 -44.01 2.98
N TYR C 307 16.14 -42.93 3.39
CA TYR C 307 15.61 -41.57 3.17
C TYR C 307 15.75 -41.05 1.76
N THR C 308 14.68 -40.45 1.26
CA THR C 308 14.69 -39.75 -0.02
C THR C 308 13.82 -38.52 0.05
N GLU C 309 13.94 -37.63 -0.94
CA GLU C 309 13.08 -36.46 -1.02
C GLU C 309 11.84 -36.80 -1.84
N ALA C 310 10.67 -36.53 -1.29
CA ALA C 310 9.46 -36.84 -2.03
C ALA C 310 8.32 -35.90 -1.69
N LEU C 311 7.40 -35.78 -2.63
CA LEU C 311 6.19 -35.02 -2.43
C LEU C 311 5.12 -35.96 -1.95
N VAL C 312 4.59 -35.70 -0.77
CA VAL C 312 3.62 -36.62 -0.23
C VAL C 312 2.32 -35.93 0.11
N GLN C 313 1.23 -36.64 -0.08
CA GLN C 313 -0.07 -36.14 0.30
C GLN C 313 -0.45 -36.82 1.60
N VAL C 314 -0.63 -36.01 2.64
CA VAL C 314 -0.86 -36.51 3.98
C VAL C 314 -2.23 -36.15 4.54
N GLU C 315 -2.90 -37.14 5.12
CA GLU C 315 -4.22 -36.87 5.77
C GLU C 315 -4.19 -37.44 7.19
N ASN C 316 -4.02 -36.57 8.20
CA ASN C 316 -3.95 -37.03 9.62
C ASN C 316 -2.63 -37.79 9.84
N THR C 317 -1.53 -37.29 9.30
CA THR C 317 -0.19 -37.91 9.50
C THR C 317 -0.13 -39.26 8.76
N ALA C 318 -1.18 -39.62 8.03
CA ALA C 318 -1.18 -40.88 7.27
C ALA C 318 -0.93 -40.58 5.79
N ILE C 319 0.03 -41.26 5.17
CA ILE C 319 0.37 -40.99 3.79
C ILE C 319 -0.64 -41.63 2.85
N LYS C 320 -1.18 -40.85 1.93
CA LYS C 320 -2.15 -41.36 0.98
C LYS C 320 -1.53 -41.53 -0.39
N LYS C 321 -0.58 -40.66 -0.73
CA LYS C 321 0.06 -40.71 -2.03
C LYS C 321 1.50 -40.23 -2.00
N VAL C 322 2.38 -40.90 -2.74
CA VAL C 322 3.78 -40.47 -2.82
C VAL C 322 4.26 -40.30 -4.25
N THR C 323 4.81 -39.12 -4.54
CA THR C 323 5.49 -38.87 -5.81
C THR C 323 6.93 -38.64 -5.46
N TYR C 324 7.80 -39.45 -5.98
CA TYR C 324 9.20 -39.27 -5.64
C TYR C 324 9.84 -38.15 -6.45
N CYS C 325 10.81 -37.43 -5.85
CA CYS C 325 11.71 -36.57 -6.60
C CYS C 325 12.89 -37.42 -7.06
N ASN C 326 13.20 -37.40 -8.35
CA ASN C 326 14.19 -38.33 -8.86
C ASN C 326 14.43 -38.11 -10.36
N SER C 327 13.68 -37.20 -10.92
CA SER C 327 13.70 -36.94 -12.36
C SER C 327 13.38 -35.50 -12.57
N HIS C 328 13.73 -34.99 -13.74
CA HIS C 328 13.55 -33.57 -13.98
C HIS C 328 12.09 -33.18 -14.01
N ILE C 329 11.23 -34.01 -14.56
CA ILE C 329 9.82 -33.67 -14.55
C ILE C 329 9.26 -33.78 -13.14
N ASN C 330 9.74 -34.76 -12.38
CA ASN C 330 9.26 -34.92 -11.02
C ASN C 330 9.79 -33.82 -10.11
N ASN C 331 10.94 -33.23 -10.45
CA ASN C 331 11.45 -32.13 -9.64
C ASN C 331 10.57 -30.90 -9.83
N ILE C 332 10.00 -30.75 -11.02
CA ILE C 332 9.09 -29.64 -11.25
C ILE C 332 7.83 -29.90 -10.43
N LYS C 333 7.31 -31.12 -10.51
CA LYS C 333 6.13 -31.49 -9.73
C LYS C 333 6.31 -31.23 -8.23
N CYS C 334 7.50 -31.56 -7.68
CA CYS C 334 7.81 -31.35 -6.26
C CYS C 334 7.81 -29.85 -5.95
N SER C 335 8.44 -29.04 -6.80
CA SER C 335 8.51 -27.60 -6.59
C SER C 335 7.14 -26.94 -6.55
N GLN C 336 6.25 -27.37 -7.43
CA GLN C 336 4.92 -26.78 -7.55
C GLN C 336 3.89 -27.40 -6.60
N LEU C 337 4.29 -28.44 -5.87
CA LEU C 337 3.37 -29.24 -5.05
C LEU C 337 2.20 -29.81 -5.84
N THR C 338 2.46 -30.30 -7.04
CA THR C 338 1.41 -30.92 -7.85
C THR C 338 1.85 -32.28 -8.35
N ALA C 339 0.90 -33.18 -8.57
CA ALA C 339 1.24 -34.46 -9.18
C ALA C 339 0.90 -34.45 -10.66
N ASN C 340 0.28 -33.36 -11.10
CA ASN C 340 -0.20 -33.23 -12.46
C ASN C 340 0.03 -31.81 -12.98
N LEU C 341 1.06 -31.65 -13.81
CA LEU C 341 1.42 -30.35 -14.34
C LEU C 341 0.55 -30.02 -15.55
N GLN C 342 0.25 -28.75 -15.72
CA GLN C 342 -0.55 -28.31 -16.85
C GLN C 342 0.35 -27.84 -17.97
N ASN C 343 -0.14 -27.85 -19.19
CA ASN C 343 0.67 -27.35 -20.28
C ASN C 343 1.04 -25.90 -19.98
N GLY C 344 2.32 -25.58 -20.06
CA GLY C 344 2.75 -24.22 -19.77
C GLY C 344 4.24 -24.12 -19.48
N PHE C 345 4.66 -22.95 -19.00
CA PHE C 345 6.07 -22.71 -18.70
C PHE C 345 6.29 -22.61 -17.21
N TYR C 346 7.20 -23.44 -16.70
CA TYR C 346 7.50 -23.47 -15.28
C TYR C 346 8.92 -23.02 -15.00
N PRO C 347 9.15 -22.18 -13.99
CA PRO C 347 10.46 -21.71 -13.59
C PRO C 347 11.26 -22.84 -12.97
N VAL C 348 12.48 -23.02 -13.43
CA VAL C 348 13.38 -24.03 -12.92
C VAL C 348 14.77 -23.44 -12.76
N ALA C 349 15.64 -24.08 -11.99
CA ALA C 349 17.03 -23.67 -11.99
C ALA C 349 17.70 -24.27 -13.22
N SER C 350 18.63 -23.56 -13.83
CA SER C 350 19.36 -24.09 -14.97
C SER C 350 20.22 -25.29 -14.59
N SER C 351 20.60 -25.36 -13.33
CA SER C 351 21.42 -26.43 -12.81
C SER C 351 21.36 -26.43 -11.29
N GLU C 352 21.91 -27.45 -10.67
CA GLU C 352 22.02 -27.48 -9.22
C GLU C 352 23.43 -27.90 -8.85
N VAL C 353 23.91 -27.38 -7.73
CA VAL C 353 25.27 -27.67 -7.30
C VAL C 353 25.34 -28.11 -5.85
N GLY C 354 26.47 -28.69 -5.50
CA GLY C 354 26.78 -29.07 -4.13
C GLY C 354 28.12 -29.77 -4.13
N LEU C 355 28.66 -30.05 -2.95
CA LEU C 355 29.95 -30.72 -2.85
C LEU C 355 31.03 -29.98 -3.65
N VAL C 356 31.20 -28.69 -3.36
CA VAL C 356 32.16 -27.86 -4.08
C VAL C 356 33.24 -27.34 -3.14
N ASN C 357 34.36 -26.84 -3.70
CA ASN C 357 35.49 -26.29 -2.96
C ASN C 357 35.11 -24.99 -2.27
N LYS C 358 35.81 -24.66 -1.18
CA LYS C 358 35.66 -23.38 -0.46
C LYS C 358 36.78 -22.41 -0.84
N SER C 359 36.41 -21.16 -1.10
CA SER C 359 37.35 -20.11 -1.47
C SER C 359 37.27 -18.96 -0.48
N VAL C 360 38.42 -18.48 -0.03
CA VAL C 360 38.43 -17.35 0.90
C VAL C 360 39.41 -16.27 0.52
N VAL C 361 39.03 -15.02 0.76
CA VAL C 361 39.93 -13.90 0.59
C VAL C 361 39.89 -13.03 1.85
N LEU C 362 40.98 -13.00 2.58
CA LEU C 362 41.05 -12.23 3.81
C LEU C 362 41.85 -10.96 3.62
N LEU C 363 41.69 -10.01 4.53
CA LEU C 363 42.50 -8.81 4.49
C LEU C 363 43.91 -9.24 4.90
N PRO C 364 44.93 -8.99 4.06
CA PRO C 364 46.31 -9.48 4.22
C PRO C 364 46.84 -9.36 5.66
N SER C 365 46.78 -8.15 6.19
CA SER C 365 47.35 -7.83 7.50
C SER C 365 48.53 -8.75 7.86
N PHE C 366 48.49 -9.38 9.04
CA PHE C 366 49.60 -10.23 9.49
C PHE C 366 49.09 -11.52 10.16
N PHE C 367 49.82 -12.62 9.99
CA PHE C 367 49.46 -13.85 10.70
C PHE C 367 49.87 -13.76 12.16
N ALA C 368 48.94 -14.08 13.03
CA ALA C 368 49.10 -14.12 14.48
C ALA C 368 47.95 -14.95 15.05
N HIS C 369 48.18 -16.25 15.23
CA HIS C 369 47.11 -17.18 15.59
C HIS C 369 47.14 -17.69 17.03
N THR C 370 45.97 -17.64 17.68
CA THR C 370 45.76 -18.15 19.03
C THR C 370 44.80 -19.32 19.06
N THR C 371 45.23 -20.39 19.72
CA THR C 371 44.37 -21.55 19.90
C THR C 371 43.70 -21.42 21.25
N VAL C 372 42.39 -21.53 21.26
CA VAL C 372 41.63 -21.34 22.48
C VAL C 372 40.91 -22.64 22.88
N ASN C 373 41.23 -23.16 24.08
CA ASN C 373 40.70 -24.43 24.59
C ASN C 373 39.82 -24.24 25.82
N ILE C 374 38.54 -24.63 25.69
CA ILE C 374 37.57 -24.61 26.77
C ILE C 374 37.36 -26.04 27.24
N THR C 375 37.57 -26.27 28.52
CA THR C 375 37.39 -27.59 29.12
C THR C 375 36.19 -27.59 30.03
N ILE C 376 35.27 -28.51 29.78
CA ILE C 376 34.09 -28.61 30.62
C ILE C 376 34.11 -29.88 31.41
N ASP C 377 34.16 -29.75 32.73
CA ASP C 377 34.12 -30.92 33.60
C ASP C 377 32.73 -31.10 34.16
N LEU C 378 32.07 -32.17 33.74
CA LEU C 378 30.72 -32.45 34.15
C LEU C 378 30.68 -33.36 35.36
N GLY C 379 29.90 -32.98 36.37
CA GLY C 379 29.74 -33.86 37.54
C GLY C 379 28.40 -34.57 37.52
N MET C 380 28.32 -35.69 36.82
CA MET C 380 27.05 -36.45 36.69
C MET C 380 26.88 -37.29 37.95
N LYS C 381 25.64 -37.65 38.30
CA LYS C 381 25.35 -38.53 39.46
C LYS C 381 24.16 -39.42 39.12
N ARG C 382 23.26 -39.66 40.10
CA ARG C 382 22.03 -40.45 39.82
C ARG C 382 20.92 -40.14 40.83
N SER C 383 19.68 -40.50 40.49
CA SER C 383 18.52 -40.25 41.40
C SER C 383 17.98 -41.58 41.90
N GLY C 384 17.02 -41.55 42.85
CA GLY C 384 16.40 -42.80 43.29
C GLY C 384 15.88 -43.61 42.12
N TYR C 385 15.08 -42.99 41.26
CA TYR C 385 14.54 -43.68 40.07
C TYR C 385 15.70 -44.11 39.18
N GLY C 386 16.71 -43.25 39.06
CA GLY C 386 17.86 -43.54 38.17
C GLY C 386 18.00 -42.48 37.10
N GLN C 387 17.07 -41.51 37.08
CA GLN C 387 17.14 -40.40 36.09
C GLN C 387 18.47 -39.68 36.24
N PRO C 388 19.44 -39.87 35.31
CA PRO C 388 20.78 -39.27 35.45
C PRO C 388 20.64 -37.74 35.59
N ILE C 389 21.42 -37.14 36.49
CA ILE C 389 21.30 -35.68 36.73
C ILE C 389 22.68 -35.04 36.74
N ALA C 390 22.86 -33.94 36.00
CA ALA C 390 24.15 -33.21 36.02
C ALA C 390 24.15 -32.26 37.22
N SER C 391 25.31 -31.81 37.66
CA SER C 391 25.38 -30.95 38.87
C SER C 391 25.62 -29.50 38.47
N PRO C 392 24.73 -28.53 38.80
CA PRO C 392 25.01 -27.13 38.54
C PRO C 392 26.44 -26.93 39.02
N LEU C 393 26.86 -27.76 39.99
CA LEU C 393 28.22 -27.71 40.48
C LEU C 393 29.17 -28.37 39.50
N SER C 394 29.26 -27.79 38.32
CA SER C 394 30.16 -28.25 37.26
C SER C 394 31.19 -27.13 37.03
N ASN C 395 32.33 -27.43 36.35
CA ASN C 395 33.43 -26.47 36.20
C ASN C 395 33.78 -26.22 34.74
N ILE C 396 33.71 -24.93 34.32
CA ILE C 396 34.14 -24.50 32.97
C ILE C 396 35.46 -23.79 33.09
N THR C 397 36.45 -24.28 32.37
CA THR C 397 37.78 -23.67 32.41
C THR C 397 38.15 -23.03 31.09
N LEU C 398 38.53 -21.75 31.19
CA LEU C 398 38.98 -20.95 30.07
C LEU C 398 40.52 -20.86 30.24
N PRO C 399 41.30 -20.59 29.16
CA PRO C 399 42.75 -20.54 29.26
C PRO C 399 43.17 -19.46 30.26
N MET C 400 44.46 -19.39 30.59
CA MET C 400 44.93 -18.41 31.61
C MET C 400 45.28 -17.07 30.94
N GLN C 401 44.76 -15.96 31.47
CA GLN C 401 45.12 -14.62 30.92
C GLN C 401 45.04 -13.59 32.05
N ASP C 402 46.05 -12.73 32.18
CA ASP C 402 46.07 -11.70 33.26
C ASP C 402 45.82 -12.39 34.60
N ASN C 403 46.44 -13.56 34.80
CA ASN C 403 46.27 -14.34 36.06
C ASN C 403 44.80 -14.79 36.23
N ASN C 404 43.82 -13.87 36.30
CA ASN C 404 42.45 -14.41 36.52
C ASN C 404 42.11 -15.36 35.37
N THR C 405 41.34 -16.42 35.66
CA THR C 405 40.90 -17.36 34.60
C THR C 405 39.38 -17.35 34.50
N ASP C 406 38.75 -16.27 34.98
CA ASP C 406 37.26 -16.15 34.93
C ASP C 406 36.86 -15.38 33.67
N VAL C 407 37.81 -14.68 33.04
CA VAL C 407 37.51 -13.95 31.77
C VAL C 407 38.71 -14.11 30.84
N TYR C 408 38.54 -14.84 29.72
CA TYR C 408 39.64 -14.95 28.74
C TYR C 408 39.33 -14.12 27.51
N CYS C 409 40.28 -13.30 27.06
CA CYS C 409 40.10 -12.47 25.90
C CYS C 409 41.01 -12.86 24.76
N ILE C 410 40.55 -12.67 23.54
CA ILE C 410 41.38 -12.89 22.38
C ILE C 410 42.12 -11.61 22.02
N ARG C 411 43.44 -11.69 21.95
CA ARG C 411 44.28 -10.52 21.64
C ARG C 411 45.14 -10.76 20.41
N SER C 412 44.67 -11.61 19.52
CA SER C 412 45.39 -11.93 18.30
C SER C 412 44.54 -11.72 17.06
N ASN C 413 45.20 -11.67 15.90
CA ASN C 413 44.54 -11.41 14.63
C ASN C 413 43.65 -12.58 14.19
N GLN C 414 44.05 -13.80 14.50
CA GLN C 414 43.26 -14.98 14.14
C GLN C 414 43.07 -15.87 15.35
N PHE C 415 41.97 -16.63 15.36
CA PHE C 415 41.80 -17.57 16.47
C PHE C 415 40.98 -18.79 16.09
N SER C 416 41.15 -19.84 16.88
CA SER C 416 40.31 -21.04 16.75
C SER C 416 39.83 -21.45 18.14
N ILE C 417 38.55 -21.79 18.29
CA ILE C 417 38.03 -22.18 19.60
C ILE C 417 37.56 -23.62 19.61
N TYR C 418 38.08 -24.40 20.54
CA TYR C 418 37.66 -25.78 20.64
C TYR C 418 37.12 -26.11 22.01
N VAL C 419 36.07 -26.92 22.05
CA VAL C 419 35.53 -27.35 23.32
C VAL C 419 35.74 -28.83 23.53
N HIS C 420 36.22 -29.16 24.71
CA HIS C 420 36.50 -30.52 25.12
C HIS C 420 35.83 -30.78 26.44
N SER C 421 35.53 -32.02 26.76
CA SER C 421 34.96 -32.26 28.07
C SER C 421 35.37 -33.57 28.68
N THR C 422 35.33 -33.57 29.99
CA THR C 422 35.57 -34.75 30.78
C THR C 422 34.34 -35.01 31.63
N CYS C 423 33.87 -36.28 31.56
CA CYS C 423 32.71 -36.68 32.36
C CYS C 423 33.22 -37.57 33.52
N LYS C 424 32.86 -37.07 34.72
CA LYS C 424 33.17 -37.77 35.95
C LYS C 424 31.86 -38.05 36.65
N SER C 425 31.84 -39.06 37.50
CA SER C 425 30.62 -39.41 38.18
C SER C 425 30.87 -39.76 39.62
N SER C 426 29.79 -39.81 40.38
CA SER C 426 29.89 -40.10 41.79
C SER C 426 28.66 -40.82 42.29
N LEU C 427 28.81 -41.55 43.38
CA LEU C 427 27.69 -42.16 44.08
C LEU C 427 27.42 -41.27 45.29
N TRP C 428 28.52 -40.85 45.89
CA TRP C 428 28.56 -39.93 47.01
C TRP C 428 28.61 -38.52 46.43
N ASP C 429 27.97 -37.58 47.06
CA ASP C 429 28.00 -36.24 46.49
C ASP C 429 29.38 -35.56 46.57
N ASN C 430 29.77 -34.95 45.44
CA ASN C 430 31.00 -34.17 45.31
C ASN C 430 32.32 -34.89 45.60
N VAL C 431 32.46 -36.11 45.09
CA VAL C 431 33.74 -36.82 45.21
C VAL C 431 34.39 -36.92 43.82
N PHE C 432 33.61 -37.37 42.83
CA PHE C 432 34.04 -37.46 41.43
C PHE C 432 35.38 -38.15 41.22
N ASN C 433 35.55 -39.32 41.81
CA ASN C 433 36.77 -40.09 41.65
C ASN C 433 36.54 -41.35 40.83
N GLN C 434 35.48 -41.35 40.03
CA GLN C 434 35.13 -42.50 39.22
C GLN C 434 34.66 -42.06 37.84
N ASP C 435 35.10 -42.77 36.81
CA ASP C 435 34.66 -42.47 35.45
C ASP C 435 33.18 -42.76 35.32
N CYS C 436 32.47 -41.96 34.51
CA CYS C 436 31.05 -42.17 34.23
C CYS C 436 30.93 -43.20 33.10
N THR C 437 29.90 -44.03 33.17
CA THR C 437 29.67 -45.07 32.19
C THR C 437 28.22 -45.14 31.78
N ASP C 438 27.95 -45.90 30.76
CA ASP C 438 26.59 -46.25 30.36
C ASP C 438 25.62 -45.06 30.35
N VAL C 439 24.58 -45.12 31.17
CA VAL C 439 23.52 -44.13 31.20
C VAL C 439 23.89 -42.81 31.92
N LEU C 440 25.03 -42.85 32.58
CA LEU C 440 25.50 -41.70 33.33
C LEU C 440 26.31 -40.81 32.43
N GLU C 441 26.80 -41.43 31.39
CA GLU C 441 27.71 -40.86 30.44
C GLU C 441 27.15 -39.63 29.80
N ALA C 442 27.99 -38.60 29.69
CA ALA C 442 27.55 -37.37 29.08
C ALA C 442 28.66 -36.66 28.36
N THR C 443 28.28 -35.87 27.37
CA THR C 443 29.25 -35.04 26.67
C THR C 443 28.76 -33.60 26.69
N ALA C 444 29.67 -32.67 26.90
CA ALA C 444 29.24 -31.29 26.98
C ALA C 444 29.05 -30.70 25.61
N VAL C 445 27.96 -29.97 25.44
CA VAL C 445 27.68 -29.28 24.21
C VAL C 445 27.35 -27.82 24.47
N ILE C 446 27.97 -26.94 23.71
CA ILE C 446 27.68 -25.53 23.85
C ILE C 446 26.75 -25.14 22.72
N LYS C 447 25.57 -24.67 23.08
CA LYS C 447 24.57 -24.35 22.07
C LYS C 447 24.14 -22.89 22.15
N THR C 448 23.59 -22.40 21.05
CA THR C 448 23.11 -21.04 21.01
C THR C 448 22.01 -20.82 22.02
N GLY C 449 22.15 -19.74 22.77
CA GLY C 449 21.16 -19.31 23.73
C GLY C 449 20.53 -18.04 23.20
N THR C 450 21.20 -16.92 23.45
CA THR C 450 20.74 -15.62 22.99
C THR C 450 21.68 -14.92 21.96
N CYS C 451 22.82 -15.54 21.60
CA CYS C 451 23.81 -14.96 20.68
C CYS C 451 23.41 -15.20 19.22
N PRO C 452 23.64 -14.22 18.33
CA PRO C 452 23.41 -14.29 16.90
C PRO C 452 24.54 -15.03 16.19
N PHE C 453 24.87 -16.20 16.73
CA PHE C 453 25.89 -17.09 16.20
C PHE C 453 26.01 -18.36 17.03
N SER C 454 26.33 -19.46 16.38
CA SER C 454 26.59 -20.69 17.12
C SER C 454 28.02 -20.81 17.51
N PHE C 455 28.24 -21.44 18.64
CA PHE C 455 29.57 -21.65 19.15
C PHE C 455 30.47 -22.35 18.13
N ASP C 456 29.94 -23.37 17.48
CA ASP C 456 30.75 -24.15 16.54
C ASP C 456 31.02 -23.44 15.24
N LYS C 457 30.36 -22.30 15.02
CA LYS C 457 30.55 -21.55 13.80
C LYS C 457 31.60 -20.48 14.00
N LEU C 458 32.12 -20.35 15.21
CA LEU C 458 33.13 -19.34 15.50
C LEU C 458 34.46 -19.71 14.87
N ASN C 459 34.53 -20.93 14.36
CA ASN C 459 35.73 -21.41 13.68
C ASN C 459 35.64 -21.20 12.18
N ASN C 460 34.54 -20.59 11.74
CA ASN C 460 34.41 -20.19 10.35
C ASN C 460 35.01 -18.81 10.30
N HIS C 461 35.05 -18.22 9.13
CA HIS C 461 35.67 -16.91 9.03
C HIS C 461 34.75 -15.78 9.48
N LEU C 462 34.41 -15.79 10.76
CA LEU C 462 33.60 -14.74 11.36
C LEU C 462 34.53 -13.67 11.80
N THR C 463 34.06 -12.44 11.76
CA THR C 463 34.95 -11.34 12.09
C THR C 463 34.42 -10.50 13.24
N PHE C 464 35.36 -10.08 14.10
CA PHE C 464 35.05 -9.25 15.26
C PHE C 464 36.01 -8.09 15.43
N ASN C 465 35.55 -7.04 16.11
CA ASN C 465 36.45 -5.99 16.56
C ASN C 465 37.07 -6.48 17.86
N LYS C 466 36.22 -7.14 18.65
CA LYS C 466 36.57 -7.72 19.93
C LYS C 466 35.76 -8.96 20.21
N PHE C 467 36.39 -9.94 20.86
CA PHE C 467 35.70 -11.16 21.30
C PHE C 467 36.35 -11.65 22.59
N CYS C 468 35.57 -11.75 23.68
CA CYS C 468 36.07 -12.19 24.99
C CYS C 468 34.99 -13.00 25.74
N LEU C 469 35.41 -14.09 26.37
CA LEU C 469 34.48 -14.96 27.09
C LEU C 469 34.49 -14.71 28.59
N SER C 470 33.36 -14.92 29.24
CA SER C 470 33.29 -14.60 30.70
C SER C 470 32.32 -15.55 31.40
N LEU C 471 32.74 -16.09 32.55
CA LEU C 471 31.83 -16.96 33.35
C LEU C 471 31.04 -16.04 34.29
N SER C 472 31.31 -14.73 34.25
CA SER C 472 30.62 -13.76 35.14
C SER C 472 29.53 -13.02 34.37
N PRO C 473 28.26 -13.01 34.83
CA PRO C 473 27.17 -12.39 34.07
C PRO C 473 27.12 -10.87 34.26
N VAL C 474 28.27 -10.20 34.19
CA VAL C 474 28.31 -8.74 34.48
C VAL C 474 28.64 -7.96 33.21
N GLY C 475 27.86 -6.92 32.91
CA GLY C 475 28.16 -6.08 31.73
C GLY C 475 28.49 -6.93 30.53
N ALA C 476 27.72 -8.00 30.30
CA ALA C 476 28.00 -8.92 29.17
C ALA C 476 26.80 -8.90 28.22
N ASN C 477 27.07 -8.99 26.91
CA ASN C 477 25.98 -8.92 25.89
C ASN C 477 25.13 -10.18 25.96
N CYS C 478 25.41 -11.16 25.09
CA CYS C 478 24.63 -12.40 25.03
C CYS C 478 25.29 -13.58 25.74
N LYS C 479 24.52 -14.64 25.94
CA LYS C 479 25.06 -15.85 26.54
C LYS C 479 24.79 -17.12 25.75
N PHE C 480 25.72 -18.06 25.90
CA PHE C 480 25.62 -19.43 25.40
C PHE C 480 25.09 -20.33 26.50
N ASP C 481 24.34 -21.35 26.11
CA ASP C 481 23.84 -22.35 27.05
C ASP C 481 24.73 -23.58 27.05
N VAL C 482 25.33 -23.91 28.19
CA VAL C 482 26.20 -25.07 28.25
C VAL C 482 25.46 -26.23 28.88
N ALA C 483 25.22 -27.27 28.08
CA ALA C 483 24.39 -28.38 28.50
C ALA C 483 25.12 -29.71 28.49
N ALA C 484 24.62 -30.62 29.30
CA ALA C 484 25.13 -31.98 29.34
C ALA C 484 24.22 -32.87 28.54
N ARG C 485 24.76 -33.50 27.51
CA ARG C 485 23.98 -34.39 26.67
C ARG C 485 24.20 -35.83 27.06
N THR C 486 23.13 -36.51 27.47
CA THR C 486 23.20 -37.89 27.92
C THR C 486 22.47 -38.78 26.95
N ARG C 487 22.39 -40.06 27.27
CA ARG C 487 21.74 -41.04 26.40
C ARG C 487 20.24 -41.05 26.67
N THR C 488 19.80 -40.23 27.63
CA THR C 488 18.40 -40.15 28.04
C THR C 488 17.78 -38.79 27.74
N ASN C 489 18.48 -37.74 28.15
CA ASN C 489 18.00 -36.37 28.00
C ASN C 489 19.13 -35.34 27.93
N GLU C 490 18.77 -34.07 27.84
CA GLU C 490 19.76 -33.00 27.80
C GLU C 490 19.29 -31.82 28.62
N GLN C 491 20.17 -31.30 29.47
CA GLN C 491 19.81 -30.15 30.29
C GLN C 491 20.94 -29.14 30.45
N VAL C 492 20.57 -27.87 30.62
CA VAL C 492 21.54 -26.81 30.79
C VAL C 492 22.06 -26.77 32.20
N VAL C 493 23.36 -26.67 32.33
CA VAL C 493 24.03 -26.65 33.61
C VAL C 493 24.55 -25.27 33.94
N ARG C 494 25.25 -24.66 32.98
CA ARG C 494 25.87 -23.35 33.14
C ARG C 494 25.70 -22.46 31.93
N SER C 495 25.90 -21.17 32.14
CA SER C 495 25.92 -20.22 31.05
C SER C 495 27.33 -19.67 30.85
N LEU C 496 27.67 -19.43 29.60
CA LEU C 496 28.95 -18.82 29.23
C LEU C 496 28.64 -17.50 28.54
N TYR C 497 29.15 -16.40 29.07
CA TYR C 497 28.80 -15.08 28.55
C TYR C 497 29.85 -14.62 27.56
N VAL C 498 29.43 -13.97 26.48
CA VAL C 498 30.42 -13.48 25.52
C VAL C 498 30.27 -12.01 25.21
N ILE C 499 31.40 -11.32 25.28
CA ILE C 499 31.52 -9.90 25.00
C ILE C 499 32.03 -9.72 23.60
N TYR C 500 31.29 -9.00 22.78
CA TYR C 500 31.78 -8.81 21.43
C TYR C 500 31.31 -7.54 20.80
N GLU C 501 32.11 -7.06 19.88
CA GLU C 501 31.74 -5.97 19.01
C GLU C 501 32.09 -6.37 17.59
N GLU C 502 31.27 -5.96 16.63
CA GLU C 502 31.49 -6.32 15.24
C GLU C 502 32.65 -5.53 14.67
N GLY C 503 33.41 -6.14 13.77
CA GLY C 503 34.56 -5.48 13.18
C GLY C 503 35.38 -6.46 12.36
N ASP C 504 36.52 -6.01 11.85
CA ASP C 504 37.37 -6.80 10.97
C ASP C 504 38.77 -7.09 11.52
N ASN C 505 38.97 -7.00 12.82
CA ASN C 505 40.31 -7.16 13.38
C ASN C 505 40.65 -8.61 13.68
N ILE C 506 39.70 -9.33 14.23
CA ILE C 506 39.92 -10.68 14.71
C ILE C 506 39.12 -11.65 13.85
N VAL C 507 39.78 -12.61 13.23
CA VAL C 507 39.07 -13.48 12.31
C VAL C 507 39.12 -14.94 12.74
N GLY C 508 37.96 -15.59 12.75
CA GLY C 508 37.91 -17.00 13.08
C GLY C 508 38.55 -17.81 11.95
N VAL C 509 39.19 -18.89 12.30
CA VAL C 509 39.80 -19.75 11.29
C VAL C 509 39.68 -21.23 11.65
N PRO C 510 39.39 -22.12 10.68
CA PRO C 510 39.43 -23.55 10.83
C PRO C 510 40.88 -24.05 10.81
N SER C 511 41.41 -24.31 12.01
CA SER C 511 42.78 -24.82 12.27
C SER C 511 43.96 -23.84 12.05
N SER C 520 43.96 -17.54 2.36
CA SER C 520 43.61 -16.73 1.19
C SER C 520 43.81 -17.54 -0.10
N VAL C 521 42.94 -18.55 -0.32
CA VAL C 521 42.95 -19.40 -1.51
C VAL C 521 41.62 -19.34 -2.24
N LEU C 522 41.66 -19.01 -3.53
CA LEU C 522 40.44 -19.03 -4.31
C LEU C 522 40.56 -19.95 -5.52
N HIS C 523 39.43 -20.49 -5.96
CA HIS C 523 39.40 -21.40 -7.09
C HIS C 523 38.67 -20.80 -8.29
N LEU C 524 39.42 -20.53 -9.35
CA LEU C 524 38.88 -19.87 -10.54
C LEU C 524 38.25 -20.84 -11.52
N ASP C 525 37.26 -20.35 -12.25
CA ASP C 525 36.55 -21.10 -13.30
C ASP C 525 35.94 -22.38 -12.73
N SER C 526 35.46 -22.29 -11.51
CA SER C 526 34.79 -23.37 -10.82
C SER C 526 33.66 -22.79 -9.99
N CYS C 527 32.65 -23.63 -9.67
CA CYS C 527 31.62 -23.22 -8.72
C CYS C 527 32.17 -23.43 -7.30
N THR C 528 32.08 -22.37 -6.50
CA THR C 528 32.68 -22.42 -5.18
C THR C 528 31.86 -21.73 -4.11
N ASP C 529 32.05 -22.19 -2.89
CA ASP C 529 31.47 -21.59 -1.70
C ASP C 529 32.46 -20.56 -1.20
N TYR C 530 32.17 -19.28 -1.38
CA TYR C 530 33.18 -18.28 -1.07
C TYR C 530 32.85 -17.40 0.13
N ASN C 531 33.92 -16.87 0.73
CA ASN C 531 33.86 -15.84 1.75
C ASN C 531 34.93 -14.82 1.45
N ILE C 532 34.51 -13.73 0.80
CA ILE C 532 35.43 -12.73 0.30
C ILE C 532 35.25 -11.40 0.97
N TYR C 533 36.25 -10.97 1.71
CA TYR C 533 36.21 -9.69 2.41
C TYR C 533 34.94 -9.52 3.21
N GLY C 534 34.49 -10.58 3.87
CA GLY C 534 33.30 -10.49 4.70
C GLY C 534 31.99 -10.73 3.95
N ARG C 535 32.07 -11.20 2.71
CA ARG C 535 30.87 -11.47 1.93
C ARG C 535 30.78 -12.94 1.56
N THR C 536 29.72 -13.57 2.02
CA THR C 536 29.51 -14.99 1.85
C THR C 536 28.48 -15.30 0.78
N GLY C 537 28.76 -16.29 -0.05
CA GLY C 537 27.82 -16.71 -1.09
C GLY C 537 28.40 -17.83 -1.94
N VAL C 538 27.64 -18.26 -2.93
CA VAL C 538 28.08 -19.33 -3.83
C VAL C 538 28.08 -18.82 -5.26
N GLY C 539 29.17 -19.06 -5.97
CA GLY C 539 29.27 -18.57 -7.33
C GLY C 539 30.57 -18.95 -8.00
N VAL C 540 30.82 -18.36 -9.15
CA VAL C 540 31.99 -18.62 -9.95
C VAL C 540 32.87 -17.38 -10.01
N ILE C 541 34.14 -17.56 -9.68
CA ILE C 541 35.10 -16.46 -9.64
C ILE C 541 35.91 -16.45 -10.93
N ARG C 542 36.00 -15.30 -11.58
CA ARG C 542 36.76 -15.21 -12.82
C ARG C 542 37.69 -14.02 -12.81
N GLN C 543 38.87 -14.20 -13.39
CA GLN C 543 39.83 -13.10 -13.46
C GLN C 543 39.51 -12.21 -14.66
N THR C 544 39.40 -10.91 -14.42
CA THR C 544 39.10 -9.95 -15.49
C THR C 544 40.14 -8.82 -15.53
N ASN C 545 40.11 -8.03 -16.61
CA ASN C 545 40.97 -6.87 -16.82
C ASN C 545 40.14 -5.57 -16.86
N SER C 546 40.06 -4.86 -15.73
CA SER C 546 39.28 -3.62 -15.58
C SER C 546 39.83 -2.81 -14.42
N THR C 547 39.39 -1.56 -14.31
CA THR C 547 39.79 -0.66 -13.22
C THR C 547 38.56 -0.10 -12.49
N LEU C 548 37.44 -0.82 -12.57
CA LEU C 548 36.18 -0.35 -12.01
C LEU C 548 36.13 -0.28 -10.48
N LEU C 549 36.85 -1.16 -9.81
CA LEU C 549 36.66 -1.19 -8.34
C LEU C 549 37.56 -0.14 -7.70
N SER C 550 36.96 0.74 -6.90
CA SER C 550 37.67 1.77 -6.18
C SER C 550 38.07 1.27 -4.79
N GLY C 551 37.28 0.34 -4.26
CA GLY C 551 37.51 -0.22 -2.94
C GLY C 551 37.78 -1.71 -3.06
N LEU C 552 37.69 -2.43 -1.94
CA LEU C 552 37.98 -3.85 -1.97
C LEU C 552 36.95 -4.62 -2.79
N TYR C 553 35.70 -4.20 -2.73
CA TYR C 553 34.68 -4.92 -3.46
C TYR C 553 33.52 -4.05 -3.87
N TYR C 554 32.80 -4.52 -4.88
CA TYR C 554 31.65 -3.84 -5.45
C TYR C 554 30.43 -4.74 -5.41
N THR C 555 29.31 -4.18 -4.97
CA THR C 555 28.08 -4.92 -4.85
C THR C 555 26.93 -4.32 -5.63
N SER C 556 25.91 -5.14 -5.83
CA SER C 556 24.64 -4.77 -6.47
C SER C 556 23.70 -4.09 -5.50
N LEU C 557 22.56 -3.62 -6.00
CA LEU C 557 21.53 -2.97 -5.16
C LEU C 557 20.99 -3.93 -4.11
N SER C 558 21.02 -5.23 -4.41
CA SER C 558 20.53 -6.26 -3.50
C SER C 558 21.56 -6.64 -2.45
N GLY C 559 22.78 -6.11 -2.55
CA GLY C 559 23.85 -6.43 -1.62
C GLY C 559 24.79 -7.55 -2.09
N ASP C 560 24.45 -8.22 -3.18
CA ASP C 560 25.28 -9.30 -3.69
C ASP C 560 26.62 -8.82 -4.21
N LEU C 561 27.65 -9.65 -4.04
CA LEU C 561 28.98 -9.35 -4.53
C LEU C 561 29.06 -9.54 -6.03
N LEU C 562 29.49 -8.51 -6.75
CA LEU C 562 29.64 -8.60 -8.20
C LEU C 562 31.10 -8.72 -8.61
N GLY C 563 32.00 -8.27 -7.74
CA GLY C 563 33.43 -8.38 -8.01
C GLY C 563 34.27 -7.79 -6.90
N PHE C 564 35.57 -8.06 -6.95
CA PHE C 564 36.49 -7.59 -5.93
C PHE C 564 37.91 -7.43 -6.46
N LYS C 565 38.70 -6.68 -5.71
CA LYS C 565 40.09 -6.42 -6.07
C LYS C 565 41.07 -7.13 -5.15
N ASN C 566 42.14 -7.72 -5.71
CA ASN C 566 43.28 -8.22 -4.93
C ASN C 566 44.14 -7.00 -4.54
N VAL C 567 44.33 -6.81 -3.23
CA VAL C 567 45.07 -5.66 -2.68
C VAL C 567 46.48 -5.51 -3.25
N SER C 568 47.15 -6.64 -3.46
CA SER C 568 48.54 -6.60 -3.93
C SER C 568 48.69 -6.30 -5.43
N ASP C 569 47.94 -6.99 -6.29
CA ASP C 569 48.09 -6.79 -7.75
C ASP C 569 47.19 -5.74 -8.37
N GLY C 570 46.05 -5.49 -7.78
CA GLY C 570 45.09 -4.59 -8.40
C GLY C 570 44.24 -5.31 -9.44
N VAL C 571 44.41 -6.63 -9.54
CA VAL C 571 43.66 -7.42 -10.49
C VAL C 571 42.23 -7.57 -10.00
N ILE C 572 41.29 -7.47 -10.92
CA ILE C 572 39.89 -7.54 -10.59
C ILE C 572 39.30 -8.89 -10.91
N TYR C 573 38.54 -9.42 -9.97
CA TYR C 573 37.83 -10.66 -10.20
C TYR C 573 36.34 -10.38 -10.24
N SER C 574 35.63 -11.07 -11.11
CA SER C 574 34.18 -10.95 -11.16
C SER C 574 33.56 -12.12 -10.45
N VAL C 575 32.36 -11.93 -9.93
CA VAL C 575 31.65 -13.01 -9.27
C VAL C 575 30.28 -13.18 -9.90
N THR C 576 29.96 -14.38 -10.34
CA THR C 576 28.66 -14.65 -10.93
C THR C 576 28.03 -15.87 -10.27
N PRO C 577 26.70 -16.05 -10.31
CA PRO C 577 25.99 -17.21 -9.84
C PRO C 577 26.40 -18.47 -10.60
N CYS C 578 26.32 -19.65 -9.94
CA CYS C 578 26.61 -20.94 -10.57
C CYS C 578 25.44 -21.38 -11.44
N ASP C 579 24.29 -20.77 -11.21
CA ASP C 579 23.07 -21.08 -11.94
C ASP C 579 22.19 -19.86 -12.07
N VAL C 580 21.32 -19.88 -13.07
CA VAL C 580 20.37 -18.81 -13.31
C VAL C 580 18.97 -19.38 -13.50
N SER C 581 17.96 -18.52 -13.42
CA SER C 581 16.60 -18.95 -13.70
C SER C 581 16.45 -19.38 -15.14
N ALA C 582 15.65 -20.41 -15.38
CA ALA C 582 15.34 -20.88 -16.71
C ALA C 582 13.87 -21.24 -16.80
N GLN C 583 13.31 -21.20 -17.99
CA GLN C 583 11.90 -21.53 -18.17
C GLN C 583 11.72 -22.85 -18.86
N ALA C 584 11.11 -23.81 -18.18
CA ALA C 584 10.90 -25.13 -18.74
C ALA C 584 9.53 -25.21 -19.39
N ALA C 585 9.51 -25.62 -20.64
CA ALA C 585 8.30 -25.79 -21.41
C ALA C 585 7.79 -27.21 -21.23
N VAL C 586 6.65 -27.33 -20.58
CA VAL C 586 6.07 -28.62 -20.27
C VAL C 586 4.78 -28.85 -21.03
N ILE C 587 4.73 -29.91 -21.80
CA ILE C 587 3.53 -30.26 -22.56
C ILE C 587 3.22 -31.72 -22.30
N ASP C 588 1.97 -32.01 -21.97
CA ASP C 588 1.51 -33.37 -21.71
C ASP C 588 2.34 -34.10 -20.67
N GLY C 589 2.77 -33.39 -19.64
CA GLY C 589 3.50 -34.00 -18.54
C GLY C 589 4.96 -34.33 -18.84
N ALA C 590 5.56 -33.65 -19.81
CA ALA C 590 6.96 -33.93 -20.13
C ALA C 590 7.69 -32.65 -20.46
N ILE C 591 8.99 -32.62 -20.21
CA ILE C 591 9.75 -31.45 -20.57
C ILE C 591 10.09 -31.54 -22.04
N VAL C 592 9.62 -30.57 -22.77
CA VAL C 592 9.76 -30.48 -24.21
C VAL C 592 10.96 -29.64 -24.57
N GLY C 593 11.18 -28.58 -23.81
CA GLY C 593 12.29 -27.69 -24.04
C GLY C 593 12.42 -26.68 -22.93
N ALA C 594 13.44 -25.83 -23.01
CA ALA C 594 13.64 -24.83 -21.98
C ALA C 594 14.48 -23.66 -22.48
N MET C 595 14.22 -22.48 -21.94
CA MET C 595 15.06 -21.32 -22.26
C MET C 595 15.98 -20.95 -21.12
N THR C 596 17.23 -20.71 -21.47
CA THR C 596 18.24 -20.35 -20.49
C THR C 596 19.27 -19.39 -21.03
N SER C 597 19.88 -18.61 -20.16
CA SER C 597 20.94 -17.72 -20.61
C SER C 597 22.30 -18.43 -20.71
N ILE C 598 22.43 -19.59 -20.07
CA ILE C 598 23.69 -20.31 -20.10
C ILE C 598 23.71 -21.34 -21.22
N ASN C 599 24.77 -21.32 -22.02
CA ASN C 599 24.90 -22.29 -23.11
C ASN C 599 25.42 -23.62 -22.58
N SER C 600 24.58 -24.30 -21.83
CA SER C 600 24.91 -25.59 -21.21
C SER C 600 23.68 -26.47 -21.16
N GLU C 601 23.86 -27.76 -21.40
CA GLU C 601 22.74 -28.69 -21.39
C GLU C 601 22.04 -28.68 -20.06
N LEU C 602 20.71 -28.65 -20.09
CA LEU C 602 19.90 -28.65 -18.88
C LEU C 602 18.69 -29.54 -19.04
N LEU C 603 18.27 -30.18 -17.96
CA LEU C 603 17.05 -30.99 -17.91
C LEU C 603 17.04 -32.18 -18.86
N GLY C 604 18.21 -32.60 -19.32
CA GLY C 604 18.31 -33.76 -20.21
C GLY C 604 18.12 -33.39 -21.67
N LEU C 605 18.03 -32.10 -21.95
CA LEU C 605 17.83 -31.60 -23.31
C LEU C 605 19.19 -31.37 -23.95
N THR C 606 19.45 -32.01 -25.09
CA THR C 606 20.77 -31.92 -25.72
C THR C 606 20.82 -31.11 -27.01
N HIS C 607 19.68 -30.91 -27.66
CA HIS C 607 19.69 -30.19 -28.93
C HIS C 607 19.32 -28.75 -28.67
N TRP C 608 19.87 -27.82 -29.43
CA TRP C 608 19.49 -26.43 -29.20
C TRP C 608 19.64 -25.50 -30.37
N THR C 609 18.95 -24.38 -30.26
CA THR C 609 19.04 -23.26 -31.19
C THR C 609 19.22 -21.98 -30.41
N THR C 610 19.37 -20.87 -31.10
CA THR C 610 19.58 -19.60 -30.42
C THR C 610 18.49 -18.58 -30.76
N THR C 611 17.97 -17.93 -29.72
CA THR C 611 16.95 -16.91 -29.91
C THR C 611 17.63 -15.57 -29.63
N PRO C 612 17.04 -14.43 -29.97
CA PRO C 612 17.57 -13.11 -29.69
C PRO C 612 17.93 -12.85 -28.23
N ASN C 613 17.19 -13.41 -27.27
CA ASN C 613 17.47 -13.12 -25.87
C ASN C 613 18.05 -14.27 -25.04
N PHE C 614 17.83 -15.50 -25.48
CA PHE C 614 18.25 -16.69 -24.73
C PHE C 614 18.63 -17.86 -25.62
N TYR C 615 19.08 -18.95 -25.01
CA TYR C 615 19.33 -20.18 -25.73
C TYR C 615 18.13 -21.07 -25.54
N TYR C 616 17.76 -21.82 -26.56
CA TYR C 616 16.63 -22.72 -26.41
C TYR C 616 17.02 -24.16 -26.62
N TYR C 617 16.82 -24.97 -25.59
CA TYR C 617 17.13 -26.38 -25.65
C TYR C 617 15.85 -27.16 -25.79
N SER C 618 15.87 -28.23 -26.55
CA SER C 618 14.66 -29.02 -26.72
C SER C 618 14.89 -30.42 -27.21
N ILE C 619 13.79 -31.18 -27.22
CA ILE C 619 13.74 -32.52 -27.77
C ILE C 619 13.81 -32.51 -29.30
N TYR C 620 13.54 -31.35 -29.91
CA TYR C 620 13.54 -31.20 -31.36
C TYR C 620 14.96 -31.29 -31.89
N ASN C 621 15.12 -31.92 -33.08
CA ASN C 621 16.44 -32.12 -33.64
C ASN C 621 16.89 -30.82 -34.33
N TYR C 622 17.56 -30.00 -33.45
CA TYR C 622 18.15 -28.70 -33.81
C TYR C 622 19.64 -28.90 -33.87
N THR C 623 20.32 -28.14 -34.75
CA THR C 623 21.78 -28.23 -34.91
C THR C 623 22.48 -27.14 -34.10
N VAL C 637 11.40 -23.89 -38.92
CA VAL C 637 10.35 -24.88 -38.63
C VAL C 637 8.98 -24.35 -39.13
N ASP C 638 7.96 -25.23 -39.13
CA ASP C 638 6.57 -24.93 -39.53
C ASP C 638 5.59 -25.84 -38.78
N CYS C 639 4.95 -25.31 -37.72
CA CYS C 639 4.07 -26.07 -36.83
C CYS C 639 3.12 -25.15 -36.07
N GLU C 640 2.14 -25.74 -35.41
CA GLU C 640 1.18 -25.01 -34.59
C GLU C 640 1.53 -25.15 -33.10
N PRO C 641 1.78 -24.06 -32.38
CA PRO C 641 2.19 -24.04 -30.99
C PRO C 641 1.06 -24.48 -30.10
N ILE C 642 1.40 -25.09 -28.98
CA ILE C 642 0.42 -25.46 -27.97
C ILE C 642 0.43 -24.46 -26.84
N ILE C 643 1.62 -24.07 -26.41
CA ILE C 643 1.75 -23.12 -25.32
C ILE C 643 2.56 -21.92 -25.77
N THR C 644 2.22 -20.74 -25.25
CA THR C 644 2.94 -19.53 -25.62
C THR C 644 3.22 -18.64 -24.41
N TYR C 645 4.15 -17.72 -24.58
CA TYR C 645 4.37 -16.64 -23.63
C TYR C 645 5.13 -15.59 -24.41
N SER C 646 5.15 -14.34 -23.96
CA SER C 646 5.89 -13.36 -24.73
C SER C 646 5.46 -13.43 -26.20
N ASN C 647 6.43 -13.43 -27.11
CA ASN C 647 6.16 -13.56 -28.54
C ASN C 647 6.57 -14.92 -29.07
N ILE C 648 6.73 -15.88 -28.14
CA ILE C 648 7.20 -17.23 -28.42
C ILE C 648 6.16 -18.32 -28.26
N GLY C 649 6.07 -19.19 -29.25
CA GLY C 649 5.23 -20.36 -29.12
C GLY C 649 6.08 -21.62 -29.12
N VAL C 650 5.61 -22.65 -28.42
CA VAL C 650 6.27 -23.94 -28.41
C VAL C 650 5.32 -25.05 -28.86
N CYS C 651 5.76 -25.82 -29.87
CA CYS C 651 5.02 -26.92 -30.49
C CYS C 651 5.25 -28.22 -29.72
N LYS C 652 4.40 -29.20 -29.98
CA LYS C 652 4.48 -30.47 -29.27
C LYS C 652 5.82 -31.16 -29.42
N ASN C 653 6.44 -31.01 -30.59
CA ASN C 653 7.70 -31.68 -30.86
C ASN C 653 8.90 -30.86 -30.44
N GLY C 654 8.68 -29.74 -29.76
CA GLY C 654 9.76 -28.90 -29.26
C GLY C 654 10.14 -27.80 -30.19
N ALA C 655 9.62 -27.81 -31.39
CA ALA C 655 9.96 -26.79 -32.34
C ALA C 655 9.57 -25.44 -31.79
N LEU C 656 10.43 -24.47 -32.00
CA LEU C 656 10.23 -23.12 -31.53
C LEU C 656 9.70 -22.24 -32.63
N VAL C 657 8.56 -21.61 -32.40
CA VAL C 657 7.98 -20.75 -33.42
C VAL C 657 7.82 -19.33 -32.93
N PHE C 658 7.93 -18.38 -33.84
CA PHE C 658 7.73 -17.00 -33.47
C PHE C 658 6.46 -16.47 -34.12
N ILE C 659 5.79 -15.60 -33.41
CA ILE C 659 4.53 -15.03 -33.86
C ILE C 659 4.67 -13.79 -34.76
N ASN C 660 3.99 -13.83 -35.92
CA ASN C 660 3.96 -12.76 -36.92
C ASN C 660 2.88 -11.72 -36.56
N VAL C 661 2.96 -10.54 -37.19
CA VAL C 661 1.96 -9.47 -37.06
C VAL C 661 0.89 -9.64 -38.13
N THR C 662 -0.37 -9.48 -37.75
CA THR C 662 -1.47 -9.62 -38.68
C THR C 662 -1.34 -8.74 -39.90
N HIS C 663 -1.57 -9.35 -41.07
CA HIS C 663 -1.51 -8.66 -42.34
C HIS C 663 -2.88 -8.19 -42.79
N SER C 664 -2.90 -7.19 -43.64
CA SER C 664 -4.13 -6.71 -44.25
C SER C 664 -3.82 -6.19 -45.65
N ASP C 665 -4.86 -5.98 -46.45
CA ASP C 665 -4.67 -5.45 -47.79
C ASP C 665 -4.33 -3.96 -47.76
N GLY C 666 -4.84 -3.25 -46.76
CA GLY C 666 -4.62 -1.82 -46.65
C GLY C 666 -5.94 -1.08 -46.63
N ASP C 667 -5.88 0.24 -46.49
CA ASP C 667 -7.09 1.04 -46.45
C ASP C 667 -7.39 1.63 -47.80
N VAL C 668 -8.66 1.86 -48.08
CA VAL C 668 -9.05 2.51 -49.31
C VAL C 668 -8.81 4.00 -49.18
N GLN C 669 -8.04 4.55 -50.11
CA GLN C 669 -7.68 5.96 -50.04
C GLN C 669 -8.64 6.81 -50.85
N PRO C 670 -8.81 8.09 -50.49
CA PRO C 670 -9.63 9.07 -51.18
C PRO C 670 -8.94 9.61 -52.41
N ILE C 671 -8.62 8.73 -53.34
CA ILE C 671 -7.96 9.10 -54.57
C ILE C 671 -8.88 8.84 -55.73
N SER C 672 -9.05 9.84 -56.58
CA SER C 672 -9.94 9.72 -57.73
C SER C 672 -9.20 9.90 -59.04
N THR C 673 -7.96 9.49 -59.10
CA THR C 673 -7.20 9.58 -60.35
C THR C 673 -6.58 8.24 -60.75
N GLY C 674 -6.82 7.82 -61.99
CA GLY C 674 -6.21 6.59 -62.50
C GLY C 674 -6.99 5.37 -62.02
N ASN C 675 -6.34 4.20 -62.07
CA ASN C 675 -6.96 2.92 -61.72
C ASN C 675 -7.01 2.71 -60.23
N VAL C 676 -8.21 2.74 -59.65
CA VAL C 676 -8.47 2.64 -58.22
C VAL C 676 -9.41 1.49 -57.94
N THR C 677 -9.41 1.02 -56.70
CA THR C 677 -10.22 -0.12 -56.30
C THR C 677 -11.29 0.21 -55.28
N ILE C 678 -12.50 -0.28 -55.55
CA ILE C 678 -13.64 -0.11 -54.67
C ILE C 678 -14.21 -1.47 -54.31
N PRO C 679 -14.37 -1.83 -53.04
CA PRO C 679 -14.86 -3.11 -52.61
C PRO C 679 -16.26 -3.31 -53.18
N THR C 680 -16.52 -4.52 -53.69
CA THR C 680 -17.77 -4.81 -54.37
C THR C 680 -18.57 -5.96 -53.76
N ASN C 681 -17.98 -7.15 -53.67
CA ASN C 681 -18.61 -8.31 -53.04
C ASN C 681 -18.41 -8.25 -51.55
N PHE C 682 -19.46 -8.58 -50.77
CA PHE C 682 -19.43 -8.54 -49.31
C PHE C 682 -20.02 -9.76 -48.66
N THR C 683 -19.51 -10.04 -47.48
CA THR C 683 -20.04 -11.02 -46.56
C THR C 683 -20.12 -10.38 -45.18
N ILE C 684 -20.68 -11.10 -44.22
CA ILE C 684 -20.73 -10.60 -42.86
C ILE C 684 -19.91 -11.36 -41.87
N SER C 685 -19.20 -10.60 -41.07
CA SER C 685 -18.44 -11.13 -39.96
C SER C 685 -18.99 -10.51 -38.69
N VAL C 686 -18.87 -11.22 -37.58
CA VAL C 686 -19.31 -10.68 -36.31
C VAL C 686 -18.16 -10.66 -35.33
N GLN C 687 -17.88 -9.49 -34.81
CA GLN C 687 -16.79 -9.33 -33.86
C GLN C 687 -17.38 -9.13 -32.48
N VAL C 688 -16.75 -9.71 -31.49
CA VAL C 688 -17.32 -9.66 -30.16
C VAL C 688 -16.37 -9.05 -29.15
N GLU C 689 -16.86 -8.10 -28.36
CA GLU C 689 -16.03 -7.50 -27.32
C GLU C 689 -16.77 -7.27 -26.02
N TYR C 690 -16.02 -7.25 -24.93
CA TYR C 690 -16.60 -7.05 -23.61
C TYR C 690 -16.10 -5.79 -22.94
N ILE C 691 -17.02 -5.03 -22.36
CA ILE C 691 -16.69 -3.82 -21.62
C ILE C 691 -17.32 -3.85 -20.23
N GLN C 692 -16.50 -3.62 -19.21
CA GLN C 692 -17.01 -3.60 -17.84
C GLN C 692 -17.80 -2.33 -17.59
N VAL C 693 -18.98 -2.47 -16.99
CA VAL C 693 -19.84 -1.33 -16.74
C VAL C 693 -19.88 -0.97 -15.26
N TYR C 694 -19.85 -1.97 -14.40
CA TYR C 694 -19.98 -1.70 -12.97
C TYR C 694 -19.16 -2.65 -12.13
N THR C 695 -18.88 -2.26 -10.89
CA THR C 695 -18.23 -3.13 -9.94
C THR C 695 -19.27 -3.78 -9.06
N THR C 696 -18.89 -4.83 -8.36
CA THR C 696 -19.78 -5.43 -7.38
C THR C 696 -19.55 -4.78 -6.03
N PRO C 697 -20.54 -4.07 -5.47
CA PRO C 697 -20.41 -3.33 -4.24
C PRO C 697 -20.29 -4.28 -3.07
N VAL C 698 -19.41 -3.92 -2.15
CA VAL C 698 -19.17 -4.72 -0.96
C VAL C 698 -19.40 -3.89 0.29
N SER C 699 -20.21 -4.43 1.18
CA SER C 699 -20.52 -3.78 2.44
C SER C 699 -19.81 -4.48 3.58
N ILE C 700 -19.00 -3.75 4.33
CA ILE C 700 -18.29 -4.39 5.42
C ILE C 700 -18.69 -3.82 6.76
N ASP C 701 -19.09 -4.70 7.67
CA ASP C 701 -19.43 -4.33 9.03
C ASP C 701 -18.14 -4.30 9.85
N CYS C 702 -17.62 -3.10 10.14
CA CYS C 702 -16.33 -2.91 10.79
C CYS C 702 -16.30 -3.60 12.14
N ALA C 703 -17.35 -3.39 12.93
CA ALA C 703 -17.35 -3.95 14.26
C ALA C 703 -17.28 -5.46 14.22
N ARG C 704 -18.05 -6.10 13.33
CA ARG C 704 -18.01 -7.56 13.26
C ARG C 704 -16.72 -8.10 12.69
N TYR C 705 -16.15 -7.43 11.71
CA TYR C 705 -14.91 -7.90 11.13
C TYR C 705 -13.79 -7.88 12.16
N VAL C 706 -13.63 -6.75 12.84
CA VAL C 706 -12.54 -6.57 13.79
C VAL C 706 -12.75 -7.35 15.10
N CYS C 707 -13.91 -7.24 15.70
CA CYS C 707 -14.44 -7.82 16.92
C CYS C 707 -15.42 -8.90 16.77
N ASN C 708 -15.15 -10.16 16.81
CA ASN C 708 -16.07 -11.17 16.33
C ASN C 708 -17.37 -11.59 17.08
N GLY C 709 -18.09 -10.54 17.45
CA GLY C 709 -19.34 -10.65 18.17
C GLY C 709 -19.00 -10.73 19.65
N ASN C 710 -17.71 -10.66 20.01
CA ASN C 710 -17.30 -10.74 21.41
C ASN C 710 -17.66 -9.48 22.15
N PRO C 711 -18.60 -9.52 23.12
CA PRO C 711 -19.05 -8.37 23.88
C PRO C 711 -17.91 -7.61 24.50
N ARG C 712 -16.84 -8.32 24.89
CA ARG C 712 -15.73 -7.66 25.55
C ARG C 712 -14.75 -6.93 24.60
N CYS C 713 -14.74 -7.29 23.29
CA CYS C 713 -13.86 -6.71 22.28
C CYS C 713 -14.52 -5.45 21.79
N ASN C 714 -15.83 -5.52 21.60
CA ASN C 714 -16.56 -4.38 21.09
C ASN C 714 -16.37 -3.19 22.00
N LYS C 715 -16.25 -3.44 23.29
CA LYS C 715 -16.04 -2.34 24.23
C LYS C 715 -14.71 -1.65 23.96
N LEU C 716 -13.65 -2.41 23.71
CA LEU C 716 -12.35 -1.83 23.45
C LEU C 716 -12.38 -1.03 22.16
N LEU C 717 -13.16 -1.52 21.20
CA LEU C 717 -13.28 -0.94 19.88
C LEU C 717 -13.97 0.41 19.92
N THR C 718 -14.56 0.77 21.05
CA THR C 718 -15.23 2.05 21.20
C THR C 718 -14.26 3.18 20.89
N GLN C 719 -13.00 3.00 21.27
CA GLN C 719 -11.98 4.02 21.09
C GLN C 719 -11.66 4.26 19.63
N TYR C 720 -12.08 3.35 18.76
CA TYR C 720 -11.80 3.43 17.34
C TYR C 720 -13.06 3.63 16.51
N VAL C 721 -14.15 4.06 17.14
CA VAL C 721 -15.39 4.26 16.38
C VAL C 721 -15.20 5.19 15.19
N SER C 722 -14.41 6.24 15.35
CA SER C 722 -14.21 7.14 14.24
C SER C 722 -13.47 6.45 13.09
N ALA C 723 -12.64 5.45 13.39
CA ALA C 723 -11.94 4.73 12.33
C ALA C 723 -12.93 3.88 11.53
N CYS C 724 -13.85 3.20 12.23
CA CYS C 724 -14.88 2.37 11.61
C CYS C 724 -15.84 3.20 10.79
N GLN C 725 -16.18 4.38 11.27
CA GLN C 725 -17.09 5.24 10.54
C GLN C 725 -16.43 5.70 9.26
N THR C 726 -15.14 5.99 9.30
CA THR C 726 -14.44 6.40 8.09
C THR C 726 -14.46 5.27 7.05
N ILE C 727 -14.20 4.05 7.51
CA ILE C 727 -14.18 2.88 6.62
C ILE C 727 -15.53 2.62 5.99
N GLU C 728 -16.58 2.61 6.80
CA GLU C 728 -17.91 2.31 6.31
C GLU C 728 -18.46 3.41 5.41
N GLN C 729 -18.18 4.66 5.77
CA GLN C 729 -18.66 5.78 4.98
C GLN C 729 -17.94 5.85 3.64
N ALA C 730 -16.66 5.56 3.61
CA ALA C 730 -15.90 5.61 2.37
C ALA C 730 -16.45 4.61 1.36
N LEU C 731 -16.79 3.40 1.83
CA LEU C 731 -17.34 2.41 0.92
C LEU C 731 -18.75 2.79 0.48
N ALA C 732 -19.55 3.33 1.41
CA ALA C 732 -20.91 3.72 1.10
C ALA C 732 -20.96 4.83 0.07
N MET C 733 -20.04 5.79 0.17
CA MET C 733 -20.03 6.90 -0.76
C MET C 733 -19.60 6.45 -2.13
N GLY C 734 -18.64 5.54 -2.19
CA GLY C 734 -18.18 5.04 -3.47
C GLY C 734 -19.35 4.41 -4.20
N ALA C 735 -20.04 3.49 -3.52
CA ALA C 735 -21.16 2.80 -4.12
C ALA C 735 -22.29 3.75 -4.49
N ARG C 736 -22.53 4.76 -3.67
CA ARG C 736 -23.59 5.70 -3.94
C ARG C 736 -23.35 6.46 -5.24
N LEU C 737 -22.13 6.95 -5.42
CA LEU C 737 -21.82 7.69 -6.63
C LEU C 737 -21.95 6.79 -7.84
N GLU C 738 -21.49 5.55 -7.73
CA GLU C 738 -21.58 4.63 -8.84
C GLU C 738 -23.02 4.37 -9.23
N ASN C 739 -23.87 4.15 -8.25
CA ASN C 739 -25.26 3.85 -8.56
C ASN C 739 -25.93 5.00 -9.27
N MET C 740 -25.58 6.24 -8.94
CA MET C 740 -26.22 7.36 -9.61
C MET C 740 -25.86 7.45 -11.07
N GLU C 741 -24.58 7.32 -11.39
CA GLU C 741 -24.20 7.44 -12.80
C GLU C 741 -24.56 6.19 -13.61
N VAL C 742 -24.66 5.04 -12.95
CA VAL C 742 -25.13 3.84 -13.62
C VAL C 742 -26.62 3.93 -13.92
N ASP C 743 -27.40 4.43 -12.97
CA ASP C 743 -28.83 4.59 -13.16
C ASP C 743 -29.11 5.58 -14.29
N SER C 744 -28.25 6.59 -14.43
CA SER C 744 -28.40 7.56 -15.51
C SER C 744 -28.26 6.88 -16.87
N MET C 745 -27.28 5.99 -16.98
CA MET C 745 -27.03 5.24 -18.22
C MET C 745 -28.18 4.30 -18.64
N LEU C 746 -28.76 3.58 -17.69
CA LEU C 746 -29.76 2.56 -18.01
C LEU C 746 -31.16 3.11 -18.25
N PHE C 747 -31.89 2.48 -19.16
CA PHE C 747 -33.29 2.79 -19.38
C PHE C 747 -33.97 1.62 -20.08
N VAL C 748 -35.30 1.60 -20.05
CA VAL C 748 -36.06 0.61 -20.80
C VAL C 748 -37.17 1.26 -21.60
N SER C 749 -37.70 0.50 -22.56
CA SER C 749 -38.85 0.96 -23.33
C SER C 749 -39.85 -0.17 -23.42
N GLU C 750 -41.04 0.01 -22.85
CA GLU C 750 -42.00 -1.09 -22.80
C GLU C 750 -42.40 -1.54 -24.20
N ASN C 751 -42.54 -0.60 -25.12
CA ASN C 751 -42.97 -0.96 -26.45
C ASN C 751 -41.91 -1.78 -27.17
N ALA C 752 -40.65 -1.56 -26.82
CA ALA C 752 -39.57 -2.33 -27.42
C ALA C 752 -39.47 -3.70 -26.77
N LEU C 753 -39.66 -3.75 -25.44
CA LEU C 753 -39.57 -5.03 -24.74
C LEU C 753 -40.61 -6.00 -25.24
N LYS C 754 -41.80 -5.49 -25.56
CA LYS C 754 -42.90 -6.33 -26.03
C LYS C 754 -42.54 -7.18 -27.23
N LEU C 755 -41.64 -6.73 -28.08
CA LEU C 755 -41.28 -7.50 -29.26
C LEU C 755 -39.82 -7.88 -29.26
N ALA C 756 -39.16 -7.81 -28.11
CA ALA C 756 -37.73 -8.07 -28.02
C ALA C 756 -37.37 -9.55 -27.94
N SER C 757 -38.34 -10.40 -27.61
CA SER C 757 -38.07 -11.82 -27.42
C SER C 757 -37.96 -12.62 -28.71
N VAL C 758 -37.41 -13.83 -28.61
CA VAL C 758 -37.34 -14.75 -29.74
C VAL C 758 -38.73 -15.14 -30.20
N GLU C 759 -39.60 -15.39 -29.25
CA GLU C 759 -40.96 -15.79 -29.57
C GLU C 759 -41.70 -14.68 -30.32
N ALA C 760 -41.45 -13.43 -29.93
CA ALA C 760 -42.07 -12.32 -30.63
C ALA C 760 -41.58 -12.25 -32.07
N PHE C 761 -40.27 -12.43 -32.27
CA PHE C 761 -39.70 -12.39 -33.60
C PHE C 761 -40.20 -13.50 -34.51
N ASN C 762 -40.37 -14.71 -33.97
CA ASN C 762 -40.81 -15.88 -34.72
C ASN C 762 -42.30 -15.84 -35.11
N SER C 763 -43.05 -14.78 -34.70
CA SER C 763 -44.47 -14.63 -35.00
C SER C 763 -44.76 -13.43 -35.89
N THR C 764 -46.03 -13.33 -36.29
CA THR C 764 -46.54 -12.26 -37.14
C THR C 764 -47.45 -11.33 -36.36
N GLU C 765 -47.71 -11.67 -35.10
CA GLU C 765 -48.69 -10.93 -34.31
C GLU C 765 -48.42 -9.43 -34.24
N ASN C 766 -47.16 -9.05 -34.13
CA ASN C 766 -46.83 -7.64 -33.99
C ASN C 766 -46.42 -6.98 -35.30
N LEU C 767 -46.50 -7.70 -36.41
CA LEU C 767 -45.99 -7.14 -37.64
C LEU C 767 -46.99 -6.16 -38.27
N ASP C 768 -46.49 -5.03 -38.74
CA ASP C 768 -47.29 -4.05 -39.46
C ASP C 768 -47.79 -4.66 -40.77
N PRO C 769 -49.12 -4.71 -41.02
CA PRO C 769 -49.79 -5.31 -42.16
C PRO C 769 -49.25 -4.90 -43.52
N ILE C 770 -48.58 -3.75 -43.59
CA ILE C 770 -48.03 -3.28 -44.86
C ILE C 770 -46.99 -4.27 -45.40
N TYR C 771 -46.39 -5.06 -44.51
CA TYR C 771 -45.36 -6.04 -44.87
C TYR C 771 -45.91 -7.45 -44.96
N LYS C 772 -46.90 -7.66 -45.82
CA LYS C 772 -47.55 -8.96 -45.92
C LYS C 772 -46.65 -10.04 -46.51
N GLU C 773 -45.62 -9.63 -47.25
CA GLU C 773 -44.69 -10.57 -47.86
C GLU C 773 -43.80 -11.28 -46.82
N TRP C 774 -43.73 -10.72 -45.61
CA TRP C 774 -42.87 -11.27 -44.58
C TRP C 774 -43.71 -12.03 -43.53
N PRO C 775 -43.49 -13.33 -43.33
CA PRO C 775 -44.23 -14.19 -42.42
C PRO C 775 -43.96 -13.92 -40.93
N ASN C 776 -42.85 -13.26 -40.65
CA ASN C 776 -42.41 -13.00 -39.29
C ASN C 776 -41.42 -11.84 -39.28
N ILE C 777 -40.81 -11.57 -38.14
CA ILE C 777 -39.88 -10.46 -38.08
C ILE C 777 -38.46 -10.98 -38.22
N GLY C 778 -37.84 -10.71 -39.36
CA GLY C 778 -36.47 -11.14 -39.56
C GLY C 778 -36.34 -12.63 -39.77
N GLY C 779 -37.29 -13.24 -40.44
CA GLY C 779 -37.27 -14.68 -40.64
C GLY C 779 -35.89 -15.19 -41.08
N SER C 780 -35.34 -14.61 -42.15
CA SER C 780 -34.06 -15.06 -42.69
C SER C 780 -32.88 -14.77 -41.76
N TRP C 781 -33.06 -13.87 -40.81
CA TRP C 781 -32.01 -13.48 -39.88
C TRP C 781 -32.16 -14.18 -38.54
N LEU C 782 -33.24 -14.95 -38.38
CA LEU C 782 -33.58 -15.50 -37.08
C LEU C 782 -32.66 -16.63 -36.68
N GLY C 783 -32.05 -17.29 -37.66
CA GLY C 783 -31.14 -18.37 -37.34
C GLY C 783 -29.94 -17.86 -36.53
N GLY C 784 -29.71 -16.55 -36.55
CA GLY C 784 -28.64 -15.93 -35.80
C GLY C 784 -29.20 -15.21 -34.59
N LEU C 785 -30.26 -14.45 -34.81
CA LEU C 785 -30.86 -13.63 -33.75
C LEU C 785 -31.39 -14.49 -32.61
N LYS C 786 -31.85 -15.70 -32.89
CA LYS C 786 -32.40 -16.53 -31.83
C LYS C 786 -31.41 -16.79 -30.70
N ASP C 787 -30.10 -16.69 -30.97
CA ASP C 787 -29.11 -16.95 -29.94
C ASP C 787 -28.61 -15.66 -29.26
N ILE C 788 -29.19 -14.54 -29.69
CA ILE C 788 -28.90 -13.20 -29.17
C ILE C 788 -30.07 -12.63 -28.38
N LEU C 789 -31.27 -12.77 -28.93
CA LEU C 789 -32.47 -12.25 -28.28
C LEU C 789 -32.78 -13.12 -27.07
N PRO C 790 -33.42 -12.59 -26.03
CA PRO C 790 -33.87 -13.33 -24.88
C PRO C 790 -34.99 -14.28 -25.25
N SER C 791 -35.08 -15.40 -24.56
CA SER C 791 -36.13 -16.39 -24.80
C SER C 791 -37.07 -16.50 -23.61
N HIS C 792 -38.38 -16.56 -23.85
CA HIS C 792 -39.32 -16.76 -22.75
C HIS C 792 -39.32 -18.18 -22.22
N ASN C 793 -39.14 -19.13 -23.10
CA ASN C 793 -39.18 -20.53 -22.72
C ASN C 793 -37.80 -21.03 -22.30
N SER C 794 -37.35 -20.54 -21.15
CA SER C 794 -36.05 -20.93 -20.63
C SER C 794 -35.95 -20.79 -19.13
N LYS C 795 -34.84 -21.30 -18.64
CA LYS C 795 -34.43 -21.19 -17.25
C LYS C 795 -33.99 -19.74 -16.97
N ARG C 796 -34.17 -19.29 -15.73
CA ARG C 796 -33.77 -17.94 -15.32
C ARG C 796 -34.45 -16.83 -16.13
N LYS C 797 -35.77 -16.94 -16.26
CA LYS C 797 -36.63 -15.98 -16.95
C LYS C 797 -36.25 -15.61 -18.36
N TYR C 798 -35.76 -14.39 -18.58
CA TYR C 798 -35.56 -13.93 -19.94
C TYR C 798 -34.13 -13.64 -20.26
N ARG C 799 -33.42 -14.66 -20.71
CA ARG C 799 -32.02 -14.55 -21.05
C ARG C 799 -31.77 -15.25 -22.38
N SER C 800 -30.71 -14.84 -23.05
CA SER C 800 -30.34 -15.37 -24.35
C SER C 800 -29.39 -16.56 -24.24
N ALA C 801 -29.28 -17.36 -25.31
CA ALA C 801 -28.41 -18.52 -25.28
C ALA C 801 -26.96 -18.16 -25.01
N ILE C 802 -26.47 -17.10 -25.65
CA ILE C 802 -25.09 -16.73 -25.39
C ILE C 802 -24.91 -16.26 -23.96
N GLU C 803 -25.87 -15.51 -23.44
CA GLU C 803 -25.75 -15.06 -22.07
C GLU C 803 -25.66 -16.23 -21.11
N ASP C 804 -26.47 -17.26 -21.31
CA ASP C 804 -26.37 -18.40 -20.38
C ASP C 804 -25.00 -19.02 -20.43
N LEU C 805 -24.43 -19.15 -21.62
CA LEU C 805 -23.11 -19.75 -21.71
C LEU C 805 -22.06 -18.87 -21.05
N LEU C 806 -22.15 -17.57 -21.26
CA LEU C 806 -21.16 -16.67 -20.72
C LEU C 806 -21.22 -16.60 -19.19
N PHE C 807 -22.41 -16.62 -18.63
CA PHE C 807 -22.52 -16.58 -17.18
C PHE C 807 -22.16 -17.91 -16.53
N ASP C 808 -22.67 -19.02 -17.06
CA ASP C 808 -22.44 -20.32 -16.44
C ASP C 808 -21.02 -20.86 -16.61
N LYS C 809 -20.30 -20.41 -17.63
CA LYS C 809 -18.92 -20.85 -17.81
C LYS C 809 -17.94 -20.01 -16.99
N VAL C 810 -18.44 -18.96 -16.35
CA VAL C 810 -17.56 -18.08 -15.58
C VAL C 810 -17.84 -18.13 -14.08
N VAL C 811 -19.12 -17.98 -13.68
CA VAL C 811 -19.57 -17.97 -12.29
C VAL C 811 -18.83 -16.89 -11.49
N GLU C 820 -27.34 -11.65 -4.07
CA GLU C 820 -26.88 -12.79 -3.29
C GLU C 820 -27.83 -13.09 -2.10
N ASP C 821 -28.30 -14.35 -2.01
CA ASP C 821 -29.18 -14.84 -0.95
C ASP C 821 -28.45 -15.12 0.35
N TYR C 822 -28.75 -14.35 1.39
CA TYR C 822 -28.13 -14.56 2.69
C TYR C 822 -29.10 -15.18 3.68
N LYS C 823 -30.34 -15.38 3.23
CA LYS C 823 -31.38 -15.93 4.11
C LYS C 823 -30.97 -17.35 4.46
N ARG C 824 -30.37 -18.01 3.49
CA ARG C 824 -29.92 -19.38 3.62
C ARG C 824 -28.77 -19.62 4.62
N CYS C 825 -28.02 -18.56 4.99
CA CYS C 825 -26.83 -18.69 5.85
C CYS C 825 -27.22 -19.01 7.28
N THR C 826 -28.50 -18.94 7.58
CA THR C 826 -28.97 -19.20 8.92
C THR C 826 -29.75 -20.51 9.00
N GLY C 827 -29.82 -21.26 7.90
CA GLY C 827 -30.56 -22.52 7.88
C GLY C 827 -29.95 -23.52 8.85
N GLY C 828 -28.64 -23.74 8.71
CA GLY C 828 -27.91 -24.63 9.61
C GLY C 828 -28.11 -26.12 9.32
N TYR C 829 -28.37 -26.47 8.06
CA TYR C 829 -28.60 -27.87 7.73
C TYR C 829 -27.43 -28.49 6.99
N ASP C 830 -26.36 -27.72 6.82
CA ASP C 830 -25.18 -28.16 6.12
C ASP C 830 -23.99 -27.30 6.55
N ILE C 831 -22.83 -27.57 5.99
CA ILE C 831 -21.65 -26.79 6.28
C ILE C 831 -21.62 -25.56 5.38
N ALA C 832 -21.44 -24.40 5.98
CA ALA C 832 -21.45 -23.14 5.26
C ALA C 832 -20.41 -23.11 4.15
N ASP C 833 -20.80 -22.51 3.03
CA ASP C 833 -19.91 -22.32 1.90
C ASP C 833 -19.11 -21.05 2.08
N LEU C 834 -18.34 -20.66 1.07
CA LEU C 834 -17.49 -19.50 1.19
C LEU C 834 -18.27 -18.22 1.39
N VAL C 835 -19.39 -18.08 0.70
CA VAL C 835 -20.16 -16.84 0.81
C VAL C 835 -20.70 -16.62 2.22
N CYS C 836 -21.28 -17.65 2.84
CA CYS C 836 -21.82 -17.56 4.19
C CYS C 836 -20.68 -17.43 5.20
N ALA C 837 -19.57 -18.11 4.94
CA ALA C 837 -18.42 -17.99 5.81
C ALA C 837 -17.92 -16.54 5.84
N GLN C 838 -18.01 -15.85 4.70
CA GLN C 838 -17.64 -14.43 4.64
C GLN C 838 -18.68 -13.57 5.36
N TYR C 839 -19.95 -13.91 5.19
CA TYR C 839 -21.05 -13.20 5.83
C TYR C 839 -20.86 -13.16 7.33
N TYR C 840 -20.44 -14.27 7.90
CA TYR C 840 -20.24 -14.42 9.33
C TYR C 840 -19.12 -13.51 9.85
N ASN C 841 -18.27 -13.03 8.95
CA ASN C 841 -17.16 -12.15 9.29
C ASN C 841 -17.45 -10.70 8.96
N GLY C 842 -18.71 -10.41 8.67
CA GLY C 842 -19.10 -9.03 8.43
C GLY C 842 -18.91 -8.59 6.99
N ILE C 843 -18.61 -9.51 6.09
CA ILE C 843 -18.40 -9.12 4.71
C ILE C 843 -19.54 -9.62 3.85
N MET C 844 -20.28 -8.70 3.25
CA MET C 844 -21.40 -9.13 2.43
C MET C 844 -21.48 -8.36 1.14
N VAL C 845 -21.95 -9.03 0.11
CA VAL C 845 -22.11 -8.43 -1.19
C VAL C 845 -23.54 -7.98 -1.40
N LEU C 846 -23.70 -6.77 -1.89
CA LEU C 846 -25.02 -6.23 -2.15
C LEU C 846 -25.24 -6.13 -3.66
N PRO C 847 -26.48 -6.13 -4.12
CA PRO C 847 -26.87 -5.76 -5.46
C PRO C 847 -26.77 -4.26 -5.61
N GLY C 848 -26.53 -3.80 -6.82
CA GLY C 848 -26.57 -2.37 -7.09
C GLY C 848 -27.69 -2.06 -8.07
N VAL C 849 -27.53 -0.97 -8.81
CA VAL C 849 -28.54 -0.61 -9.78
C VAL C 849 -28.47 -1.50 -11.01
N ALA C 850 -27.28 -1.69 -11.54
CA ALA C 850 -27.14 -2.53 -12.72
C ALA C 850 -26.97 -3.98 -12.33
N ASN C 851 -28.01 -4.57 -11.76
CA ASN C 851 -27.88 -5.98 -11.47
C ASN C 851 -28.12 -6.71 -12.78
N ASP C 852 -27.99 -8.02 -12.80
CA ASP C 852 -28.10 -8.74 -14.06
C ASP C 852 -29.47 -8.67 -14.70
N ASP C 853 -30.54 -8.57 -13.91
CA ASP C 853 -31.88 -8.59 -14.51
C ASP C 853 -32.17 -7.25 -15.18
N LYS C 854 -31.78 -6.16 -14.51
CA LYS C 854 -31.96 -4.84 -15.08
C LYS C 854 -31.06 -4.63 -16.29
N MET C 855 -29.87 -5.21 -16.26
CA MET C 855 -28.94 -5.05 -17.37
C MET C 855 -29.48 -5.78 -18.58
N THR C 856 -30.14 -6.90 -18.33
CA THR C 856 -30.75 -7.66 -19.41
C THR C 856 -31.90 -6.90 -20.04
N MET C 857 -32.74 -6.26 -19.22
CA MET C 857 -33.83 -5.47 -19.79
C MET C 857 -33.28 -4.38 -20.68
N TYR C 858 -32.20 -3.74 -20.24
CA TYR C 858 -31.58 -2.66 -20.98
C TYR C 858 -31.15 -3.12 -22.35
N THR C 859 -30.43 -4.23 -22.42
CA THR C 859 -29.95 -4.69 -23.71
C THR C 859 -31.09 -5.21 -24.59
N ALA C 860 -32.11 -5.81 -23.98
CA ALA C 860 -33.26 -6.30 -24.74
C ALA C 860 -34.04 -5.14 -25.35
N SER C 861 -34.19 -4.04 -24.61
CA SER C 861 -34.90 -2.87 -25.12
C SER C 861 -34.17 -2.28 -26.30
N LEU C 862 -32.84 -2.27 -26.25
CA LEU C 862 -32.08 -1.72 -27.35
C LEU C 862 -32.25 -2.57 -28.60
N ALA C 863 -32.14 -3.89 -28.45
CA ALA C 863 -32.27 -4.80 -29.59
C ALA C 863 -33.64 -4.74 -30.20
N GLY C 864 -34.66 -4.61 -29.36
CA GLY C 864 -36.04 -4.60 -29.80
C GLY C 864 -36.43 -3.28 -30.45
N GLY C 865 -35.54 -2.30 -30.37
CA GLY C 865 -35.82 -1.00 -30.93
C GLY C 865 -35.58 -1.01 -32.44
N ILE C 866 -34.74 -1.93 -32.90
CA ILE C 866 -34.34 -1.96 -34.29
C ILE C 866 -35.53 -2.18 -35.20
N THR C 867 -36.44 -3.03 -34.76
CA THR C 867 -37.60 -3.39 -35.55
C THR C 867 -38.88 -2.73 -35.08
N LEU C 868 -38.80 -1.68 -34.27
CA LEU C 868 -40.00 -0.99 -33.84
C LEU C 868 -40.27 0.17 -34.80
N GLY C 869 -41.41 0.13 -35.49
CA GLY C 869 -41.73 1.08 -36.55
C GLY C 869 -42.11 2.50 -36.11
N ALA C 870 -42.67 2.66 -34.92
CA ALA C 870 -43.13 3.99 -34.51
C ALA C 870 -43.13 4.15 -33.01
N LEU C 871 -43.06 5.41 -32.57
CA LEU C 871 -43.08 5.76 -31.15
C LEU C 871 -44.45 6.27 -30.72
N GLY C 872 -45.40 6.25 -31.64
CA GLY C 872 -46.74 6.79 -31.37
C GLY C 872 -47.46 6.07 -30.23
N GLY C 873 -47.21 4.77 -30.12
CA GLY C 873 -47.84 3.94 -29.10
C GLY C 873 -48.10 2.56 -29.66
N GLY C 874 -48.24 1.59 -28.78
CA GLY C 874 -48.44 0.21 -29.22
C GLY C 874 -47.11 -0.39 -29.64
N ALA C 875 -47.16 -1.50 -30.35
CA ALA C 875 -45.94 -2.18 -30.74
C ALA C 875 -46.06 -2.72 -32.16
N VAL C 876 -45.84 -1.84 -33.13
CA VAL C 876 -45.94 -2.20 -34.54
C VAL C 876 -44.55 -2.43 -35.10
N ALA C 877 -44.30 -3.64 -35.55
CA ALA C 877 -42.99 -4.07 -35.96
C ALA C 877 -42.78 -4.00 -37.46
N ILE C 878 -41.53 -3.93 -37.83
CA ILE C 878 -41.12 -4.02 -39.22
C ILE C 878 -40.19 -5.23 -39.30
N PRO C 879 -39.98 -5.85 -40.45
CA PRO C 879 -39.06 -6.94 -40.64
C PRO C 879 -37.65 -6.52 -40.29
N PHE C 880 -36.83 -7.44 -39.82
CA PHE C 880 -35.44 -7.13 -39.52
C PHE C 880 -34.74 -6.77 -40.81
N ALA C 881 -35.05 -7.50 -41.88
CA ALA C 881 -34.43 -7.28 -43.18
C ALA C 881 -34.67 -5.84 -43.64
N VAL C 882 -35.82 -5.28 -43.32
CA VAL C 882 -36.12 -3.90 -43.69
C VAL C 882 -35.25 -2.96 -42.88
N ALA C 883 -35.12 -3.23 -41.59
CA ALA C 883 -34.27 -2.41 -40.75
C ALA C 883 -32.81 -2.46 -41.22
N VAL C 884 -32.37 -3.64 -41.66
CA VAL C 884 -30.99 -3.80 -42.14
C VAL C 884 -30.80 -3.04 -43.43
N GLN C 885 -31.75 -3.13 -44.34
CA GLN C 885 -31.60 -2.43 -45.61
C GLN C 885 -31.47 -0.94 -45.37
N ALA C 886 -32.17 -0.43 -44.36
CA ALA C 886 -32.06 0.98 -44.02
C ALA C 886 -30.65 1.33 -43.58
N ARG C 887 -29.99 0.41 -42.89
CA ARG C 887 -28.62 0.64 -42.45
C ARG C 887 -27.65 0.62 -43.62
N LEU C 888 -27.91 -0.25 -44.59
CA LEU C 888 -27.05 -0.32 -45.77
C LEU C 888 -27.04 0.99 -46.52
N ASN C 889 -28.16 1.71 -46.53
CA ASN C 889 -28.23 3.01 -47.21
C ASN C 889 -27.34 4.07 -46.57
N TYR C 890 -27.03 3.93 -45.28
CA TYR C 890 -26.13 4.89 -44.65
C TYR C 890 -24.71 4.61 -45.05
N VAL C 891 -24.40 3.34 -45.27
CA VAL C 891 -23.07 2.97 -45.69
C VAL C 891 -22.83 3.45 -47.10
N ALA C 892 -23.79 3.17 -47.98
CA ALA C 892 -23.77 3.63 -49.36
C ALA C 892 -25.19 3.62 -49.88
N LEU C 893 -25.56 4.63 -50.66
CA LEU C 893 -26.90 4.59 -51.22
C LEU C 893 -26.99 3.34 -52.08
N GLN C 894 -27.99 2.52 -51.83
CA GLN C 894 -28.11 1.29 -52.58
C GLN C 894 -28.87 1.57 -53.86
N THR C 895 -28.27 1.22 -54.99
CA THR C 895 -28.90 1.45 -56.28
C THR C 895 -29.27 0.15 -56.94
N ASP C 896 -28.62 -0.94 -56.54
CA ASP C 896 -28.89 -2.22 -57.18
C ASP C 896 -30.09 -2.89 -56.55
N VAL C 897 -31.28 -2.43 -56.93
CA VAL C 897 -32.55 -2.88 -56.33
C VAL C 897 -33.06 -4.20 -56.93
N LEU C 898 -32.58 -4.55 -58.12
CA LEU C 898 -33.07 -5.75 -58.78
C LEU C 898 -32.32 -7.01 -58.36
N ASN C 899 -31.28 -6.86 -57.55
CA ASN C 899 -30.49 -8.01 -57.15
C ASN C 899 -30.21 -8.00 -55.66
N LYS C 900 -31.20 -8.33 -54.87
CA LYS C 900 -31.07 -8.27 -53.43
C LYS C 900 -30.06 -9.30 -52.93
N ASN C 901 -29.20 -8.88 -52.02
CA ASN C 901 -28.20 -9.76 -51.42
C ASN C 901 -28.55 -10.10 -49.98
N GLN C 902 -29.82 -9.93 -49.61
CA GLN C 902 -30.22 -10.19 -48.24
C GLN C 902 -30.02 -11.63 -47.82
N GLN C 903 -30.20 -12.57 -48.74
CA GLN C 903 -30.03 -13.96 -48.37
C GLN C 903 -28.58 -14.23 -48.07
N ILE C 904 -27.69 -13.59 -48.81
CA ILE C 904 -26.26 -13.81 -48.65
C ILE C 904 -25.79 -13.25 -47.33
N LEU C 905 -26.24 -12.04 -47.01
CA LEU C 905 -25.85 -11.40 -45.79
C LEU C 905 -26.44 -12.14 -44.60
N ALA C 906 -27.69 -12.56 -44.73
CA ALA C 906 -28.34 -13.26 -43.64
C ALA C 906 -27.67 -14.59 -43.37
N ASN C 907 -27.24 -15.29 -44.41
CA ASN C 907 -26.59 -16.57 -44.21
C ASN C 907 -25.27 -16.39 -43.51
N ALA C 908 -24.50 -15.39 -43.93
CA ALA C 908 -23.20 -15.14 -43.32
C ALA C 908 -23.35 -14.80 -41.86
N PHE C 909 -24.38 -14.02 -41.54
CA PHE C 909 -24.65 -13.63 -40.18
C PHE C 909 -25.01 -14.83 -39.33
N ASN C 910 -25.93 -15.66 -39.82
CA ASN C 910 -26.41 -16.79 -39.05
C ASN C 910 -25.27 -17.76 -38.75
N GLN C 911 -24.39 -17.93 -39.72
CA GLN C 911 -23.26 -18.81 -39.54
C GLN C 911 -22.28 -18.24 -38.53
N ALA C 912 -22.01 -16.93 -38.62
CA ALA C 912 -21.08 -16.30 -37.69
C ALA C 912 -21.54 -16.48 -36.26
N ILE C 913 -22.85 -16.30 -36.03
CA ILE C 913 -23.35 -16.45 -34.69
C ILE C 913 -23.27 -17.91 -34.27
N GLY C 914 -23.60 -18.82 -35.18
CA GLY C 914 -23.48 -20.23 -34.88
C GLY C 914 -22.12 -20.58 -34.29
N ASN C 915 -21.03 -20.12 -34.94
CA ASN C 915 -19.65 -20.38 -34.52
C ASN C 915 -19.31 -19.69 -33.19
N ILE C 916 -19.88 -18.50 -32.92
CA ILE C 916 -19.67 -17.75 -31.68
C ILE C 916 -20.34 -18.44 -30.51
N THR C 917 -21.58 -18.87 -30.70
CA THR C 917 -22.28 -19.55 -29.64
C THR C 917 -21.55 -20.84 -29.31
N GLN C 918 -21.14 -21.56 -30.35
CA GLN C 918 -20.38 -22.79 -30.17
C GLN C 918 -19.07 -22.54 -29.45
N ALA C 919 -18.35 -21.49 -29.84
CA ALA C 919 -17.07 -21.16 -29.24
C ALA C 919 -17.19 -20.87 -27.75
N PHE C 920 -18.30 -20.26 -27.33
CA PHE C 920 -18.49 -20.00 -25.92
C PHE C 920 -18.74 -21.32 -25.19
N GLY C 921 -19.60 -22.16 -25.78
CA GLY C 921 -19.95 -23.44 -25.16
C GLY C 921 -18.74 -24.36 -25.02
N LYS C 922 -17.82 -24.25 -25.94
CA LYS C 922 -16.59 -25.03 -25.94
C LYS C 922 -15.53 -24.58 -24.91
N VAL C 923 -15.69 -23.36 -24.34
CA VAL C 923 -14.75 -22.67 -23.41
C VAL C 923 -13.29 -23.02 -23.77
N LEU C 934 -11.84 -19.00 -32.55
CA LEU C 934 -12.35 -17.65 -32.63
C LEU C 934 -11.61 -16.76 -31.62
N ALA C 935 -10.70 -15.90 -32.14
CA ALA C 935 -9.86 -15.02 -31.34
C ALA C 935 -10.63 -14.04 -30.49
N THR C 936 -11.76 -13.56 -31.00
CA THR C 936 -12.57 -12.60 -30.29
C THR C 936 -13.27 -13.24 -29.12
N VAL C 937 -13.63 -14.50 -29.26
CA VAL C 937 -14.31 -15.19 -28.19
C VAL C 937 -13.33 -15.53 -27.09
N ALA C 938 -12.14 -16.00 -27.48
CA ALA C 938 -11.13 -16.32 -26.50
C ALA C 938 -10.74 -15.09 -25.70
N LYS C 939 -10.65 -13.94 -26.38
CA LYS C 939 -10.30 -12.70 -25.71
C LYS C 939 -11.36 -12.31 -24.70
N VAL C 940 -12.64 -12.42 -25.09
CA VAL C 940 -13.72 -12.09 -24.18
C VAL C 940 -13.76 -13.03 -22.98
N LEU C 941 -13.61 -14.32 -23.20
CA LEU C 941 -13.65 -15.20 -22.05
C LEU C 941 -12.53 -14.91 -21.07
N ALA C 942 -11.34 -14.63 -21.58
CA ALA C 942 -10.23 -14.34 -20.70
C ALA C 942 -10.47 -13.06 -19.91
N LYS C 943 -11.00 -12.03 -20.57
CA LYS C 943 -11.23 -10.76 -19.90
C LYS C 943 -12.37 -10.83 -18.90
N VAL C 944 -13.43 -11.53 -19.24
CA VAL C 944 -14.58 -11.63 -18.35
C VAL C 944 -14.21 -12.41 -17.11
N GLN C 945 -13.51 -13.52 -17.28
CA GLN C 945 -13.13 -14.30 -16.13
C GLN C 945 -12.18 -13.51 -15.24
N ASP C 946 -11.27 -12.75 -15.83
CA ASP C 946 -10.31 -11.99 -15.05
C ASP C 946 -10.99 -10.97 -14.16
N VAL C 947 -12.05 -10.33 -14.65
CA VAL C 947 -12.76 -9.36 -13.82
C VAL C 947 -13.33 -10.04 -12.59
N VAL C 948 -13.91 -11.22 -12.81
CA VAL C 948 -14.50 -11.99 -11.73
C VAL C 948 -13.45 -12.51 -10.75
N ASN C 949 -12.33 -13.01 -11.26
CA ASN C 949 -11.29 -13.56 -10.39
C ASN C 949 -10.70 -12.48 -9.53
N THR C 950 -10.55 -11.27 -10.06
CA THR C 950 -9.96 -10.18 -9.31
C THR C 950 -10.80 -9.82 -8.09
N GLN C 951 -12.12 -9.71 -8.26
CA GLN C 951 -12.95 -9.36 -7.11
C GLN C 951 -12.93 -10.48 -6.08
N GLY C 952 -12.90 -11.73 -6.56
CA GLY C 952 -12.86 -12.87 -5.67
C GLY C 952 -11.61 -12.83 -4.80
N GLN C 953 -10.47 -12.60 -5.44
CA GLN C 953 -9.20 -12.56 -4.72
C GLN C 953 -9.16 -11.40 -3.73
N ALA C 954 -9.78 -10.28 -4.07
CA ALA C 954 -9.77 -9.14 -3.16
C ALA C 954 -10.41 -9.50 -1.84
N LEU C 955 -11.50 -10.27 -1.88
CA LEU C 955 -12.19 -10.61 -0.65
C LEU C 955 -11.54 -11.81 0.04
N SER C 956 -10.97 -12.72 -0.73
CA SER C 956 -10.31 -13.85 -0.10
C SER C 956 -9.08 -13.35 0.64
N HIS C 957 -8.40 -12.37 0.05
CA HIS C 957 -7.23 -11.78 0.68
C HIS C 957 -7.60 -11.11 1.98
N LEU C 958 -8.73 -10.41 2.00
CA LEU C 958 -9.17 -9.75 3.22
C LEU C 958 -9.51 -10.75 4.33
N THR C 959 -10.21 -11.83 4.02
CA THR C 959 -10.60 -12.75 5.09
C THR C 959 -9.43 -13.47 5.74
N VAL C 960 -8.40 -13.77 4.97
CA VAL C 960 -7.25 -14.46 5.54
C VAL C 960 -6.41 -13.56 6.44
N GLN C 961 -6.71 -12.26 6.48
CA GLN C 961 -5.93 -11.36 7.33
C GLN C 961 -6.35 -11.58 8.76
N LEU C 962 -7.49 -12.23 8.94
CA LEU C 962 -8.01 -12.48 10.27
C LEU C 962 -7.21 -13.58 10.95
N GLN C 963 -6.40 -14.30 10.19
CA GLN C 963 -5.56 -15.36 10.75
C GLN C 963 -4.23 -14.82 11.22
N ASN C 964 -3.99 -13.54 10.98
CA ASN C 964 -2.74 -12.91 11.35
C ASN C 964 -2.78 -12.54 12.82
N ASN C 965 -1.83 -13.05 13.60
CA ASN C 965 -1.79 -12.79 15.04
C ASN C 965 -1.43 -11.35 15.35
N PHE C 966 -0.75 -10.68 14.43
CA PHE C 966 -0.29 -9.32 14.68
C PHE C 966 0.48 -9.22 15.98
N GLN C 967 1.36 -10.20 16.22
CA GLN C 967 2.19 -10.30 17.42
C GLN C 967 1.44 -10.60 18.71
N ALA C 968 0.18 -10.99 18.59
CA ALA C 968 -0.60 -11.44 19.74
C ALA C 968 -0.33 -12.90 19.99
N ILE C 969 -0.71 -13.38 21.16
CA ILE C 969 -0.56 -14.80 21.46
C ILE C 969 -1.45 -15.66 20.55
N SER C 970 -2.53 -15.09 20.05
CA SER C 970 -3.45 -15.79 19.18
C SER C 970 -4.27 -14.84 18.34
N SER C 971 -4.72 -15.31 17.18
CA SER C 971 -5.61 -14.53 16.33
C SER C 971 -7.07 -14.60 16.76
N SER C 972 -7.39 -15.51 17.67
CA SER C 972 -8.75 -15.72 18.09
C SER C 972 -9.09 -14.96 19.36
N ILE C 973 -10.07 -14.07 19.28
CA ILE C 973 -10.44 -13.22 20.39
C ILE C 973 -10.96 -14.01 21.57
N SER C 974 -11.82 -14.98 21.31
CA SER C 974 -12.34 -15.79 22.39
C SER C 974 -11.27 -16.69 22.97
N ASP C 975 -10.26 -17.05 22.19
CA ASP C 975 -9.17 -17.86 22.73
C ASP C 975 -8.33 -17.02 23.71
N ILE C 976 -8.13 -15.75 23.38
CA ILE C 976 -7.36 -14.89 24.26
C ILE C 976 -8.06 -14.74 25.60
N TYR C 977 -9.37 -14.49 25.60
CA TYR C 977 -10.07 -14.33 26.87
C TYR C 977 -10.26 -15.65 27.60
N ASN C 978 -10.28 -16.76 26.85
CA ASN C 978 -10.39 -18.08 27.47
C ASN C 978 -9.11 -18.46 28.22
N ARG C 979 -7.96 -18.02 27.69
CA ARG C 979 -6.67 -18.34 28.30
C ARG C 979 -6.11 -17.31 29.27
N LEU C 980 -6.40 -16.04 29.04
CA LEU C 980 -5.71 -14.98 29.76
C LEU C 980 -6.65 -13.98 30.44
N ASP C 981 -6.36 -13.63 31.69
CA ASP C 981 -7.16 -12.68 32.46
C ASP C 981 -7.28 -11.31 31.78
N PRO C 982 -8.47 -10.65 31.86
CA PRO C 982 -8.81 -9.36 31.29
C PRO C 982 -7.72 -8.27 31.32
N PRO C 983 -7.04 -7.95 32.44
CA PRO C 983 -6.03 -6.91 32.49
C PRO C 983 -4.86 -7.13 31.53
N SER C 984 -4.63 -8.38 31.13
CA SER C 984 -3.55 -8.67 30.20
C SER C 984 -4.12 -9.01 28.82
N ALA C 985 -5.29 -9.63 28.83
CA ALA C 985 -5.96 -10.05 27.62
C ALA C 985 -6.37 -8.87 26.77
N ASP C 986 -6.73 -7.76 27.41
CA ASP C 986 -7.12 -6.59 26.66
C ASP C 986 -5.95 -6.08 25.83
N ALA C 987 -4.74 -6.19 26.35
CA ALA C 987 -3.57 -5.72 25.61
C ALA C 987 -3.35 -6.56 24.37
N GLN C 988 -3.59 -7.87 24.49
CA GLN C 988 -3.41 -8.76 23.35
C GLN C 988 -4.42 -8.40 22.27
N VAL C 989 -5.62 -8.09 22.70
CA VAL C 989 -6.69 -7.72 21.78
C VAL C 989 -6.42 -6.37 21.15
N ASP C 990 -5.92 -5.40 21.90
CA ASP C 990 -5.64 -4.12 21.29
C ASP C 990 -4.73 -4.26 20.07
N ARG C 991 -3.76 -5.18 20.12
CA ARG C 991 -2.93 -5.35 18.94
C ARG C 991 -3.72 -5.92 17.77
N LEU C 992 -4.61 -6.88 18.04
CA LEU C 992 -5.43 -7.42 16.95
C LEU C 992 -6.38 -6.38 16.37
N ILE C 993 -6.91 -5.50 17.22
CA ILE C 993 -7.80 -4.47 16.72
C ILE C 993 -7.07 -3.52 15.80
N THR C 994 -5.87 -3.11 16.20
CA THR C 994 -5.09 -2.20 15.38
C THR C 994 -4.77 -2.84 14.04
N GLY C 995 -4.37 -4.11 14.08
CA GLY C 995 -4.00 -4.83 12.88
C GLY C 995 -5.17 -4.97 11.90
N ARG C 996 -6.31 -5.39 12.41
CA ARG C 996 -7.48 -5.61 11.57
C ARG C 996 -8.04 -4.31 10.99
N LEU C 997 -7.98 -3.21 11.75
CA LEU C 997 -8.43 -1.94 11.19
C LEU C 997 -7.50 -1.52 10.07
N THR C 998 -6.21 -1.80 10.21
CA THR C 998 -5.26 -1.49 9.17
C THR C 998 -5.57 -2.26 7.89
N ALA C 999 -5.92 -3.53 8.03
CA ALA C 999 -6.29 -4.34 6.87
C ALA C 999 -7.51 -3.75 6.17
N LEU C 1000 -8.48 -3.28 6.93
CA LEU C 1000 -9.66 -2.69 6.32
C LEU C 1000 -9.33 -1.41 5.58
N ASN C 1001 -8.42 -0.61 6.12
CA ASN C 1001 -8.07 0.63 5.44
C ASN C 1001 -7.42 0.33 4.09
N ALA C 1002 -6.58 -0.69 4.05
CA ALA C 1002 -5.93 -1.08 2.81
C ALA C 1002 -6.97 -1.56 1.80
N PHE C 1003 -7.96 -2.31 2.27
CA PHE C 1003 -9.02 -2.81 1.41
C PHE C 1003 -9.79 -1.65 0.80
N VAL C 1004 -10.17 -0.68 1.61
CA VAL C 1004 -10.95 0.42 1.11
C VAL C 1004 -10.21 1.20 0.05
N SER C 1005 -8.93 1.47 0.28
CA SER C 1005 -8.15 2.21 -0.70
C SER C 1005 -8.10 1.47 -2.02
N GLN C 1006 -7.85 0.17 -1.96
CA GLN C 1006 -7.75 -0.66 -3.16
C GLN C 1006 -9.07 -0.67 -3.93
N THR C 1007 -10.17 -0.76 -3.20
CA THR C 1007 -11.50 -0.79 -3.79
C THR C 1007 -11.82 0.49 -4.52
N LEU C 1008 -11.51 1.62 -3.91
CA LEU C 1008 -11.83 2.89 -4.52
C LEU C 1008 -11.07 3.09 -5.82
N THR C 1009 -9.82 2.62 -5.89
CA THR C 1009 -9.08 2.71 -7.14
C THR C 1009 -9.75 1.90 -8.24
N ARG C 1010 -10.19 0.68 -7.92
CA ARG C 1010 -10.86 -0.11 -8.96
C ARG C 1010 -12.09 0.59 -9.49
N GLN C 1011 -12.82 1.27 -8.62
CA GLN C 1011 -14.00 1.98 -9.06
C GLN C 1011 -13.64 3.11 -10.02
N ALA C 1012 -12.53 3.78 -9.77
CA ALA C 1012 -12.10 4.84 -10.67
C ALA C 1012 -11.74 4.30 -12.05
N GLU C 1013 -11.12 3.12 -12.08
CA GLU C 1013 -10.74 2.50 -13.34
C GLU C 1013 -11.97 2.11 -14.14
N VAL C 1014 -12.98 1.59 -13.45
CA VAL C 1014 -14.22 1.22 -14.11
C VAL C 1014 -14.92 2.43 -14.63
N ARG C 1015 -14.92 3.53 -13.89
CA ARG C 1015 -15.57 4.73 -14.38
C ARG C 1015 -15.13 5.05 -15.80
N ALA C 1016 -13.82 4.99 -16.06
CA ALA C 1016 -13.33 5.28 -17.41
C ALA C 1016 -13.87 4.26 -18.41
N SER C 1017 -13.90 2.99 -18.02
CA SER C 1017 -14.40 1.93 -18.90
C SER C 1017 -15.88 2.12 -19.20
N ARG C 1018 -16.65 2.51 -18.19
CA ARG C 1018 -18.07 2.73 -18.34
C ARG C 1018 -18.36 3.78 -19.37
N GLN C 1019 -17.58 4.86 -19.39
CA GLN C 1019 -17.80 5.90 -20.37
C GLN C 1019 -17.67 5.31 -21.76
N LEU C 1020 -16.74 4.39 -21.95
CA LEU C 1020 -16.60 3.75 -23.25
C LEU C 1020 -17.83 2.91 -23.56
N ALA C 1021 -18.34 2.17 -22.57
CA ALA C 1021 -19.52 1.35 -22.79
C ALA C 1021 -20.71 2.20 -23.19
N LYS C 1022 -20.84 3.36 -22.58
CA LYS C 1022 -21.92 4.29 -22.87
C LYS C 1022 -21.79 4.84 -24.29
N ASP C 1023 -20.57 5.20 -24.68
CA ASP C 1023 -20.33 5.73 -26.01
C ASP C 1023 -20.62 4.67 -27.07
N LYS C 1024 -20.28 3.43 -26.78
CA LYS C 1024 -20.52 2.33 -27.72
C LYS C 1024 -22.00 2.11 -27.93
N VAL C 1025 -22.78 2.16 -26.86
CA VAL C 1025 -24.20 1.98 -27.04
C VAL C 1025 -24.77 3.11 -27.87
N ASN C 1026 -24.42 4.34 -27.55
CA ASN C 1026 -25.01 5.45 -28.26
C ASN C 1026 -24.57 5.57 -29.70
N GLU C 1027 -23.32 5.22 -29.99
CA GLU C 1027 -22.81 5.37 -31.34
C GLU C 1027 -22.79 4.09 -32.22
N CYS C 1028 -22.92 2.89 -31.63
CA CYS C 1028 -22.90 1.63 -32.40
C CYS C 1028 -24.28 0.95 -32.36
N VAL C 1029 -24.97 1.01 -31.23
CA VAL C 1029 -26.22 0.29 -31.10
C VAL C 1029 -27.44 1.15 -31.41
N ARG C 1030 -27.49 2.35 -30.84
CA ARG C 1030 -28.65 3.23 -30.99
C ARG C 1030 -28.58 4.11 -32.23
N SER C 1031 -27.42 4.17 -32.88
CA SER C 1031 -27.26 5.02 -34.06
C SER C 1031 -26.12 4.55 -34.96
N GLN C 1032 -26.08 5.07 -36.18
CA GLN C 1032 -24.93 4.89 -37.07
C GLN C 1032 -23.86 5.93 -36.84
N SER C 1033 -22.64 5.48 -36.64
CA SER C 1033 -21.51 6.35 -36.39
C SER C 1033 -20.69 6.60 -37.65
N GLN C 1034 -20.08 7.77 -37.72
CA GLN C 1034 -19.20 8.11 -38.82
C GLN C 1034 -17.74 8.00 -38.41
N ARG C 1035 -17.48 7.44 -37.24
CA ARG C 1035 -16.14 7.31 -36.72
C ARG C 1035 -15.49 6.01 -37.18
N PHE C 1036 -14.52 6.15 -38.07
CA PHE C 1036 -13.88 4.98 -38.65
C PHE C 1036 -13.20 4.13 -37.60
N GLY C 1037 -13.49 2.84 -37.63
CA GLY C 1037 -12.84 1.88 -36.74
C GLY C 1037 -13.40 1.84 -35.33
N PHE C 1038 -14.41 2.66 -35.03
CA PHE C 1038 -14.94 2.70 -33.66
C PHE C 1038 -15.76 1.47 -33.26
N CYS C 1039 -16.60 0.97 -34.17
CA CYS C 1039 -17.57 -0.09 -33.92
C CYS C 1039 -17.12 -1.39 -34.62
N GLY C 1040 -15.88 -1.78 -34.39
CA GLY C 1040 -15.35 -3.00 -34.99
C GLY C 1040 -14.46 -2.70 -36.19
N ASN C 1041 -13.67 -3.69 -36.59
CA ASN C 1041 -12.74 -3.64 -37.72
C ASN C 1041 -13.46 -4.03 -39.02
N GLY C 1042 -13.86 -3.05 -39.82
CA GLY C 1042 -14.64 -3.25 -41.04
C GLY C 1042 -15.64 -2.12 -41.20
N THR C 1043 -16.61 -2.31 -42.08
CA THR C 1043 -17.62 -1.27 -42.28
C THR C 1043 -18.85 -1.63 -41.46
N HIS C 1044 -19.19 -0.78 -40.53
CA HIS C 1044 -20.24 -1.12 -39.58
C HIS C 1044 -21.64 -1.12 -40.18
N LEU C 1045 -22.39 -2.18 -39.88
CA LEU C 1045 -23.75 -2.30 -40.36
C LEU C 1045 -24.73 -2.12 -39.20
N PHE C 1046 -24.57 -2.92 -38.16
CA PHE C 1046 -25.40 -2.77 -36.96
C PHE C 1046 -24.74 -3.42 -35.75
N SER C 1047 -25.23 -3.11 -34.56
CA SER C 1047 -24.73 -3.77 -33.36
C SER C 1047 -25.86 -4.20 -32.45
N LEU C 1048 -25.65 -5.35 -31.85
CA LEU C 1048 -26.53 -5.91 -30.86
C LEU C 1048 -25.74 -6.06 -29.57
N ALA C 1049 -26.41 -6.16 -28.46
CA ALA C 1049 -25.67 -6.29 -27.21
C ALA C 1049 -26.40 -7.20 -26.26
N ASN C 1050 -25.65 -7.81 -25.36
CA ASN C 1050 -26.21 -8.67 -24.33
C ASN C 1050 -25.57 -8.41 -22.99
N ALA C 1051 -26.07 -9.08 -21.96
CA ALA C 1051 -25.50 -8.96 -20.63
C ALA C 1051 -24.30 -9.84 -20.47
N ALA C 1052 -23.39 -9.42 -19.59
CA ALA C 1052 -22.22 -10.18 -19.24
C ALA C 1052 -21.95 -9.95 -17.76
N PRO C 1053 -21.20 -10.81 -17.09
CA PRO C 1053 -20.81 -10.58 -15.72
C PRO C 1053 -20.15 -9.22 -15.61
N ASN C 1054 -20.67 -8.38 -14.73
CA ASN C 1054 -20.16 -7.04 -14.47
C ASN C 1054 -20.17 -6.08 -15.66
N GLY C 1055 -20.91 -6.38 -16.72
CA GLY C 1055 -20.90 -5.48 -17.87
C GLY C 1055 -21.68 -5.97 -19.07
N MET C 1056 -21.23 -5.56 -20.25
CA MET C 1056 -21.90 -5.89 -21.50
C MET C 1056 -21.01 -6.54 -22.51
N ILE C 1057 -21.61 -7.37 -23.33
CA ILE C 1057 -20.95 -7.98 -24.46
C ILE C 1057 -21.58 -7.43 -25.74
N PHE C 1058 -20.75 -6.94 -26.63
CA PHE C 1058 -21.23 -6.33 -27.87
C PHE C 1058 -20.95 -7.20 -29.07
N PHE C 1059 -21.95 -7.28 -29.94
CA PHE C 1059 -21.82 -8.01 -31.19
C PHE C 1059 -21.82 -7.04 -32.35
N HIS C 1060 -20.66 -6.82 -32.93
CA HIS C 1060 -20.55 -5.85 -33.99
C HIS C 1060 -20.63 -6.54 -35.32
N THR C 1061 -21.69 -6.25 -36.05
CA THR C 1061 -21.90 -6.90 -37.33
C THR C 1061 -21.36 -5.96 -38.38
N VAL C 1062 -20.33 -6.41 -39.10
CA VAL C 1062 -19.67 -5.55 -40.04
C VAL C 1062 -19.59 -6.19 -41.42
N LEU C 1063 -19.44 -5.36 -42.43
CA LEU C 1063 -19.26 -5.82 -43.79
C LEU C 1063 -17.81 -6.05 -44.08
N LEU C 1064 -17.53 -7.17 -44.70
CA LEU C 1064 -16.19 -7.57 -45.07
C LEU C 1064 -16.14 -7.80 -46.59
N PRO C 1065 -15.32 -7.06 -47.33
CA PRO C 1065 -15.18 -7.16 -48.76
C PRO C 1065 -14.47 -8.44 -49.13
N THR C 1066 -14.89 -9.07 -50.21
CA THR C 1066 -14.25 -10.30 -50.65
C THR C 1066 -13.56 -10.11 -52.00
N ALA C 1067 -13.94 -9.06 -52.72
CA ALA C 1067 -13.36 -8.76 -54.04
C ALA C 1067 -13.49 -7.28 -54.32
N TYR C 1068 -12.49 -6.74 -55.03
CA TYR C 1068 -12.47 -5.33 -55.40
C TYR C 1068 -12.71 -5.10 -56.89
N GLN C 1069 -13.47 -4.07 -57.21
CA GLN C 1069 -13.70 -3.69 -58.59
C GLN C 1069 -12.78 -2.54 -58.98
N THR C 1070 -12.07 -2.69 -60.09
CA THR C 1070 -11.22 -1.61 -60.57
C THR C 1070 -11.99 -0.73 -61.56
N VAL C 1071 -11.89 0.58 -61.36
CA VAL C 1071 -12.48 1.55 -62.29
C VAL C 1071 -11.41 2.58 -62.64
N THR C 1072 -11.57 3.27 -63.77
CA THR C 1072 -10.61 4.33 -64.09
C THR C 1072 -11.22 5.65 -63.71
N ALA C 1073 -10.65 6.29 -62.70
CA ALA C 1073 -11.22 7.48 -62.13
C ALA C 1073 -10.77 8.74 -62.85
N CYS C 1074 -11.67 9.69 -62.88
CA CYS C 1074 -11.44 11.00 -63.45
C CYS C 1074 -11.28 12.02 -62.34
N SER C 1075 -10.23 12.83 -62.40
CA SER C 1075 -10.02 13.85 -61.38
C SER C 1075 -11.14 14.87 -61.42
N GLY C 1076 -11.57 15.18 -62.64
CA GLY C 1076 -12.60 16.17 -62.90
C GLY C 1076 -12.79 16.26 -64.41
N ILE C 1077 -13.69 17.13 -64.82
CA ILE C 1077 -14.01 17.29 -66.24
C ILE C 1077 -13.68 18.71 -66.71
N CYS C 1078 -12.97 18.83 -67.86
CA CYS C 1078 -12.71 20.17 -68.42
C CYS C 1078 -13.62 20.34 -69.64
N ALA C 1079 -14.49 21.37 -69.53
CA ALA C 1079 -15.55 21.56 -70.51
C ALA C 1079 -15.54 22.95 -71.13
N SER C 1080 -16.10 23.07 -72.35
CA SER C 1080 -16.20 24.35 -73.08
C SER C 1080 -17.57 24.45 -73.76
N ARG C 1084 -14.89 30.06 -74.17
CA ARG C 1084 -14.77 30.15 -72.72
C ARG C 1084 -14.85 28.75 -72.08
N THR C 1085 -13.70 28.24 -71.59
CA THR C 1085 -13.62 26.92 -70.94
C THR C 1085 -13.88 27.06 -69.44
N PHE C 1086 -14.21 25.95 -68.81
CA PHE C 1086 -14.41 25.89 -67.37
C PHE C 1086 -14.18 24.48 -66.85
N GLY C 1087 -13.91 24.35 -65.57
CA GLY C 1087 -13.76 23.02 -64.99
C GLY C 1087 -15.01 22.60 -64.26
N LEU C 1088 -15.21 21.29 -64.15
CA LEU C 1088 -16.28 20.74 -63.36
C LEU C 1088 -15.73 19.73 -62.38
N VAL C 1089 -16.08 19.90 -61.13
CA VAL C 1089 -15.62 18.99 -60.10
C VAL C 1089 -16.82 18.42 -59.39
N VAL C 1090 -16.66 17.31 -58.72
CA VAL C 1090 -17.80 16.71 -58.04
C VAL C 1090 -18.07 17.40 -56.72
N LYS C 1091 -19.30 17.81 -56.51
CA LYS C 1091 -19.70 18.52 -55.30
C LYS C 1091 -19.50 17.70 -54.03
N ASP C 1092 -19.82 16.42 -54.11
CA ASP C 1092 -19.71 15.49 -52.99
C ASP C 1092 -18.37 14.77 -53.03
N VAL C 1093 -17.46 15.18 -52.17
CA VAL C 1093 -16.08 14.71 -52.20
C VAL C 1093 -15.90 13.25 -51.80
N GLN C 1094 -16.97 12.63 -51.29
CA GLN C 1094 -16.89 11.21 -50.92
C GLN C 1094 -17.11 10.30 -52.12
N LEU C 1095 -17.52 10.87 -53.25
CA LEU C 1095 -17.80 10.07 -54.44
C LEU C 1095 -16.66 10.07 -55.43
N THR C 1096 -16.50 8.96 -56.12
CA THR C 1096 -15.52 8.82 -57.17
C THR C 1096 -16.19 8.92 -58.52
N LEU C 1097 -15.63 9.75 -59.38
CA LEU C 1097 -16.12 9.92 -60.74
C LEU C 1097 -15.37 9.01 -61.67
N PHE C 1098 -16.08 8.24 -62.49
CA PHE C 1098 -15.38 7.38 -63.43
C PHE C 1098 -16.18 7.26 -64.71
N ARG C 1099 -15.52 6.82 -65.78
CA ARG C 1099 -16.24 6.65 -67.03
C ARG C 1099 -16.50 5.17 -67.28
N ASN C 1100 -17.71 4.83 -67.67
CA ASN C 1100 -18.13 3.45 -67.89
C ASN C 1100 -17.86 2.99 -69.32
N LEU C 1101 -18.21 1.74 -69.61
CA LEU C 1101 -18.00 1.12 -70.91
C LEU C 1101 -18.83 1.75 -72.02
N ASP C 1102 -19.92 2.41 -71.65
CA ASP C 1102 -20.77 3.07 -72.64
C ASP C 1102 -20.36 4.54 -72.82
N ASP C 1103 -19.21 4.88 -72.25
CA ASP C 1103 -18.60 6.20 -72.33
C ASP C 1103 -19.32 7.26 -71.47
N LYS C 1104 -20.28 6.84 -70.65
CA LYS C 1104 -20.98 7.79 -69.79
C LYS C 1104 -20.31 7.93 -68.44
N PHE C 1105 -20.57 9.05 -67.76
CA PHE C 1105 -20.02 9.26 -66.43
C PHE C 1105 -20.91 8.72 -65.33
N TYR C 1106 -20.26 8.08 -64.36
CA TYR C 1106 -20.90 7.55 -63.17
C TYR C 1106 -20.19 8.00 -61.92
N LEU C 1107 -20.95 8.06 -60.83
CA LEU C 1107 -20.40 8.36 -59.53
C LEU C 1107 -20.55 7.14 -58.65
N THR C 1108 -19.59 6.88 -57.80
CA THR C 1108 -19.74 5.76 -56.87
C THR C 1108 -19.02 6.06 -55.57
N PRO C 1109 -19.59 5.73 -54.41
CA PRO C 1109 -19.00 5.92 -53.11
C PRO C 1109 -17.85 4.95 -52.98
N ARG C 1110 -16.91 5.25 -52.11
CA ARG C 1110 -15.73 4.39 -51.99
C ARG C 1110 -15.86 3.28 -50.96
N THR C 1111 -17.01 3.17 -50.31
CA THR C 1111 -17.16 2.12 -49.31
C THR C 1111 -17.85 0.89 -49.88
N MET C 1112 -18.63 1.07 -50.94
CA MET C 1112 -19.30 -0.03 -51.62
C MET C 1112 -19.46 0.33 -53.08
N TYR C 1113 -19.23 -0.60 -53.97
CA TYR C 1113 -19.39 -0.28 -55.37
C TYR C 1113 -20.85 -0.30 -55.84
N GLN C 1114 -21.51 0.83 -55.64
CA GLN C 1114 -22.90 1.06 -56.04
C GLN C 1114 -23.00 2.24 -57.01
N PRO C 1115 -22.68 2.05 -58.30
CA PRO C 1115 -22.56 3.09 -59.31
C PRO C 1115 -23.88 3.77 -59.59
N ARG C 1116 -23.81 5.08 -59.73
CA ARG C 1116 -24.94 5.95 -59.97
C ARG C 1116 -24.70 6.78 -61.22
N ALA C 1117 -25.67 6.88 -62.11
CA ALA C 1117 -25.42 7.73 -63.27
C ALA C 1117 -25.21 9.17 -62.79
N ALA C 1118 -24.23 9.86 -63.36
CA ALA C 1118 -23.95 11.24 -62.97
C ALA C 1118 -24.93 12.20 -63.60
N THR C 1119 -25.29 13.27 -62.89
CA THR C 1119 -26.11 14.30 -63.51
C THR C 1119 -25.58 15.71 -63.24
N SER C 1120 -26.23 16.72 -63.79
CA SER C 1120 -25.74 18.09 -63.67
C SER C 1120 -25.77 18.65 -62.27
N SER C 1121 -26.68 18.17 -61.46
CA SER C 1121 -26.82 18.66 -60.09
C SER C 1121 -25.70 18.15 -59.19
N ASP C 1122 -24.87 17.25 -59.72
CA ASP C 1122 -23.79 16.67 -58.93
C ASP C 1122 -22.47 17.41 -59.13
N PHE C 1123 -22.44 18.40 -60.03
CA PHE C 1123 -21.18 19.07 -60.37
C PHE C 1123 -21.13 20.54 -60.00
N VAL C 1124 -19.91 21.01 -59.78
CA VAL C 1124 -19.60 22.39 -59.46
C VAL C 1124 -18.70 23.02 -60.51
N GLN C 1125 -19.05 24.21 -60.98
CA GLN C 1125 -18.21 24.90 -61.95
C GLN C 1125 -17.09 25.67 -61.28
N ILE C 1126 -15.90 25.57 -61.84
CA ILE C 1126 -14.73 26.31 -61.38
C ILE C 1126 -14.08 27.01 -62.58
N GLU C 1127 -13.26 28.03 -62.33
CA GLU C 1127 -12.61 28.74 -63.43
C GLU C 1127 -11.60 27.91 -64.22
N GLY C 1128 -10.74 27.17 -63.53
CA GLY C 1128 -9.66 26.46 -64.22
C GLY C 1128 -9.89 24.97 -64.40
N CYS C 1129 -8.88 24.30 -65.00
CA CYS C 1129 -8.83 22.86 -65.24
C CYS C 1129 -7.45 22.36 -64.82
N ASP C 1130 -7.39 21.15 -64.26
CA ASP C 1130 -6.09 20.58 -63.93
C ASP C 1130 -5.56 19.77 -65.11
N VAL C 1131 -4.37 19.21 -64.97
CA VAL C 1131 -3.77 18.40 -66.02
C VAL C 1131 -4.34 17.00 -65.96
N LEU C 1132 -4.92 16.68 -64.83
CA LEU C 1132 -5.50 15.38 -64.60
C LEU C 1132 -6.99 15.34 -64.96
N PHE C 1133 -7.52 16.44 -65.51
CA PHE C 1133 -8.92 16.48 -65.91
C PHE C 1133 -9.11 15.82 -67.27
N VAL C 1134 -10.27 15.20 -67.47
CA VAL C 1134 -10.58 14.61 -68.75
C VAL C 1134 -11.30 15.62 -69.64
N ASN C 1135 -11.05 15.54 -70.97
CA ASN C 1135 -11.69 16.44 -71.94
C ASN C 1135 -13.14 15.98 -72.20
N ALA C 1136 -14.08 16.94 -71.97
CA ALA C 1136 -15.51 16.73 -72.20
C ALA C 1136 -15.85 16.77 -73.67
N THR C 1137 -16.88 16.03 -74.04
CA THR C 1137 -17.42 16.11 -75.38
C THR C 1137 -18.83 16.64 -75.33
N GLU C 1138 -19.32 17.12 -76.47
CA GLU C 1138 -20.64 17.75 -76.54
C GLU C 1138 -21.74 16.80 -76.14
N ILE C 1139 -21.57 15.52 -76.45
CA ILE C 1139 -22.58 14.52 -76.14
C ILE C 1139 -22.78 14.28 -74.63
N ASP C 1140 -21.82 14.67 -73.80
CA ASP C 1140 -21.96 14.49 -72.36
C ASP C 1140 -22.56 15.71 -71.69
N LEU C 1141 -22.30 16.88 -72.27
CA LEU C 1141 -22.66 18.13 -71.62
C LEU C 1141 -24.15 18.24 -71.22
N PRO C 1142 -25.13 17.77 -72.00
CA PRO C 1142 -26.55 17.82 -71.65
C PRO C 1142 -26.89 17.14 -70.31
N SER C 1143 -26.07 16.18 -69.87
CA SER C 1143 -26.35 15.49 -68.62
C SER C 1143 -25.41 15.93 -67.51
N ILE C 1144 -24.25 16.43 -67.90
CA ILE C 1144 -23.20 16.87 -66.98
C ILE C 1144 -23.31 18.35 -66.56
N ILE C 1145 -23.68 19.23 -67.50
CA ILE C 1145 -23.79 20.68 -67.28
C ILE C 1145 -24.66 21.29 -68.37
#